data_8HQZ
#
_entry.id   8HQZ
#
_cell.length_a   1.00
_cell.length_b   1.00
_cell.length_c   1.00
_cell.angle_alpha   90.00
_cell.angle_beta   90.00
_cell.angle_gamma   90.00
#
_symmetry.space_group_name_H-M   'P 1'
#
loop_
_entity.id
_entity.type
_entity.pdbx_description
1 polymer 'Baseplate hub protein'
2 polymer 'Distal tail protein'
3 polymer 'Minor tail protein'
4 polymer 'L-shaped tail fiber assembly'
5 polymer 'L-shaped tail fiber assembly'
6 polymer 'Tape measure protein'
7 polymer 'Tail tube protein'
#
loop_
_entity_poly.entity_id
_entity_poly.type
_entity_poly.pdbx_seq_one_letter_code
_entity_poly.pdbx_strand_id
1 'polypeptide(L)'
;MKQILDSARNYLKNNSRIKTASLISLELPGSTGTSTAFIYLTDYFRDVIYNGILYQAGKVKSISPHKQNRDLSIGSLSFT
ITGTAQDEVLKLVQNGVSFLDRTVSIHQAIITEDGSILPVDPDTNGPLLYFRGRITGGGIKDNISTSGVGTSTITWNCSN
QFYDFDRVNGRYTDDASHRGLEVVAGQLLPSNGAKRLEYQEDYGFFHANKSISILAKYQVQEERYKLKSKKKLFGLSRSY
SLKKYYETVTKEVDIDFNLAAKYIPVVYGVQKIPGIPIFADTELHNPNIVYVVYAFAEGEIDGFLDFSFGDNPMICVDAN
DSSARTCFGTKKIVGDTMQRIASGISSSSPSVHGQEYRYNDGNGDIRIWTYHGKSNQTASDVLVNIARNRGFYLQNMNGN
GPEYWDARYKLLDTAYAVVRFTINENRTEIPEVSAEIQGKKVKVYHSDGRVTANSTSLNGIWQTLDYLTSDRYGANITID
QFPLQQLIQEAAILDIIDESYQVSWQPYWRYVGWTNPLAENRQIVQMNTILDTSESVFKNVQGLLESYGGAINNLSGQYR
VTVEKYSNTPLEINFLDTYGDLELSDTTGRNKFNSVQASIVDPALSWKTNSITFYNSNYKEQDKNLDKKLQLSFANITNY
YTARSFADRELKKSRYSRTLSFSLPYQFIGIEPNDAIAFTYDRYGWDRKYFLVDEVENSREGKINVTLQEYGEDVFINSG
QVDNSGNDIPDISNNVLPPRDFKYTPTPGGLVGSIGKNGELSWLPSLTNNVVYYSIVHSGHAEPYIVQQLETNPNERMIQ
EIIGEPAGLAIFEIRAVDINGRRSSPVTLSIELNSAKNLSVVSNFRVTNTASGDVTEFVGPDVKLAWDRIPEEDIIESIF
YTLEIHDPQNRMLRSVRIENQYTYDYLLTYNKADFALQNSDALGINRKLYFRIRAEGDDGEQSVEWASI
;
A
2 'polypeptide(L)'
;MRLPDPYTNPELSGLGFESVNLIDNDPVIRDELPNGKVNEVKVSAQYWGINISYPELFPDEYSVLDAFILEYKRTGGYID
VILPQYEAFRVRGNTNLVNIPAGQKGSNITMDTQGVLTGIPKPGDLFKLSNHPKVYKITSFNRSGNSWSINVYPDLFITT
TGAEKPVFNGILFRTKLMNGDAFGSTLNNNGTYSGISLNLRESL
;
H,I
3 'polypeptide(L)'
;MYYSLMRESKVIVEYDGRAFHFDALSNYDVQTSYEEFKTLRRTIHRRTNYADSVINAQTPSSISLAINFSNTLTEANFFE
WLGFDRKGNTFLLPLYSNNIEPIMFNIYIVNKDNNCVYFENCYVSTVDFSLDKNIPILNVGIESGKFSEVSTYREAASII
QGEAMSYSPVIVSTNGNILPGLISASLSFQQQCSWREDKSVFDINKIYNNKRAYVNEMNASATISLYYLKRFAGDMVYNI
EPETDVPLNIRNNNISIDFPLARISKRLNFSDVYKVEWDIIPTASSDPVRIDFFGEIKND
;
L
4 'polypeptide(L)'
;MSTENRVIDIVVDEKVPYGLIMQFMDVDDSVYPPSEIPVNLTGYSLRGTIKSSLDENAETLASFTTSIIDAAQGAAAISL
SVADVTNIGEKASKERDKYNPRQRFAGYYDILMTRDVIGSEVSSFRIMEGKVYISDGVTQ
;
Q,R,S,T
5 'polypeptide(L)'
;MALKTKIIVQQILNIDDTTTTASKYPKYTVVLGNSISSITAGELTAAVEASAGSAAAAKGSEIAAKESELNAKDSENEAA
ISAGASEESASQSAASAAESERQAGLSKGSADNSAASAQESEGFRDSAELAAQNAEQSRLLAEQAKTAAQQAQTAAEAAK
TGAETAKDGADAAATTAGEHAAAARQSELNAKISETNAAGSATEAGDKAIDATTEADRAKAEADRATQIVDSKLDKVDIS
GFIKVYKTKAEADADVVNRVLDEKVLVWNQTNSKYGWYKVAGTAETPVLELVETEQKLTSVNNVRADDAGNVQITLPGGN
PSLWLGEVTWFPYDKDSGVGYPGVLPADGREVLRVDYPDTWEAIEAGLIPSVSEAEWQAGASLYFSTGDGSTTFRLPDMM
QGQAFRAPTKGEEDAGVIKDQIPYVVTVNGISPDAITGNVEIDTSLQGTVSINQGGTGATTKEDARIALELYSTTEVDSA
LADKADIATTYTKTEVDSALADKADIATTYTKVEVDSALADAKTQSDTDYLLKANNLSDLADRAAAWLNVRPIGSTPLAG
DPVGDYDAVTKRWVENKINTGTVGPTMNGVMNYGVGDFHLRDSRAYIQPYEVVSDGQLLNRADWPELWAYAQMLSPISDA
DWLADPTKRGQYSLGDGSTTFRVPDRNGVQTGSISALFGRGDGGASSTGGTILDSAAPNITGSFGRLVYASTGTIYEANT
GTGAFSAVLSQAKYKRLSEISAADGTAATYPSGFEFFASNSSPVYGRGSTEVRPKAFTGVWVIRASGGFVAANTSWSVIN
GDATRPADGTTADGGEIISRYNVNGVREAQMSWRIRAQIGAEHYARLNVYNATANRTAVYDFNDLGTFSAENLHSKGAIY
SDGNLTIQNQGWPGINFKSNRYNTPATQIGGSTIIEVSGTDGNVSGVNLIRRRGDGNQAGQIIVSFPTTGGAIALQGTSG
IEYKKDVTDADAQEAMDRINGQRLVNFVYKDDEQERVRFGVIAEEAELIAPQYIKHNQVSYEDILDEEGNKIGEKTRDRP
SVDVNPIVMDLMGCVQALNAKIAALEARIAELESKE
;
d,e,f
6 'polypeptide(L)'
;MTDKLIRELLIDVKQKGATRTAKSIENVSDALENAAAASELTNEQLGKMPKTLYSIERAADRAAKSLTKMQASRGMAGIT
KSIDSIGAKLDDLSIAMIEVADKLEAGFDGVSRSVKVMGNDVAAATEKVQDRLYDTNRVLGGTARGFNDTAGAAGRASRA
IGNTSGSARGATRDFAAMAKVGGGLPLLYAAIASNIFVLQSAFEQLKLGDQLNRLEEFGVIVGTQTGTPVQSLARSLQEA
AGYAISFEEAMRQASSASAYGFDAEQLNKFGLVARRAAAVLGVDMTDALNRVIKGVSKQEIELLDELGVTIRLNDAYADY
VKQLNAANTGITYNINSLTTFQKQQAYANAVIAESTKRFGYLDEVLRATPWEQFAANADAALRTIQQAAAKYLGPVIDAI
NTVFYTSQASISAEAARAQEQTNKQIDPTNVGAVALSLSASEEGYNKALDMYKESLDKRNKLKSEFDKRMEQADFYTKLA
IRQVGEGIPAGLATAGASEANKKFVEETAAMGLQVARLDKEVTDSTENLNAWKSAYQAAGAAAAKANPEFQKQINLQRDT
TDPGAVYDFNSTVLKGLTEQQKAYNQTKKTASDLANDIQNVAQNTDTAAKTSATLADAIKNIESLSLGTGKSADEYVKNL
NLGYNTLSEMKTASQALSEYVKLTGNETKNQLAVQQKIADVYNQTKDKEKAQEAGRRLELQQLEEQEAALRRVLQTNQGN
KAVEREIEKIQLEKIKLTNQGMEAQKKVKDYTDKILGVDREIALLNNRTMTDTQYRLAQLNLELTIEKEKYEWYTKQADK
QKEAEQSRRAQAQIEREIWKFHQDQQAEMTSKRQEAFENTLTSMFPLAGEMQKMEMQLDFYTQMKELTKDNANEQMRWNA
EIAKTRAQMSALTAQRNAQMQSSVGSSLGAVYTPTTGLSGEDKKFADMGNQLASYDQAISKLSELNSEATAVAQSMGNLA
NAMIQFSQGSLDTTSTIAVGMQTVASMIQYSTSQQVSAIDQAIAAEQKRDGKSEASKAKLKKLEAEKLKIQQDAAKKQII
IQTAVAVMQAATAVPYPFSIPLMIAAGLAGALALAQASSASGMSSIGDSGADTASYLTLGERQKNIDVSMSANAGELSYV
RGDKGIGNANSFVPRAEGGNMYPGVSYQMGEHGTEVVTPMVPMKATPNDELKNSSNSTAGRPIILNISAMDAASFREFAS
SNSGALRDAVELALNENGASLKTLGNS
;
k
7 'polypeptide(L)'
;MSLQLLRNTRIFVSTVKTGHDTTNTQEILVQDDISWGQDSNSTDITVNEAGPRPTRGSKRFNDSLNAAEWSFSTYILPYE
DTTTGKQIVPDYMLWHALSSGKAIDLDGDTGAHNNATNFMVNFKDNAYHELAMLHIYILTDNAWSYIDSCQINQAEVNVD
IEDIGRVTWSGNGNQLIPLDEQPFDPDALGIDDETYMTIQSSYIKNKLTILKIKDMDSDKEYDIPITGGTFTINNNITYL
TPNIMSRVNIPIGSFTGAFELTGSLTAYLNDKSLGSMELYKDLVRTLKVVNRFEIALILGGEYDDERPAAVLVAKQAHVN
IPTIETDDVLGTSVEFKAIPTDLDTGDEGYLGFSNKYTKTTVANLIATGDGAETPPILVESITVKSAADATSVTNSDTLQ
MSVEVTPPEATNTAVTWSISSGDAATIDAESGLLTADVSKTGEVIVKAVAKDGSGVEGTKTITVSAGE
;
p
#
# COMPACT_ATOMS: atom_id res chain seq x y z
N MET A 1 -41.67 -10.93 -24.54
CA MET A 1 -40.77 -11.48 -23.48
C MET A 1 -40.11 -12.76 -23.94
N LYS A 2 -38.83 -12.92 -23.61
CA LYS A 2 -38.16 -14.20 -23.65
C LYS A 2 -38.00 -14.76 -22.25
N GLN A 3 -38.44 -16.00 -22.06
CA GLN A 3 -38.52 -16.59 -20.73
C GLN A 3 -37.14 -17.11 -20.32
N ILE A 4 -36.57 -16.53 -19.27
CA ILE A 4 -35.32 -17.03 -18.73
C ILE A 4 -35.57 -18.23 -17.81
N LEU A 5 -34.54 -19.05 -17.68
CA LEU A 5 -34.57 -20.18 -16.77
C LEU A 5 -34.57 -19.70 -15.32
N ASP A 6 -35.48 -20.25 -14.51
CA ASP A 6 -35.80 -19.68 -13.21
C ASP A 6 -34.72 -19.85 -12.16
N SER A 7 -33.80 -20.81 -12.34
CA SER A 7 -32.61 -20.85 -11.49
C SER A 7 -31.85 -19.53 -11.52
N ALA A 8 -31.70 -18.95 -12.70
CA ALA A 8 -31.03 -17.67 -12.82
C ALA A 8 -31.80 -16.58 -12.11
N ARG A 9 -33.11 -16.56 -12.33
CA ARG A 9 -33.97 -15.60 -11.65
C ARG A 9 -33.79 -15.66 -10.14
N ASN A 10 -33.72 -16.87 -9.59
CA ASN A 10 -33.52 -17.02 -8.15
C ASN A 10 -32.14 -16.57 -7.70
N TYR A 11 -31.11 -17.00 -8.42
CA TYR A 11 -29.76 -16.59 -8.05
C TYR A 11 -29.63 -15.06 -8.04
N LEU A 12 -30.13 -14.42 -9.09
CA LEU A 12 -30.10 -12.97 -9.16
C LEU A 12 -30.94 -12.34 -8.06
N LYS A 13 -32.04 -12.98 -7.68
CA LYS A 13 -32.84 -12.45 -6.59
C LYS A 13 -32.11 -12.51 -5.27
N ASN A 14 -31.29 -13.54 -5.07
CA ASN A 14 -30.59 -13.68 -3.80
C ASN A 14 -29.32 -12.81 -3.74
N ASN A 15 -28.38 -13.05 -4.63
CA ASN A 15 -27.02 -12.60 -4.39
C ASN A 15 -26.83 -11.13 -4.74
N SER A 16 -26.17 -10.41 -3.82
CA SER A 16 -26.06 -8.97 -3.86
C SER A 16 -24.87 -8.45 -4.65
N ARG A 17 -23.76 -9.18 -4.68
CA ARG A 17 -22.62 -8.88 -5.54
C ARG A 17 -22.56 -9.85 -6.69
N ILE A 18 -22.57 -9.32 -7.91
CA ILE A 18 -22.62 -10.13 -9.12
C ILE A 18 -21.44 -9.80 -10.02
N LYS A 19 -20.90 -10.84 -10.67
CA LYS A 19 -19.89 -10.70 -11.70
C LYS A 19 -20.48 -10.95 -13.08
N THR A 20 -20.18 -10.06 -14.03
CA THR A 20 -20.67 -10.19 -15.39
C THR A 20 -19.60 -9.91 -16.41
N ALA A 21 -19.55 -10.77 -17.43
CA ALA A 21 -18.59 -10.71 -18.52
C ALA A 21 -19.31 -10.45 -19.83
N SER A 22 -18.82 -9.49 -20.61
CA SER A 22 -19.30 -9.28 -21.96
C SER A 22 -18.35 -9.92 -22.97
N LEU A 23 -18.90 -10.76 -23.85
CA LEU A 23 -18.10 -11.55 -24.77
C LEU A 23 -18.41 -11.17 -26.21
N ILE A 24 -17.40 -10.68 -26.93
CA ILE A 24 -17.58 -10.15 -28.27
C ILE A 24 -16.97 -11.11 -29.27
N SER A 25 -17.80 -11.57 -30.21
CA SER A 25 -17.37 -12.30 -31.39
C SER A 25 -17.47 -11.37 -32.58
N LEU A 26 -16.36 -11.17 -33.29
CA LEU A 26 -16.26 -10.10 -34.28
C LEU A 26 -15.65 -10.63 -35.57
N GLU A 27 -16.28 -10.32 -36.70
CA GLU A 27 -15.67 -10.63 -37.98
C GLU A 27 -14.59 -9.61 -38.30
N LEU A 28 -13.45 -10.09 -38.79
CA LEU A 28 -12.40 -9.17 -39.17
C LEU A 28 -12.84 -8.31 -40.36
N PRO A 29 -12.53 -7.02 -40.35
CA PRO A 29 -12.70 -6.22 -41.56
C PRO A 29 -11.71 -6.61 -42.63
N GLY A 30 -12.06 -6.28 -43.87
CA GLY A 30 -11.07 -6.21 -44.91
C GLY A 30 -10.52 -7.53 -45.36
N SER A 31 -11.22 -8.64 -45.09
CA SER A 31 -10.95 -9.83 -45.86
C SER A 31 -11.27 -9.56 -47.32
N THR A 32 -10.25 -9.53 -48.17
CA THR A 32 -10.47 -9.22 -49.57
C THR A 32 -11.09 -10.39 -50.31
N GLY A 33 -10.77 -11.61 -49.87
CA GLY A 33 -11.57 -12.76 -50.21
C GLY A 33 -12.76 -12.92 -49.30
N THR A 34 -13.68 -13.77 -49.74
CA THR A 34 -14.91 -13.99 -48.99
C THR A 34 -14.65 -14.68 -47.66
N SER A 35 -13.59 -15.50 -47.58
CA SER A 35 -13.21 -16.10 -46.31
C SER A 35 -12.61 -15.05 -45.39
N THR A 36 -13.05 -15.07 -44.13
CA THR A 36 -12.72 -14.04 -43.16
C THR A 36 -12.26 -14.69 -41.87
N ALA A 37 -11.33 -14.05 -41.20
CA ALA A 37 -11.03 -14.36 -39.81
C ALA A 37 -12.09 -13.80 -38.87
N PHE A 38 -12.06 -14.31 -37.65
CA PHE A 38 -12.76 -13.71 -36.54
C PHE A 38 -11.79 -13.42 -35.41
N ILE A 39 -12.14 -12.44 -34.60
CA ILE A 39 -11.47 -12.18 -33.34
C ILE A 39 -12.48 -12.23 -32.20
N TYR A 40 -12.00 -12.62 -31.02
CA TYR A 40 -12.84 -12.76 -29.85
C TYR A 40 -12.26 -12.02 -28.66
N LEU A 41 -13.09 -11.18 -28.04
CA LEU A 41 -12.64 -10.25 -27.01
C LEU A 41 -13.59 -10.29 -25.82
N THR A 42 -13.09 -9.84 -24.66
CA THR A 42 -13.96 -9.56 -23.53
C THR A 42 -13.48 -8.32 -22.79
N ASP A 43 -14.42 -7.68 -22.10
CA ASP A 43 -14.11 -6.63 -21.14
C ASP A 43 -13.73 -7.16 -19.78
N TYR A 44 -13.88 -8.46 -19.56
CA TYR A 44 -13.60 -9.02 -18.24
C TYR A 44 -12.12 -8.95 -17.93
N PHE A 45 -11.80 -8.93 -16.63
CA PHE A 45 -10.46 -8.61 -16.20
C PHE A 45 -9.46 -9.73 -16.48
N ARG A 46 -9.91 -10.87 -17.00
CA ARG A 46 -9.00 -11.89 -17.48
C ARG A 46 -9.67 -12.70 -18.57
N ASP A 47 -8.84 -13.41 -19.32
CA ASP A 47 -9.35 -14.17 -20.45
C ASP A 47 -10.31 -15.24 -19.99
N VAL A 48 -11.23 -15.61 -20.87
CA VAL A 48 -12.29 -16.53 -20.52
C VAL A 48 -12.59 -17.46 -21.67
N ILE A 49 -12.94 -18.70 -21.34
CA ILE A 49 -13.15 -19.75 -22.34
C ILE A 49 -14.63 -20.10 -22.38
N TYR A 50 -15.14 -20.25 -23.60
CA TYR A 50 -16.55 -20.56 -23.82
C TYR A 50 -16.71 -21.31 -25.12
N ASN A 51 -17.47 -22.40 -25.07
CA ASN A 51 -17.49 -23.38 -26.16
C ASN A 51 -16.09 -23.80 -26.56
N GLY A 52 -15.16 -23.73 -25.60
CA GLY A 52 -13.75 -23.93 -25.89
C GLY A 52 -13.10 -22.81 -26.65
N ILE A 53 -13.84 -21.81 -27.09
CA ILE A 53 -13.25 -20.64 -27.72
C ILE A 53 -12.70 -19.72 -26.64
N LEU A 54 -11.45 -19.31 -26.79
CA LEU A 54 -10.80 -18.48 -25.79
C LEU A 54 -10.92 -17.01 -26.16
N TYR A 55 -11.51 -16.23 -25.28
CA TYR A 55 -11.74 -14.82 -25.52
C TYR A 55 -10.69 -14.00 -24.76
N GLN A 56 -9.95 -13.19 -25.51
CA GLN A 56 -8.88 -12.35 -24.99
C GLN A 56 -9.44 -11.26 -24.09
N ALA A 57 -8.60 -10.77 -23.19
CA ALA A 57 -9.01 -9.77 -22.23
C ALA A 57 -8.12 -8.54 -22.26
N GLY A 58 -8.76 -7.37 -22.17
CA GLY A 58 -8.08 -6.11 -21.93
C GLY A 58 -8.28 -5.06 -23.01
N LYS A 59 -8.60 -5.45 -24.23
CA LYS A 59 -8.76 -4.47 -25.30
C LYS A 59 -9.98 -3.59 -25.11
N VAL A 60 -11.09 -4.16 -24.64
CA VAL A 60 -12.34 -3.42 -24.53
C VAL A 60 -12.28 -2.39 -23.42
N LYS A 61 -12.91 -1.25 -23.65
CA LYS A 61 -13.11 -0.22 -22.63
C LYS A 61 -14.56 -0.01 -22.23
N SER A 62 -15.48 0.09 -23.19
CA SER A 62 -16.87 0.40 -22.84
C SER A 62 -17.81 -0.06 -23.94
N ILE A 63 -19.08 -0.20 -23.54
CA ILE A 63 -20.19 -0.52 -24.43
C ILE A 63 -21.37 0.39 -24.17
N SER A 64 -21.96 0.93 -25.22
CA SER A 64 -23.08 1.84 -25.07
C SER A 64 -24.32 1.10 -24.53
N PRO A 65 -25.29 1.84 -24.00
CA PRO A 65 -26.65 1.34 -23.88
C PRO A 65 -27.27 1.05 -25.24
N HIS A 66 -28.45 0.42 -25.20
CA HIS A 66 -29.08 -0.10 -26.40
C HIS A 66 -30.58 0.06 -26.27
N LYS A 67 -31.16 0.95 -27.07
CA LYS A 67 -32.56 1.36 -26.95
C LYS A 67 -33.36 0.87 -28.14
N GLN A 68 -34.56 0.36 -27.87
CA GLN A 68 -35.57 0.11 -28.89
C GLN A 68 -36.92 0.55 -28.38
N ASN A 69 -37.83 0.81 -29.32
CA ASN A 69 -39.19 1.14 -28.93
C ASN A 69 -40.15 0.62 -29.99
N ARG A 70 -41.42 0.98 -29.84
CA ARG A 70 -42.47 0.46 -30.69
C ARG A 70 -42.34 0.92 -32.13
N ASP A 71 -41.59 1.97 -32.39
CA ASP A 71 -41.31 2.37 -33.76
C ASP A 71 -40.10 1.63 -34.29
N LEU A 72 -40.05 1.51 -35.61
CA LEU A 72 -38.89 0.93 -36.26
C LEU A 72 -37.69 1.87 -36.17
N SER A 73 -36.53 1.29 -35.90
CA SER A 73 -35.31 2.07 -35.80
C SER A 73 -34.12 1.17 -36.09
N ILE A 74 -32.98 1.81 -36.35
CA ILE A 74 -31.73 1.09 -36.57
C ILE A 74 -31.11 0.52 -35.31
N GLY A 75 -31.60 0.89 -34.13
CA GLY A 75 -31.15 0.24 -32.91
C GLY A 75 -29.66 0.27 -32.70
N SER A 76 -29.02 1.41 -32.93
CA SER A 76 -27.57 1.45 -33.06
C SER A 76 -26.87 1.29 -31.71
N LEU A 77 -25.63 0.80 -31.79
CA LEU A 77 -24.72 0.71 -30.66
C LEU A 77 -23.39 1.35 -31.01
N SER A 78 -22.60 1.61 -29.98
CA SER A 78 -21.17 1.76 -30.17
C SER A 78 -20.43 1.04 -29.06
N PHE A 79 -19.17 0.69 -29.34
CA PHE A 79 -18.27 0.23 -28.31
C PHE A 79 -16.86 0.70 -28.59
N THR A 80 -16.04 0.78 -27.55
CA THR A 80 -14.76 1.42 -27.65
C THR A 80 -13.62 0.52 -27.21
N ILE A 81 -12.50 0.62 -27.92
CA ILE A 81 -11.28 -0.11 -27.62
C ILE A 81 -10.10 0.86 -27.60
N THR A 82 -9.10 0.52 -26.80
CA THR A 82 -8.01 1.43 -26.53
C THR A 82 -7.32 1.79 -27.84
N GLY A 83 -6.97 3.05 -27.98
CA GLY A 83 -6.26 3.53 -29.16
C GLY A 83 -4.78 3.23 -29.16
N THR A 84 -4.25 2.72 -28.05
CA THR A 84 -2.84 2.39 -27.97
C THR A 84 -2.49 1.03 -28.56
N ALA A 85 -3.46 0.15 -28.72
CA ALA A 85 -3.16 -1.18 -29.27
C ALA A 85 -2.88 -1.07 -30.76
N GLN A 86 -1.59 -1.13 -31.10
CA GLN A 86 -1.13 -0.77 -32.43
C GLN A 86 -1.83 -1.60 -33.50
N ASP A 87 -2.05 -2.88 -33.20
CA ASP A 87 -2.72 -3.76 -34.15
C ASP A 87 -4.09 -3.23 -34.56
N GLU A 88 -4.88 -2.72 -33.60
CA GLU A 88 -6.23 -2.32 -33.95
C GLU A 88 -6.24 -1.08 -34.84
N VAL A 89 -5.29 -0.19 -34.62
CA VAL A 89 -5.15 0.95 -35.51
C VAL A 89 -4.82 0.47 -36.91
N LEU A 90 -3.88 -0.46 -37.01
CA LEU A 90 -3.55 -0.98 -38.32
C LEU A 90 -4.74 -1.71 -38.93
N LYS A 91 -5.58 -2.30 -38.08
CA LYS A 91 -6.80 -2.96 -38.52
C LYS A 91 -7.79 -1.99 -39.13
N LEU A 92 -7.76 -0.73 -38.69
CA LEU A 92 -8.59 0.27 -39.36
C LEU A 92 -7.93 0.82 -40.62
N VAL A 93 -6.65 1.16 -40.53
CA VAL A 93 -6.08 2.17 -41.42
C VAL A 93 -5.46 1.57 -42.67
N GLN A 94 -5.55 0.27 -42.86
CA GLN A 94 -5.19 -0.28 -44.15
C GLN A 94 -6.09 0.29 -45.24
N ASN A 95 -5.50 0.54 -46.41
CA ASN A 95 -6.25 1.15 -47.49
C ASN A 95 -7.17 0.17 -48.20
N GLY A 96 -6.77 -1.09 -48.33
CA GLY A 96 -7.51 -2.06 -49.11
C GLY A 96 -8.72 -2.63 -48.41
N VAL A 97 -8.99 -2.15 -47.20
CA VAL A 97 -10.03 -2.74 -46.37
C VAL A 97 -11.40 -2.39 -46.94
N SER A 98 -12.32 -3.34 -46.83
CA SER A 98 -13.74 -3.03 -46.78
C SER A 98 -14.38 -3.83 -45.66
N PHE A 99 -15.45 -3.26 -45.10
CA PHE A 99 -16.25 -3.93 -44.08
C PHE A 99 -17.72 -3.56 -44.20
N LEU A 100 -18.17 -3.27 -45.41
CA LEU A 100 -19.55 -2.83 -45.62
C LEU A 100 -20.57 -3.77 -45.01
N ASP A 101 -20.32 -5.06 -45.06
CA ASP A 101 -20.86 -6.00 -44.08
C ASP A 101 -19.70 -6.68 -43.39
N ARG A 102 -19.69 -6.60 -42.06
CA ARG A 102 -19.04 -7.59 -41.22
C ARG A 102 -19.92 -7.81 -40.00
N THR A 103 -20.02 -9.04 -39.56
CA THR A 103 -20.95 -9.39 -38.49
C THR A 103 -20.31 -9.26 -37.11
N VAL A 104 -21.17 -8.98 -36.14
CA VAL A 104 -20.77 -8.90 -34.73
C VAL A 104 -21.84 -9.50 -33.85
N SER A 105 -21.42 -10.18 -32.79
CA SER A 105 -22.31 -10.68 -31.77
C SER A 105 -21.72 -10.42 -30.40
N ILE A 106 -22.59 -10.10 -29.44
CA ILE A 106 -22.20 -9.72 -28.10
C ILE A 106 -23.03 -10.53 -27.12
N HIS A 107 -22.42 -11.56 -26.54
CA HIS A 107 -23.02 -12.32 -25.46
C HIS A 107 -22.81 -11.64 -24.10
N GLN A 108 -23.73 -11.91 -23.19
CA GLN A 108 -23.72 -11.40 -21.83
C GLN A 108 -23.80 -12.57 -20.86
N ALA A 109 -22.76 -12.73 -20.05
CA ALA A 109 -22.59 -13.92 -19.20
C ALA A 109 -22.54 -13.51 -17.73
N ILE A 110 -23.43 -14.10 -16.93
CA ILE A 110 -23.24 -14.16 -15.49
C ILE A 110 -22.15 -15.18 -15.18
N ILE A 111 -21.11 -14.76 -14.46
CA ILE A 111 -20.05 -15.66 -14.04
C ILE A 111 -20.15 -15.90 -12.55
N THR A 112 -20.26 -17.16 -12.16
CA THR A 112 -20.44 -17.52 -10.77
C THR A 112 -19.08 -17.65 -10.08
N GLU A 113 -19.14 -17.90 -8.77
CA GLU A 113 -17.94 -17.86 -7.94
C GLU A 113 -16.89 -18.88 -8.33
N ASP A 114 -17.28 -20.02 -8.92
CA ASP A 114 -16.30 -20.98 -9.42
C ASP A 114 -15.78 -20.65 -10.79
N GLY A 115 -16.15 -19.52 -11.36
CA GLY A 115 -15.67 -19.17 -12.68
C GLY A 115 -16.37 -19.89 -13.80
N SER A 116 -17.42 -20.65 -13.53
CA SER A 116 -18.26 -21.16 -14.59
C SER A 116 -19.28 -20.12 -15.01
N ILE A 117 -19.71 -20.21 -16.25
CA ILE A 117 -20.78 -19.38 -16.77
C ILE A 117 -22.13 -19.96 -16.37
N LEU A 118 -22.98 -19.13 -15.81
CA LEU A 118 -24.28 -19.60 -15.37
C LEU A 118 -25.20 -19.86 -16.56
N PRO A 119 -25.96 -20.96 -16.54
CA PRO A 119 -26.99 -21.18 -17.56
C PRO A 119 -28.17 -20.24 -17.38
N VAL A 120 -28.58 -19.60 -18.47
CA VAL A 120 -29.68 -18.63 -18.40
C VAL A 120 -30.68 -18.82 -19.53
N ASP A 121 -30.21 -18.82 -20.76
CA ASP A 121 -31.10 -19.03 -21.89
C ASP A 121 -31.45 -20.52 -22.00
N PRO A 122 -32.72 -20.89 -21.85
CA PRO A 122 -33.07 -22.31 -21.86
C PRO A 122 -32.96 -22.95 -23.23
N ASP A 123 -32.81 -22.17 -24.30
CA ASP A 123 -32.55 -22.76 -25.61
C ASP A 123 -31.18 -23.39 -25.62
N THR A 124 -30.15 -22.58 -25.40
CA THR A 124 -28.77 -23.02 -25.43
C THR A 124 -28.28 -23.45 -24.07
N ASN A 125 -29.07 -23.23 -23.02
CA ASN A 125 -28.65 -23.47 -21.65
C ASN A 125 -27.35 -22.73 -21.36
N GLY A 126 -27.34 -21.45 -21.68
CA GLY A 126 -26.12 -20.67 -21.68
C GLY A 126 -26.34 -19.19 -21.47
N PRO A 127 -25.33 -18.39 -21.80
CA PRO A 127 -25.42 -16.95 -21.60
C PRO A 127 -26.36 -16.27 -22.59
N LEU A 128 -26.90 -15.13 -22.16
CA LEU A 128 -27.78 -14.37 -23.04
C LEU A 128 -26.99 -13.68 -24.14
N LEU A 129 -27.72 -13.17 -25.12
CA LEU A 129 -27.16 -12.20 -26.05
C LEU A 129 -27.61 -10.80 -25.69
N TYR A 130 -26.65 -9.88 -25.58
CA TYR A 130 -26.97 -8.48 -25.47
C TYR A 130 -27.22 -7.86 -26.82
N PHE A 131 -26.41 -8.21 -27.83
CA PHE A 131 -26.66 -7.58 -29.12
C PHE A 131 -26.09 -8.43 -30.25
N ARG A 132 -26.60 -8.16 -31.45
CA ARG A 132 -26.10 -8.78 -32.66
C ARG A 132 -26.42 -7.91 -33.85
N GLY A 133 -25.48 -7.79 -34.79
CA GLY A 133 -25.73 -6.94 -35.93
C GLY A 133 -24.54 -6.80 -36.85
N ARG A 134 -24.48 -5.66 -37.54
CA ARG A 134 -23.46 -5.40 -38.53
C ARG A 134 -22.72 -4.09 -38.25
N ILE A 135 -21.44 -4.10 -38.59
CA ILE A 135 -20.62 -2.90 -38.52
C ILE A 135 -21.05 -1.88 -39.56
N THR A 136 -20.94 -0.61 -39.20
CA THR A 136 -21.37 0.49 -40.04
C THR A 136 -20.34 1.59 -40.17
N GLY A 137 -19.31 1.58 -39.36
CA GLY A 137 -18.37 2.70 -39.33
C GLY A 137 -17.56 2.68 -38.06
N GLY A 138 -16.65 3.64 -37.98
CA GLY A 138 -15.79 3.72 -36.82
C GLY A 138 -14.99 5.00 -36.87
N GLY A 139 -14.11 5.13 -35.89
CA GLY A 139 -13.32 6.34 -35.81
C GLY A 139 -12.25 6.25 -34.76
N ILE A 140 -11.34 7.21 -34.83
CA ILE A 140 -10.22 7.32 -33.92
C ILE A 140 -10.15 8.75 -33.41
N LYS A 141 -9.92 8.90 -32.12
CA LYS A 141 -9.64 10.22 -31.56
C LYS A 141 -8.35 10.19 -30.77
N ASP A 142 -7.42 11.07 -31.15
CA ASP A 142 -6.14 11.27 -30.46
C ASP A 142 -6.11 12.70 -29.94
N ASN A 143 -6.00 12.86 -28.63
CA ASN A 143 -5.82 14.17 -28.02
C ASN A 143 -4.46 14.20 -27.35
N ILE A 144 -3.63 15.16 -27.73
CA ILE A 144 -2.37 15.43 -27.06
C ILE A 144 -2.45 16.79 -26.41
N SER A 145 -2.32 16.82 -25.10
CA SER A 145 -2.10 18.08 -24.41
C SER A 145 -0.67 18.55 -24.65
N THR A 146 -0.45 19.85 -24.46
CA THR A 146 0.92 20.34 -24.41
C THR A 146 1.67 19.69 -23.27
N SER A 147 0.95 19.32 -22.22
CA SER A 147 1.51 18.93 -20.95
C SER A 147 0.54 17.96 -20.30
N GLY A 148 1.07 17.05 -19.50
CA GLY A 148 0.20 16.05 -18.91
C GLY A 148 -0.28 15.03 -19.92
N VAL A 149 -1.17 14.18 -19.43
CA VAL A 149 -1.62 13.01 -20.17
C VAL A 149 -2.58 13.40 -21.29
N GLY A 150 -2.34 12.83 -22.48
CA GLY A 150 -3.32 12.78 -23.53
C GLY A 150 -4.05 11.44 -23.55
N THR A 151 -4.91 11.28 -24.56
CA THR A 151 -5.71 10.08 -24.70
C THR A 151 -5.86 9.66 -26.15
N SER A 152 -6.08 8.37 -26.36
CA SER A 152 -6.36 7.81 -27.67
C SER A 152 -7.41 6.72 -27.58
N THR A 153 -8.37 6.75 -28.50
CA THR A 153 -9.47 5.80 -28.41
C THR A 153 -10.01 5.47 -29.80
N ILE A 154 -10.47 4.23 -29.95
CA ILE A 154 -11.12 3.74 -31.16
C ILE A 154 -12.56 3.44 -30.85
N THR A 155 -13.46 3.94 -31.69
CA THR A 155 -14.88 3.63 -31.61
C THR A 155 -15.29 2.79 -32.80
N TRP A 156 -16.09 1.75 -32.53
CA TRP A 156 -16.84 1.03 -33.55
C TRP A 156 -18.32 1.33 -33.39
N ASN A 157 -18.99 1.58 -34.51
CA ASN A 157 -20.42 1.86 -34.56
C ASN A 157 -21.15 0.72 -35.24
N CYS A 158 -22.22 0.23 -34.63
CA CYS A 158 -22.91 -0.95 -35.10
C CYS A 158 -24.40 -0.65 -35.21
N SER A 159 -25.09 -1.45 -36.02
CA SER A 159 -26.51 -1.25 -36.24
C SER A 159 -27.14 -2.53 -36.77
N ASN A 160 -28.46 -2.55 -36.74
CA ASN A 160 -29.22 -3.60 -37.41
C ASN A 160 -29.16 -3.46 -38.93
N GLN A 161 -29.79 -4.43 -39.59
CA GLN A 161 -29.76 -4.59 -41.03
C GLN A 161 -30.36 -3.43 -41.81
N PHE A 162 -31.07 -2.52 -41.17
CA PHE A 162 -31.63 -1.36 -41.87
C PHE A 162 -30.71 -0.17 -41.86
N TYR A 163 -29.43 -0.39 -41.60
CA TYR A 163 -28.49 0.71 -41.39
C TYR A 163 -28.38 1.66 -42.58
N ASP A 164 -28.99 1.35 -43.72
CA ASP A 164 -29.14 2.32 -44.81
C ASP A 164 -30.59 2.34 -45.30
N PHE A 165 -31.42 3.15 -44.63
CA PHE A 165 -32.81 3.31 -44.99
C PHE A 165 -33.02 3.87 -46.39
N ASP A 166 -31.96 4.28 -47.07
CA ASP A 166 -32.03 4.67 -48.48
C ASP A 166 -32.01 3.49 -49.44
N ARG A 167 -31.66 2.28 -48.99
CA ARG A 167 -31.47 1.18 -49.92
C ARG A 167 -32.76 0.88 -50.68
N VAL A 168 -32.65 0.90 -52.01
CA VAL A 168 -33.68 0.41 -52.91
C VAL A 168 -33.19 -0.88 -53.55
N ASN A 169 -33.99 -1.93 -53.47
CA ASN A 169 -33.55 -3.27 -53.81
C ASN A 169 -34.62 -4.00 -54.60
N GLY A 170 -35.28 -3.30 -55.52
CA GLY A 170 -36.27 -3.91 -56.36
C GLY A 170 -35.66 -4.59 -57.58
N ARG A 171 -36.53 -4.92 -58.52
CA ARG A 171 -36.13 -5.24 -59.88
C ARG A 171 -36.87 -4.34 -60.85
N TYR A 172 -36.20 -4.03 -61.96
CA TYR A 172 -36.78 -3.20 -62.99
C TYR A 172 -36.29 -3.68 -64.35
N THR A 173 -37.09 -3.39 -65.36
CA THR A 173 -37.03 -4.05 -66.66
C THR A 173 -35.93 -3.47 -67.54
N ASP A 174 -34.70 -3.86 -67.24
CA ASP A 174 -33.61 -3.50 -68.12
C ASP A 174 -32.55 -4.59 -68.12
N ASP A 175 -32.23 -5.05 -69.33
CA ASP A 175 -31.43 -6.26 -69.50
C ASP A 175 -30.10 -6.17 -68.77
N ALA A 176 -29.40 -5.05 -68.94
CA ALA A 176 -28.09 -4.93 -68.31
C ALA A 176 -28.17 -5.05 -66.80
N SER A 177 -29.26 -4.59 -66.20
CA SER A 177 -29.46 -4.77 -64.77
C SER A 177 -29.80 -6.22 -64.43
N HIS A 178 -30.69 -6.83 -65.20
CA HIS A 178 -31.12 -8.18 -64.88
C HIS A 178 -29.99 -9.19 -65.04
N ARG A 179 -29.30 -9.15 -66.17
CA ARG A 179 -28.15 -10.02 -66.39
C ARG A 179 -26.95 -9.64 -65.53
N GLY A 180 -26.79 -8.35 -65.20
CA GLY A 180 -25.61 -7.93 -64.48
C GLY A 180 -24.42 -7.71 -65.37
N LEU A 181 -24.56 -6.79 -66.31
CA LEU A 181 -23.50 -6.50 -67.27
C LEU A 181 -22.39 -5.64 -66.70
N GLU A 182 -21.19 -5.90 -67.21
CA GLU A 182 -19.99 -5.16 -66.88
C GLU A 182 -19.13 -5.16 -68.13
N VAL A 183 -18.27 -4.17 -68.26
CA VAL A 183 -17.43 -4.02 -69.44
C VAL A 183 -16.04 -4.57 -69.15
N VAL A 184 -15.57 -5.42 -70.06
CA VAL A 184 -14.27 -6.05 -69.96
C VAL A 184 -13.66 -6.12 -71.35
N ALA A 185 -12.40 -5.71 -71.45
CA ALA A 185 -11.59 -5.93 -72.65
C ALA A 185 -12.27 -5.44 -73.92
N GLY A 186 -13.22 -4.52 -73.82
CA GLY A 186 -13.91 -4.03 -75.00
C GLY A 186 -15.20 -4.71 -75.37
N GLN A 187 -15.79 -5.49 -74.48
CA GLN A 187 -17.14 -6.00 -74.70
C GLN A 187 -17.87 -6.07 -73.37
N LEU A 188 -19.18 -6.23 -73.45
CA LEU A 188 -19.99 -6.48 -72.26
C LEU A 188 -20.05 -7.96 -71.92
N LEU A 189 -20.15 -8.23 -70.62
CA LEU A 189 -20.36 -9.58 -70.13
C LEU A 189 -21.33 -9.60 -68.97
N PRO A 190 -22.04 -10.69 -68.78
CA PRO A 190 -22.66 -10.97 -67.48
C PRO A 190 -21.62 -11.19 -66.40
N SER A 191 -21.89 -10.72 -65.19
CA SER A 191 -21.00 -10.98 -64.08
C SER A 191 -21.80 -11.16 -62.79
N ASN A 192 -21.08 -11.11 -61.68
CA ASN A 192 -21.64 -11.36 -60.36
C ASN A 192 -22.84 -10.49 -60.02
N GLY A 193 -23.02 -9.37 -60.71
CA GLY A 193 -24.07 -8.44 -60.32
C GLY A 193 -25.47 -9.00 -60.44
N ALA A 194 -25.65 -10.06 -61.21
CA ALA A 194 -26.98 -10.65 -61.31
C ALA A 194 -27.46 -11.11 -59.95
N LYS A 195 -28.73 -10.85 -59.68
CA LYS A 195 -29.26 -11.20 -58.37
C LYS A 195 -29.32 -12.70 -58.17
N ARG A 196 -29.31 -13.46 -59.25
CA ARG A 196 -29.00 -14.88 -59.17
C ARG A 196 -28.32 -15.32 -60.46
N LEU A 197 -27.47 -16.33 -60.32
CA LEU A 197 -26.60 -16.74 -61.42
C LEU A 197 -27.39 -17.06 -62.69
N GLU A 198 -28.54 -17.73 -62.52
CA GLU A 198 -29.35 -18.14 -63.66
C GLU A 198 -29.74 -16.97 -64.55
N TYR A 199 -29.91 -15.79 -63.97
CA TYR A 199 -30.43 -14.65 -64.70
C TYR A 199 -29.54 -14.28 -65.88
N GLN A 200 -28.23 -14.54 -65.76
CA GLN A 200 -27.28 -14.19 -66.81
C GLN A 200 -27.66 -14.75 -68.17
N GLU A 201 -28.35 -15.89 -68.19
CA GLU A 201 -28.88 -16.46 -69.42
C GLU A 201 -29.94 -15.56 -70.06
N ASP A 202 -30.69 -14.82 -69.26
CA ASP A 202 -32.03 -14.36 -69.62
C ASP A 202 -31.99 -13.05 -70.37
N TYR A 203 -32.07 -13.13 -71.69
CA TYR A 203 -32.14 -11.99 -72.59
C TYR A 203 -33.49 -11.30 -72.55
N GLY A 204 -34.35 -11.65 -71.61
CA GLY A 204 -35.54 -10.88 -71.30
C GLY A 204 -35.33 -9.41 -71.06
N PHE A 205 -36.37 -8.61 -71.34
CA PHE A 205 -36.30 -7.16 -71.33
C PHE A 205 -35.38 -6.55 -72.39
N PHE A 206 -34.71 -7.38 -73.19
CA PHE A 206 -33.80 -6.84 -74.18
C PHE A 206 -34.48 -5.88 -75.16
N HIS A 207 -35.73 -6.14 -75.54
CA HIS A 207 -36.49 -5.27 -76.42
C HIS A 207 -37.23 -4.14 -75.73
N ALA A 208 -37.21 -4.10 -74.40
CA ALA A 208 -38.21 -3.35 -73.66
C ALA A 208 -38.20 -1.88 -74.03
N ASN A 209 -37.02 -1.26 -73.99
CA ASN A 209 -36.94 0.18 -74.08
C ASN A 209 -37.59 0.70 -75.36
N LYS A 210 -37.28 0.08 -76.49
CA LYS A 210 -37.89 0.51 -77.74
C LYS A 210 -39.35 0.07 -77.86
N SER A 211 -39.75 -0.96 -77.12
CA SER A 211 -41.06 -1.52 -77.39
C SER A 211 -42.16 -0.49 -77.16
N ILE A 212 -42.03 0.32 -76.11
CA ILE A 212 -43.05 1.33 -75.83
C ILE A 212 -43.15 2.35 -76.96
N SER A 213 -42.01 2.75 -77.50
CA SER A 213 -41.99 3.68 -78.62
C SER A 213 -42.65 3.08 -79.85
N ILE A 214 -42.67 1.76 -79.95
CA ILE A 214 -43.47 1.14 -81.00
C ILE A 214 -44.94 1.16 -80.62
N LEU A 215 -45.25 0.77 -79.40
CA LEU A 215 -46.63 0.64 -78.95
C LEU A 215 -47.40 1.94 -79.08
N ALA A 216 -46.74 3.07 -78.88
CA ALA A 216 -47.41 4.35 -79.00
C ALA A 216 -48.08 4.56 -80.36
N LYS A 217 -47.55 3.95 -81.41
CA LYS A 217 -48.16 4.15 -82.73
C LYS A 217 -49.52 3.48 -82.88
N TYR A 218 -50.05 2.89 -81.82
CA TYR A 218 -51.32 2.18 -81.86
C TYR A 218 -52.29 2.71 -80.83
N GLN A 219 -52.04 3.91 -80.31
CA GLN A 219 -52.84 4.48 -79.24
C GLN A 219 -53.20 5.92 -79.56
N VAL A 220 -54.41 6.31 -79.11
CA VAL A 220 -54.82 7.69 -79.17
C VAL A 220 -53.95 8.60 -78.32
N GLN A 221 -53.79 9.84 -78.79
CA GLN A 221 -52.97 10.87 -78.15
C GLN A 221 -53.26 11.03 -76.67
N GLU A 222 -54.44 10.63 -76.21
CA GLU A 222 -54.73 10.56 -74.78
C GLU A 222 -53.72 9.72 -74.02
N GLU A 223 -53.21 8.65 -74.62
CA GLU A 223 -52.58 7.59 -73.88
C GLU A 223 -51.13 7.36 -74.24
N ARG A 224 -50.65 7.96 -75.33
CA ARG A 224 -49.56 7.39 -76.09
C ARG A 224 -48.34 7.08 -75.23
N TYR A 225 -48.18 7.77 -74.11
CA TYR A 225 -47.13 7.43 -73.16
C TYR A 225 -47.61 7.31 -71.73
N LYS A 226 -48.90 7.44 -71.47
CA LYS A 226 -49.40 7.42 -70.11
C LYS A 226 -49.45 6.01 -69.53
N LEU A 227 -49.43 5.95 -68.22
CA LEU A 227 -49.60 4.72 -67.48
C LEU A 227 -50.33 5.01 -66.18
N LYS A 228 -51.11 4.04 -65.71
CA LYS A 228 -51.76 4.15 -64.42
C LYS A 228 -50.78 3.90 -63.29
N SER A 229 -51.01 4.62 -62.19
CA SER A 229 -50.14 4.48 -61.03
C SER A 229 -50.38 3.16 -60.30
N LYS A 230 -49.49 2.88 -59.35
CA LYS A 230 -49.58 1.72 -58.49
C LYS A 230 -49.66 2.13 -57.02
N LYS A 231 -50.45 1.40 -56.25
CA LYS A 231 -50.66 1.67 -54.83
C LYS A 231 -51.05 3.12 -54.60
N LYS A 232 -52.26 3.43 -55.07
CA LYS A 232 -52.75 4.81 -55.06
C LYS A 232 -52.92 5.36 -53.65
N LEU A 233 -53.53 4.60 -52.75
CA LEU A 233 -53.63 5.00 -51.34
C LEU A 233 -52.50 4.42 -50.50
N PHE A 234 -51.37 5.12 -50.50
CA PHE A 234 -50.37 4.90 -49.49
C PHE A 234 -50.88 5.34 -48.12
N GLY A 235 -50.35 4.73 -47.07
CA GLY A 235 -50.92 4.88 -45.75
C GLY A 235 -50.83 6.30 -45.23
N LEU A 236 -51.97 6.83 -44.77
CA LEU A 236 -51.99 8.12 -44.09
C LEU A 236 -51.55 8.03 -42.64
N SER A 237 -50.86 9.07 -42.20
CA SER A 237 -50.50 9.20 -40.79
C SER A 237 -50.50 10.68 -40.43
N ARG A 238 -50.48 10.95 -39.13
CA ARG A 238 -50.53 12.32 -38.63
C ARG A 238 -49.39 13.17 -39.16
N SER A 239 -48.37 12.54 -39.76
CA SER A 239 -47.35 13.28 -40.48
C SER A 239 -47.91 14.10 -41.63
N TYR A 240 -49.00 13.67 -42.24
CA TYR A 240 -49.55 14.37 -43.39
C TYR A 240 -50.65 15.32 -42.99
N SER A 241 -50.71 16.44 -43.71
CA SER A 241 -51.95 17.20 -43.81
C SER A 241 -52.96 16.48 -44.69
N LEU A 242 -54.21 16.52 -44.26
CA LEU A 242 -55.30 15.90 -45.01
C LEU A 242 -55.31 16.31 -46.47
N LYS A 243 -55.19 17.61 -46.71
CA LYS A 243 -55.17 18.13 -48.07
C LYS A 243 -54.00 17.55 -48.84
N LYS A 244 -52.80 17.73 -48.32
CA LYS A 244 -51.62 17.35 -49.08
C LYS A 244 -51.63 15.87 -49.40
N TYR A 245 -52.16 15.06 -48.48
CA TYR A 245 -52.36 13.64 -48.75
C TYR A 245 -53.25 13.42 -49.96
N TYR A 246 -54.51 13.86 -49.87
CA TYR A 246 -55.42 13.55 -50.97
C TYR A 246 -55.02 14.22 -52.28
N GLU A 247 -54.32 15.35 -52.21
CA GLU A 247 -53.80 15.99 -53.42
C GLU A 247 -52.57 15.30 -53.99
N THR A 248 -51.90 14.45 -53.22
CA THR A 248 -50.78 13.70 -53.76
C THR A 248 -51.16 12.30 -54.18
N VAL A 249 -52.27 11.80 -53.67
CA VAL A 249 -52.90 10.62 -54.25
C VAL A 249 -53.17 10.89 -55.73
N THR A 250 -52.55 10.09 -56.60
CA THR A 250 -52.52 10.39 -58.01
C THR A 250 -52.76 9.12 -58.82
N LYS A 251 -53.62 9.24 -59.84
CA LYS A 251 -54.05 8.08 -60.61
C LYS A 251 -53.08 7.68 -61.70
N GLU A 252 -52.34 8.62 -62.27
CA GLU A 252 -51.63 8.36 -63.51
C GLU A 252 -50.21 8.90 -63.46
N VAL A 253 -49.37 8.32 -64.31
CA VAL A 253 -48.00 8.72 -64.48
C VAL A 253 -47.63 8.64 -65.96
N ASP A 254 -46.62 9.42 -66.33
CA ASP A 254 -46.04 9.35 -67.66
C ASP A 254 -44.71 8.63 -67.57
N ILE A 255 -44.55 7.59 -68.38
CA ILE A 255 -43.30 6.85 -68.38
C ILE A 255 -42.19 7.67 -68.99
N ASP A 256 -42.53 8.58 -69.87
CA ASP A 256 -41.57 9.54 -70.39
C ASP A 256 -41.00 10.39 -69.26
N PHE A 257 -39.70 10.30 -69.08
CA PHE A 257 -38.98 10.89 -67.96
C PHE A 257 -39.36 10.29 -66.60
N ASN A 258 -39.97 9.10 -66.54
CA ASN A 258 -40.20 8.45 -65.25
C ASN A 258 -39.71 7.01 -65.32
N LEU A 259 -38.77 6.67 -64.46
CA LEU A 259 -38.22 5.33 -64.34
C LEU A 259 -38.88 4.48 -63.26
N ALA A 260 -39.32 5.11 -62.17
CA ALA A 260 -39.92 4.37 -61.07
C ALA A 260 -41.11 3.54 -61.49
N ALA A 261 -41.81 3.96 -62.53
CA ALA A 261 -42.96 3.19 -62.99
C ALA A 261 -42.57 1.77 -63.38
N LYS A 262 -41.33 1.55 -63.80
CA LYS A 262 -40.93 0.27 -64.35
C LYS A 262 -40.39 -0.70 -63.30
N TYR A 263 -40.47 -0.37 -62.02
CA TYR A 263 -40.16 -1.31 -60.98
C TYR A 263 -41.31 -2.29 -60.80
N ILE A 264 -40.96 -3.57 -60.65
CA ILE A 264 -42.01 -4.59 -60.48
C ILE A 264 -42.61 -4.49 -59.08
N PRO A 265 -43.92 -4.49 -58.94
CA PRO A 265 -44.55 -4.56 -57.64
C PRO A 265 -44.62 -5.98 -57.10
N VAL A 266 -44.78 -6.06 -55.79
CA VAL A 266 -45.04 -7.32 -55.10
C VAL A 266 -46.47 -7.30 -54.59
N VAL A 267 -47.14 -8.45 -54.64
CA VAL A 267 -48.52 -8.55 -54.20
C VAL A 267 -48.73 -9.71 -53.25
N TYR A 268 -49.51 -9.45 -52.20
CA TYR A 268 -50.05 -10.45 -51.31
C TYR A 268 -51.55 -10.25 -51.25
N GLY A 269 -52.29 -11.35 -51.19
CA GLY A 269 -53.73 -11.29 -51.34
C GLY A 269 -54.19 -11.00 -52.75
N VAL A 270 -55.31 -10.29 -52.86
CA VAL A 270 -55.93 -9.98 -54.13
C VAL A 270 -55.84 -8.49 -54.42
N GLN A 271 -55.37 -8.15 -55.61
CA GLN A 271 -55.21 -6.77 -56.01
C GLN A 271 -55.40 -6.61 -57.51
N LYS A 272 -55.60 -5.37 -57.93
CA LYS A 272 -55.68 -5.01 -59.34
C LYS A 272 -54.48 -4.15 -59.73
N ILE A 273 -53.83 -4.50 -60.83
CA ILE A 273 -52.57 -3.84 -61.19
C ILE A 273 -52.46 -3.70 -62.69
N PRO A 274 -51.77 -2.66 -63.14
CA PRO A 274 -51.53 -2.43 -64.56
C PRO A 274 -50.35 -3.25 -65.08
N GLY A 275 -50.42 -3.59 -66.37
CA GLY A 275 -49.35 -4.35 -67.00
C GLY A 275 -48.23 -3.46 -67.49
N ILE A 276 -46.99 -3.88 -67.21
CA ILE A 276 -45.79 -3.25 -67.77
C ILE A 276 -45.52 -3.89 -69.14
N PRO A 277 -45.63 -3.14 -70.23
CA PRO A 277 -45.28 -3.69 -71.54
C PRO A 277 -43.77 -3.81 -71.72
N ILE A 278 -43.33 -4.93 -72.29
CA ILE A 278 -41.90 -5.18 -72.51
C ILE A 278 -41.60 -5.68 -73.91
N PHE A 279 -42.61 -5.84 -74.77
CA PHE A 279 -42.37 -6.27 -76.13
C PHE A 279 -43.65 -6.01 -76.90
N ALA A 280 -43.51 -5.47 -78.11
CA ALA A 280 -44.63 -5.31 -79.02
C ALA A 280 -44.19 -5.50 -80.46
N ASP A 281 -45.03 -6.16 -81.25
CA ASP A 281 -44.69 -6.42 -82.64
C ASP A 281 -45.94 -6.86 -83.39
N THR A 282 -45.80 -6.92 -84.71
CA THR A 282 -46.88 -7.30 -85.59
C THR A 282 -46.47 -8.48 -86.46
N GLU A 283 -47.43 -9.34 -86.76
CA GLU A 283 -47.16 -10.39 -87.73
C GLU A 283 -46.85 -9.78 -89.09
N LEU A 284 -45.82 -10.31 -89.75
CA LEU A 284 -45.30 -9.69 -90.96
C LEU A 284 -46.36 -9.58 -92.05
N HIS A 285 -47.06 -10.67 -92.34
CA HIS A 285 -48.00 -10.68 -93.44
C HIS A 285 -49.27 -9.88 -93.16
N ASN A 286 -49.58 -9.60 -91.91
CA ASN A 286 -50.90 -9.08 -91.53
C ASN A 286 -50.72 -8.14 -90.36
N PRO A 287 -50.33 -6.90 -90.63
CA PRO A 287 -50.09 -5.92 -89.56
C PRO A 287 -51.26 -5.71 -88.63
N ASN A 288 -52.44 -6.24 -88.95
CA ASN A 288 -53.57 -6.16 -88.04
C ASN A 288 -53.45 -7.08 -86.84
N ILE A 289 -52.47 -7.97 -86.84
CA ILE A 289 -52.28 -8.95 -85.77
C ILE A 289 -51.11 -8.51 -84.94
N VAL A 290 -51.38 -8.17 -83.67
CA VAL A 290 -50.38 -7.54 -82.81
C VAL A 290 -50.15 -8.35 -81.55
N TYR A 291 -48.90 -8.72 -81.32
CA TYR A 291 -48.51 -9.41 -80.10
C TYR A 291 -47.88 -8.41 -79.14
N VAL A 292 -48.27 -8.50 -77.87
CA VAL A 292 -47.73 -7.68 -76.79
C VAL A 292 -47.49 -8.52 -75.56
N VAL A 293 -46.38 -8.25 -74.88
CA VAL A 293 -46.09 -8.93 -73.62
C VAL A 293 -46.15 -7.95 -72.46
N TYR A 294 -47.02 -8.26 -71.49
CA TYR A 294 -47.12 -7.50 -70.24
C TYR A 294 -46.55 -8.31 -69.08
N ALA A 295 -45.54 -7.79 -68.43
CA ALA A 295 -45.13 -8.27 -67.11
C ALA A 295 -46.01 -7.67 -66.02
N PHE A 296 -46.29 -8.46 -64.98
CA PHE A 296 -47.15 -7.98 -63.91
C PHE A 296 -46.51 -8.05 -62.54
N ALA A 297 -46.11 -9.23 -62.06
CA ALA A 297 -45.84 -9.37 -60.64
C ALA A 297 -44.67 -10.32 -60.36
N GLU A 298 -43.96 -10.01 -59.28
CA GLU A 298 -42.82 -10.78 -58.85
C GLU A 298 -43.26 -12.12 -58.27
N GLY A 299 -42.40 -13.11 -58.45
CA GLY A 299 -42.57 -14.41 -57.83
C GLY A 299 -43.63 -15.27 -58.48
N GLU A 300 -43.83 -16.46 -57.92
CA GLU A 300 -44.96 -17.30 -58.27
C GLU A 300 -46.24 -16.78 -57.63
N ILE A 301 -47.14 -16.29 -58.42
CA ILE A 301 -48.46 -15.88 -57.98
C ILE A 301 -49.41 -17.06 -58.00
N ASP A 302 -50.45 -16.98 -57.18
CA ASP A 302 -51.44 -18.05 -57.16
C ASP A 302 -52.26 -18.07 -58.43
N GLY A 303 -52.47 -16.93 -59.06
CA GLY A 303 -52.83 -16.92 -60.47
C GLY A 303 -53.65 -15.70 -60.84
N PHE A 304 -53.76 -15.49 -62.15
CA PHE A 304 -54.63 -14.46 -62.68
C PHE A 304 -56.10 -14.82 -62.51
N LEU A 305 -56.91 -13.83 -62.14
CA LEU A 305 -58.34 -13.98 -62.03
C LEU A 305 -59.09 -13.32 -63.18
N ASP A 306 -58.69 -12.11 -63.56
CA ASP A 306 -59.50 -11.39 -64.53
C ASP A 306 -58.70 -10.29 -65.18
N PHE A 307 -59.18 -9.85 -66.34
CA PHE A 307 -58.56 -8.77 -67.08
C PHE A 307 -59.56 -7.66 -67.36
N SER A 308 -59.08 -6.44 -67.33
CA SER A 308 -59.82 -5.25 -67.70
C SER A 308 -59.14 -4.62 -68.89
N PHE A 309 -59.92 -4.38 -69.94
CA PHE A 309 -59.47 -3.65 -71.11
C PHE A 309 -60.13 -2.28 -71.08
N GLY A 310 -59.32 -1.24 -71.00
CA GLY A 310 -59.78 -0.02 -70.37
C GLY A 310 -60.26 -0.37 -68.99
N ASP A 311 -61.39 0.23 -68.60
CA ASP A 311 -62.05 -0.16 -67.38
C ASP A 311 -63.07 -1.27 -67.57
N ASN A 312 -63.28 -1.74 -68.79
CA ASN A 312 -64.26 -2.79 -69.01
C ASN A 312 -63.74 -4.16 -68.63
N PRO A 313 -64.29 -4.79 -67.60
CA PRO A 313 -63.89 -6.15 -67.26
C PRO A 313 -64.58 -7.16 -68.17
N MET A 314 -63.92 -8.29 -68.36
CA MET A 314 -64.50 -9.34 -69.17
C MET A 314 -65.75 -9.91 -68.52
N ILE A 315 -65.65 -10.26 -67.25
CA ILE A 315 -66.79 -10.80 -66.50
C ILE A 315 -67.77 -9.70 -66.15
N CYS A 316 -69.06 -10.00 -66.25
CA CYS A 316 -70.06 -9.01 -65.91
C CYS A 316 -70.00 -8.68 -64.44
N VAL A 317 -70.17 -7.40 -64.12
CA VAL A 317 -70.20 -6.99 -62.73
C VAL A 317 -71.50 -7.45 -62.09
N ASP A 318 -72.61 -7.22 -62.78
CA ASP A 318 -73.92 -7.69 -62.32
C ASP A 318 -74.85 -7.84 -63.51
N ALA A 319 -76.12 -8.08 -63.20
CA ALA A 319 -77.16 -8.19 -64.23
C ALA A 319 -77.27 -6.94 -65.09
N ASN A 320 -77.07 -5.76 -64.50
CA ASN A 320 -77.18 -4.54 -65.31
C ASN A 320 -76.02 -4.38 -66.28
N ASP A 321 -74.80 -4.71 -65.84
CA ASP A 321 -73.69 -4.73 -66.79
C ASP A 321 -73.94 -5.74 -67.90
N SER A 322 -74.40 -6.94 -67.54
CA SER A 322 -74.74 -7.94 -68.54
C SER A 322 -75.80 -7.46 -69.52
N SER A 323 -76.73 -6.63 -69.05
CA SER A 323 -77.69 -6.03 -69.96
C SER A 323 -77.05 -4.99 -70.88
N ALA A 324 -76.13 -4.21 -70.34
CA ALA A 324 -75.53 -3.14 -71.13
C ALA A 324 -74.58 -3.68 -72.18
N ARG A 325 -73.92 -4.79 -71.89
CA ARG A 325 -72.69 -5.17 -72.56
C ARG A 325 -72.59 -6.69 -72.60
N THR A 326 -71.90 -7.19 -73.62
CA THR A 326 -71.61 -8.61 -73.68
C THR A 326 -70.49 -8.96 -72.70
N CYS A 327 -70.76 -9.95 -71.86
CA CYS A 327 -69.80 -10.43 -70.88
C CYS A 327 -70.27 -11.78 -70.37
N PHE A 328 -69.36 -12.51 -69.75
CA PHE A 328 -69.58 -13.88 -69.33
C PHE A 328 -69.58 -14.01 -67.82
N GLY A 329 -70.60 -14.66 -67.27
CA GLY A 329 -70.67 -14.90 -65.84
C GLY A 329 -70.80 -13.63 -64.99
N THR A 330 -70.77 -13.85 -63.68
CA THR A 330 -71.00 -12.77 -62.73
C THR A 330 -70.05 -12.88 -61.55
N LYS A 331 -69.45 -11.74 -61.22
CA LYS A 331 -68.60 -11.60 -60.05
C LYS A 331 -69.39 -11.55 -58.75
N LYS A 332 -70.54 -10.89 -58.79
CA LYS A 332 -71.11 -10.27 -57.60
C LYS A 332 -71.54 -11.25 -56.52
N ILE A 333 -72.42 -12.18 -56.84
CA ILE A 333 -72.70 -13.27 -55.91
C ILE A 333 -71.80 -14.46 -56.13
N VAL A 334 -71.70 -14.94 -57.38
CA VAL A 334 -71.12 -16.26 -57.60
C VAL A 334 -69.60 -16.25 -57.55
N GLY A 335 -68.96 -15.11 -57.78
CA GLY A 335 -67.51 -15.14 -57.84
C GLY A 335 -67.03 -15.96 -59.02
N ASP A 336 -67.66 -15.78 -60.17
CA ASP A 336 -67.14 -16.36 -61.39
C ASP A 336 -65.75 -15.81 -61.70
N THR A 337 -64.99 -16.56 -62.48
CA THR A 337 -63.62 -16.19 -62.81
C THR A 337 -63.28 -16.63 -64.22
N MET A 338 -62.19 -16.05 -64.74
CA MET A 338 -61.88 -16.18 -66.15
C MET A 338 -61.71 -17.62 -66.58
N GLN A 339 -61.47 -18.53 -65.64
CA GLN A 339 -61.54 -19.95 -65.95
C GLN A 339 -62.81 -20.29 -66.70
N ARG A 340 -63.90 -19.59 -66.38
CA ARG A 340 -65.17 -19.78 -67.06
C ARG A 340 -65.05 -19.56 -68.56
N ILE A 341 -64.18 -18.67 -69.01
CA ILE A 341 -64.11 -18.42 -70.44
C ILE A 341 -63.54 -19.61 -71.18
N ALA A 342 -62.68 -20.40 -70.54
CA ALA A 342 -62.17 -21.62 -71.14
C ALA A 342 -63.05 -22.84 -70.88
N SER A 343 -63.70 -22.92 -69.73
CA SER A 343 -64.51 -24.07 -69.38
C SER A 343 -65.94 -23.98 -69.90
N GLY A 344 -66.46 -22.78 -70.08
CA GLY A 344 -67.86 -22.57 -70.37
C GLY A 344 -68.78 -22.71 -69.18
N ILE A 345 -68.23 -22.88 -67.98
CA ILE A 345 -69.02 -23.08 -66.78
C ILE A 345 -68.43 -22.30 -65.62
N SER A 346 -69.28 -22.00 -64.64
CA SER A 346 -68.87 -21.21 -63.49
C SER A 346 -67.71 -21.87 -62.77
N SER A 347 -66.70 -21.07 -62.44
CA SER A 347 -65.58 -21.54 -61.64
C SER A 347 -64.98 -20.38 -60.86
N SER A 348 -64.48 -20.70 -59.68
CA SER A 348 -63.74 -19.77 -58.85
C SER A 348 -62.24 -19.92 -58.99
N SER A 349 -61.78 -20.81 -59.83
CA SER A 349 -60.35 -21.09 -59.87
C SER A 349 -59.61 -19.97 -60.59
N PRO A 350 -58.39 -19.67 -60.15
CA PRO A 350 -57.50 -18.83 -60.94
C PRO A 350 -57.07 -19.52 -62.23
N SER A 351 -56.36 -18.76 -63.04
CA SER A 351 -55.80 -19.27 -64.28
C SER A 351 -54.88 -20.47 -64.04
N VAL A 352 -54.57 -21.15 -65.13
CA VAL A 352 -53.60 -22.23 -65.14
C VAL A 352 -52.44 -21.85 -66.04
N HIS A 353 -51.27 -22.37 -65.70
CA HIS A 353 -50.04 -21.97 -66.34
C HIS A 353 -50.04 -22.31 -67.81
N GLY A 354 -50.13 -21.30 -68.67
CA GLY A 354 -49.89 -21.48 -70.09
C GLY A 354 -51.08 -21.80 -70.97
N GLN A 355 -52.30 -21.77 -70.43
CA GLN A 355 -53.46 -22.00 -71.28
C GLN A 355 -53.71 -20.82 -72.20
N GLU A 356 -54.39 -21.09 -73.33
CA GLU A 356 -54.85 -20.06 -74.26
C GLU A 356 -56.32 -19.72 -74.03
N TYR A 357 -56.59 -18.46 -73.68
CA TYR A 357 -57.93 -17.95 -73.51
C TYR A 357 -58.35 -17.04 -74.66
N ARG A 358 -59.59 -17.21 -75.15
CA ARG A 358 -60.13 -16.46 -76.29
C ARG A 358 -61.28 -15.56 -75.86
N TYR A 359 -60.96 -14.33 -75.45
CA TYR A 359 -62.01 -13.38 -75.06
C TYR A 359 -62.66 -12.81 -76.31
N ASN A 360 -63.71 -13.47 -76.80
CA ASN A 360 -64.50 -12.91 -77.88
C ASN A 360 -65.38 -11.76 -77.46
N ASP A 361 -64.84 -10.55 -77.45
CA ASP A 361 -65.64 -9.37 -77.14
C ASP A 361 -66.78 -9.13 -78.12
N GLY A 362 -66.84 -9.88 -79.22
CA GLY A 362 -67.70 -9.50 -80.32
C GLY A 362 -67.13 -8.42 -81.21
N ASN A 363 -65.83 -8.14 -81.09
CA ASN A 363 -65.13 -7.10 -81.82
C ASN A 363 -63.78 -7.62 -82.29
N GLY A 364 -63.74 -8.88 -82.68
CA GLY A 364 -62.53 -9.59 -83.05
C GLY A 364 -61.66 -10.08 -81.92
N ASP A 365 -60.94 -11.15 -82.23
CA ASP A 365 -60.23 -11.94 -81.23
C ASP A 365 -59.26 -11.13 -80.38
N ILE A 366 -59.38 -11.35 -79.08
CA ILE A 366 -58.31 -11.22 -78.11
C ILE A 366 -57.89 -12.61 -77.69
N ARG A 367 -56.59 -12.92 -77.74
CA ARG A 367 -56.11 -14.16 -77.16
C ARG A 367 -55.04 -13.93 -76.12
N ILE A 368 -55.07 -14.75 -75.07
CA ILE A 368 -54.18 -14.61 -73.93
C ILE A 368 -53.46 -15.93 -73.66
N TRP A 369 -52.16 -15.87 -73.45
CA TRP A 369 -51.42 -16.88 -72.71
C TRP A 369 -50.93 -16.30 -71.40
N THR A 370 -51.18 -17.00 -70.29
CA THR A 370 -50.75 -16.56 -68.97
C THR A 370 -49.66 -17.47 -68.39
N TYR A 371 -48.57 -16.86 -67.95
CA TYR A 371 -47.49 -17.55 -67.27
C TYR A 371 -47.37 -16.99 -65.86
N HIS A 372 -47.41 -17.86 -64.87
CA HIS A 372 -47.50 -17.43 -63.48
C HIS A 372 -46.18 -16.95 -62.91
N GLY A 373 -45.14 -16.87 -63.73
CA GLY A 373 -43.87 -16.34 -63.28
C GLY A 373 -43.07 -17.25 -62.41
N LYS A 374 -43.48 -18.52 -62.27
CA LYS A 374 -42.68 -19.48 -61.53
C LYS A 374 -41.34 -19.70 -62.19
N SER A 375 -40.35 -20.00 -61.38
CA SER A 375 -39.03 -20.35 -61.88
C SER A 375 -39.11 -21.56 -62.80
N ASN A 376 -38.11 -21.67 -63.67
CA ASN A 376 -38.00 -22.68 -64.71
C ASN A 376 -39.07 -22.58 -65.77
N GLN A 377 -39.78 -21.46 -65.86
CA GLN A 377 -40.62 -21.24 -67.01
C GLN A 377 -39.77 -21.08 -68.27
N THR A 378 -40.26 -21.62 -69.38
CA THR A 378 -39.60 -21.39 -70.65
C THR A 378 -40.06 -20.09 -71.30
N ALA A 379 -39.36 -19.72 -72.38
CA ALA A 379 -39.87 -18.78 -73.35
C ALA A 379 -41.16 -19.30 -73.99
N SER A 380 -42.02 -18.38 -74.40
CA SER A 380 -43.32 -18.75 -74.93
C SER A 380 -43.24 -19.37 -76.33
N ASP A 381 -43.83 -20.55 -76.45
CA ASP A 381 -43.67 -21.37 -77.65
C ASP A 381 -44.35 -20.76 -78.87
N VAL A 382 -45.42 -19.98 -78.66
CA VAL A 382 -46.06 -19.30 -79.76
C VAL A 382 -45.16 -18.21 -80.34
N LEU A 383 -44.40 -17.53 -79.50
CA LEU A 383 -43.47 -16.53 -80.00
C LEU A 383 -42.32 -17.20 -80.71
N VAL A 384 -41.80 -18.26 -80.08
CA VAL A 384 -40.69 -18.99 -80.68
C VAL A 384 -41.04 -19.51 -82.06
N ASN A 385 -42.22 -20.10 -82.21
CA ASN A 385 -42.61 -20.62 -83.51
C ASN A 385 -42.91 -19.55 -84.54
N ILE A 386 -42.85 -18.28 -84.19
CA ILE A 386 -42.82 -17.20 -85.18
C ILE A 386 -41.40 -16.76 -85.48
N ALA A 387 -40.65 -16.41 -84.44
CA ALA A 387 -39.33 -15.87 -84.68
C ALA A 387 -38.47 -16.89 -85.38
N ARG A 388 -38.64 -18.16 -85.02
CA ARG A 388 -37.95 -19.25 -85.67
C ARG A 388 -38.33 -19.34 -87.14
N ASN A 389 -39.47 -18.79 -87.52
CA ASN A 389 -39.85 -18.74 -88.92
C ASN A 389 -39.56 -17.40 -89.56
N ARG A 390 -38.91 -16.50 -88.82
CA ARG A 390 -38.77 -15.11 -89.25
C ARG A 390 -40.09 -14.44 -89.59
N GLY A 391 -41.12 -14.73 -88.79
CA GLY A 391 -42.44 -14.24 -89.11
C GLY A 391 -42.71 -12.81 -88.69
N PHE A 392 -41.89 -12.25 -87.82
CA PHE A 392 -42.12 -10.90 -87.34
C PHE A 392 -41.68 -9.84 -88.33
N TYR A 393 -42.47 -8.78 -88.39
CA TYR A 393 -42.22 -7.68 -89.30
C TYR A 393 -40.93 -6.96 -88.97
N LEU A 394 -40.83 -6.42 -87.76
CA LEU A 394 -39.64 -5.64 -87.43
C LEU A 394 -38.41 -6.52 -87.38
N GLN A 395 -38.59 -7.80 -87.07
CA GLN A 395 -37.52 -8.76 -87.22
C GLN A 395 -37.00 -8.77 -88.64
N ASN A 396 -37.89 -8.83 -89.62
CA ASN A 396 -37.44 -8.83 -91.00
C ASN A 396 -36.96 -7.48 -91.50
N MET A 397 -37.40 -6.39 -90.89
CA MET A 397 -36.87 -5.09 -91.27
C MET A 397 -35.48 -4.81 -90.71
N ASN A 398 -35.21 -5.23 -89.47
CA ASN A 398 -33.85 -5.16 -88.96
C ASN A 398 -32.95 -6.25 -89.52
N GLY A 399 -33.53 -7.34 -89.99
CA GLY A 399 -32.76 -8.44 -90.54
C GLY A 399 -32.22 -9.39 -89.50
N ASN A 400 -32.72 -9.34 -88.28
CA ASN A 400 -32.29 -10.27 -87.25
C ASN A 400 -32.79 -11.68 -87.57
N GLY A 401 -32.03 -12.66 -87.12
CA GLY A 401 -32.47 -14.03 -87.20
C GLY A 401 -33.30 -14.48 -86.01
N PRO A 402 -33.39 -15.79 -85.82
CA PRO A 402 -34.08 -16.34 -84.66
C PRO A 402 -33.53 -15.87 -83.33
N GLU A 403 -32.30 -15.36 -83.31
CA GLU A 403 -31.82 -14.66 -82.13
C GLU A 403 -32.84 -13.68 -81.61
N TYR A 404 -33.71 -13.19 -82.49
CA TYR A 404 -34.71 -12.20 -82.09
C TYR A 404 -35.57 -12.70 -80.96
N TRP A 405 -35.85 -14.01 -80.91
CA TRP A 405 -36.58 -14.58 -79.79
C TRP A 405 -36.48 -16.09 -79.72
N ASP A 406 -36.02 -16.63 -78.60
CA ASP A 406 -35.93 -18.07 -78.47
C ASP A 406 -35.92 -18.46 -76.99
N ALA A 407 -35.57 -19.72 -76.75
CA ALA A 407 -35.57 -20.37 -75.44
C ALA A 407 -34.74 -19.65 -74.39
N ARG A 408 -33.90 -18.70 -74.77
CA ARG A 408 -33.21 -17.91 -73.77
C ARG A 408 -34.07 -16.82 -73.15
N TYR A 409 -35.19 -16.46 -73.76
CA TYR A 409 -36.02 -15.41 -73.21
C TYR A 409 -37.00 -16.03 -72.21
N LYS A 410 -36.44 -16.43 -71.07
CA LYS A 410 -37.19 -17.18 -70.07
C LYS A 410 -38.08 -16.30 -69.20
N LEU A 411 -37.62 -15.10 -68.87
CA LEU A 411 -38.26 -14.25 -67.89
C LEU A 411 -38.51 -14.98 -66.57
N LEU A 412 -37.44 -15.45 -65.96
CA LEU A 412 -37.56 -16.20 -64.73
C LEU A 412 -38.22 -15.38 -63.62
N ASP A 413 -38.87 -16.08 -62.70
CA ASP A 413 -39.42 -15.52 -61.47
C ASP A 413 -40.34 -14.33 -61.74
N THR A 414 -41.01 -14.30 -62.88
CA THR A 414 -41.69 -13.08 -63.31
C THR A 414 -42.95 -13.44 -64.08
N ALA A 415 -44.10 -13.16 -63.49
CA ALA A 415 -45.37 -13.45 -64.12
C ALA A 415 -45.62 -12.54 -65.32
N TYR A 416 -46.03 -13.14 -66.44
CA TYR A 416 -46.24 -12.34 -67.64
C TYR A 416 -47.35 -12.94 -68.49
N ALA A 417 -47.97 -12.06 -69.28
CA ALA A 417 -49.06 -12.44 -70.16
C ALA A 417 -48.81 -11.98 -71.59
N VAL A 418 -49.04 -12.90 -72.51
CA VAL A 418 -48.94 -12.66 -73.95
C VAL A 418 -50.32 -12.39 -74.52
N VAL A 419 -50.49 -11.22 -75.11
CA VAL A 419 -51.77 -10.78 -75.66
C VAL A 419 -51.66 -10.69 -77.17
N ARG A 420 -52.58 -11.32 -77.86
CA ARG A 420 -52.66 -11.30 -79.31
C ARG A 420 -53.93 -10.55 -79.70
N PHE A 421 -53.79 -9.25 -79.88
CA PHE A 421 -54.86 -8.41 -80.40
C PHE A 421 -55.11 -8.66 -81.88
N THR A 422 -56.38 -8.57 -82.26
CA THR A 422 -56.77 -8.36 -83.65
C THR A 422 -57.34 -6.95 -83.79
N ILE A 423 -56.85 -6.21 -84.77
CA ILE A 423 -57.28 -4.85 -85.04
C ILE A 423 -58.22 -4.81 -86.24
N ASN A 424 -59.35 -4.11 -86.08
CA ASN A 424 -60.35 -4.03 -87.12
C ASN A 424 -61.14 -2.73 -86.96
N GLU A 425 -62.14 -2.57 -87.82
CA GLU A 425 -62.92 -1.33 -87.85
C GLU A 425 -63.68 -1.10 -86.56
N ASN A 426 -63.97 -2.16 -85.81
CA ASN A 426 -64.68 -2.06 -84.54
C ASN A 426 -63.76 -2.00 -83.34
N ARG A 427 -62.45 -2.09 -83.53
CA ARG A 427 -61.50 -1.91 -82.45
C ARG A 427 -60.28 -1.21 -83.04
N THR A 428 -60.45 0.10 -83.28
CA THR A 428 -59.49 0.88 -84.04
C THR A 428 -58.17 1.12 -83.31
N GLU A 429 -58.11 0.80 -82.03
CA GLU A 429 -56.88 0.99 -81.28
C GLU A 429 -56.82 -0.07 -80.19
N ILE A 430 -55.61 -0.30 -79.69
CA ILE A 430 -55.47 -1.14 -78.50
C ILE A 430 -55.93 -0.38 -77.26
N PRO A 431 -56.75 -0.99 -76.41
CA PRO A 431 -57.10 -0.38 -75.13
C PRO A 431 -55.93 -0.42 -74.15
N GLU A 432 -56.13 0.24 -73.03
CA GLU A 432 -55.31 0.00 -71.85
C GLU A 432 -55.59 -1.40 -71.29
N VAL A 433 -54.58 -1.98 -70.66
CA VAL A 433 -54.68 -3.30 -70.04
C VAL A 433 -54.32 -3.22 -68.57
N SER A 434 -55.20 -3.77 -67.72
CA SER A 434 -54.86 -4.00 -66.32
C SER A 434 -55.56 -5.26 -65.86
N ALA A 435 -55.06 -5.89 -64.80
CA ALA A 435 -55.58 -7.18 -64.41
C ALA A 435 -55.75 -7.32 -62.90
N GLU A 436 -56.60 -8.27 -62.52
CA GLU A 436 -56.80 -8.70 -61.14
C GLU A 436 -56.20 -10.08 -60.95
N ILE A 437 -55.37 -10.22 -59.91
CA ILE A 437 -54.57 -11.41 -59.66
C ILE A 437 -54.62 -11.79 -58.19
N GLN A 438 -54.38 -13.06 -57.92
CA GLN A 438 -54.20 -13.59 -56.58
C GLN A 438 -52.73 -13.89 -56.34
N GLY A 439 -52.17 -13.26 -55.30
CA GLY A 439 -50.75 -12.98 -55.20
C GLY A 439 -49.75 -14.10 -54.93
N LYS A 440 -48.58 -13.67 -54.47
CA LYS A 440 -47.44 -14.56 -54.26
C LYS A 440 -47.73 -15.62 -53.19
N LYS A 441 -47.26 -16.83 -53.46
CA LYS A 441 -47.25 -17.90 -52.46
C LYS A 441 -46.26 -17.60 -51.33
N VAL A 442 -46.68 -17.90 -50.10
CA VAL A 442 -45.87 -17.62 -48.92
C VAL A 442 -45.80 -18.82 -48.00
N LYS A 443 -44.66 -18.96 -47.33
CA LYS A 443 -44.37 -20.06 -46.40
C LYS A 443 -45.04 -19.85 -45.06
N VAL A 444 -46.33 -20.15 -45.01
CA VAL A 444 -47.00 -20.25 -43.72
C VAL A 444 -46.45 -21.44 -42.95
N TYR A 445 -46.13 -21.21 -41.69
CA TYR A 445 -45.67 -22.25 -40.78
C TYR A 445 -46.83 -22.81 -39.96
N HIS A 446 -46.56 -23.94 -39.33
CA HIS A 446 -47.47 -24.50 -38.35
C HIS A 446 -46.70 -24.92 -37.11
N SER A 447 -47.38 -24.84 -35.97
CA SER A 447 -46.74 -25.19 -34.70
C SER A 447 -46.27 -26.64 -34.68
N ASP A 448 -46.90 -27.51 -35.45
CA ASP A 448 -46.44 -28.90 -35.54
C ASP A 448 -45.14 -29.08 -36.31
N GLY A 449 -44.61 -28.04 -36.95
CA GLY A 449 -43.35 -28.11 -37.64
C GLY A 449 -43.47 -28.28 -39.14
N ARG A 450 -44.68 -28.30 -39.68
CA ARG A 450 -44.87 -28.26 -41.12
C ARG A 450 -44.62 -26.87 -41.69
N VAL A 451 -44.37 -26.84 -42.99
CA VAL A 451 -44.20 -25.60 -43.73
C VAL A 451 -44.97 -25.70 -45.04
N THR A 452 -46.17 -25.14 -45.08
CA THR A 452 -47.10 -25.52 -46.14
C THR A 452 -46.76 -24.82 -47.45
N ALA A 453 -46.36 -23.55 -47.39
CA ALA A 453 -45.69 -22.88 -48.51
C ALA A 453 -46.45 -23.03 -49.82
N ASN A 454 -47.78 -23.10 -49.74
CA ASN A 454 -48.58 -23.56 -50.86
C ASN A 454 -49.35 -22.45 -51.57
N SER A 455 -49.64 -21.35 -50.88
CA SER A 455 -50.68 -20.44 -51.31
C SER A 455 -50.36 -19.06 -50.78
N THR A 456 -51.11 -18.07 -51.25
CA THR A 456 -51.14 -16.81 -50.54
C THR A 456 -51.63 -17.02 -49.11
N SER A 457 -51.31 -16.05 -48.27
CA SER A 457 -51.91 -15.89 -46.96
C SER A 457 -52.29 -14.44 -46.72
N LEU A 458 -53.46 -14.25 -46.13
CA LEU A 458 -53.91 -12.91 -45.79
C LEU A 458 -53.28 -12.41 -44.52
N ASN A 459 -52.51 -13.23 -43.82
CA ASN A 459 -51.97 -12.84 -42.53
C ASN A 459 -50.74 -11.95 -42.68
N GLY A 460 -50.74 -10.89 -41.86
CA GLY A 460 -49.73 -9.87 -41.97
C GLY A 460 -48.36 -10.34 -41.52
N ILE A 461 -48.34 -11.34 -40.65
CA ILE A 461 -47.06 -11.83 -40.17
C ILE A 461 -46.35 -12.60 -41.27
N TRP A 462 -47.05 -13.57 -41.87
CA TRP A 462 -46.41 -14.34 -42.90
C TRP A 462 -46.07 -13.49 -44.12
N GLN A 463 -46.88 -12.46 -44.37
CA GLN A 463 -46.52 -11.47 -45.39
C GLN A 463 -45.22 -10.77 -45.06
N THR A 464 -45.06 -10.33 -43.83
CA THR A 464 -43.84 -9.64 -43.44
C THR A 464 -42.64 -10.56 -43.50
N LEU A 465 -42.81 -11.78 -43.02
CA LEU A 465 -41.71 -12.73 -43.02
C LEU A 465 -41.20 -13.01 -44.41
N ASP A 466 -42.11 -13.21 -45.36
CA ASP A 466 -41.68 -13.43 -46.73
C ASP A 466 -40.96 -12.21 -47.28
N TYR A 467 -41.51 -11.02 -47.08
CA TYR A 467 -40.85 -9.82 -47.58
C TYR A 467 -39.47 -9.61 -46.97
N LEU A 468 -39.31 -9.91 -45.68
CA LEU A 468 -38.02 -9.75 -45.04
C LEU A 468 -37.01 -10.80 -45.51
N THR A 469 -37.41 -12.05 -45.58
CA THR A 469 -36.49 -13.11 -45.90
C THR A 469 -36.21 -13.24 -47.38
N SER A 470 -37.01 -12.62 -48.22
CA SER A 470 -36.66 -12.52 -49.62
C SER A 470 -35.37 -11.73 -49.79
N ASP A 471 -34.51 -12.24 -50.66
CA ASP A 471 -33.19 -11.68 -50.91
C ASP A 471 -33.06 -11.18 -52.33
N ARG A 472 -33.83 -11.77 -53.24
CA ARG A 472 -33.94 -11.21 -54.58
C ARG A 472 -34.45 -9.79 -54.49
N TYR A 473 -35.43 -9.59 -53.62
CA TYR A 473 -35.94 -8.28 -53.24
C TYR A 473 -36.22 -8.31 -51.76
N GLY A 474 -36.31 -7.13 -51.17
CA GLY A 474 -36.49 -7.02 -49.75
C GLY A 474 -35.19 -7.13 -48.98
N ALA A 475 -35.33 -7.35 -47.68
CA ALA A 475 -34.29 -7.02 -46.71
C ALA A 475 -33.17 -8.04 -46.64
N ASN A 476 -33.32 -9.21 -47.23
CA ASN A 476 -32.26 -10.22 -47.23
C ASN A 476 -31.85 -10.57 -45.80
N ILE A 477 -32.84 -10.98 -45.01
CA ILE A 477 -32.62 -11.48 -43.65
C ILE A 477 -32.70 -13.00 -43.62
N THR A 478 -31.70 -13.63 -43.01
CA THR A 478 -31.69 -15.08 -42.89
C THR A 478 -32.67 -15.59 -41.84
N ILE A 479 -33.39 -16.64 -42.23
CA ILE A 479 -34.51 -17.18 -41.44
C ILE A 479 -34.09 -17.67 -40.07
N ASP A 480 -32.84 -18.12 -39.93
CA ASP A 480 -32.36 -18.62 -38.64
C ASP A 480 -32.36 -17.60 -37.52
N GLN A 481 -32.50 -16.31 -37.83
CA GLN A 481 -32.60 -15.29 -36.79
C GLN A 481 -34.01 -15.08 -36.26
N PHE A 482 -35.00 -15.80 -36.77
CA PHE A 482 -36.35 -15.65 -36.27
C PHE A 482 -36.84 -16.81 -35.40
N PRO A 483 -37.49 -16.51 -34.26
CA PRO A 483 -38.08 -17.55 -33.41
C PRO A 483 -39.48 -18.01 -33.84
N LEU A 484 -39.49 -19.11 -34.59
CA LEU A 484 -40.73 -19.58 -35.21
C LEU A 484 -41.81 -19.87 -34.17
N GLN A 485 -41.41 -20.46 -33.04
CA GLN A 485 -42.37 -20.76 -31.98
C GLN A 485 -42.98 -19.53 -31.35
N GLN A 486 -42.36 -18.38 -31.54
CA GLN A 486 -43.00 -17.13 -31.18
C GLN A 486 -43.93 -16.64 -32.27
N LEU A 487 -43.44 -16.63 -33.51
CA LEU A 487 -44.25 -16.09 -34.59
C LEU A 487 -45.56 -16.84 -34.73
N ILE A 488 -45.55 -18.16 -34.53
CA ILE A 488 -46.78 -18.93 -34.66
C ILE A 488 -47.80 -18.55 -33.61
N GLN A 489 -47.35 -18.20 -32.42
CA GLN A 489 -48.26 -17.68 -31.41
C GLN A 489 -48.84 -16.34 -31.83
N GLU A 490 -48.01 -15.50 -32.45
CA GLU A 490 -48.54 -14.24 -32.93
C GLU A 490 -49.63 -14.43 -33.99
N ALA A 491 -49.39 -15.35 -34.93
CA ALA A 491 -50.42 -15.66 -35.92
C ALA A 491 -51.67 -16.24 -35.26
N ALA A 492 -51.50 -17.06 -34.23
CA ALA A 492 -52.62 -17.59 -33.48
C ALA A 492 -53.39 -16.51 -32.75
N ILE A 493 -52.77 -15.37 -32.53
CA ILE A 493 -53.49 -14.21 -32.03
C ILE A 493 -54.26 -13.54 -33.16
N LEU A 494 -53.54 -13.23 -34.22
CA LEU A 494 -54.07 -12.39 -35.29
C LEU A 494 -55.20 -13.07 -36.07
N ASP A 495 -55.26 -14.40 -36.06
CA ASP A 495 -56.34 -15.14 -36.69
C ASP A 495 -57.51 -15.42 -35.75
N ILE A 496 -57.65 -14.68 -34.66
CA ILE A 496 -58.86 -14.77 -33.88
C ILE A 496 -60.08 -14.46 -34.73
N ILE A 497 -61.17 -15.18 -34.45
CA ILE A 497 -62.43 -15.00 -35.14
C ILE A 497 -63.19 -13.81 -34.57
N ASP A 498 -63.72 -12.97 -35.45
CA ASP A 498 -64.66 -11.92 -35.11
C ASP A 498 -66.09 -12.40 -35.34
N GLU A 499 -67.03 -11.77 -34.64
CA GLU A 499 -68.44 -12.07 -34.85
C GLU A 499 -69.31 -10.81 -34.91
N SER A 500 -68.71 -9.64 -35.04
CA SER A 500 -69.48 -8.43 -35.25
C SER A 500 -70.24 -8.44 -36.57
N TYR A 501 -69.95 -9.36 -37.47
CA TYR A 501 -70.69 -9.50 -38.71
C TYR A 501 -70.74 -10.96 -39.13
N GLN A 502 -71.51 -11.19 -40.20
CA GLN A 502 -71.66 -12.53 -40.77
C GLN A 502 -71.36 -12.51 -42.25
N VAL A 503 -70.83 -13.65 -42.72
CA VAL A 503 -70.25 -13.77 -44.05
C VAL A 503 -71.26 -13.50 -45.15
N SER A 504 -72.52 -13.85 -44.92
CA SER A 504 -73.53 -13.65 -45.95
C SER A 504 -73.74 -12.20 -46.33
N TRP A 505 -73.24 -11.26 -45.54
CA TRP A 505 -73.31 -9.86 -45.95
C TRP A 505 -72.23 -9.47 -46.95
N GLN A 506 -71.42 -10.40 -47.44
CA GLN A 506 -70.30 -10.05 -48.33
C GLN A 506 -70.32 -10.87 -49.63
N PRO A 507 -71.05 -10.40 -50.64
CA PRO A 507 -71.17 -11.19 -51.88
C PRO A 507 -69.86 -11.34 -52.64
N TYR A 508 -69.04 -10.30 -52.64
CA TYR A 508 -67.78 -10.19 -53.36
C TYR A 508 -66.75 -11.25 -52.99
N TRP A 509 -67.06 -12.08 -52.00
CA TRP A 509 -66.05 -12.73 -51.18
C TRP A 509 -64.91 -13.34 -51.98
N ARG A 510 -65.19 -13.89 -53.16
CA ARG A 510 -64.10 -14.47 -53.95
C ARG A 510 -63.07 -13.43 -54.35
N TYR A 511 -63.52 -12.25 -54.75
CA TYR A 511 -62.59 -11.16 -55.03
C TYR A 511 -62.04 -10.56 -53.75
N VAL A 512 -62.82 -10.60 -52.67
CA VAL A 512 -62.30 -10.11 -51.40
C VAL A 512 -61.11 -10.93 -50.96
N GLY A 513 -61.08 -12.21 -51.31
CA GLY A 513 -59.94 -13.06 -51.10
C GLY A 513 -60.30 -14.39 -50.51
N TRP A 514 -61.53 -14.50 -49.99
CA TRP A 514 -61.98 -15.75 -49.41
C TRP A 514 -62.16 -16.79 -50.50
N THR A 515 -61.70 -18.00 -50.24
CA THR A 515 -61.79 -19.07 -51.21
C THR A 515 -63.11 -19.80 -51.12
N ASN A 516 -63.86 -19.58 -50.07
CA ASN A 516 -65.14 -20.23 -49.90
C ASN A 516 -66.02 -19.40 -48.98
N PRO A 517 -67.23 -19.04 -49.42
CA PRO A 517 -68.04 -18.10 -48.66
C PRO A 517 -68.58 -18.70 -47.38
N LEU A 518 -68.61 -20.03 -47.30
CA LEU A 518 -69.28 -20.75 -46.17
C LEU A 518 -68.31 -21.05 -45.02
N ALA A 519 -67.09 -21.48 -45.30
CA ALA A 519 -66.07 -21.79 -44.26
C ALA A 519 -65.76 -20.46 -43.59
N GLU A 520 -65.44 -20.42 -42.29
CA GLU A 520 -65.37 -19.08 -41.70
C GLU A 520 -64.28 -18.36 -42.47
N ASN A 521 -64.60 -17.17 -42.90
CA ASN A 521 -63.64 -16.30 -43.60
C ASN A 521 -63.32 -15.13 -42.68
N ARG A 522 -63.76 -15.15 -41.43
CA ARG A 522 -63.68 -13.92 -40.62
C ARG A 522 -62.52 -14.01 -39.65
N GLN A 523 -61.65 -13.01 -39.68
CA GLN A 523 -60.53 -12.92 -38.74
C GLN A 523 -60.33 -11.43 -38.47
N ILE A 524 -59.83 -11.05 -37.31
CA ILE A 524 -59.76 -9.62 -36.94
C ILE A 524 -59.08 -8.91 -38.10
N VAL A 525 -58.13 -9.53 -38.79
CA VAL A 525 -57.38 -8.81 -39.81
C VAL A 525 -57.22 -9.65 -41.06
N GLN A 526 -57.44 -9.00 -42.21
CA GLN A 526 -57.25 -9.58 -43.52
C GLN A 526 -56.61 -8.48 -44.36
N MET A 527 -55.53 -8.80 -45.06
CA MET A 527 -54.79 -7.80 -45.81
C MET A 527 -54.58 -8.22 -47.26
N ASN A 528 -54.69 -7.25 -48.16
CA ASN A 528 -54.49 -7.45 -49.59
C ASN A 528 -53.35 -6.56 -50.07
N THR A 529 -52.18 -6.72 -49.45
CA THR A 529 -51.08 -5.79 -49.64
C THR A 529 -50.58 -5.74 -51.07
N ILE A 530 -50.36 -4.52 -51.56
CA ILE A 530 -49.57 -4.27 -52.76
C ILE A 530 -48.40 -3.37 -52.40
N LEU A 531 -47.19 -3.80 -52.75
CA LEU A 531 -45.97 -3.07 -52.47
C LEU A 531 -45.34 -2.58 -53.77
N ASP A 532 -45.10 -1.27 -53.85
CA ASP A 532 -44.24 -0.69 -54.86
C ASP A 532 -42.80 -0.86 -54.39
N THR A 533 -42.04 -1.70 -55.09
CA THR A 533 -40.68 -1.98 -54.69
C THR A 533 -39.72 -0.83 -54.95
N SER A 534 -40.16 0.27 -55.54
CA SER A 534 -39.30 1.44 -55.65
C SER A 534 -39.24 2.25 -54.38
N GLU A 535 -40.17 2.06 -53.45
CA GLU A 535 -40.07 2.66 -52.15
C GLU A 535 -38.97 2.00 -51.34
N SER A 536 -38.26 2.81 -50.56
CA SER A 536 -37.20 2.26 -49.74
C SER A 536 -37.72 1.33 -48.66
N VAL A 537 -36.93 0.28 -48.42
CA VAL A 537 -37.43 -0.90 -47.73
C VAL A 537 -37.90 -0.52 -46.35
N PHE A 538 -37.14 0.34 -45.67
CA PHE A 538 -37.52 0.82 -44.35
C PHE A 538 -38.94 1.36 -44.33
N LYS A 539 -39.27 2.19 -45.31
CA LYS A 539 -40.58 2.81 -45.37
C LYS A 539 -41.68 1.82 -45.73
N ASN A 540 -41.37 0.87 -46.63
CA ASN A 540 -42.34 -0.15 -46.94
C ASN A 540 -42.66 -1.00 -45.72
N VAL A 541 -41.63 -1.41 -44.99
CA VAL A 541 -41.81 -2.18 -43.77
C VAL A 541 -42.62 -1.40 -42.76
N GLN A 542 -42.27 -0.12 -42.57
CA GLN A 542 -42.97 0.69 -41.59
C GLN A 542 -44.47 0.76 -41.89
N GLY A 543 -44.82 1.03 -43.15
CA GLY A 543 -46.23 1.05 -43.51
C GLY A 543 -46.91 -0.29 -43.36
N LEU A 544 -46.18 -1.37 -43.68
CA LEU A 544 -46.74 -2.70 -43.52
C LEU A 544 -47.05 -3.00 -42.06
N LEU A 545 -46.09 -2.74 -41.17
CA LEU A 545 -46.34 -2.96 -39.75
C LEU A 545 -47.48 -2.10 -39.27
N GLU A 546 -47.48 -0.83 -39.66
CA GLU A 546 -48.51 0.09 -39.23
C GLU A 546 -49.88 -0.44 -39.62
N SER A 547 -49.95 -1.22 -40.69
CA SER A 547 -51.27 -1.68 -41.12
C SER A 547 -51.93 -2.58 -40.09
N TYR A 548 -51.16 -3.22 -39.21
CA TYR A 548 -51.74 -4.14 -38.24
C TYR A 548 -51.20 -3.92 -36.83
N GLY A 549 -50.58 -2.77 -36.56
CA GLY A 549 -50.12 -2.47 -35.23
C GLY A 549 -48.92 -3.24 -34.74
N GLY A 550 -48.32 -4.09 -35.57
CA GLY A 550 -47.16 -4.82 -35.14
C GLY A 550 -45.95 -3.93 -34.90
N ALA A 551 -45.00 -4.47 -34.15
CA ALA A 551 -43.69 -3.85 -33.99
C ALA A 551 -42.65 -4.94 -33.83
N ILE A 552 -41.41 -4.60 -34.20
CA ILE A 552 -40.31 -5.54 -34.20
C ILE A 552 -39.17 -5.03 -33.34
N ASN A 553 -38.38 -5.99 -32.85
CA ASN A 553 -37.40 -5.81 -31.82
C ASN A 553 -36.20 -6.69 -32.13
N ASN A 554 -35.02 -6.25 -31.69
CA ASN A 554 -33.85 -7.11 -31.73
C ASN A 554 -33.09 -7.12 -30.42
N LEU A 555 -33.69 -6.63 -29.34
CA LEU A 555 -33.26 -7.02 -28.01
C LEU A 555 -33.31 -8.53 -27.88
N SER A 556 -32.31 -9.08 -27.18
CA SER A 556 -32.00 -10.50 -27.18
C SER A 556 -31.52 -10.98 -28.53
N GLY A 557 -31.26 -10.08 -29.47
CA GLY A 557 -30.48 -10.39 -30.65
C GLY A 557 -31.26 -11.06 -31.76
N GLN A 558 -32.14 -11.99 -31.42
CA GLN A 558 -33.06 -12.52 -32.40
C GLN A 558 -34.04 -11.45 -32.83
N TYR A 559 -34.39 -11.43 -34.11
CA TYR A 559 -35.45 -10.55 -34.55
C TYR A 559 -36.79 -11.10 -34.07
N ARG A 560 -37.57 -10.24 -33.44
CA ARG A 560 -38.81 -10.65 -32.81
C ARG A 560 -39.91 -9.68 -33.22
N VAL A 561 -41.14 -10.18 -33.26
CA VAL A 561 -42.30 -9.38 -33.59
C VAL A 561 -43.32 -9.53 -32.48
N THR A 562 -43.92 -8.43 -32.05
CA THR A 562 -44.86 -8.45 -30.93
C THR A 562 -46.07 -7.57 -31.22
N VAL A 563 -47.18 -8.22 -31.57
CA VAL A 563 -48.43 -7.49 -31.74
C VAL A 563 -48.96 -7.04 -30.39
N GLU A 564 -49.77 -5.98 -30.43
CA GLU A 564 -50.51 -5.58 -29.24
C GLU A 564 -51.58 -6.60 -28.90
N LYS A 565 -51.84 -6.74 -27.60
CA LYS A 565 -52.73 -7.77 -27.10
C LYS A 565 -53.38 -7.34 -25.80
N TYR A 566 -54.59 -7.84 -25.57
CA TYR A 566 -55.12 -8.02 -24.23
C TYR A 566 -54.67 -9.36 -23.68
N SER A 567 -53.88 -9.36 -22.62
CA SER A 567 -53.33 -10.58 -22.06
C SER A 567 -54.02 -10.92 -20.75
N ASN A 568 -54.37 -12.20 -20.61
CA ASN A 568 -55.02 -12.68 -19.40
C ASN A 568 -54.10 -12.75 -18.20
N THR A 569 -52.78 -12.81 -18.43
CA THR A 569 -51.83 -13.10 -17.36
C THR A 569 -50.62 -12.16 -17.47
N PRO A 570 -50.85 -10.87 -17.29
CA PRO A 570 -49.74 -9.92 -17.35
C PRO A 570 -48.74 -10.17 -16.23
N LEU A 571 -47.55 -9.63 -16.45
CA LEU A 571 -46.53 -9.59 -15.41
C LEU A 571 -46.90 -8.56 -14.35
N GLU A 572 -47.10 -9.04 -13.13
CA GLU A 572 -47.37 -8.16 -12.00
C GLU A 572 -46.12 -7.40 -11.63
N ILE A 573 -46.28 -6.11 -11.33
CA ILE A 573 -45.22 -5.28 -10.80
C ILE A 573 -45.75 -4.30 -9.78
N ASN A 574 -44.89 -3.95 -8.82
CA ASN A 574 -45.21 -2.97 -7.80
C ASN A 574 -44.14 -1.89 -7.77
N PHE A 575 -44.57 -0.70 -7.35
CA PHE A 575 -43.71 0.46 -7.31
C PHE A 575 -42.40 0.20 -6.59
N LEU A 576 -42.44 -0.54 -5.48
CA LEU A 576 -41.26 -0.82 -4.69
C LEU A 576 -40.22 -1.70 -5.36
N ASP A 577 -40.57 -2.35 -6.45
CA ASP A 577 -39.54 -3.04 -7.23
C ASP A 577 -38.64 -2.05 -7.94
N THR A 578 -39.18 -0.89 -8.32
CA THR A 578 -38.40 0.06 -9.10
C THR A 578 -37.34 0.75 -8.26
N TYR A 579 -36.52 1.52 -8.98
CA TYR A 579 -35.63 2.50 -8.39
C TYR A 579 -36.38 3.66 -7.75
N GLY A 580 -37.70 3.71 -7.90
CA GLY A 580 -38.53 4.70 -7.24
C GLY A 580 -38.75 5.99 -8.00
N ASP A 581 -37.91 6.30 -8.96
CA ASP A 581 -38.22 7.36 -9.93
C ASP A 581 -39.41 6.98 -10.79
N LEU A 582 -40.44 7.82 -10.78
CA LEU A 582 -41.65 7.58 -11.54
C LEU A 582 -42.18 8.89 -12.10
N GLU A 583 -42.59 8.89 -13.36
CA GLU A 583 -43.25 10.03 -13.99
C GLU A 583 -44.48 9.60 -14.78
N LEU A 584 -45.58 10.31 -14.57
CA LEU A 584 -46.80 10.15 -15.36
C LEU A 584 -47.08 11.42 -16.16
N SER A 585 -47.39 11.25 -17.44
CA SER A 585 -47.77 12.37 -18.31
C SER A 585 -49.00 12.01 -19.13
N ASP A 586 -49.89 12.98 -19.32
CA ASP A 586 -51.15 12.77 -20.03
C ASP A 586 -51.40 13.87 -21.04
N THR A 587 -51.70 13.48 -22.28
CA THR A 587 -51.79 14.38 -23.42
C THR A 587 -53.15 14.25 -24.09
N THR A 588 -54.21 14.51 -23.32
CA THR A 588 -55.57 14.36 -23.82
C THR A 588 -55.86 15.24 -25.02
N GLY A 589 -55.40 16.48 -25.00
CA GLY A 589 -55.98 17.49 -25.86
C GLY A 589 -55.80 17.23 -27.34
N ARG A 590 -54.58 16.95 -27.77
CA ARG A 590 -54.36 16.58 -29.17
C ARG A 590 -54.88 15.19 -29.47
N ASN A 591 -54.53 14.22 -28.65
CA ASN A 591 -54.66 12.81 -29.01
C ASN A 591 -56.10 12.29 -28.94
N LYS A 592 -56.95 12.86 -28.10
CA LYS A 592 -58.27 12.28 -27.90
C LYS A 592 -59.24 12.68 -29.00
N PHE A 593 -60.13 11.75 -29.33
CA PHE A 593 -61.16 11.94 -30.35
C PHE A 593 -62.46 11.30 -29.90
N ASN A 594 -63.54 11.67 -30.58
CA ASN A 594 -64.85 11.11 -30.27
C ASN A 594 -65.69 10.79 -31.51
N SER A 595 -65.12 10.86 -32.70
CA SER A 595 -65.80 10.44 -33.91
C SER A 595 -64.73 10.23 -34.96
N VAL A 596 -65.06 9.46 -36.00
CA VAL A 596 -64.01 9.03 -36.91
C VAL A 596 -64.56 8.84 -38.32
N GLN A 597 -63.69 9.05 -39.30
CA GLN A 597 -63.89 8.53 -40.65
C GLN A 597 -62.61 7.90 -41.17
N ALA A 598 -62.80 6.86 -41.97
CA ALA A 598 -61.74 6.06 -42.58
C ALA A 598 -62.02 5.90 -44.07
N SER A 599 -60.95 5.84 -44.85
CA SER A 599 -61.08 5.68 -46.29
C SER A 599 -60.34 4.45 -46.80
N ILE A 600 -60.96 3.73 -47.75
CA ILE A 600 -60.43 2.48 -48.28
C ILE A 600 -60.71 2.39 -49.78
N VAL A 601 -60.06 1.44 -50.41
CA VAL A 601 -60.35 1.04 -51.79
C VAL A 601 -61.12 -0.27 -51.80
N ASP A 602 -62.22 -0.30 -52.54
CA ASP A 602 -63.24 -1.33 -52.38
C ASP A 602 -63.61 -1.89 -53.75
N PRO A 603 -63.53 -3.20 -53.95
CA PRO A 603 -63.93 -3.78 -55.24
C PRO A 603 -65.40 -3.63 -55.54
N ALA A 604 -66.24 -3.50 -54.53
CA ALA A 604 -67.65 -3.24 -54.75
C ALA A 604 -67.88 -1.82 -55.26
N LEU A 605 -66.85 -1.01 -55.29
CA LEU A 605 -66.86 0.28 -55.95
C LEU A 605 -65.87 0.29 -57.09
N SER A 606 -65.65 -0.88 -57.68
CA SER A 606 -64.73 -1.02 -58.80
C SER A 606 -63.33 -0.54 -58.44
N TRP A 607 -62.94 -0.75 -57.19
CA TRP A 607 -61.69 -0.23 -56.66
C TRP A 607 -61.63 1.29 -56.72
N LYS A 608 -62.79 1.94 -56.74
CA LYS A 608 -62.87 3.30 -56.25
C LYS A 608 -62.80 3.32 -54.72
N THR A 609 -62.82 4.50 -54.15
CA THR A 609 -62.75 4.66 -52.71
C THR A 609 -64.11 4.73 -52.02
N ASN A 610 -64.12 4.23 -50.79
CA ASN A 610 -65.26 4.24 -49.88
C ASN A 610 -64.85 4.92 -48.58
N SER A 611 -65.82 5.55 -47.91
CA SER A 611 -65.54 6.40 -46.75
C SER A 611 -66.48 6.12 -45.57
N ILE A 612 -66.01 5.26 -44.67
CA ILE A 612 -66.74 4.86 -43.47
C ILE A 612 -66.65 5.97 -42.43
N THR A 613 -67.75 6.28 -41.76
CA THR A 613 -67.64 7.21 -40.65
C THR A 613 -68.73 6.96 -39.61
N PHE A 614 -68.39 7.23 -38.35
CA PHE A 614 -69.37 7.09 -37.28
C PHE A 614 -68.94 7.90 -36.08
N TYR A 615 -69.93 8.17 -35.22
CA TYR A 615 -69.80 8.88 -33.97
C TYR A 615 -69.94 7.95 -32.77
N ASN A 616 -69.59 8.47 -31.59
CA ASN A 616 -69.85 7.79 -30.32
C ASN A 616 -70.57 8.73 -29.35
N SER A 617 -71.83 8.42 -29.08
CA SER A 617 -72.66 9.25 -28.22
C SER A 617 -72.09 9.36 -26.80
N ASN A 618 -71.74 8.22 -26.21
CA ASN A 618 -71.23 8.23 -24.84
C ASN A 618 -69.96 9.04 -24.71
N TYR A 619 -69.07 8.92 -25.68
CA TYR A 619 -67.83 9.68 -25.61
C TYR A 619 -68.10 11.16 -25.78
N LYS A 620 -69.01 11.51 -26.68
CA LYS A 620 -69.39 12.91 -26.85
C LYS A 620 -70.08 13.50 -25.62
N GLU A 621 -70.79 12.68 -24.86
CA GLU A 621 -71.33 13.14 -23.58
C GLU A 621 -70.25 13.25 -22.50
N GLN A 622 -69.26 12.36 -22.51
CA GLN A 622 -68.22 12.47 -21.50
C GLN A 622 -67.38 13.70 -21.76
N ASP A 623 -67.01 13.91 -23.02
CA ASP A 623 -66.56 15.22 -23.42
C ASP A 623 -67.74 16.18 -23.34
N LYS A 624 -67.44 17.46 -23.22
CA LYS A 624 -68.47 18.46 -23.05
C LYS A 624 -69.09 18.84 -24.41
N ASN A 625 -69.63 17.81 -25.07
CA ASN A 625 -70.24 17.92 -26.39
C ASN A 625 -69.32 18.38 -27.50
N LEU A 626 -68.05 18.59 -27.22
CA LEU A 626 -67.12 19.05 -28.24
C LEU A 626 -66.87 17.96 -29.26
N ASP A 627 -67.28 18.21 -30.51
CA ASP A 627 -67.04 17.28 -31.61
C ASP A 627 -65.60 17.36 -32.12
N LYS A 628 -64.98 16.20 -32.30
CA LYS A 628 -63.60 16.15 -32.78
C LYS A 628 -63.40 14.91 -33.63
N LYS A 629 -63.04 15.09 -34.90
CA LYS A 629 -63.05 14.03 -35.91
C LYS A 629 -61.66 13.49 -36.19
N LEU A 630 -61.49 12.19 -35.99
CA LEU A 630 -60.30 11.45 -36.39
C LEU A 630 -60.35 11.08 -37.87
N GLN A 631 -59.26 11.35 -38.58
CA GLN A 631 -59.14 11.05 -40.00
C GLN A 631 -58.23 9.84 -40.21
N LEU A 632 -58.67 8.90 -41.05
CA LEU A 632 -57.87 7.71 -41.33
C LEU A 632 -57.96 7.30 -42.79
N SER A 633 -56.90 6.64 -43.27
CA SER A 633 -56.95 5.90 -44.52
C SER A 633 -56.18 4.60 -44.41
N PHE A 634 -56.80 3.50 -44.84
CA PHE A 634 -56.19 2.17 -44.76
C PHE A 634 -55.79 1.71 -46.15
N ALA A 635 -54.48 1.53 -46.34
CA ALA A 635 -53.95 1.23 -47.66
C ALA A 635 -54.23 -0.20 -48.10
N ASN A 636 -54.24 -1.14 -47.16
CA ASN A 636 -54.12 -2.56 -47.47
C ASN A 636 -55.34 -3.38 -47.08
N ILE A 637 -56.39 -2.74 -46.60
CA ILE A 637 -57.59 -3.43 -46.15
C ILE A 637 -58.73 -3.10 -47.10
N THR A 638 -59.49 -4.12 -47.48
CA THR A 638 -60.62 -3.93 -48.38
C THR A 638 -61.93 -4.53 -47.90
N ASN A 639 -61.94 -5.46 -46.97
CA ASN A 639 -63.21 -5.91 -46.41
C ASN A 639 -63.78 -4.82 -45.50
N TYR A 640 -64.85 -4.19 -45.99
CA TYR A 640 -65.46 -3.06 -45.30
C TYR A 640 -65.69 -3.34 -43.82
N TYR A 641 -66.28 -4.50 -43.52
CA TYR A 641 -66.59 -4.83 -42.14
C TYR A 641 -65.34 -4.94 -41.27
N THR A 642 -64.27 -5.50 -41.84
CA THR A 642 -63.00 -5.54 -41.13
C THR A 642 -62.44 -4.16 -40.88
N ALA A 643 -62.53 -3.28 -41.87
CA ALA A 643 -62.03 -1.93 -41.70
C ALA A 643 -62.79 -1.21 -40.60
N ARG A 644 -64.10 -1.35 -40.58
CA ARG A 644 -64.89 -0.73 -39.52
C ARG A 644 -64.53 -1.27 -38.15
N SER A 645 -64.45 -2.59 -38.03
CA SER A 645 -64.11 -3.19 -36.76
C SER A 645 -62.74 -2.75 -36.27
N PHE A 646 -61.80 -2.52 -37.17
CA PHE A 646 -60.50 -2.01 -36.78
C PHE A 646 -60.53 -0.53 -36.39
N ALA A 647 -61.26 0.29 -37.15
CA ALA A 647 -61.38 1.69 -36.78
C ALA A 647 -61.98 1.85 -35.39
N ASP A 648 -62.97 1.02 -35.06
CA ASP A 648 -63.51 1.06 -33.71
C ASP A 648 -62.43 0.82 -32.67
N ARG A 649 -61.51 -0.08 -32.96
CA ARG A 649 -60.37 -0.28 -32.08
C ARG A 649 -59.57 1.00 -31.92
N GLU A 650 -59.27 1.65 -33.03
CA GLU A 650 -58.42 2.84 -32.94
C GLU A 650 -59.10 3.95 -32.15
N LEU A 651 -60.39 4.13 -32.36
CA LEU A 651 -61.15 5.10 -31.60
C LEU A 651 -61.12 4.80 -30.11
N LYS A 652 -61.43 3.56 -29.74
CA LYS A 652 -61.44 3.21 -28.32
C LYS A 652 -60.06 3.41 -27.70
N LYS A 653 -59.03 2.96 -28.40
CA LYS A 653 -57.66 3.15 -27.94
C LYS A 653 -57.35 4.62 -27.68
N SER A 654 -57.80 5.51 -28.56
CA SER A 654 -57.47 6.91 -28.43
C SER A 654 -57.98 7.55 -27.13
N ARG A 655 -58.92 6.92 -26.44
CA ARG A 655 -59.33 7.45 -25.15
C ARG A 655 -58.25 7.28 -24.08
N TYR A 656 -57.40 6.25 -24.20
CA TYR A 656 -56.41 5.91 -23.20
C TYR A 656 -55.07 6.60 -23.45
N SER A 657 -54.99 7.85 -23.01
CA SER A 657 -53.88 8.73 -23.33
C SER A 657 -52.65 8.51 -22.45
N ARG A 658 -52.82 8.03 -21.22
CA ARG A 658 -51.74 8.06 -20.26
C ARG A 658 -50.52 7.23 -20.66
N THR A 659 -49.34 7.82 -20.41
CA THR A 659 -48.04 7.20 -20.53
C THR A 659 -47.21 7.41 -19.28
N LEU A 660 -46.41 6.40 -18.93
CA LEU A 660 -45.77 6.25 -17.63
C LEU A 660 -44.33 5.79 -17.84
N SER A 661 -43.38 6.35 -17.09
CA SER A 661 -41.99 5.93 -17.27
C SER A 661 -41.30 5.70 -15.93
N PHE A 662 -40.41 4.71 -15.91
CA PHE A 662 -39.68 4.38 -14.68
C PHE A 662 -38.52 3.46 -15.02
N SER A 663 -37.80 3.01 -13.99
CA SER A 663 -36.64 2.15 -14.17
C SER A 663 -36.73 0.88 -13.32
N LEU A 664 -36.18 -0.22 -13.85
CA LEU A 664 -36.25 -1.52 -13.21
C LEU A 664 -34.86 -2.12 -12.96
N PRO A 665 -34.71 -2.86 -11.87
CA PRO A 665 -33.48 -3.60 -11.62
C PRO A 665 -33.37 -4.85 -12.50
N TYR A 666 -32.14 -5.34 -12.57
CA TYR A 666 -31.73 -6.28 -13.61
C TYR A 666 -32.56 -7.58 -13.62
N GLN A 667 -33.07 -8.00 -12.46
CA GLN A 667 -33.79 -9.27 -12.40
C GLN A 667 -34.99 -9.35 -13.33
N PHE A 668 -35.56 -8.22 -13.74
CA PHE A 668 -36.66 -8.21 -14.68
C PHE A 668 -36.21 -8.29 -16.12
N ILE A 669 -34.98 -8.72 -16.36
CA ILE A 669 -34.46 -8.87 -17.71
C ILE A 669 -35.37 -9.74 -18.56
N GLY A 670 -35.38 -9.46 -19.86
CA GLY A 670 -36.14 -10.22 -20.83
C GLY A 670 -37.45 -9.57 -21.24
N ILE A 671 -37.73 -8.37 -20.74
CA ILE A 671 -38.89 -7.60 -21.18
C ILE A 671 -38.72 -7.13 -22.62
N GLU A 672 -39.85 -6.98 -23.30
CA GLU A 672 -39.90 -6.46 -24.66
C GLU A 672 -41.08 -5.53 -24.80
N PRO A 673 -41.08 -4.71 -25.85
CA PRO A 673 -42.30 -4.00 -26.25
C PRO A 673 -43.49 -4.91 -26.48
N ASN A 674 -44.66 -4.40 -26.14
CA ASN A 674 -45.92 -5.14 -26.17
C ASN A 674 -45.94 -6.35 -25.25
N ASP A 675 -45.13 -6.35 -24.21
CA ASP A 675 -45.45 -7.18 -23.06
C ASP A 675 -46.52 -6.50 -22.22
N ALA A 676 -47.31 -7.31 -21.54
CA ALA A 676 -48.42 -6.83 -20.71
C ALA A 676 -47.99 -6.73 -19.25
N ILE A 677 -48.07 -5.52 -18.71
CA ILE A 677 -47.78 -5.25 -17.31
C ILE A 677 -49.06 -4.96 -16.56
N ALA A 678 -49.19 -5.53 -15.37
CA ALA A 678 -50.15 -5.05 -14.39
C ALA A 678 -49.38 -4.33 -13.30
N PHE A 679 -49.76 -3.08 -13.06
CA PHE A 679 -49.07 -2.17 -12.15
C PHE A 679 -49.92 -2.00 -10.90
N THR A 680 -49.28 -2.03 -9.74
CA THR A 680 -50.02 -1.88 -8.49
C THR A 680 -49.32 -0.87 -7.60
N TYR A 681 -50.08 0.14 -7.16
CA TYR A 681 -49.52 1.22 -6.36
C TYR A 681 -50.67 1.86 -5.60
N ASP A 682 -50.66 1.69 -4.28
CA ASP A 682 -51.83 2.00 -3.46
C ASP A 682 -52.12 3.49 -3.40
N ARG A 683 -51.08 4.31 -3.29
CA ARG A 683 -51.25 5.75 -3.14
C ARG A 683 -52.04 6.36 -4.29
N TYR A 684 -51.86 5.85 -5.49
CA TYR A 684 -52.63 6.33 -6.63
C TYR A 684 -53.96 5.62 -6.77
N GLY A 685 -54.20 4.59 -5.97
CA GLY A 685 -55.38 3.77 -6.12
C GLY A 685 -55.32 2.79 -7.27
N TRP A 686 -54.18 2.72 -7.95
CA TRP A 686 -54.03 1.75 -9.03
C TRP A 686 -53.89 0.34 -8.48
N ASP A 687 -54.56 -0.60 -9.15
CA ASP A 687 -54.66 -1.96 -8.66
C ASP A 687 -54.78 -2.90 -9.86
N ARG A 688 -53.68 -3.57 -10.18
CA ARG A 688 -53.54 -4.30 -11.44
C ARG A 688 -53.89 -3.45 -12.65
N LYS A 689 -53.53 -2.18 -12.59
CA LYS A 689 -53.77 -1.27 -13.69
C LYS A 689 -52.98 -1.78 -14.90
N TYR A 690 -53.63 -1.87 -16.05
CA TYR A 690 -53.12 -2.62 -17.18
C TYR A 690 -52.40 -1.70 -18.16
N PHE A 691 -51.22 -2.13 -18.61
CA PHE A 691 -50.38 -1.34 -19.49
C PHE A 691 -49.68 -2.26 -20.48
N LEU A 692 -49.31 -1.70 -21.63
CA LEU A 692 -48.37 -2.36 -22.52
C LEU A 692 -47.04 -1.64 -22.54
N VAL A 693 -45.96 -2.42 -22.52
CA VAL A 693 -44.62 -1.88 -22.63
C VAL A 693 -44.37 -1.32 -24.02
N ASP A 694 -43.90 -0.08 -24.10
CA ASP A 694 -43.84 0.65 -25.35
C ASP A 694 -42.43 1.10 -25.72
N GLU A 695 -41.52 1.20 -24.77
CA GLU A 695 -40.13 1.47 -25.07
C GLU A 695 -39.23 0.85 -24.01
N VAL A 696 -38.05 0.41 -24.44
CA VAL A 696 -37.10 -0.27 -23.57
C VAL A 696 -35.69 0.18 -23.91
N GLU A 697 -34.85 0.20 -22.88
CA GLU A 697 -33.44 0.52 -23.05
C GLU A 697 -32.62 -0.37 -22.12
N ASN A 698 -31.88 -1.29 -22.68
CA ASN A 698 -30.92 -2.06 -21.90
C ASN A 698 -29.63 -1.28 -21.70
N SER A 699 -28.85 -1.71 -20.71
CA SER A 699 -27.58 -1.10 -20.42
C SER A 699 -26.57 -2.17 -20.01
N ARG A 700 -25.30 -1.79 -20.12
CA ARG A 700 -24.21 -2.71 -19.76
C ARG A 700 -24.29 -3.11 -18.32
N GLU A 701 -24.68 -2.18 -17.44
CA GLU A 701 -24.79 -2.54 -16.04
C GLU A 701 -25.95 -3.48 -15.81
N GLY A 702 -27.08 -3.24 -16.47
CA GLY A 702 -28.21 -4.13 -16.30
C GLY A 702 -29.47 -3.37 -15.94
N LYS A 703 -29.30 -2.18 -15.38
CA LYS A 703 -30.44 -1.30 -15.12
C LYS A 703 -31.27 -1.12 -16.39
N ILE A 704 -32.58 -1.32 -16.24
CA ILE A 704 -33.52 -1.21 -17.33
C ILE A 704 -34.42 0.01 -17.12
N ASN A 705 -34.48 0.89 -18.10
CA ASN A 705 -35.51 1.92 -18.16
C ASN A 705 -36.66 1.41 -19.01
N VAL A 706 -37.89 1.79 -18.63
CA VAL A 706 -39.07 1.42 -19.40
C VAL A 706 -40.05 2.57 -19.48
N THR A 707 -40.93 2.47 -20.48
CA THR A 707 -42.13 3.28 -20.57
C THR A 707 -43.33 2.40 -20.91
N LEU A 708 -44.44 2.70 -20.25
CA LEU A 708 -45.71 2.00 -20.41
C LEU A 708 -46.77 2.92 -21.01
N GLN A 709 -47.64 2.34 -21.82
CA GLN A 709 -48.81 3.00 -22.37
C GLN A 709 -50.07 2.32 -21.85
N GLU A 710 -51.01 3.10 -21.33
CA GLU A 710 -52.24 2.52 -20.83
C GLU A 710 -53.10 1.97 -21.96
N TYR A 711 -53.77 0.85 -21.69
CA TYR A 711 -54.91 0.38 -22.46
C TYR A 711 -55.96 -0.21 -21.54
N GLY A 712 -57.22 -0.17 -21.99
CA GLY A 712 -58.25 -1.01 -21.41
C GLY A 712 -58.43 -2.34 -22.14
N GLU A 713 -59.25 -3.20 -21.53
CA GLU A 713 -59.69 -4.44 -22.19
C GLU A 713 -60.59 -4.15 -23.38
N ASP A 714 -61.51 -3.20 -23.23
CA ASP A 714 -62.55 -2.95 -24.21
C ASP A 714 -62.00 -2.52 -25.56
N VAL A 715 -60.74 -2.09 -25.59
CA VAL A 715 -60.07 -1.79 -26.85
C VAL A 715 -60.23 -2.91 -27.87
N PHE A 716 -60.21 -4.15 -27.41
CA PHE A 716 -60.12 -5.30 -28.29
C PHE A 716 -61.47 -5.93 -28.60
N ILE A 717 -62.57 -5.29 -28.24
CA ILE A 717 -63.90 -5.85 -28.48
C ILE A 717 -64.67 -4.91 -29.40
N ASN A 718 -65.22 -5.49 -30.47
CA ASN A 718 -66.08 -4.78 -31.39
C ASN A 718 -67.56 -4.89 -31.02
N SER A 719 -68.32 -3.89 -31.42
CA SER A 719 -69.77 -3.94 -31.35
C SER A 719 -70.32 -4.92 -32.39
N GLY A 720 -71.63 -4.99 -32.48
CA GLY A 720 -72.30 -5.44 -33.68
C GLY A 720 -72.12 -4.49 -34.86
N GLN A 721 -72.47 -5.00 -36.03
CA GLN A 721 -72.53 -4.21 -37.25
C GLN A 721 -73.78 -4.60 -38.03
N VAL A 722 -73.95 -3.98 -39.18
CA VAL A 722 -75.11 -4.22 -40.04
C VAL A 722 -74.69 -4.43 -41.49
N ASP A 723 -75.42 -5.32 -42.18
CA ASP A 723 -75.15 -5.67 -43.56
C ASP A 723 -75.15 -4.43 -44.46
N ASN A 724 -74.02 -4.20 -45.12
CA ASN A 724 -73.76 -3.04 -45.95
C ASN A 724 -73.97 -3.29 -47.44
N SER A 725 -74.54 -4.44 -47.80
CA SER A 725 -74.66 -4.89 -49.18
C SER A 725 -75.51 -3.98 -50.08
N GLY A 726 -76.23 -3.02 -49.52
CA GLY A 726 -77.13 -2.21 -50.30
C GLY A 726 -76.52 -1.11 -51.13
N ASN A 727 -75.20 -1.02 -51.22
CA ASN A 727 -74.53 0.09 -51.90
C ASN A 727 -73.33 -0.36 -52.72
N ASP A 728 -73.41 -1.55 -53.32
CA ASP A 728 -72.36 -2.09 -54.19
C ASP A 728 -72.33 -1.43 -55.58
N ILE A 729 -72.09 -0.13 -55.59
CA ILE A 729 -72.16 0.68 -56.81
C ILE A 729 -71.24 0.18 -57.92
N PRO A 730 -71.80 -0.26 -59.06
CA PRO A 730 -70.98 -0.68 -60.20
C PRO A 730 -70.58 0.49 -61.09
N ASP A 731 -69.31 0.88 -61.03
CA ASP A 731 -68.84 2.12 -61.65
C ASP A 731 -68.49 1.90 -63.13
N ILE A 732 -69.47 1.43 -63.88
CA ILE A 732 -69.31 1.22 -65.31
C ILE A 732 -69.17 2.55 -66.05
N SER A 733 -68.24 2.56 -67.00
CA SER A 733 -67.95 3.73 -67.82
C SER A 733 -67.24 3.24 -69.09
N ASN A 734 -67.08 4.16 -70.04
CA ASN A 734 -66.33 3.85 -71.26
C ASN A 734 -67.02 2.74 -72.05
N ASN A 735 -68.32 2.92 -72.26
CA ASN A 735 -69.13 1.93 -72.94
C ASN A 735 -70.24 2.66 -73.68
N VAL A 736 -70.73 2.03 -74.73
CA VAL A 736 -71.76 2.62 -75.58
C VAL A 736 -72.97 1.70 -75.62
N LEU A 737 -74.12 2.26 -75.28
CA LEU A 737 -75.34 1.48 -75.23
C LEU A 737 -75.69 0.93 -76.60
N PRO A 738 -76.16 -0.31 -76.69
CA PRO A 738 -76.54 -0.87 -77.96
C PRO A 738 -77.85 -0.29 -78.47
N PRO A 739 -78.18 -0.51 -79.74
CA PRO A 739 -79.52 -0.20 -80.22
C PRO A 739 -80.55 -1.05 -79.50
N ARG A 740 -81.67 -0.43 -79.16
CA ARG A 740 -82.73 -1.12 -78.43
C ARG A 740 -83.76 -1.73 -79.38
N ASP A 741 -84.29 -2.87 -78.96
CA ASP A 741 -85.44 -3.51 -79.60
C ASP A 741 -85.26 -3.66 -81.12
N PHE A 742 -84.10 -4.15 -81.50
CA PHE A 742 -83.83 -4.40 -82.91
C PHE A 742 -84.78 -5.47 -83.43
N LYS A 743 -85.47 -5.17 -84.54
CA LYS A 743 -86.57 -6.02 -84.99
C LYS A 743 -86.68 -5.95 -86.50
N TYR A 744 -86.59 -7.11 -87.13
CA TYR A 744 -87.03 -7.23 -88.52
C TYR A 744 -88.54 -7.25 -88.60
N THR A 745 -89.08 -6.83 -89.74
CA THR A 745 -90.49 -6.84 -89.95
C THR A 745 -90.80 -7.02 -91.43
N PRO A 746 -91.64 -7.99 -91.78
CA PRO A 746 -91.92 -8.26 -93.19
C PRO A 746 -92.84 -7.22 -93.80
N THR A 747 -92.87 -7.23 -95.13
CA THR A 747 -93.66 -6.28 -95.89
C THR A 747 -95.14 -6.45 -95.56
N LYS A 757 -89.31 -5.36 -102.49
CA LYS A 757 -89.11 -5.04 -101.09
C LYS A 757 -89.33 -6.25 -100.20
N ASN A 758 -88.29 -6.67 -99.48
CA ASN A 758 -88.39 -7.80 -98.58
C ASN A 758 -88.84 -7.43 -97.18
N GLY A 759 -88.63 -6.18 -96.74
CA GLY A 759 -89.13 -5.80 -95.43
C GLY A 759 -88.42 -4.57 -94.90
N GLU A 760 -88.53 -4.37 -93.59
CA GLU A 760 -87.80 -3.31 -92.89
C GLU A 760 -87.19 -3.82 -91.60
N LEU A 761 -85.96 -3.40 -91.33
CA LEU A 761 -85.42 -3.39 -89.99
C LEU A 761 -85.85 -2.13 -89.26
N SER A 762 -85.99 -2.24 -87.94
CA SER A 762 -86.34 -1.10 -87.11
C SER A 762 -85.72 -1.24 -85.74
N TRP A 763 -85.45 -0.11 -85.10
CA TRP A 763 -84.94 -0.14 -83.74
C TRP A 763 -85.21 1.17 -83.05
N LEU A 764 -85.11 1.14 -81.73
CA LEU A 764 -85.15 2.39 -80.99
C LEU A 764 -83.74 2.89 -80.71
N PRO A 765 -83.54 4.21 -80.80
CA PRO A 765 -82.21 4.78 -80.65
C PRO A 765 -81.50 4.36 -79.37
N SER A 766 -80.17 4.27 -79.48
CA SER A 766 -79.34 4.15 -78.30
C SER A 766 -79.49 5.38 -77.42
N LEU A 767 -79.45 5.15 -76.11
CA LEU A 767 -79.53 6.24 -75.14
C LEU A 767 -78.24 7.02 -75.00
N THR A 768 -77.16 6.58 -75.64
CA THR A 768 -75.91 7.33 -75.62
C THR A 768 -75.98 8.44 -76.66
N ASN A 769 -76.17 9.67 -76.18
CA ASN A 769 -76.59 10.77 -77.05
C ASN A 769 -75.53 11.20 -78.06
N ASN A 770 -74.27 10.88 -77.84
CA ASN A 770 -73.23 11.20 -78.82
C ASN A 770 -73.23 10.29 -80.02
N VAL A 771 -74.20 9.40 -80.14
CA VAL A 771 -74.28 8.52 -81.29
C VAL A 771 -74.53 9.32 -82.56
N VAL A 772 -73.70 9.07 -83.57
CA VAL A 772 -73.78 9.79 -84.83
C VAL A 772 -74.49 8.98 -85.89
N TYR A 773 -74.15 7.70 -86.01
CA TYR A 773 -74.82 6.85 -86.97
C TYR A 773 -74.78 5.40 -86.53
N TYR A 774 -75.72 4.65 -87.06
CA TYR A 774 -75.75 3.20 -86.96
C TYR A 774 -75.15 2.59 -88.21
N SER A 775 -74.46 1.47 -88.05
CA SER A 775 -74.06 0.64 -89.17
C SER A 775 -74.72 -0.72 -89.08
N ILE A 776 -75.07 -1.27 -90.23
CA ILE A 776 -75.67 -2.59 -90.34
C ILE A 776 -74.86 -3.45 -91.29
N VAL A 777 -74.46 -4.62 -90.81
CA VAL A 777 -73.85 -5.65 -91.63
C VAL A 777 -74.89 -6.71 -91.96
N HIS A 778 -75.00 -7.04 -93.23
CA HIS A 778 -75.95 -8.03 -93.74
C HIS A 778 -75.17 -9.20 -94.31
N SER A 779 -75.57 -10.41 -93.93
CA SER A 779 -74.91 -11.61 -94.43
C SER A 779 -74.85 -11.63 -95.95
N GLY A 780 -73.63 -11.70 -96.49
CA GLY A 780 -73.42 -11.87 -97.90
C GLY A 780 -73.34 -10.59 -98.70
N HIS A 781 -73.64 -9.44 -98.11
CA HIS A 781 -73.40 -8.18 -98.78
C HIS A 781 -71.95 -7.74 -98.61
N ALA A 782 -71.47 -6.98 -99.59
CA ALA A 782 -70.10 -6.50 -99.55
C ALA A 782 -69.87 -5.43 -98.50
N GLU A 783 -70.87 -4.60 -98.22
CA GLU A 783 -70.63 -3.44 -97.37
C GLU A 783 -71.84 -3.15 -96.50
N PRO A 784 -71.61 -2.53 -95.35
CA PRO A 784 -72.72 -2.18 -94.45
C PRO A 784 -73.62 -1.09 -95.00
N TYR A 785 -74.85 -1.10 -94.53
CA TYR A 785 -75.69 0.08 -94.53
C TYR A 785 -75.18 1.07 -93.49
N ILE A 786 -75.42 2.37 -93.75
CA ILE A 786 -75.11 3.45 -92.83
C ILE A 786 -76.34 4.33 -92.63
N VAL A 787 -76.73 4.56 -91.38
CA VAL A 787 -77.95 5.30 -91.07
C VAL A 787 -77.67 6.42 -90.08
N GLN A 788 -77.81 7.66 -90.53
CA GLN A 788 -77.51 8.83 -89.72
C GLN A 788 -78.56 9.03 -88.63
N GLN A 789 -78.12 9.57 -87.49
CA GLN A 789 -79.02 10.04 -86.44
C GLN A 789 -79.18 11.56 -86.50
N LEU A 790 -79.89 12.02 -87.52
CA LEU A 790 -80.05 13.45 -87.75
C LEU A 790 -80.97 14.11 -86.74
N GLU A 791 -81.79 13.34 -86.05
CA GLU A 791 -82.62 13.86 -84.97
C GLU A 791 -82.57 12.89 -83.81
N THR A 792 -82.65 13.42 -82.60
CA THR A 792 -82.64 12.61 -81.40
C THR A 792 -83.99 12.68 -80.68
N ASN A 793 -84.55 11.51 -80.42
CA ASN A 793 -85.76 11.33 -79.63
C ASN A 793 -85.73 9.90 -79.12
N PRO A 794 -85.91 9.67 -77.82
CA PRO A 794 -85.67 8.34 -77.26
C PRO A 794 -86.78 7.34 -77.51
N ASN A 795 -87.92 7.78 -78.04
CA ASN A 795 -89.08 6.91 -78.19
C ASN A 795 -89.45 6.69 -79.64
N GLU A 796 -88.63 7.18 -80.57
CA GLU A 796 -88.95 7.22 -81.99
C GLU A 796 -88.11 6.18 -82.71
N ARG A 797 -88.77 5.26 -83.41
CA ARG A 797 -88.05 4.23 -84.15
C ARG A 797 -87.33 4.78 -85.36
N MET A 798 -86.11 4.27 -85.56
CA MET A 798 -85.40 4.38 -86.81
C MET A 798 -85.63 3.12 -87.64
N ILE A 799 -85.45 3.27 -88.96
CA ILE A 799 -85.85 2.25 -89.93
C ILE A 799 -84.78 2.14 -91.02
N GLN A 800 -84.57 0.92 -91.50
CA GLN A 800 -83.88 0.67 -92.76
C GLN A 800 -84.69 -0.32 -93.59
N GLU A 801 -84.82 -0.03 -94.88
CA GLU A 801 -85.52 -0.95 -95.76
C GLU A 801 -84.59 -2.05 -96.29
N ILE A 802 -85.16 -3.24 -96.46
CA ILE A 802 -84.51 -4.35 -97.12
C ILE A 802 -85.25 -4.64 -98.41
N ILE A 803 -84.53 -4.56 -99.53
CA ILE A 803 -85.14 -4.65 -100.85
C ILE A 803 -84.28 -5.51 -101.77
N GLY A 804 -84.94 -6.36 -102.54
CA GLY A 804 -84.33 -7.09 -103.62
C GLY A 804 -83.59 -8.35 -103.22
N GLU A 805 -83.75 -8.80 -102.04
CA GLU A 805 -83.14 -10.06 -101.67
C GLU A 805 -84.06 -11.22 -102.05
N PRO A 806 -83.50 -12.36 -102.43
CA PRO A 806 -84.31 -13.57 -102.52
C PRO A 806 -84.73 -14.01 -101.13
N ALA A 807 -85.82 -14.78 -101.10
CA ALA A 807 -86.18 -15.43 -99.85
C ALA A 807 -85.07 -16.39 -99.44
N GLY A 808 -84.73 -16.36 -98.15
CA GLY A 808 -83.63 -17.15 -97.66
C GLY A 808 -83.18 -16.73 -96.27
N LEU A 809 -82.40 -17.59 -95.63
CA LEU A 809 -81.77 -17.25 -94.37
C LEU A 809 -80.82 -16.07 -94.53
N ALA A 810 -80.86 -15.17 -93.56
CA ALA A 810 -79.93 -14.06 -93.49
C ALA A 810 -79.67 -13.74 -92.02
N ILE A 811 -78.53 -13.14 -91.75
CA ILE A 811 -78.26 -12.57 -90.44
C ILE A 811 -77.90 -11.10 -90.59
N PHE A 812 -78.25 -10.35 -89.55
CA PHE A 812 -77.96 -8.92 -89.48
C PHE A 812 -77.25 -8.61 -88.18
N GLU A 813 -76.28 -7.72 -88.26
CA GLU A 813 -75.57 -7.22 -87.08
C GLU A 813 -75.60 -5.71 -87.13
N ILE A 814 -75.99 -5.08 -86.04
CA ILE A 814 -76.16 -3.64 -86.00
C ILE A 814 -75.37 -3.05 -84.85
N ARG A 815 -74.71 -1.92 -85.12
CA ARG A 815 -73.77 -1.32 -84.19
C ARG A 815 -73.93 0.19 -84.21
N ALA A 816 -73.93 0.80 -83.04
CA ALA A 816 -73.87 2.25 -82.93
C ALA A 816 -72.42 2.72 -82.99
N VAL A 817 -72.19 3.85 -83.65
CA VAL A 817 -70.88 4.47 -83.69
C VAL A 817 -70.90 5.79 -82.92
N ASP A 818 -70.02 5.89 -81.94
CA ASP A 818 -69.85 7.13 -81.19
C ASP A 818 -68.96 8.07 -81.98
N ILE A 819 -69.14 9.37 -81.72
CA ILE A 819 -68.35 10.40 -82.39
C ILE A 819 -66.85 10.19 -82.23
N ASN A 820 -66.41 9.49 -81.19
CA ASN A 820 -65.00 9.16 -81.08
C ASN A 820 -64.60 7.95 -81.90
N GLY A 821 -65.56 7.29 -82.54
CA GLY A 821 -65.29 6.20 -83.43
C GLY A 821 -65.42 4.82 -82.83
N ARG A 822 -65.43 4.69 -81.51
CA ARG A 822 -65.65 3.38 -80.92
C ARG A 822 -67.11 2.99 -81.07
N ARG A 823 -67.38 1.71 -80.84
CA ARG A 823 -68.70 1.15 -81.07
C ARG A 823 -69.21 0.37 -79.87
N SER A 824 -70.54 0.31 -79.80
CA SER A 824 -71.22 -0.56 -78.85
C SER A 824 -70.86 -2.02 -79.12
N SER A 825 -71.22 -2.86 -78.16
CA SER A 825 -71.42 -4.26 -78.46
C SER A 825 -72.47 -4.44 -79.56
N PRO A 826 -72.31 -5.45 -80.41
CA PRO A 826 -73.30 -5.69 -81.45
C PRO A 826 -74.59 -6.27 -80.89
N VAL A 827 -75.67 -6.03 -81.61
CA VAL A 827 -76.89 -6.82 -81.54
C VAL A 827 -77.02 -7.63 -82.81
N THR A 828 -77.48 -8.87 -82.66
CA THR A 828 -77.57 -9.80 -83.77
C THR A 828 -79.01 -10.24 -83.97
N LEU A 829 -79.36 -10.47 -85.23
CA LEU A 829 -80.65 -11.03 -85.60
C LEU A 829 -80.44 -12.05 -86.71
N SER A 830 -81.18 -13.16 -86.65
CA SER A 830 -81.15 -14.19 -87.68
C SER A 830 -82.56 -14.62 -88.07
N ILE A 831 -82.87 -14.59 -89.36
CA ILE A 831 -84.24 -14.68 -89.83
C ILE A 831 -84.25 -15.23 -91.24
N GLU A 832 -85.39 -15.75 -91.67
CA GLU A 832 -85.67 -16.00 -93.08
C GLU A 832 -86.36 -14.81 -93.72
N LEU A 833 -85.70 -14.21 -94.71
CA LEU A 833 -86.33 -13.26 -95.61
C LEU A 833 -87.28 -13.95 -96.59
N ASN A 834 -88.23 -13.16 -97.10
CA ASN A 834 -89.25 -13.67 -98.00
C ASN A 834 -89.46 -12.74 -99.18
N SER A 835 -90.07 -13.27 -100.23
CA SER A 835 -90.24 -12.55 -101.49
C SER A 835 -91.02 -11.25 -101.32
N ALA A 836 -90.61 -10.24 -102.08
CA ALA A 836 -91.45 -9.06 -102.30
C ALA A 836 -92.77 -9.45 -102.94
N LYS A 837 -93.86 -9.12 -102.26
CA LYS A 837 -95.19 -9.47 -102.73
C LYS A 837 -95.60 -8.65 -103.95
N ASN A 838 -95.31 -7.35 -103.92
CA ASN A 838 -95.78 -6.39 -104.93
C ASN A 838 -94.80 -6.34 -106.10
N LEU A 839 -95.04 -7.22 -107.07
CA LEU A 839 -94.25 -7.27 -108.29
C LEU A 839 -94.53 -6.10 -109.23
N SER A 840 -93.58 -5.89 -110.15
CA SER A 840 -93.74 -4.97 -111.26
C SER A 840 -94.96 -5.28 -112.11
N VAL A 841 -95.49 -4.24 -112.74
CA VAL A 841 -96.47 -4.38 -113.81
C VAL A 841 -95.78 -4.82 -115.09
N VAL A 842 -96.41 -5.75 -115.82
CA VAL A 842 -95.85 -6.21 -117.09
C VAL A 842 -95.75 -5.04 -118.06
N SER A 843 -94.69 -5.05 -118.87
CA SER A 843 -94.41 -3.97 -119.79
C SER A 843 -94.37 -4.44 -121.24
N ASN A 844 -94.65 -3.50 -122.15
CA ASN A 844 -94.67 -3.74 -123.59
C ASN A 844 -95.56 -4.90 -124.01
N PHE A 845 -96.65 -5.12 -123.27
CA PHE A 845 -97.66 -6.06 -123.73
C PHE A 845 -98.21 -5.57 -125.07
N ARG A 846 -97.96 -6.32 -126.14
CA ARG A 846 -98.13 -5.81 -127.48
C ARG A 846 -98.50 -6.93 -128.46
N VAL A 847 -99.22 -6.55 -129.52
CA VAL A 847 -99.68 -7.47 -130.55
C VAL A 847 -98.78 -7.38 -131.77
N THR A 848 -98.28 -8.52 -132.22
CA THR A 848 -97.30 -8.59 -133.29
C THR A 848 -97.92 -8.71 -134.69
N ASN A 849 -99.10 -9.32 -134.79
CA ASN A 849 -99.84 -9.37 -136.06
C ASN A 849 -100.59 -8.06 -136.32
N THR A 850 -99.81 -7.01 -136.53
CA THR A 850 -100.33 -5.66 -136.62
C THR A 850 -99.88 -4.98 -137.90
N ALA A 851 -100.75 -4.13 -138.43
CA ALA A 851 -100.63 -3.57 -139.76
C ALA A 851 -99.65 -2.39 -139.79
N SER A 852 -99.28 -2.01 -141.01
CA SER A 852 -98.62 -0.72 -141.22
C SER A 852 -99.53 0.40 -140.75
N GLY A 853 -98.93 1.44 -140.18
CA GLY A 853 -99.67 2.39 -139.38
C GLY A 853 -99.97 1.81 -138.00
N ASP A 854 -101.24 1.67 -137.67
CA ASP A 854 -101.60 1.00 -136.42
C ASP A 854 -102.98 0.38 -136.55
N VAL A 855 -103.24 -0.61 -135.70
CA VAL A 855 -104.42 -1.44 -135.83
C VAL A 855 -105.57 -0.86 -135.02
N THR A 856 -106.78 -1.28 -135.39
CA THR A 856 -107.94 -1.29 -134.52
C THR A 856 -108.41 -2.74 -134.42
N GLU A 857 -109.04 -3.22 -135.47
CA GLU A 857 -108.99 -4.65 -135.76
C GLU A 857 -107.55 -5.00 -136.11
N PHE A 858 -107.08 -6.13 -135.59
CA PHE A 858 -105.75 -6.61 -135.94
C PHE A 858 -105.71 -7.14 -137.37
N VAL A 859 -104.50 -7.49 -137.79
CA VAL A 859 -104.30 -8.16 -139.07
C VAL A 859 -104.57 -9.65 -138.93
N GLY A 860 -105.21 -10.22 -139.93
CA GLY A 860 -105.47 -11.64 -139.98
C GLY A 860 -106.46 -12.11 -138.94
N PRO A 861 -106.69 -13.43 -138.89
CA PRO A 861 -107.84 -13.95 -138.14
C PRO A 861 -107.59 -14.07 -136.64
N ASP A 862 -106.34 -14.18 -136.19
CA ASP A 862 -106.08 -14.50 -134.79
C ASP A 862 -104.80 -13.80 -134.33
N VAL A 863 -104.86 -13.28 -133.10
CA VAL A 863 -103.82 -12.42 -132.54
C VAL A 863 -102.60 -13.21 -132.07
N LYS A 864 -101.46 -12.53 -132.08
CA LYS A 864 -100.20 -13.06 -131.60
C LYS A 864 -99.62 -12.02 -130.65
N LEU A 865 -99.36 -12.40 -129.40
CA LEU A 865 -99.05 -11.48 -128.33
C LEU A 865 -97.64 -11.71 -127.83
N ALA A 866 -97.00 -10.62 -127.41
CA ALA A 866 -95.73 -10.65 -126.74
C ALA A 866 -95.74 -9.68 -125.58
N TRP A 867 -94.84 -9.92 -124.64
CA TRP A 867 -94.62 -9.01 -123.53
C TRP A 867 -93.18 -9.17 -123.10
N ASP A 868 -92.70 -8.21 -122.31
CA ASP A 868 -91.31 -8.19 -121.87
C ASP A 868 -91.15 -8.66 -120.43
N ARG A 869 -90.15 -9.50 -120.23
CA ARG A 869 -89.90 -10.15 -118.95
C ARG A 869 -89.70 -9.12 -117.83
N ILE A 870 -90.30 -9.41 -116.68
CA ILE A 870 -90.18 -8.56 -115.50
C ILE A 870 -88.80 -8.68 -114.87
N PRO A 871 -88.41 -7.74 -114.01
CA PRO A 871 -87.17 -7.90 -113.25
C PRO A 871 -87.17 -9.06 -112.28
N GLU A 872 -88.28 -9.29 -111.59
CA GLU A 872 -88.29 -10.16 -110.41
C GLU A 872 -87.97 -11.60 -110.73
N GLU A 873 -88.16 -12.02 -111.98
CA GLU A 873 -87.73 -13.35 -112.40
C GLU A 873 -86.23 -13.55 -112.24
N ASP A 874 -85.46 -12.47 -112.13
CA ASP A 874 -84.04 -12.60 -111.86
C ASP A 874 -83.75 -13.09 -110.44
N ILE A 875 -84.72 -13.04 -109.54
CA ILE A 875 -84.50 -13.30 -108.13
C ILE A 875 -85.39 -14.44 -107.63
N ILE A 876 -86.67 -14.39 -107.97
CA ILE A 876 -87.64 -15.34 -107.46
C ILE A 876 -88.07 -16.26 -108.60
N GLU A 877 -87.93 -17.56 -108.37
CA GLU A 877 -88.32 -18.60 -109.31
C GLU A 877 -89.82 -18.90 -109.22
N SER A 878 -90.29 -19.69 -110.19
CA SER A 878 -91.68 -20.11 -110.27
C SER A 878 -92.64 -18.95 -110.48
N ILE A 879 -92.13 -17.80 -110.90
CA ILE A 879 -93.01 -16.77 -111.45
C ILE A 879 -93.67 -17.28 -112.72
N PHE A 880 -94.87 -16.81 -112.98
CA PHE A 880 -95.58 -17.08 -114.22
C PHE A 880 -96.36 -15.84 -114.63
N TYR A 881 -96.86 -15.88 -115.86
CA TYR A 881 -97.76 -14.84 -116.36
C TYR A 881 -99.18 -15.37 -116.45
N THR A 882 -100.13 -14.59 -115.94
CA THR A 882 -101.55 -14.91 -116.02
C THR A 882 -102.21 -13.97 -117.02
N LEU A 883 -102.99 -14.54 -117.94
CA LEU A 883 -103.56 -13.80 -119.06
C LEU A 883 -105.05 -14.07 -119.16
N GLU A 884 -105.83 -13.02 -119.39
CA GLU A 884 -107.28 -13.11 -119.48
C GLU A 884 -107.78 -12.32 -120.67
N ILE A 885 -108.73 -12.91 -121.41
CA ILE A 885 -109.21 -12.39 -122.68
C ILE A 885 -110.72 -12.33 -122.60
N HIS A 886 -111.27 -11.19 -123.02
CA HIS A 886 -112.66 -10.82 -122.78
C HIS A 886 -113.23 -10.16 -124.03
N ASP A 887 -114.53 -10.35 -124.21
CA ASP A 887 -115.29 -9.68 -125.26
C ASP A 887 -115.78 -8.31 -124.80
N PRO A 888 -116.42 -7.55 -125.68
CA PRO A 888 -117.00 -6.26 -125.26
C PRO A 888 -118.01 -6.42 -124.14
N GLN A 889 -118.65 -7.58 -124.03
CA GLN A 889 -119.49 -7.88 -122.88
C GLN A 889 -118.67 -8.09 -121.63
N ASN A 890 -117.35 -8.13 -121.76
CA ASN A 890 -116.44 -8.44 -120.65
C ASN A 890 -116.74 -9.81 -120.07
N ARG A 891 -117.28 -10.71 -120.88
CA ARG A 891 -117.39 -12.09 -120.47
C ARG A 891 -116.03 -12.74 -120.60
N MET A 892 -115.84 -13.86 -119.92
CA MET A 892 -114.66 -14.66 -120.18
C MET A 892 -114.70 -15.18 -121.61
N LEU A 893 -113.69 -14.79 -122.38
CA LEU A 893 -113.33 -15.56 -123.56
C LEU A 893 -112.32 -16.65 -123.21
N ARG A 894 -111.18 -16.27 -122.63
CA ARG A 894 -110.21 -17.31 -122.29
C ARG A 894 -109.31 -16.86 -121.15
N SER A 895 -108.84 -17.83 -120.35
CA SER A 895 -107.87 -17.55 -119.30
C SER A 895 -106.74 -18.57 -119.35
N VAL A 896 -105.51 -18.09 -119.20
CA VAL A 896 -104.32 -18.86 -119.53
C VAL A 896 -103.21 -18.58 -118.53
N ARG A 897 -102.42 -19.60 -118.23
CA ARG A 897 -101.17 -19.48 -117.50
C ARG A 897 -99.99 -19.76 -118.41
N ILE A 898 -99.01 -18.86 -118.43
CA ILE A 898 -97.81 -18.96 -119.24
C ILE A 898 -96.62 -19.10 -118.31
N GLU A 899 -95.85 -20.17 -118.47
CA GLU A 899 -94.74 -20.50 -117.58
C GLU A 899 -93.44 -19.93 -118.14
N ASN A 900 -92.94 -18.86 -117.53
CA ASN A 900 -91.64 -18.28 -117.86
C ASN A 900 -91.47 -18.17 -119.36
N GLN A 901 -92.50 -17.64 -120.01
CA GLN A 901 -92.53 -17.45 -121.44
C GLN A 901 -93.27 -16.15 -121.71
N TYR A 902 -92.92 -15.52 -122.83
CA TYR A 902 -93.19 -14.10 -123.03
C TYR A 902 -94.00 -13.85 -124.29
N THR A 903 -94.62 -14.90 -124.83
CA THR A 903 -95.44 -14.79 -126.02
C THR A 903 -96.58 -15.79 -125.91
N TYR A 904 -97.67 -15.49 -126.62
CA TYR A 904 -98.80 -16.42 -126.68
C TYR A 904 -99.56 -16.19 -127.96
N ASP A 905 -100.17 -17.25 -128.48
CA ASP A 905 -100.91 -17.20 -129.73
C ASP A 905 -102.38 -17.49 -129.49
N TYR A 906 -103.24 -16.52 -129.81
CA TYR A 906 -104.65 -16.79 -129.96
C TYR A 906 -104.92 -17.32 -131.36
N LEU A 907 -106.04 -18.03 -131.49
CA LEU A 907 -106.31 -18.80 -132.69
C LEU A 907 -107.74 -18.60 -133.13
N LEU A 908 -107.94 -18.74 -134.44
CA LEU A 908 -109.28 -18.71 -135.01
C LEU A 908 -110.12 -19.88 -134.49
N THR A 909 -109.47 -21.01 -134.21
CA THR A 909 -110.12 -22.10 -133.50
C THR A 909 -110.59 -21.68 -132.12
N TYR A 910 -109.74 -20.97 -131.38
CA TYR A 910 -110.13 -20.51 -130.07
C TYR A 910 -111.29 -19.52 -130.15
N ASN A 911 -111.18 -18.53 -131.02
CA ASN A 911 -112.27 -17.58 -131.20
C ASN A 911 -113.57 -18.30 -131.55
N LYS A 912 -113.51 -19.24 -132.50
CA LYS A 912 -114.71 -19.99 -132.86
C LYS A 912 -115.29 -20.75 -131.67
N ALA A 913 -114.46 -21.48 -130.94
CA ALA A 913 -114.99 -22.25 -129.81
C ALA A 913 -115.58 -21.34 -128.73
N ASP A 914 -114.89 -20.24 -128.43
CA ASP A 914 -115.35 -19.34 -127.38
C ASP A 914 -116.63 -18.60 -127.79
N PHE A 915 -116.72 -18.22 -129.07
CA PHE A 915 -117.97 -17.74 -129.63
C PHE A 915 -119.08 -18.78 -129.52
N ALA A 916 -118.79 -20.02 -129.93
CA ALA A 916 -119.82 -21.05 -129.99
C ALA A 916 -120.37 -21.37 -128.61
N LEU A 917 -119.50 -21.41 -127.60
CA LEU A 917 -119.99 -21.54 -126.23
C LEU A 917 -120.63 -20.25 -125.73
N GLN A 918 -120.16 -19.11 -126.19
CA GLN A 918 -120.90 -17.87 -126.05
C GLN A 918 -121.99 -17.76 -127.11
N LEU A 929 -111.40 -7.05 -129.26
CA LEU A 929 -111.41 -7.80 -128.01
C LEU A 929 -110.51 -7.12 -127.00
N TYR A 930 -110.57 -7.56 -125.74
CA TYR A 930 -109.79 -6.96 -124.68
C TYR A 930 -108.97 -8.01 -123.95
N PHE A 931 -107.79 -7.61 -123.50
CA PHE A 931 -106.80 -8.52 -122.95
C PHE A 931 -106.20 -7.87 -121.72
N ARG A 932 -105.96 -8.66 -120.68
CA ARG A 932 -105.17 -8.18 -119.55
C ARG A 932 -104.27 -9.30 -119.03
N ILE A 933 -103.10 -8.90 -118.57
CA ILE A 933 -102.04 -9.82 -118.20
C ILE A 933 -101.34 -9.30 -116.95
N ARG A 934 -100.86 -10.22 -116.12
CA ARG A 934 -100.10 -9.85 -114.95
C ARG A 934 -99.07 -10.91 -114.63
N ALA A 935 -97.97 -10.47 -114.01
CA ALA A 935 -97.04 -11.42 -113.42
C ALA A 935 -97.57 -11.88 -112.07
N GLU A 936 -97.24 -13.12 -111.72
CA GLU A 936 -97.84 -13.75 -110.56
C GLU A 936 -96.95 -14.87 -110.06
N GLY A 937 -97.19 -15.26 -108.82
CA GLY A 937 -96.47 -16.35 -108.22
C GLY A 937 -97.25 -16.90 -107.06
N ASP A 938 -96.62 -17.82 -106.34
CA ASP A 938 -97.08 -18.18 -105.00
C ASP A 938 -96.74 -17.04 -104.02
N ASP A 939 -96.96 -17.31 -102.74
CA ASP A 939 -96.68 -16.38 -101.65
C ASP A 939 -97.37 -15.03 -101.83
N GLY A 940 -98.46 -14.98 -102.59
CA GLY A 940 -99.09 -13.70 -102.88
C GLY A 940 -98.33 -12.82 -103.84
N GLU A 941 -97.30 -13.36 -104.49
CA GLU A 941 -96.52 -12.61 -105.46
C GLU A 941 -97.38 -12.23 -106.66
N GLN A 942 -97.62 -10.93 -106.86
CA GLN A 942 -98.39 -10.48 -108.01
C GLN A 942 -97.91 -9.12 -108.45
N SER A 943 -98.06 -8.86 -109.76
CA SER A 943 -97.99 -7.50 -110.25
C SER A 943 -98.99 -6.64 -109.49
N VAL A 944 -98.57 -5.43 -109.13
CA VAL A 944 -99.46 -4.54 -108.41
C VAL A 944 -100.71 -4.25 -109.22
N GLU A 945 -100.62 -4.26 -110.55
CA GLU A 945 -101.77 -4.06 -111.40
C GLU A 945 -101.69 -4.89 -112.67
N TRP A 946 -102.86 -5.11 -113.27
CA TRP A 946 -102.93 -5.63 -114.62
C TRP A 946 -102.31 -4.67 -115.61
N ALA A 947 -101.53 -5.20 -116.55
CA ALA A 947 -101.36 -4.58 -117.84
C ALA A 947 -102.52 -5.02 -118.74
N SER A 948 -102.84 -4.21 -119.74
CA SER A 948 -103.96 -4.57 -120.59
C SER A 948 -103.82 -3.92 -121.96
N ILE A 949 -104.56 -4.50 -122.91
CA ILE A 949 -104.70 -3.96 -124.25
C ILE A 949 -106.19 -3.96 -124.60
N MET B 1 -21.22 -12.88 8.71
CA MET B 1 -20.18 -13.32 9.67
C MET B 1 -20.00 -12.27 10.75
N ARG B 2 -19.74 -12.72 11.97
CA ARG B 2 -19.69 -11.79 13.08
C ARG B 2 -18.40 -10.99 13.04
N LEU B 3 -18.54 -9.69 13.10
CA LEU B 3 -17.39 -8.82 13.22
C LEU B 3 -16.59 -9.17 14.47
N PRO B 4 -15.28 -9.31 14.36
CA PRO B 4 -14.47 -9.59 15.55
C PRO B 4 -14.44 -8.40 16.48
N ASP B 5 -14.34 -8.67 17.77
CA ASP B 5 -14.43 -7.63 18.78
C ASP B 5 -13.87 -8.15 20.08
N PRO B 6 -13.77 -7.29 21.11
CA PRO B 6 -13.27 -7.73 22.41
C PRO B 6 -14.14 -8.74 23.13
N TYR B 7 -15.29 -9.07 22.58
CA TYR B 7 -16.03 -10.21 23.08
C TYR B 7 -15.56 -11.51 22.45
N THR B 8 -15.31 -11.48 21.14
CA THR B 8 -14.92 -12.68 20.43
C THR B 8 -13.44 -12.96 20.55
N ASN B 9 -12.62 -11.91 20.64
CA ASN B 9 -11.17 -12.06 20.77
C ASN B 9 -10.68 -11.10 21.84
N PRO B 10 -10.92 -11.43 23.11
CA PRO B 10 -10.67 -10.46 24.19
C PRO B 10 -9.22 -10.04 24.28
N GLU B 11 -8.31 -10.84 23.74
CA GLU B 11 -6.90 -10.51 23.76
C GLU B 11 -6.55 -9.38 22.82
N LEU B 12 -7.38 -9.10 21.82
CA LEU B 12 -7.13 -8.01 20.88
C LEU B 12 -7.72 -6.70 21.42
N SER B 13 -7.17 -6.29 22.57
CA SER B 13 -7.81 -5.28 23.39
C SER B 13 -7.99 -3.95 22.66
N GLY B 14 -7.15 -3.68 21.67
CA GLY B 14 -7.29 -2.47 20.88
C GLY B 14 -8.46 -2.48 19.92
N LEU B 15 -9.06 -3.64 19.69
CA LEU B 15 -9.99 -3.83 18.60
C LEU B 15 -11.38 -3.31 18.89
N GLY B 16 -11.61 -2.64 20.01
CA GLY B 16 -12.89 -2.03 20.26
C GLY B 16 -12.99 -0.63 19.69
N PHE B 17 -14.22 -0.13 19.66
CA PHE B 17 -14.51 1.14 19.01
C PHE B 17 -14.09 2.32 19.88
N GLU B 18 -13.44 3.30 19.26
CA GLU B 18 -13.17 4.54 19.95
C GLU B 18 -14.35 5.50 19.90
N SER B 19 -15.14 5.45 18.83
CA SER B 19 -16.41 6.17 18.80
C SER B 19 -17.33 5.52 17.79
N VAL B 20 -18.63 5.79 17.97
CA VAL B 20 -19.65 5.34 17.04
C VAL B 20 -20.66 6.44 16.79
N ASN B 21 -21.41 6.30 15.70
CA ASN B 21 -22.39 7.31 15.31
C ASN B 21 -23.54 6.59 14.60
N LEU B 22 -24.53 6.17 15.40
CA LEU B 22 -25.74 5.55 14.89
C LEU B 22 -26.70 6.60 14.35
N ILE B 23 -26.84 6.65 13.04
CA ILE B 23 -27.67 7.64 12.36
C ILE B 23 -28.93 6.99 11.84
N ASP B 24 -30.06 7.66 12.04
CA ASP B 24 -31.31 7.29 11.38
C ASP B 24 -31.36 7.90 9.99
N ASN B 25 -31.65 7.09 8.97
CA ASN B 25 -32.02 7.63 7.67
C ASN B 25 -33.48 7.32 7.40
N ASP B 26 -34.25 8.37 7.13
CA ASP B 26 -35.69 8.28 6.91
C ASP B 26 -36.05 9.12 5.69
N PRO B 27 -35.97 8.54 4.50
CA PRO B 27 -36.28 9.31 3.28
C PRO B 27 -37.74 9.70 3.23
N VAL B 28 -37.98 10.98 2.93
CA VAL B 28 -39.33 11.52 2.79
C VAL B 28 -39.37 12.46 1.61
N ILE B 29 -40.55 12.59 1.02
CA ILE B 29 -40.91 13.80 0.30
C ILE B 29 -41.42 14.85 1.27
N ARG B 30 -40.81 16.03 1.21
CA ARG B 30 -41.23 17.19 1.96
C ARG B 30 -41.63 18.29 0.99
N ASP B 31 -42.66 19.04 1.35
CA ASP B 31 -43.08 20.19 0.57
C ASP B 31 -43.52 21.30 1.51
N GLU B 32 -43.26 22.54 1.10
CA GLU B 32 -43.51 23.72 1.91
C GLU B 32 -44.58 24.57 1.25
N LEU B 33 -45.72 24.62 1.85
CA LEU B 33 -46.80 25.32 1.20
C LEU B 33 -46.77 26.81 1.53
N PRO B 34 -47.25 27.65 0.63
CA PRO B 34 -47.25 29.08 0.89
C PRO B 34 -48.03 29.48 2.12
N ASN B 35 -49.01 28.69 2.53
CA ASN B 35 -49.71 28.96 3.76
C ASN B 35 -48.90 28.57 4.99
N GLY B 36 -47.64 28.19 4.81
CA GLY B 36 -46.78 27.86 5.91
C GLY B 36 -46.86 26.43 6.37
N LYS B 37 -47.81 25.66 5.86
CA LYS B 37 -47.86 24.24 6.18
C LYS B 37 -46.62 23.53 5.67
N VAL B 38 -46.15 22.58 6.46
CA VAL B 38 -45.15 21.61 6.04
C VAL B 38 -45.79 20.24 5.97
N ASN B 39 -45.74 19.61 4.80
CA ASN B 39 -46.25 18.26 4.61
C ASN B 39 -45.09 17.29 4.52
N GLU B 40 -45.26 16.12 5.13
CA GLU B 40 -44.28 15.04 5.07
C GLU B 40 -44.98 13.72 4.82
N VAL B 41 -44.39 12.90 3.95
CA VAL B 41 -44.92 11.58 3.63
C VAL B 41 -43.81 10.56 3.73
N LYS B 42 -44.09 9.44 4.38
CA LYS B 42 -43.12 8.38 4.57
C LYS B 42 -43.18 7.39 3.41
N VAL B 43 -42.09 7.28 2.67
CA VAL B 43 -41.97 6.33 1.58
C VAL B 43 -40.56 5.79 1.55
N SER B 44 -40.45 4.53 1.13
CA SER B 44 -39.20 3.79 1.19
C SER B 44 -38.76 3.49 2.61
N ALA B 45 -37.83 2.56 2.74
CA ALA B 45 -37.40 2.04 4.02
C ALA B 45 -36.57 3.03 4.82
N GLN B 46 -36.84 3.07 6.11
CA GLN B 46 -35.89 3.62 7.07
C GLN B 46 -34.73 2.66 7.22
N TYR B 47 -33.52 3.23 7.27
CA TYR B 47 -32.33 2.40 7.44
C TYR B 47 -31.29 3.04 8.34
N TRP B 48 -30.74 2.20 9.20
CA TRP B 48 -29.70 2.62 10.13
C TRP B 48 -28.35 2.74 9.45
N GLY B 49 -27.70 3.89 9.63
CA GLY B 49 -26.32 4.08 9.26
C GLY B 49 -25.46 4.00 10.50
N ILE B 50 -24.24 3.52 10.35
CA ILE B 50 -23.33 3.40 11.47
C ILE B 50 -21.95 3.83 11.04
N ASN B 51 -21.42 4.87 11.66
CA ASN B 51 -20.01 5.19 11.48
C ASN B 51 -19.22 4.76 12.70
N ILE B 52 -18.07 4.15 12.47
CA ILE B 52 -17.20 3.64 13.52
C ILE B 52 -15.80 4.14 13.29
N SER B 53 -15.14 4.60 14.35
CA SER B 53 -13.71 4.86 14.32
C SER B 53 -12.98 3.94 15.27
N TYR B 54 -11.92 3.27 14.78
CA TYR B 54 -11.03 2.54 15.65
C TYR B 54 -9.90 3.42 16.17
N PRO B 55 -9.36 3.08 17.32
CA PRO B 55 -8.10 3.66 17.78
C PRO B 55 -6.95 3.23 16.90
N GLU B 56 -5.73 3.63 17.25
CA GLU B 56 -4.56 3.11 16.56
C GLU B 56 -4.46 1.61 16.75
N LEU B 57 -4.04 0.93 15.69
CA LEU B 57 -3.92 -0.51 15.64
C LEU B 57 -2.49 -0.96 15.47
N PHE B 58 -2.09 -1.95 16.24
CA PHE B 58 -0.88 -2.67 15.94
C PHE B 58 -1.06 -3.59 14.72
N PRO B 59 0.04 -3.97 14.09
CA PRO B 59 -0.05 -4.71 12.83
C PRO B 59 -0.78 -6.03 12.90
N ASP B 60 -0.64 -6.77 13.99
CA ASP B 60 -1.29 -8.09 14.07
C ASP B 60 -2.80 -7.97 14.04
N GLU B 61 -3.35 -7.18 14.95
CA GLU B 61 -4.78 -6.95 14.96
C GLU B 61 -5.27 -6.34 13.67
N TYR B 62 -4.48 -5.42 13.10
CA TYR B 62 -4.86 -4.90 11.80
C TYR B 62 -4.96 -6.00 10.76
N SER B 63 -3.98 -6.90 10.73
CA SER B 63 -4.00 -7.97 9.74
C SER B 63 -5.21 -8.88 9.92
N VAL B 64 -5.62 -9.08 11.16
CA VAL B 64 -6.82 -9.87 11.42
C VAL B 64 -8.06 -9.18 10.86
N LEU B 65 -8.18 -7.89 11.10
CA LEU B 65 -9.31 -7.15 10.54
C LEU B 65 -9.28 -7.15 9.03
N ASP B 66 -8.11 -6.92 8.46
CA ASP B 66 -7.95 -6.90 7.01
C ASP B 66 -8.39 -8.21 6.38
N ALA B 67 -7.95 -9.32 6.95
CA ALA B 67 -8.36 -10.62 6.44
C ALA B 67 -9.86 -10.82 6.57
N PHE B 68 -10.44 -10.39 7.67
CA PHE B 68 -11.89 -10.51 7.80
C PHE B 68 -12.61 -9.75 6.69
N ILE B 69 -12.21 -8.51 6.48
CA ILE B 69 -12.87 -7.68 5.47
C ILE B 69 -12.71 -8.26 4.08
N LEU B 70 -11.52 -8.77 3.77
CA LEU B 70 -11.35 -9.39 2.47
C LEU B 70 -12.18 -10.66 2.32
N GLU B 71 -12.31 -11.43 3.40
CA GLU B 71 -13.16 -12.61 3.32
C GLU B 71 -14.61 -12.24 3.09
N TYR B 72 -15.06 -11.16 3.73
CA TYR B 72 -16.39 -10.62 3.43
C TYR B 72 -16.52 -10.23 1.96
N LYS B 73 -15.53 -9.52 1.43
CA LYS B 73 -15.59 -9.13 0.02
C LYS B 73 -15.69 -10.35 -0.87
N ARG B 74 -14.84 -11.34 -0.62
CA ARG B 74 -14.82 -12.56 -1.42
C ARG B 74 -16.17 -13.26 -1.41
N THR B 75 -16.74 -13.47 -0.22
CA THR B 75 -18.01 -14.17 -0.12
C THR B 75 -19.19 -13.35 -0.62
N GLY B 76 -19.14 -12.03 -0.46
CA GLY B 76 -20.30 -11.22 -0.73
C GLY B 76 -21.42 -11.37 0.27
N GLY B 77 -21.10 -11.80 1.49
CA GLY B 77 -22.10 -11.97 2.52
C GLY B 77 -22.56 -10.68 3.16
N TYR B 78 -22.84 -10.75 4.46
CA TYR B 78 -23.24 -9.59 5.25
C TYR B 78 -22.36 -9.47 6.48
N ILE B 79 -22.15 -8.24 6.92
CA ILE B 79 -21.43 -7.96 8.15
C ILE B 79 -22.42 -7.84 9.32
N ASP B 80 -22.25 -8.70 10.31
CA ASP B 80 -23.07 -8.69 11.51
C ASP B 80 -22.36 -8.01 12.68
N VAL B 81 -23.08 -7.16 13.41
CA VAL B 81 -22.49 -6.36 14.48
C VAL B 81 -23.45 -6.20 15.65
N ILE B 82 -22.89 -6.12 16.86
CA ILE B 82 -23.65 -5.89 18.09
C ILE B 82 -23.13 -4.65 18.82
N LEU B 83 -24.02 -3.69 19.09
CA LEU B 83 -23.62 -2.51 19.85
C LEU B 83 -23.52 -2.80 21.35
N PRO B 84 -22.36 -2.51 21.96
CA PRO B 84 -22.16 -2.94 23.34
C PRO B 84 -22.97 -2.17 24.36
N GLN B 85 -23.22 -0.88 24.12
CA GLN B 85 -23.93 -0.07 25.10
C GLN B 85 -25.39 -0.47 25.23
N TYR B 86 -26.00 -0.88 24.12
CA TYR B 86 -27.31 -1.50 24.18
C TYR B 86 -27.23 -2.91 24.74
N GLU B 87 -26.09 -3.57 24.52
CA GLU B 87 -25.94 -4.95 24.96
C GLU B 87 -26.22 -5.14 26.44
N ALA B 88 -25.97 -4.14 27.26
CA ALA B 88 -26.27 -4.23 28.68
C ALA B 88 -27.69 -4.75 28.94
N PHE B 89 -27.74 -5.84 29.70
CA PHE B 89 -28.96 -6.59 29.95
C PHE B 89 -29.94 -5.83 30.83
N ARG B 90 -31.23 -6.06 30.58
CA ARG B 90 -32.27 -5.63 31.49
C ARG B 90 -33.31 -6.73 31.66
N VAL B 91 -33.89 -7.14 30.55
CA VAL B 91 -34.76 -8.31 30.51
C VAL B 91 -33.92 -9.58 30.46
N ARG B 92 -34.38 -10.60 31.19
CA ARG B 92 -33.86 -11.95 31.04
C ARG B 92 -34.98 -12.97 31.18
N GLY B 93 -34.77 -14.13 30.58
CA GLY B 93 -35.75 -15.20 30.60
C GLY B 93 -35.68 -16.03 29.33
N ASN B 94 -36.51 -17.07 29.31
CA ASN B 94 -36.63 -17.96 28.15
C ASN B 94 -37.56 -17.37 27.10
N THR B 95 -37.02 -16.53 26.25
CA THR B 95 -37.83 -15.82 25.26
C THR B 95 -38.59 -16.78 24.35
N ASN B 96 -38.12 -18.02 24.21
CA ASN B 96 -38.82 -19.03 23.45
C ASN B 96 -40.22 -19.32 23.95
N LEU B 97 -40.50 -19.03 25.21
CA LEU B 97 -41.83 -19.26 25.77
C LEU B 97 -42.77 -18.10 25.56
N VAL B 98 -42.26 -16.96 25.12
CA VAL B 98 -43.14 -15.86 24.76
C VAL B 98 -43.90 -16.20 23.49
N ASN B 99 -45.14 -15.74 23.43
CA ASN B 99 -46.02 -16.02 22.31
C ASN B 99 -46.59 -14.70 21.80
N ILE B 100 -46.48 -14.49 20.49
CA ILE B 100 -46.93 -13.26 19.85
C ILE B 100 -48.11 -13.59 18.96
N PRO B 101 -49.29 -12.99 19.19
CA PRO B 101 -50.39 -13.21 18.27
C PRO B 101 -50.06 -12.75 16.86
N ALA B 102 -50.50 -13.54 15.89
CA ALA B 102 -50.36 -13.20 14.49
C ALA B 102 -51.20 -12.00 14.12
N GLY B 103 -50.90 -11.43 12.97
CA GLY B 103 -51.70 -10.37 12.39
C GLY B 103 -51.52 -9.00 13.00
N GLN B 104 -50.60 -8.83 13.94
CA GLN B 104 -50.31 -7.50 14.43
C GLN B 104 -49.55 -6.72 13.37
N LYS B 105 -49.85 -5.44 13.29
CA LYS B 105 -49.36 -4.57 12.25
C LYS B 105 -49.43 -3.17 12.81
N GLY B 106 -48.65 -2.27 12.23
CA GLY B 106 -48.55 -0.94 12.80
C GLY B 106 -47.64 -0.96 14.01
N SER B 107 -47.36 0.22 14.51
CA SER B 107 -46.22 0.44 15.38
C SER B 107 -46.42 -0.09 16.79
N ASN B 108 -47.53 -0.77 17.07
CA ASN B 108 -47.80 -1.31 18.39
C ASN B 108 -47.77 -2.83 18.34
N ILE B 109 -46.97 -3.42 19.22
CA ILE B 109 -46.94 -4.87 19.46
C ILE B 109 -47.52 -5.18 20.83
N THR B 110 -48.30 -6.24 20.92
CA THR B 110 -48.62 -6.83 22.21
C THR B 110 -48.22 -8.29 22.26
N MET B 111 -47.98 -8.78 23.47
CA MET B 111 -47.49 -10.14 23.66
C MET B 111 -47.91 -10.64 25.03
N ASP B 112 -47.94 -11.95 25.17
CA ASP B 112 -48.15 -12.61 26.45
C ASP B 112 -46.84 -13.18 26.98
N THR B 113 -46.37 -12.66 28.10
CA THR B 113 -45.15 -13.20 28.70
C THR B 113 -45.40 -14.46 29.50
N GLN B 114 -46.67 -14.78 29.77
CA GLN B 114 -47.03 -15.85 30.69
C GLN B 114 -46.37 -15.68 32.06
N GLY B 115 -45.81 -14.50 32.33
CA GLY B 115 -45.04 -14.26 33.54
C GLY B 115 -43.60 -14.74 33.50
N VAL B 116 -43.12 -15.21 32.35
CA VAL B 116 -41.80 -15.82 32.28
C VAL B 116 -40.69 -14.78 32.37
N LEU B 117 -40.87 -13.63 31.73
CA LEU B 117 -39.81 -12.64 31.70
C LEU B 117 -39.66 -11.91 33.02
N THR B 118 -38.45 -11.40 33.25
CA THR B 118 -38.10 -10.65 34.44
C THR B 118 -37.44 -9.33 34.06
N GLY B 119 -37.74 -8.30 34.87
CA GLY B 119 -37.45 -6.93 34.51
C GLY B 119 -38.33 -6.43 33.38
N ILE B 120 -38.07 -5.19 32.99
CA ILE B 120 -38.73 -4.59 31.84
C ILE B 120 -37.75 -3.76 31.06
N PRO B 121 -37.95 -3.67 29.75
CA PRO B 121 -37.10 -2.80 28.93
C PRO B 121 -37.35 -1.33 29.21
N LYS B 122 -36.34 -0.56 28.99
CA LYS B 122 -36.44 0.89 29.02
C LYS B 122 -36.66 1.47 27.63
N PRO B 123 -37.28 2.65 27.57
CA PRO B 123 -37.28 3.42 26.33
C PRO B 123 -35.87 3.63 25.81
N GLY B 124 -35.70 3.45 24.51
CA GLY B 124 -34.40 3.51 23.89
C GLY B 124 -33.66 2.20 23.88
N ASP B 125 -34.25 1.14 24.42
CA ASP B 125 -33.73 -0.18 24.19
C ASP B 125 -34.00 -0.62 22.75
N LEU B 126 -33.18 -1.55 22.29
CA LEU B 126 -33.33 -2.24 21.03
C LEU B 126 -34.33 -3.39 21.13
N PHE B 127 -34.89 -3.76 20.00
CA PHE B 127 -35.83 -4.87 19.92
C PHE B 127 -35.74 -5.49 18.54
N LYS B 128 -35.94 -6.81 18.49
CA LYS B 128 -35.87 -7.53 17.23
C LYS B 128 -36.83 -8.70 17.23
N LEU B 129 -37.32 -9.04 16.05
CA LEU B 129 -38.09 -10.25 15.86
C LEU B 129 -37.23 -11.34 15.24
N SER B 130 -37.33 -12.54 15.79
CA SER B 130 -36.35 -13.58 15.52
C SER B 130 -36.30 -13.99 14.05
N ASN B 131 -37.36 -13.79 13.28
CA ASN B 131 -37.39 -14.28 11.92
C ASN B 131 -37.08 -13.23 10.87
N HIS B 132 -36.70 -12.02 11.29
CA HIS B 132 -36.46 -11.01 10.29
C HIS B 132 -35.32 -10.11 10.75
N PRO B 133 -34.45 -9.69 9.83
CA PRO B 133 -33.24 -8.97 10.25
C PRO B 133 -33.47 -7.57 10.77
N LYS B 134 -34.63 -6.96 10.56
CA LYS B 134 -34.78 -5.57 10.97
C LYS B 134 -34.67 -5.43 12.48
N VAL B 135 -34.11 -4.31 12.88
CA VAL B 135 -34.05 -3.88 14.27
C VAL B 135 -34.89 -2.63 14.53
N TYR B 136 -35.56 -2.61 15.67
CA TYR B 136 -36.49 -1.56 16.05
C TYR B 136 -36.06 -0.96 17.38
N LYS B 137 -36.51 0.25 17.66
CA LYS B 137 -36.27 0.89 18.94
C LYS B 137 -37.57 1.07 19.71
N ILE B 138 -37.51 0.79 21.01
CA ILE B 138 -38.65 0.91 21.90
C ILE B 138 -38.91 2.36 22.28
N THR B 139 -40.00 2.94 21.78
CA THR B 139 -40.35 4.30 22.14
C THR B 139 -41.06 4.35 23.49
N SER B 140 -41.87 3.33 23.78
CA SER B 140 -42.44 3.21 25.11
C SER B 140 -42.98 1.81 25.34
N PHE B 141 -43.18 1.50 26.61
CA PHE B 141 -43.58 0.19 27.10
C PHE B 141 -44.75 0.39 28.05
N ASN B 142 -45.68 -0.56 28.01
CA ASN B 142 -46.74 -0.63 29.00
C ASN B 142 -46.95 -2.07 29.42
N ARG B 143 -46.93 -2.29 30.71
CA ARG B 143 -47.33 -3.57 31.26
C ARG B 143 -48.82 -3.59 31.55
N SER B 144 -49.41 -4.78 31.45
CA SER B 144 -50.66 -5.07 32.14
C SER B 144 -50.65 -6.52 32.59
N GLY B 145 -50.35 -6.72 33.86
CA GLY B 145 -50.05 -8.05 34.35
C GLY B 145 -48.88 -8.66 33.61
N ASN B 146 -49.11 -9.83 33.01
CA ASN B 146 -48.12 -10.49 32.19
C ASN B 146 -48.18 -10.11 30.72
N SER B 147 -49.24 -9.46 30.28
CA SER B 147 -49.28 -8.97 28.91
C SER B 147 -48.45 -7.70 28.80
N TRP B 148 -47.71 -7.59 27.71
CA TRP B 148 -46.92 -6.41 27.43
C TRP B 148 -47.39 -5.75 26.14
N SER B 149 -47.22 -4.43 26.09
CA SER B 149 -47.46 -3.61 24.91
C SER B 149 -46.27 -2.71 24.68
N ILE B 150 -45.87 -2.60 23.42
CA ILE B 150 -44.65 -1.90 23.04
C ILE B 150 -44.92 -1.04 21.82
N ASN B 151 -44.41 0.18 21.85
CA ASN B 151 -44.49 1.06 20.68
C ASN B 151 -43.10 1.21 20.11
N VAL B 152 -42.95 0.87 18.84
CA VAL B 152 -41.64 0.72 18.22
C VAL B 152 -41.50 1.66 17.04
N TYR B 153 -40.27 2.06 16.78
CA TYR B 153 -39.93 2.78 15.58
C TYR B 153 -38.79 2.07 14.88
N PRO B 154 -38.79 2.00 13.55
CA PRO B 154 -39.89 2.33 12.64
C PRO B 154 -41.05 1.37 12.79
N ASP B 155 -42.11 1.62 12.02
CA ASP B 155 -43.21 0.68 11.93
C ASP B 155 -42.74 -0.66 11.36
N LEU B 156 -43.49 -1.71 11.69
CA LEU B 156 -43.12 -3.06 11.31
C LEU B 156 -43.07 -3.20 9.80
N PHE B 157 -42.01 -3.84 9.30
CA PHE B 157 -41.92 -4.15 7.89
C PHE B 157 -42.85 -5.29 7.49
N ILE B 158 -43.26 -6.13 8.44
CA ILE B 158 -44.02 -7.33 8.12
C ILE B 158 -45.09 -7.58 9.17
N THR B 159 -46.20 -8.15 8.72
CA THR B 159 -47.25 -8.64 9.61
C THR B 159 -46.78 -9.87 10.38
N THR B 160 -47.14 -9.91 11.66
CA THR B 160 -46.81 -11.05 12.50
C THR B 160 -47.51 -12.32 12.03
N THR B 161 -46.71 -13.37 11.83
CA THR B 161 -47.26 -14.67 11.45
C THR B 161 -47.84 -15.41 12.64
N GLY B 162 -47.47 -15.01 13.86
CA GLY B 162 -47.76 -15.75 15.06
C GLY B 162 -46.71 -16.76 15.46
N ALA B 163 -45.62 -16.86 14.71
CA ALA B 163 -44.51 -17.75 15.02
C ALA B 163 -43.25 -17.02 15.44
N GLU B 164 -43.25 -15.70 15.44
CA GLU B 164 -42.11 -14.94 15.89
C GLU B 164 -41.77 -15.24 17.34
N LYS B 165 -40.51 -14.98 17.69
CA LYS B 165 -40.11 -14.76 19.06
C LYS B 165 -39.35 -13.44 19.20
N PRO B 166 -39.57 -12.73 20.30
CA PRO B 166 -38.79 -11.51 20.55
C PRO B 166 -37.36 -11.82 20.95
N VAL B 167 -36.49 -10.85 20.69
CA VAL B 167 -35.10 -10.92 21.14
C VAL B 167 -34.66 -9.57 21.66
N PHE B 168 -34.38 -9.48 22.96
CA PHE B 168 -33.98 -8.23 23.60
C PHE B 168 -32.49 -8.10 23.78
N ASN B 169 -31.75 -9.21 23.77
CA ASN B 169 -30.32 -9.23 24.03
C ASN B 169 -29.58 -9.88 22.87
N GLY B 170 -28.35 -9.44 22.66
CA GLY B 170 -27.53 -9.99 21.59
C GLY B 170 -28.04 -9.65 20.22
N ILE B 171 -28.69 -8.50 20.06
CA ILE B 171 -29.24 -8.09 18.78
C ILE B 171 -28.10 -7.75 17.83
N LEU B 172 -28.10 -8.39 16.66
CA LEU B 172 -27.11 -8.12 15.62
C LEU B 172 -27.73 -7.38 14.44
N PHE B 173 -27.15 -6.23 14.11
CA PHE B 173 -27.41 -5.58 12.83
C PHE B 173 -26.74 -6.33 11.69
N ARG B 174 -27.42 -6.38 10.54
CA ARG B 174 -26.89 -6.94 9.31
C ARG B 174 -26.62 -5.80 8.33
N THR B 175 -25.39 -5.70 7.84
CA THR B 175 -24.92 -4.47 7.20
C THR B 175 -24.05 -4.77 5.99
N LYS B 176 -23.80 -3.72 5.23
CA LYS B 176 -22.99 -3.71 4.02
C LYS B 176 -22.06 -2.50 4.06
N LEU B 177 -20.90 -2.60 3.41
CA LEU B 177 -19.82 -1.64 3.57
C LEU B 177 -19.71 -0.68 2.38
N MET B 178 -19.68 0.61 2.68
CA MET B 178 -19.68 1.65 1.66
C MET B 178 -18.30 2.13 1.21
N ASN B 179 -17.27 1.91 2.02
CA ASN B 179 -15.91 2.33 1.67
C ASN B 179 -15.16 1.37 0.75
N GLY B 180 -15.69 0.19 0.47
CA GLY B 180 -14.86 -0.94 0.11
C GLY B 180 -14.06 -0.75 -1.17
N ASP B 181 -14.49 0.16 -2.05
CA ASP B 181 -13.85 0.31 -3.34
C ASP B 181 -12.50 1.02 -3.28
N ALA B 182 -12.17 1.70 -2.18
CA ALA B 182 -10.95 2.51 -2.14
C ALA B 182 -10.26 2.44 -0.79
N PHE B 183 -10.53 1.40 -0.01
CA PHE B 183 -9.99 1.28 1.32
C PHE B 183 -8.48 1.17 1.29
N GLY B 184 -7.82 1.83 2.23
CA GLY B 184 -6.37 1.83 2.28
C GLY B 184 -5.79 2.41 3.55
N SER B 185 -4.61 1.92 3.90
CA SER B 185 -4.06 2.08 5.24
C SER B 185 -2.62 2.55 5.24
N THR B 186 -2.34 3.49 6.13
CA THR B 186 -1.06 4.19 6.24
C THR B 186 -0.29 3.62 7.42
N LEU B 187 0.90 3.08 7.16
CA LEU B 187 1.78 2.65 8.24
C LEU B 187 2.54 3.84 8.83
N ASN B 188 2.14 4.28 10.01
CA ASN B 188 2.85 5.36 10.68
C ASN B 188 4.27 4.94 11.06
N ASN B 189 5.16 5.93 11.09
CA ASN B 189 6.58 5.65 11.36
C ASN B 189 6.78 4.98 12.71
N ASN B 190 5.93 5.28 13.68
CA ASN B 190 6.00 4.62 14.97
C ASN B 190 5.54 3.17 14.94
N GLY B 191 5.06 2.70 13.79
CA GLY B 191 4.62 1.34 13.67
C GLY B 191 3.17 1.11 13.99
N THR B 192 2.30 2.06 13.66
CA THR B 192 0.88 1.89 13.85
C THR B 192 0.11 2.42 12.66
N TYR B 193 -1.08 1.86 12.48
CA TYR B 193 -2.07 2.40 11.56
C TYR B 193 -3.01 3.36 12.29
N SER B 194 -3.50 4.35 11.55
CA SER B 194 -4.34 5.41 12.12
C SER B 194 -5.47 5.76 11.14
N GLY B 195 -6.54 6.31 11.71
CA GLY B 195 -7.71 6.70 10.95
C GLY B 195 -8.60 5.56 10.49
N ILE B 196 -8.29 4.33 10.83
CA ILE B 196 -9.08 3.19 10.40
C ILE B 196 -10.52 3.34 10.88
N SER B 197 -11.45 3.37 9.93
CA SER B 197 -12.82 3.73 10.22
C SER B 197 -13.72 3.13 9.15
N LEU B 198 -14.98 2.93 9.51
CA LEU B 198 -15.94 2.28 8.64
C LEU B 198 -17.25 3.04 8.61
N ASN B 199 -17.79 3.22 7.41
CA ASN B 199 -19.14 3.73 7.20
C ASN B 199 -20.04 2.57 6.77
N LEU B 200 -20.66 1.91 7.75
CA LEU B 200 -21.59 0.82 7.49
C LEU B 200 -23.01 1.32 7.27
N ARG B 201 -23.74 0.56 6.47
CA ARG B 201 -25.15 0.75 6.22
C ARG B 201 -25.89 -0.55 6.47
N GLU B 202 -27.07 -0.45 7.06
CA GLU B 202 -27.98 -1.60 7.06
C GLU B 202 -28.38 -1.96 5.65
N SER B 203 -28.70 -3.23 5.44
CA SER B 203 -29.29 -3.72 4.20
C SER B 203 -30.29 -4.83 4.47
N LEU B 204 -31.40 -4.78 3.75
CA LEU B 204 -32.57 -5.57 4.08
C LEU B 204 -32.93 -6.52 2.94
N MET C 1 15.35 -5.14 -10.59
CA MET C 1 15.25 -3.67 -10.71
C MET C 1 14.53 -3.14 -9.50
N ARG C 2 15.12 -3.36 -8.32
CA ARG C 2 14.52 -2.93 -7.09
C ARG C 2 14.70 -1.44 -6.87
N LEU C 3 13.65 -0.81 -6.38
CA LEU C 3 13.78 0.50 -5.79
C LEU C 3 14.81 0.46 -4.68
N PRO C 4 15.90 1.23 -4.77
CA PRO C 4 16.96 1.14 -3.78
C PRO C 4 16.48 1.52 -2.40
N ASP C 5 17.07 0.89 -1.39
CA ASP C 5 16.56 0.98 -0.03
C ASP C 5 17.69 0.68 0.93
N PRO C 6 17.45 0.83 2.23
CA PRO C 6 18.51 0.58 3.22
C PRO C 6 19.05 -0.84 3.18
N TYR C 7 18.22 -1.82 2.85
CA TYR C 7 18.71 -3.19 2.77
C TYR C 7 19.67 -3.35 1.61
N THR C 8 19.41 -2.66 0.50
CA THR C 8 20.34 -2.67 -0.61
C THR C 8 21.47 -1.67 -0.42
N ASN C 9 21.22 -0.61 0.35
CA ASN C 9 22.16 0.50 0.48
C ASN C 9 22.08 1.06 1.89
N PRO C 10 22.60 0.32 2.86
CA PRO C 10 22.46 0.75 4.26
C PRO C 10 23.16 2.07 4.52
N GLU C 11 24.14 2.42 3.69
CA GLU C 11 24.83 3.69 3.78
C GLU C 11 23.92 4.88 3.47
N LEU C 12 22.82 4.66 2.77
CA LEU C 12 22.00 5.76 2.27
C LEU C 12 20.65 5.76 2.96
N SER C 13 20.70 5.69 4.29
CA SER C 13 19.52 5.39 5.10
C SER C 13 18.37 6.34 4.84
N GLY C 14 18.64 7.55 4.38
CA GLY C 14 17.59 8.47 4.03
C GLY C 14 16.58 7.92 3.06
N LEU C 15 16.99 6.92 2.29
CA LEU C 15 16.08 6.26 1.36
C LEU C 15 15.04 5.39 2.04
N GLY C 16 15.13 5.19 3.34
CA GLY C 16 14.08 4.46 4.03
C GLY C 16 12.78 5.23 4.02
N PHE C 17 11.72 4.59 3.54
CA PHE C 17 10.44 5.25 3.43
C PHE C 17 10.02 5.84 4.77
N GLU C 18 9.64 7.10 4.75
CA GLU C 18 9.22 7.74 5.99
C GLU C 18 7.91 7.13 6.46
N SER C 19 6.98 6.95 5.52
CA SER C 19 5.75 6.20 5.77
C SER C 19 5.19 5.77 4.43
N VAL C 20 4.46 4.66 4.44
CA VAL C 20 3.92 4.08 3.23
C VAL C 20 2.43 3.88 3.38
N ASN C 21 1.72 4.02 2.27
CA ASN C 21 0.27 3.87 2.26
C ASN C 21 -0.09 2.85 1.21
N LEU C 22 -0.75 1.77 1.61
CA LEU C 22 -1.21 0.74 0.69
C LEU C 22 -2.71 0.85 0.52
N ILE C 23 -3.16 1.03 -0.72
CA ILE C 23 -4.58 1.15 -1.04
C ILE C 23 -5.01 0.00 -1.94
N ASP C 24 -6.12 -0.64 -1.58
CA ASP C 24 -6.87 -1.47 -2.50
C ASP C 24 -7.74 -0.57 -3.36
N ASN C 25 -7.72 -0.78 -4.68
CA ASN C 25 -8.75 -0.22 -5.54
C ASN C 25 -9.56 -1.37 -6.12
N ASP C 26 -10.86 -1.36 -5.82
CA ASP C 26 -11.83 -2.35 -6.29
C ASP C 26 -12.97 -1.65 -7.00
N PRO C 27 -12.76 -1.24 -8.24
CA PRO C 27 -13.80 -0.49 -8.95
C PRO C 27 -15.09 -1.30 -9.04
N VAL C 28 -16.18 -0.70 -8.61
CA VAL C 28 -17.46 -1.36 -8.55
C VAL C 28 -18.56 -0.34 -8.76
N ILE C 29 -19.65 -0.78 -9.36
CA ILE C 29 -20.85 0.02 -9.56
C ILE C 29 -21.97 -0.51 -8.68
N ARG C 30 -22.64 0.40 -7.98
CA ARG C 30 -23.49 0.08 -6.85
C ARG C 30 -24.69 1.01 -6.84
N ASP C 31 -25.80 0.52 -6.31
CA ASP C 31 -26.96 1.36 -6.09
C ASP C 31 -27.70 0.92 -4.84
N GLU C 32 -28.57 1.80 -4.36
CA GLU C 32 -29.39 1.56 -3.17
C GLU C 32 -30.86 1.52 -3.55
N LEU C 33 -31.49 0.45 -3.25
CA LEU C 33 -32.87 0.30 -3.68
C LEU C 33 -33.82 0.85 -2.62
N PRO C 34 -34.96 1.43 -3.03
CA PRO C 34 -35.90 1.98 -2.05
C PRO C 34 -36.41 0.98 -1.04
N ASN C 35 -36.41 -0.30 -1.33
CA ASN C 35 -36.72 -1.29 -0.31
C ASN C 35 -35.56 -1.56 0.63
N GLY C 36 -34.47 -0.82 0.49
CA GLY C 36 -33.34 -0.96 1.38
C GLY C 36 -32.40 -2.09 1.06
N LYS C 37 -32.55 -2.73 -0.10
CA LYS C 37 -31.50 -3.61 -0.58
C LYS C 37 -30.35 -2.79 -1.17
N VAL C 38 -29.16 -3.38 -1.10
CA VAL C 38 -27.99 -2.90 -1.81
C VAL C 38 -27.58 -3.93 -2.85
N ASN C 39 -27.27 -3.46 -4.05
CA ASN C 39 -26.93 -4.32 -5.17
C ASN C 39 -25.69 -3.76 -5.82
N GLU C 40 -24.75 -4.65 -6.17
CA GLU C 40 -23.50 -4.20 -6.75
C GLU C 40 -22.97 -5.21 -7.76
N VAL C 41 -22.28 -4.67 -8.76
CA VAL C 41 -21.81 -5.42 -9.92
C VAL C 41 -20.34 -5.14 -10.08
N LYS C 42 -19.54 -6.18 -10.32
CA LYS C 42 -18.10 -6.03 -10.45
C LYS C 42 -17.62 -6.24 -11.87
N VAL C 43 -16.77 -5.34 -12.31
CA VAL C 43 -16.06 -5.43 -13.59
C VAL C 43 -14.72 -4.74 -13.39
N SER C 44 -13.78 -5.02 -14.29
CA SER C 44 -12.43 -4.52 -14.19
C SER C 44 -11.67 -5.03 -12.98
N ALA C 45 -10.35 -5.01 -13.12
CA ALA C 45 -9.44 -5.57 -12.13
C ALA C 45 -9.36 -4.74 -10.86
N GLN C 46 -9.23 -5.45 -9.75
CA GLN C 46 -8.63 -4.87 -8.56
C GLN C 46 -7.17 -4.53 -8.84
N TYR C 47 -6.71 -3.45 -8.22
CA TYR C 47 -5.28 -3.21 -8.24
C TYR C 47 -4.80 -2.53 -6.97
N TRP C 48 -3.56 -2.86 -6.62
CA TRP C 48 -2.87 -2.22 -5.53
C TRP C 48 -2.24 -0.89 -5.94
N GLY C 49 -2.55 0.15 -5.17
CA GLY C 49 -1.83 1.41 -5.23
C GLY C 49 -0.93 1.55 -4.01
N ILE C 50 0.18 2.24 -4.19
CA ILE C 50 1.11 2.53 -3.11
C ILE C 50 1.52 3.98 -3.17
N ASN C 51 1.54 4.66 -2.03
CA ASN C 51 2.14 5.96 -1.94
C ASN C 51 3.34 5.94 -1.01
N ILE C 52 4.40 6.64 -1.42
CA ILE C 52 5.66 6.74 -0.69
C ILE C 52 6.01 8.20 -0.50
N SER C 53 6.55 8.51 0.67
CA SER C 53 7.10 9.83 0.94
C SER C 53 8.51 9.71 1.47
N TYR C 54 9.34 10.71 1.15
CA TYR C 54 10.72 10.75 1.58
C TYR C 54 11.00 12.02 2.38
N PRO C 55 11.95 11.96 3.30
CA PRO C 55 12.43 13.18 3.95
C PRO C 55 13.30 14.04 3.06
N GLU C 56 13.89 15.08 3.65
CA GLU C 56 14.97 15.79 3.00
C GLU C 56 16.05 14.82 2.56
N LEU C 57 16.62 15.07 1.38
CA LEU C 57 17.65 14.23 0.79
C LEU C 57 18.93 14.98 0.51
N PHE C 58 20.04 14.34 0.81
CA PHE C 58 21.34 14.82 0.45
C PHE C 58 21.66 14.48 -1.01
N PRO C 59 22.62 15.18 -1.60
CA PRO C 59 22.84 15.06 -3.05
C PRO C 59 23.27 13.69 -3.54
N ASP C 60 24.02 12.94 -2.74
CA ASP C 60 24.48 11.63 -3.17
C ASP C 60 23.34 10.63 -3.32
N GLU C 61 22.62 10.38 -2.24
CA GLU C 61 21.46 9.50 -2.29
C GLU C 61 20.43 9.98 -3.30
N TYR C 62 20.29 11.30 -3.45
CA TYR C 62 19.41 11.80 -4.48
C TYR C 62 19.89 11.40 -5.85
N SER C 63 21.18 11.57 -6.11
CA SER C 63 21.70 11.21 -7.42
C SER C 63 21.50 9.73 -7.71
N VAL C 64 21.61 8.90 -6.68
CA VAL C 64 21.34 7.47 -6.85
C VAL C 64 19.89 7.21 -7.21
N LEU C 65 18.99 7.99 -6.61
CA LEU C 65 17.59 7.87 -6.96
C LEU C 65 17.32 8.29 -8.40
N ASP C 66 17.84 9.44 -8.79
CA ASP C 66 17.63 9.91 -10.15
C ASP C 66 18.25 8.96 -11.17
N ALA C 67 19.44 8.45 -10.87
CA ALA C 67 20.09 7.47 -11.75
C ALA C 67 19.25 6.23 -11.90
N PHE C 68 18.45 5.90 -10.91
CA PHE C 68 17.52 4.79 -11.08
C PHE C 68 16.31 5.18 -11.93
N ILE C 69 15.65 6.26 -11.54
CA ILE C 69 14.39 6.65 -12.16
C ILE C 69 14.56 6.94 -13.64
N LEU C 70 15.66 7.58 -14.02
CA LEU C 70 15.87 7.86 -15.43
C LEU C 70 16.21 6.60 -16.22
N GLU C 71 16.85 5.63 -15.58
CA GLU C 71 17.07 4.36 -16.24
C GLU C 71 15.76 3.66 -16.51
N TYR C 72 14.86 3.70 -15.54
CA TYR C 72 13.51 3.18 -15.74
C TYR C 72 12.80 3.89 -16.87
N LYS C 73 12.83 5.22 -16.89
CA LYS C 73 12.15 5.94 -17.96
C LYS C 73 12.72 5.59 -19.33
N ARG C 74 14.05 5.55 -19.45
CA ARG C 74 14.65 5.23 -20.73
C ARG C 74 14.28 3.83 -21.19
N THR C 75 14.35 2.86 -20.29
CA THR C 75 14.10 1.47 -20.68
C THR C 75 12.62 1.14 -20.83
N GLY C 76 11.74 1.87 -20.16
CA GLY C 76 10.34 1.53 -20.17
C GLY C 76 10.01 0.24 -19.47
N GLY C 77 10.87 -0.20 -18.55
CA GLY C 77 10.66 -1.44 -17.83
C GLY C 77 9.64 -1.34 -16.71
N TYR C 78 9.90 -2.05 -15.62
CA TYR C 78 9.04 -2.03 -14.45
C TYR C 78 9.85 -1.71 -13.21
N ILE C 79 9.19 -1.17 -12.20
CA ILE C 79 9.74 -0.93 -10.89
C ILE C 79 9.31 -2.05 -9.94
N ASP C 80 10.29 -2.79 -9.42
CA ASP C 80 10.05 -3.77 -8.38
C ASP C 80 10.10 -3.14 -7.00
N VAL C 81 9.19 -3.56 -6.12
CA VAL C 81 9.10 -3.00 -4.77
C VAL C 81 8.97 -4.09 -3.73
N ILE C 82 9.76 -3.99 -2.66
CA ILE C 82 9.60 -4.75 -1.44
C ILE C 82 8.80 -3.96 -0.42
N LEU C 83 8.18 -4.66 0.53
CA LEU C 83 7.28 -4.04 1.50
C LEU C 83 7.51 -4.61 2.90
N PRO C 84 8.34 -3.95 3.71
CA PRO C 84 8.97 -4.64 4.84
C PRO C 84 8.03 -5.26 5.87
N GLN C 85 6.89 -4.64 6.11
CA GLN C 85 5.96 -5.12 7.12
C GLN C 85 5.54 -6.57 6.91
N TYR C 86 5.63 -7.10 5.71
CA TYR C 86 5.27 -8.49 5.46
C TYR C 86 6.46 -9.42 5.40
N GLU C 87 7.65 -8.92 5.68
CA GLU C 87 8.88 -9.71 5.64
C GLU C 87 8.98 -10.63 6.84
N ALA C 88 8.25 -11.75 6.77
CA ALA C 88 8.42 -12.81 7.75
C ALA C 88 8.47 -14.16 7.05
N PHE C 89 9.42 -14.98 7.47
CA PHE C 89 9.70 -16.26 6.81
C PHE C 89 9.06 -17.41 7.58
N ARG C 90 7.74 -17.32 7.77
CA ARG C 90 7.00 -18.32 8.60
C ARG C 90 6.77 -19.60 7.80
N VAL C 91 6.99 -19.62 6.48
CA VAL C 91 6.89 -20.82 5.66
C VAL C 91 8.17 -21.00 4.87
N ARG C 92 8.67 -22.24 4.87
CA ARG C 92 9.92 -22.55 4.18
C ARG C 92 9.96 -24.02 3.81
N GLY C 93 10.87 -24.37 2.92
CA GLY C 93 11.02 -25.68 2.34
C GLY C 93 11.18 -25.63 0.84
N ASN C 94 11.17 -26.81 0.22
CA ASN C 94 11.39 -26.93 -1.23
C ASN C 94 10.12 -26.57 -2.00
N THR C 95 9.87 -25.27 -2.08
CA THR C 95 8.67 -24.77 -2.74
C THR C 95 8.50 -25.36 -4.13
N ASN C 96 9.60 -25.50 -4.88
CA ASN C 96 9.59 -26.02 -6.24
C ASN C 96 9.35 -27.51 -6.33
N LEU C 97 9.10 -28.19 -5.22
CA LEU C 97 8.65 -29.57 -5.24
C LEU C 97 7.14 -29.71 -5.12
N VAL C 98 6.45 -28.65 -4.74
CA VAL C 98 5.00 -28.67 -4.63
C VAL C 98 4.34 -28.85 -5.98
N ASN C 99 3.21 -29.56 -5.96
CA ASN C 99 2.37 -29.79 -7.14
C ASN C 99 1.05 -29.06 -6.97
N ILE C 100 0.74 -28.17 -7.90
CA ILE C 100 -0.58 -27.56 -8.01
C ILE C 100 -1.31 -28.18 -9.19
N PRO C 101 -2.45 -28.82 -8.99
CA PRO C 101 -3.19 -29.36 -10.13
C PRO C 101 -3.65 -28.26 -11.06
N ALA C 102 -3.66 -28.58 -12.34
CA ALA C 102 -4.17 -27.69 -13.36
C ALA C 102 -5.69 -27.52 -13.23
N GLY C 103 -6.18 -26.45 -13.84
CA GLY C 103 -7.59 -26.17 -13.91
C GLY C 103 -8.23 -25.62 -12.66
N GLN C 104 -7.45 -25.32 -11.63
CA GLN C 104 -7.99 -24.52 -10.55
C GLN C 104 -8.17 -23.08 -11.01
N LYS C 105 -9.29 -22.51 -10.61
CA LYS C 105 -9.74 -21.20 -11.09
C LYS C 105 -10.71 -20.69 -10.06
N GLY C 106 -10.98 -19.41 -10.13
CA GLY C 106 -11.68 -18.82 -9.02
C GLY C 106 -10.79 -18.79 -7.80
N SER C 107 -11.41 -18.51 -6.66
CA SER C 107 -10.70 -17.92 -5.55
C SER C 107 -10.12 -18.93 -4.57
N ASN C 108 -10.29 -20.22 -4.81
CA ASN C 108 -9.76 -21.25 -3.92
C ASN C 108 -8.64 -22.00 -4.59
N ILE C 109 -7.52 -22.12 -3.88
CA ILE C 109 -6.43 -23.00 -4.30
C ILE C 109 -6.35 -24.18 -3.37
N THR C 110 -6.13 -25.37 -3.94
CA THR C 110 -5.70 -26.52 -3.17
C THR C 110 -4.37 -27.05 -3.68
N MET C 111 -3.54 -27.49 -2.75
CA MET C 111 -2.18 -27.90 -3.03
C MET C 111 -1.90 -29.25 -2.38
N ASP C 112 -1.06 -30.02 -3.04
CA ASP C 112 -0.36 -31.13 -2.39
C ASP C 112 1.01 -30.64 -1.94
N THR C 113 1.18 -30.45 -0.64
CA THR C 113 2.47 -30.07 -0.12
C THR C 113 3.40 -31.26 0.01
N GLN C 114 2.89 -32.47 -0.22
CA GLN C 114 3.70 -33.68 -0.22
C GLN C 114 4.43 -33.87 1.10
N GLY C 115 3.95 -33.19 2.16
CA GLY C 115 4.62 -33.18 3.45
C GLY C 115 5.91 -32.39 3.48
N VAL C 116 6.19 -31.64 2.43
CA VAL C 116 7.50 -31.00 2.29
C VAL C 116 7.60 -29.75 3.15
N LEU C 117 6.65 -28.85 3.01
CA LEU C 117 6.72 -27.57 3.70
C LEU C 117 6.66 -27.72 5.20
N THR C 118 7.26 -26.75 5.88
CA THR C 118 7.17 -26.60 7.31
C THR C 118 6.72 -25.19 7.68
N GLY C 119 6.00 -25.10 8.79
CA GLY C 119 5.23 -23.92 9.13
C GLY C 119 3.93 -23.82 8.36
N ILE C 120 3.24 -22.71 8.63
CA ILE C 120 1.95 -22.46 8.00
C ILE C 120 1.83 -20.98 7.66
N PRO C 121 1.09 -20.67 6.61
CA PRO C 121 0.70 -19.28 6.38
C PRO C 121 -0.27 -18.78 7.44
N LYS C 122 -0.41 -17.47 7.49
CA LYS C 122 -1.38 -16.79 8.30
C LYS C 122 -2.27 -15.88 7.46
N PRO C 123 -3.51 -15.65 7.89
CA PRO C 123 -4.32 -14.60 7.27
C PRO C 123 -3.54 -13.29 7.21
N GLY C 124 -3.61 -12.63 6.07
CA GLY C 124 -2.89 -11.41 5.86
C GLY C 124 -1.50 -11.58 5.30
N ASP C 125 -1.01 -12.81 5.22
CA ASP C 125 0.19 -13.04 4.43
C ASP C 125 -0.05 -12.67 2.97
N LEU C 126 1.04 -12.30 2.32
CA LEU C 126 1.09 -12.18 0.88
C LEU C 126 1.31 -13.53 0.23
N PHE C 127 0.85 -13.67 -1.00
CA PHE C 127 1.01 -14.92 -1.72
C PHE C 127 1.10 -14.62 -3.20
N LYS C 128 1.90 -15.41 -3.91
CA LYS C 128 2.14 -15.15 -5.32
C LYS C 128 2.34 -16.47 -6.05
N LEU C 129 1.95 -16.48 -7.31
CA LEU C 129 2.19 -17.61 -8.18
C LEU C 129 3.44 -17.38 -9.03
N SER C 130 4.25 -18.42 -9.14
CA SER C 130 5.61 -18.27 -9.65
C SER C 130 5.64 -17.72 -11.07
N ASN C 131 4.65 -18.03 -11.90
CA ASN C 131 4.68 -17.64 -13.30
C ASN C 131 3.90 -16.37 -13.59
N HIS C 132 3.46 -15.64 -12.57
CA HIS C 132 2.67 -14.47 -12.85
C HIS C 132 2.97 -13.40 -11.82
N PRO C 133 3.02 -12.13 -12.23
CA PRO C 133 3.47 -11.08 -11.33
C PRO C 133 2.47 -10.68 -10.28
N LYS C 134 1.24 -11.18 -10.32
CA LYS C 134 0.23 -10.71 -9.39
C LYS C 134 0.60 -11.03 -7.96
N VAL C 135 0.19 -10.15 -7.05
CA VAL C 135 0.24 -10.35 -5.63
C VAL C 135 -1.17 -10.51 -5.06
N TYR C 136 -1.41 -11.63 -4.37
CA TYR C 136 -2.65 -11.90 -3.70
C TYR C 136 -2.44 -11.85 -2.20
N LYS C 137 -3.54 -11.91 -1.46
CA LYS C 137 -3.52 -11.84 -0.01
C LYS C 137 -4.36 -12.98 0.57
N ILE C 138 -3.82 -13.64 1.60
CA ILE C 138 -4.49 -14.80 2.19
C ILE C 138 -5.65 -14.37 3.07
N THR C 139 -6.85 -14.86 2.73
CA THR C 139 -8.00 -14.67 3.62
C THR C 139 -8.12 -15.78 4.64
N SER C 140 -7.65 -16.98 4.31
CA SER C 140 -7.98 -18.16 5.10
C SER C 140 -7.22 -19.36 4.58
N PHE C 141 -7.02 -20.32 5.48
CA PHE C 141 -6.15 -21.46 5.23
C PHE C 141 -6.68 -22.69 5.97
N ASN C 142 -6.44 -23.86 5.40
CA ASN C 142 -6.81 -25.12 6.05
C ASN C 142 -5.82 -26.22 5.67
N ARG C 143 -5.72 -27.21 6.56
CA ARG C 143 -4.93 -28.41 6.34
C ARG C 143 -5.77 -29.67 6.40
N SER C 144 -5.31 -30.68 5.67
CA SER C 144 -5.80 -32.04 5.78
C SER C 144 -4.63 -33.00 5.66
N GLY C 145 -3.61 -32.78 6.49
CA GLY C 145 -2.34 -33.43 6.34
C GLY C 145 -1.43 -32.75 5.34
N ASN C 146 -1.07 -33.46 4.27
CA ASN C 146 -0.23 -32.88 3.24
C ASN C 146 -1.02 -31.95 2.34
N SER C 147 -2.32 -32.18 2.19
CA SER C 147 -3.14 -31.30 1.40
C SER C 147 -3.37 -29.99 2.14
N TRP C 148 -3.22 -28.90 1.42
CA TRP C 148 -3.54 -27.58 1.93
C TRP C 148 -4.62 -26.99 1.05
N SER C 149 -5.36 -26.04 1.62
CA SER C 149 -6.16 -25.16 0.79
C SER C 149 -6.15 -23.76 1.37
N ILE C 150 -6.24 -22.80 0.47
CA ILE C 150 -6.22 -21.39 0.82
C ILE C 150 -7.26 -20.66 0.00
N ASN C 151 -8.01 -19.77 0.64
CA ASN C 151 -8.94 -18.92 -0.09
C ASN C 151 -8.33 -17.54 -0.15
N VAL C 152 -8.31 -16.96 -1.34
CA VAL C 152 -7.40 -15.88 -1.65
C VAL C 152 -8.13 -14.74 -2.34
N TYR C 153 -7.76 -13.51 -1.99
CA TYR C 153 -8.29 -12.30 -2.56
C TYR C 153 -7.18 -11.50 -3.22
N PRO C 154 -7.47 -10.82 -4.33
CA PRO C 154 -8.64 -10.92 -5.19
C PRO C 154 -8.76 -12.26 -5.87
N ASP C 155 -9.83 -12.44 -6.64
CA ASP C 155 -9.98 -13.62 -7.46
C ASP C 155 -8.81 -13.80 -8.42
N LEU C 156 -8.54 -15.05 -8.78
CA LEU C 156 -7.40 -15.39 -9.61
C LEU C 156 -7.53 -14.79 -11.00
N PHE C 157 -6.45 -14.20 -11.49
CA PHE C 157 -6.43 -13.66 -12.84
C PHE C 157 -6.10 -14.69 -13.91
N ILE C 158 -5.82 -15.93 -13.53
CA ILE C 158 -5.46 -16.95 -14.51
C ILE C 158 -6.05 -18.30 -14.13
N THR C 159 -6.22 -19.15 -15.15
CA THR C 159 -6.39 -20.57 -14.93
C THR C 159 -5.04 -21.25 -14.74
N THR C 160 -4.97 -22.13 -13.75
CA THR C 160 -3.75 -22.90 -13.50
C THR C 160 -3.45 -23.86 -14.64
N THR C 161 -2.21 -23.84 -15.11
CA THR C 161 -1.76 -24.77 -16.13
C THR C 161 -1.23 -26.08 -15.53
N GLY C 162 -0.97 -26.08 -14.22
CA GLY C 162 -0.28 -27.16 -13.56
C GLY C 162 1.22 -26.99 -13.47
N ALA C 163 1.78 -25.99 -14.14
CA ALA C 163 3.19 -25.64 -14.02
C ALA C 163 3.47 -24.61 -12.94
N GLU C 164 2.45 -23.98 -12.40
CA GLU C 164 2.65 -22.95 -11.38
C GLU C 164 3.29 -23.54 -10.14
N LYS C 165 4.01 -22.67 -9.42
CA LYS C 165 4.42 -22.95 -8.06
C LYS C 165 4.08 -21.78 -7.14
N PRO C 166 3.74 -22.06 -5.89
CA PRO C 166 3.50 -20.99 -4.93
C PRO C 166 4.78 -20.28 -4.57
N VAL C 167 4.64 -19.05 -4.10
CA VAL C 167 5.78 -18.27 -3.63
C VAL C 167 5.40 -17.51 -2.37
N PHE C 168 5.89 -17.96 -1.22
CA PHE C 168 5.53 -17.37 0.05
C PHE C 168 6.50 -16.30 0.51
N ASN C 169 7.69 -16.23 -0.07
CA ASN C 169 8.76 -15.37 0.42
C ASN C 169 9.29 -14.45 -0.67
N GLY C 170 9.75 -13.28 -0.23
CA GLY C 170 10.41 -12.35 -1.13
C GLY C 170 9.53 -11.82 -2.23
N ILE C 171 8.23 -11.68 -1.96
CA ILE C 171 7.31 -11.16 -2.96
C ILE C 171 7.62 -9.70 -3.22
N LEU C 172 7.83 -9.36 -4.49
CA LEU C 172 7.96 -7.98 -4.92
C LEU C 172 6.80 -7.58 -5.83
N PHE C 173 6.20 -6.44 -5.52
CA PHE C 173 5.25 -5.85 -6.44
C PHE C 173 5.95 -5.33 -7.69
N ARG C 174 5.30 -5.51 -8.84
CA ARG C 174 5.76 -4.93 -10.10
C ARG C 174 4.84 -3.79 -10.51
N THR C 175 5.42 -2.60 -10.70
CA THR C 175 4.65 -1.36 -10.67
C THR C 175 5.23 -0.39 -11.69
N LYS C 176 4.49 0.67 -12.01
CA LYS C 176 5.04 1.79 -12.74
C LYS C 176 4.45 3.11 -12.27
N LEU C 177 5.18 4.19 -12.58
CA LEU C 177 5.09 5.48 -11.90
C LEU C 177 4.07 6.42 -12.54
N MET C 178 2.83 6.37 -12.06
CA MET C 178 1.78 7.18 -12.64
C MET C 178 2.00 8.67 -12.40
N ASN C 179 2.71 9.02 -11.33
CA ASN C 179 3.10 10.40 -11.07
C ASN C 179 4.15 10.92 -12.04
N GLY C 180 4.81 10.05 -12.80
CA GLY C 180 6.13 10.35 -13.35
C GLY C 180 6.12 11.37 -14.46
N ASP C 181 4.96 11.69 -15.01
CA ASP C 181 4.87 12.59 -16.16
C ASP C 181 5.13 14.05 -15.81
N ALA C 182 5.23 14.42 -14.54
CA ALA C 182 5.56 15.79 -14.16
C ALA C 182 6.56 15.82 -13.02
N PHE C 183 7.44 14.82 -12.99
CA PHE C 183 8.38 14.65 -11.89
C PHE C 183 9.42 15.75 -11.86
N GLY C 184 9.93 16.02 -10.66
CA GLY C 184 10.99 17.01 -10.49
C GLY C 184 11.26 17.35 -9.04
N SER C 185 12.45 17.87 -8.78
CA SER C 185 12.98 18.05 -7.44
C SER C 185 13.29 19.51 -7.16
N THR C 186 12.70 20.03 -6.09
CA THR C 186 13.15 21.31 -5.55
C THR C 186 14.55 21.18 -4.97
N LEU C 187 15.38 22.19 -5.22
CA LEU C 187 16.67 22.33 -4.54
C LEU C 187 16.70 23.62 -3.74
N ASN C 188 16.81 23.47 -2.42
CA ASN C 188 16.95 24.54 -1.44
C ASN C 188 18.41 24.91 -1.23
N ASN C 189 18.63 26.15 -0.80
CA ASN C 189 19.99 26.64 -0.59
C ASN C 189 20.72 25.98 0.58
N ASN C 190 20.04 25.17 1.39
CA ASN C 190 20.74 24.25 2.27
C ASN C 190 21.62 23.28 1.52
N GLY C 191 21.45 23.15 0.21
CA GLY C 191 22.14 22.10 -0.51
C GLY C 191 21.43 20.78 -0.41
N THR C 192 20.13 20.78 -0.13
CA THR C 192 19.37 19.56 0.06
C THR C 192 18.08 19.58 -0.73
N TYR C 193 17.78 18.44 -1.36
CA TYR C 193 16.58 18.30 -2.16
C TYR C 193 15.39 17.98 -1.28
N SER C 194 14.21 18.38 -1.73
CA SER C 194 13.02 18.28 -0.91
C SER C 194 11.79 18.03 -1.77
N GLY C 195 10.71 17.63 -1.09
CA GLY C 195 9.40 17.49 -1.71
C GLY C 195 9.21 16.28 -2.58
N ILE C 196 10.09 15.30 -2.52
CA ILE C 196 9.94 14.10 -3.32
C ILE C 196 8.83 13.22 -2.74
N SER C 197 7.99 12.69 -3.62
CA SER C 197 7.06 11.63 -3.24
C SER C 197 6.74 10.82 -4.49
N LEU C 198 6.28 9.58 -4.27
CA LEU C 198 5.97 8.69 -5.37
C LEU C 198 4.58 8.09 -5.23
N ASN C 199 3.83 8.09 -6.31
CA ASN C 199 2.58 7.35 -6.42
C ASN C 199 2.77 6.22 -7.42
N LEU C 200 2.58 4.99 -6.96
CA LEU C 200 2.77 3.80 -7.77
C LEU C 200 1.47 3.02 -7.89
N ARG C 201 1.26 2.39 -9.05
CA ARG C 201 0.09 1.51 -9.29
C ARG C 201 0.66 0.22 -9.86
N GLU C 202 0.35 -0.93 -9.29
CA GLU C 202 0.81 -2.16 -9.89
C GLU C 202 0.44 -2.20 -11.36
N SER C 203 1.24 -2.94 -12.13
CA SER C 203 0.93 -3.26 -13.50
C SER C 203 1.54 -4.60 -13.86
N LEU C 204 0.85 -5.31 -14.75
CA LEU C 204 1.07 -6.72 -14.93
C LEU C 204 1.97 -7.01 -16.13
N TYR D 2 31.94 0.49 43.81
CA TYR D 2 32.74 1.64 43.33
C TYR D 2 31.85 2.74 42.80
N TYR D 3 31.90 3.89 43.46
CA TYR D 3 31.21 5.09 43.00
C TYR D 3 32.03 5.77 41.90
N SER D 4 31.61 6.99 41.53
CA SER D 4 32.32 7.80 40.57
C SER D 4 32.28 9.25 41.04
N LEU D 5 33.23 10.05 40.56
CA LEU D 5 33.36 11.42 41.03
C LEU D 5 33.80 12.35 39.92
N MET D 6 33.07 13.45 39.75
CA MET D 6 33.47 14.48 38.79
C MET D 6 34.85 15.05 39.11
N ARG D 7 35.15 15.21 40.40
CA ARG D 7 36.41 15.77 40.84
C ARG D 7 37.62 14.96 40.39
N GLU D 8 37.40 13.77 39.86
CA GLU D 8 38.47 12.99 39.25
C GLU D 8 38.05 12.41 37.90
N SER D 9 36.96 12.89 37.34
CA SER D 9 36.62 12.58 35.97
C SER D 9 37.63 13.18 35.00
N LYS D 10 37.58 12.71 33.77
CA LYS D 10 38.48 13.14 32.72
C LYS D 10 37.73 13.18 31.40
N VAL D 11 38.13 14.08 30.52
CA VAL D 11 37.54 14.22 29.19
C VAL D 11 38.62 14.08 28.14
N ILE D 12 38.35 13.27 27.12
CA ILE D 12 39.24 13.09 25.98
C ILE D 12 38.47 13.29 24.69
N VAL D 13 39.01 14.07 23.77
CA VAL D 13 38.41 14.27 22.46
C VAL D 13 39.21 13.50 21.43
N GLU D 14 38.50 12.76 20.58
CA GLU D 14 39.10 11.95 19.54
C GLU D 14 38.62 12.42 18.18
N TYR D 15 39.59 12.60 17.28
CA TYR D 15 39.38 13.13 15.95
C TYR D 15 40.56 12.73 15.08
N ASP D 16 40.30 12.54 13.79
CA ASP D 16 41.36 12.36 12.82
C ASP D 16 42.31 11.23 13.18
N GLY D 17 41.87 10.30 14.03
CA GLY D 17 42.77 9.29 14.53
C GLY D 17 43.85 9.84 15.42
N ARG D 18 43.56 10.92 16.12
CA ARG D 18 44.39 11.39 17.22
C ARG D 18 43.46 11.77 18.37
N ALA D 19 44.06 12.01 19.53
CA ALA D 19 43.28 12.28 20.72
C ALA D 19 43.83 13.44 21.54
N PHE D 20 42.92 14.27 22.03
CA PHE D 20 43.25 15.52 22.69
C PHE D 20 42.81 15.43 24.14
N HIS D 21 43.75 15.61 25.06
CA HIS D 21 43.45 15.61 26.49
C HIS D 21 43.34 17.05 27.00
N PHE D 22 42.11 17.53 27.10
CA PHE D 22 41.82 18.81 27.75
C PHE D 22 41.91 18.66 29.26
N ASP D 23 43.15 18.66 29.75
CA ASP D 23 43.40 18.51 31.17
C ASP D 23 42.81 19.66 31.99
N ALA D 24 42.84 20.87 31.46
CA ALA D 24 42.51 22.05 32.25
C ALA D 24 41.03 22.35 32.24
N LEU D 25 40.20 21.33 32.33
CA LEU D 25 38.77 21.55 32.39
C LEU D 25 38.38 22.23 33.69
N SER D 26 37.50 23.22 33.58
CA SER D 26 36.93 23.86 34.75
C SER D 26 35.56 23.33 35.11
N ASN D 27 34.70 23.08 34.12
CA ASN D 27 33.43 22.45 34.45
C ASN D 27 32.82 21.81 33.20
N TYR D 28 31.87 20.92 33.43
CA TYR D 28 31.06 20.38 32.35
C TYR D 28 29.71 19.92 32.87
N ASP D 29 28.73 19.89 31.95
CA ASP D 29 27.39 19.41 32.27
C ASP D 29 26.77 18.67 31.10
N VAL D 30 26.06 17.59 31.43
CA VAL D 30 25.57 16.62 30.45
C VAL D 30 24.29 15.95 30.96
N GLN D 31 23.44 15.58 30.01
CA GLN D 31 22.26 14.73 30.27
C GLN D 31 22.18 13.67 29.19
N THR D 32 21.43 12.60 29.49
CA THR D 32 21.05 11.60 28.50
C THR D 32 19.65 11.07 28.74
N SER D 33 18.94 10.76 27.65
CA SER D 33 17.53 10.41 27.75
C SER D 33 17.10 9.58 26.55
N TYR D 34 15.95 8.93 26.71
CA TYR D 34 15.30 8.15 25.65
C TYR D 34 13.89 8.68 25.38
N GLU D 35 13.52 8.73 24.10
CA GLU D 35 12.16 9.05 23.68
C GLU D 35 11.24 7.84 23.64
N GLU D 36 9.98 8.05 24.02
CA GLU D 36 8.98 7.00 24.09
C GLU D 36 7.66 7.42 23.46
N PHE D 37 7.01 6.46 22.82
CA PHE D 37 5.68 6.59 22.23
C PHE D 37 4.66 5.93 23.15
N LYS D 38 3.55 6.63 23.41
CA LYS D 38 2.63 6.20 24.45
C LYS D 38 1.18 6.56 24.10
N THR D 39 0.29 5.58 24.22
CA THR D 39 -1.14 5.79 23.97
C THR D 39 -2.00 5.01 24.94
N LEU D 40 -3.15 5.59 25.32
CA LEU D 40 -3.99 5.03 26.36
C LEU D 40 -5.25 4.34 25.85
N ARG D 41 -5.61 4.50 24.57
CA ARG D 41 -6.49 3.59 23.86
C ARG D 41 -7.86 3.41 24.53
N ARG D 42 -8.41 4.48 25.10
CA ARG D 42 -9.77 4.43 25.69
C ARG D 42 -10.70 3.81 24.68
N THR D 43 -11.68 3.01 25.09
CA THR D 43 -12.51 2.25 24.18
C THR D 43 -13.79 1.88 24.91
N ILE D 44 -14.94 2.14 24.29
CA ILE D 44 -16.20 1.94 24.99
C ILE D 44 -16.48 0.50 25.33
N HIS D 45 -15.80 -0.45 24.68
CA HIS D 45 -15.85 -1.81 25.19
C HIS D 45 -15.16 -1.88 26.55
N ARG D 46 -14.01 -1.23 26.68
CA ARG D 46 -13.19 -1.34 27.87
C ARG D 46 -12.44 -0.02 28.01
N ARG D 47 -12.78 0.77 29.03
CA ARG D 47 -12.09 2.02 29.28
C ARG D 47 -10.78 1.70 30.01
N THR D 48 -9.85 1.17 29.22
CA THR D 48 -8.55 0.77 29.74
C THR D 48 -7.88 1.90 30.50
N ASN D 49 -7.28 1.56 31.63
CA ASN D 49 -6.53 2.50 32.44
C ASN D 49 -5.02 2.33 32.33
N TYR D 50 -4.53 1.25 31.74
CA TYR D 50 -3.10 0.99 31.64
C TYR D 50 -2.59 1.30 30.24
N ALA D 51 -1.62 2.21 30.17
CA ALA D 51 -1.10 2.71 28.91
C ALA D 51 -0.26 1.68 28.16
N ASP D 52 -0.21 1.84 26.85
CA ASP D 52 0.61 1.04 25.94
C ASP D 52 1.73 1.92 25.38
N SER D 53 2.98 1.49 25.56
CA SER D 53 4.07 2.41 25.24
C SER D 53 5.34 1.64 24.94
N VAL D 54 6.22 2.31 24.19
CA VAL D 54 7.45 1.73 23.68
C VAL D 54 8.53 2.80 23.64
N ILE D 55 9.77 2.37 23.84
CA ILE D 55 10.93 3.26 23.74
C ILE D 55 11.52 3.11 22.35
N ASN D 56 11.88 4.23 21.72
CA ASN D 56 12.31 4.19 20.33
C ASN D 56 13.74 4.69 20.12
N ALA D 57 14.11 5.82 20.70
CA ALA D 57 15.29 6.52 20.23
C ALA D 57 16.02 7.22 21.37
N GLN D 58 17.33 7.33 21.21
CA GLN D 58 18.13 8.21 22.04
C GLN D 58 17.87 9.67 21.67
N THR D 59 17.68 10.49 22.69
CA THR D 59 17.64 11.93 22.47
C THR D 59 19.02 12.47 22.13
N PRO D 60 19.10 13.46 21.26
CA PRO D 60 20.37 14.15 21.01
C PRO D 60 20.84 14.92 22.24
N SER D 61 21.87 14.43 22.90
CA SER D 61 22.37 15.11 24.08
C SER D 61 22.99 16.46 23.73
N SER D 62 22.67 17.47 24.52
CA SER D 62 23.54 18.63 24.66
C SER D 62 24.71 18.35 25.59
N ILE D 63 25.81 19.03 25.32
CA ILE D 63 26.99 19.02 26.16
C ILE D 63 27.43 20.45 26.40
N SER D 64 27.88 20.75 27.60
CA SER D 64 28.37 22.09 27.87
C SER D 64 29.67 22.04 28.65
N LEU D 65 30.63 22.86 28.22
CA LEU D 65 31.97 22.87 28.79
C LEU D 65 32.41 24.27 29.15
N ALA D 66 33.17 24.37 30.24
CA ALA D 66 33.86 25.60 30.61
C ALA D 66 35.35 25.31 30.80
N ILE D 67 36.17 26.04 30.04
CA ILE D 67 37.58 25.75 29.84
C ILE D 67 38.39 27.02 30.06
N ASN D 68 39.50 26.90 30.76
CA ASN D 68 40.42 28.02 30.89
C ASN D 68 41.38 28.05 29.72
N PHE D 69 41.79 29.25 29.33
CA PHE D 69 42.83 29.40 28.33
C PHE D 69 44.17 28.85 28.79
N SER D 70 44.81 28.12 27.89
CA SER D 70 45.99 27.33 28.20
C SER D 70 47.13 27.71 27.29
N ASN D 71 48.30 27.94 27.87
CA ASN D 71 49.52 27.99 27.10
C ASN D 71 49.74 26.63 26.43
N THR D 72 50.28 26.64 25.22
CA THR D 72 50.21 25.58 24.21
C THR D 72 48.89 25.50 23.47
N LEU D 73 47.93 26.38 23.75
CA LEU D 73 46.93 26.83 22.79
C LEU D 73 46.05 25.72 22.21
N THR D 74 46.09 24.51 22.75
CA THR D 74 45.43 23.37 22.12
C THR D 74 43.98 23.65 21.77
N GLU D 75 43.30 24.45 22.59
CA GLU D 75 41.90 24.80 22.38
C GLU D 75 41.62 25.52 21.06
N ALA D 76 42.63 26.02 20.39
CA ALA D 76 42.41 26.53 19.03
C ALA D 76 41.76 25.48 18.12
N ASN D 77 42.01 24.21 18.40
CA ASN D 77 41.35 23.19 17.61
C ASN D 77 39.84 23.27 17.72
N PHE D 78 39.30 23.88 18.77
CA PHE D 78 37.85 24.09 18.78
C PHE D 78 37.40 24.99 17.65
N PHE D 79 38.16 26.04 17.36
CA PHE D 79 37.80 26.91 16.24
C PHE D 79 38.01 26.18 14.92
N GLU D 80 39.07 25.38 14.86
CA GLU D 80 39.30 24.56 13.67
C GLU D 80 38.14 23.61 13.41
N TRP D 81 37.60 23.00 14.45
CA TRP D 81 36.46 22.11 14.28
C TRP D 81 35.18 22.89 14.03
N LEU D 82 35.07 24.09 14.60
CA LEU D 82 33.90 24.91 14.36
C LEU D 82 33.81 25.33 12.92
N GLY D 83 34.94 25.36 12.22
CA GLY D 83 34.92 25.57 10.78
C GLY D 83 35.59 26.84 10.30
N PHE D 84 36.31 27.52 11.18
CA PHE D 84 37.29 28.48 10.72
C PHE D 84 38.35 27.79 9.89
N ASP D 85 38.84 28.50 8.89
CA ASP D 85 40.05 28.10 8.20
C ASP D 85 41.24 28.56 9.03
N ARG D 86 42.35 27.84 8.88
CA ARG D 86 43.49 28.01 9.78
C ARG D 86 44.75 28.27 8.99
N LYS D 87 45.57 29.17 9.52
CA LYS D 87 46.85 29.54 8.92
C LYS D 87 47.84 29.71 10.07
N GLY D 88 48.47 28.61 10.44
CA GLY D 88 49.25 28.58 11.66
C GLY D 88 48.37 28.79 12.87
N ASN D 89 48.63 29.87 13.60
CA ASN D 89 47.76 30.31 14.69
C ASN D 89 46.65 31.24 14.26
N THR D 90 46.69 31.76 13.04
CA THR D 90 45.60 32.60 12.56
C THR D 90 44.39 31.78 12.17
N PHE D 91 43.22 32.29 12.54
CA PHE D 91 41.95 31.78 12.07
C PHE D 91 41.18 32.85 11.31
N LEU D 92 40.42 32.40 10.32
CA LEU D 92 39.64 33.28 9.46
C LEU D 92 38.25 32.69 9.28
N LEU D 93 37.23 33.53 9.28
CA LEU D 93 35.97 33.12 8.66
C LEU D 93 36.08 33.21 7.14
N PRO D 94 35.80 32.14 6.42
CA PRO D 94 35.62 32.27 4.98
C PRO D 94 34.31 32.96 4.68
N LEU D 95 34.33 33.87 3.70
CA LEU D 95 33.15 34.68 3.46
C LEU D 95 31.99 33.84 2.99
N TYR D 96 32.29 32.73 2.32
CA TYR D 96 31.32 31.71 1.95
C TYR D 96 32.00 30.36 2.05
N SER D 97 31.21 29.33 2.28
CA SER D 97 31.74 28.08 2.78
C SER D 97 31.30 26.92 1.92
N ASN D 98 32.20 25.95 1.75
CA ASN D 98 31.97 24.78 0.93
C ASN D 98 31.43 23.60 1.72
N ASN D 99 31.36 23.71 3.04
CA ASN D 99 30.78 22.65 3.84
C ASN D 99 29.28 22.55 3.58
N ILE D 100 28.76 21.35 3.80
CA ILE D 100 27.35 21.15 4.12
C ILE D 100 27.17 20.49 5.48
N GLU D 101 27.81 19.36 5.68
CA GLU D 101 27.85 18.77 7.00
C GLU D 101 28.89 19.46 7.87
N PRO D 102 28.59 19.70 9.13
CA PRO D 102 29.62 20.13 10.07
C PRO D 102 30.62 19.02 10.35
N ILE D 103 31.77 19.43 10.86
CA ILE D 103 32.88 18.52 11.13
C ILE D 103 32.51 17.61 12.30
N MET D 104 32.34 16.33 12.01
CA MET D 104 31.98 15.34 13.01
C MET D 104 33.20 14.93 13.81
N PHE D 105 33.02 14.72 15.11
CA PHE D 105 34.09 14.23 15.97
C PHE D 105 33.51 13.49 17.17
N ASN D 106 34.39 13.00 18.03
CA ASN D 106 34.07 11.87 18.90
C ASN D 106 34.64 12.10 20.29
N ILE D 107 33.92 11.69 21.34
CA ILE D 107 34.27 12.11 22.70
C ILE D 107 34.25 10.92 23.66
N TYR D 108 35.28 10.81 24.49
CA TYR D 108 35.32 9.91 25.62
C TYR D 108 35.17 10.71 26.91
N ILE D 109 34.36 10.21 27.83
CA ILE D 109 34.38 10.59 29.24
C ILE D 109 34.91 9.43 30.05
N VAL D 110 35.94 9.68 30.83
CA VAL D 110 36.70 8.62 31.46
C VAL D 110 36.72 8.82 32.96
N ASN D 111 36.78 7.72 33.68
CA ASN D 111 36.79 7.72 35.13
C ASN D 111 37.50 6.46 35.58
N LYS D 112 37.76 6.38 36.86
CA LYS D 112 38.28 5.15 37.45
C LYS D 112 37.43 3.92 37.17
N ASP D 113 38.04 2.75 37.38
CA ASP D 113 37.34 1.48 37.37
C ASP D 113 36.61 1.20 36.07
N ASN D 114 37.24 1.57 34.95
CA ASN D 114 36.71 1.29 33.63
C ASN D 114 35.30 1.85 33.41
N ASN D 115 34.92 2.84 34.20
CA ASN D 115 33.53 3.27 34.34
C ASN D 115 33.16 4.32 33.29
N CYS D 116 33.54 4.08 32.04
CA CYS D 116 33.68 5.08 31.01
C CYS D 116 32.45 5.18 30.11
N VAL D 117 32.34 6.34 29.45
CA VAL D 117 31.23 6.68 28.58
C VAL D 117 31.77 7.26 27.28
N TYR D 118 31.06 7.00 26.18
CA TYR D 118 31.56 7.35 24.87
C TYR D 118 30.43 7.92 24.02
N PHE D 119 30.70 9.07 23.42
CA PHE D 119 29.75 9.82 22.62
C PHE D 119 30.25 9.85 21.19
N GLU D 120 29.44 9.31 20.27
CA GLU D 120 30.05 8.81 19.05
C GLU D 120 30.10 9.84 17.93
N ASN D 121 28.97 10.47 17.63
CA ASN D 121 28.90 11.55 16.64
C ASN D 121 28.53 12.85 17.33
N CYS D 122 29.35 13.88 17.13
CA CYS D 122 29.14 15.15 17.81
C CYS D 122 29.48 16.29 16.85
N TYR D 123 28.93 17.46 17.15
CA TYR D 123 29.35 18.68 16.49
C TYR D 123 29.28 19.86 17.43
N VAL D 124 30.14 20.84 17.18
CA VAL D 124 30.16 22.08 17.96
C VAL D 124 29.08 23.02 17.46
N SER D 125 28.27 23.53 18.39
CA SER D 125 27.27 24.52 18.06
C SER D 125 27.63 25.93 18.52
N THR D 126 28.45 26.08 19.55
CA THR D 126 28.74 27.43 20.03
C THR D 126 30.10 27.51 20.71
N VAL D 127 30.76 28.65 20.52
CA VAL D 127 31.88 29.07 21.35
C VAL D 127 31.67 30.50 21.82
N ASP D 128 31.96 30.77 23.09
CA ASP D 128 31.45 32.00 23.69
C ASP D 128 32.28 32.39 24.90
N PHE D 129 32.71 33.64 24.95
CA PHE D 129 33.55 34.04 26.08
C PHE D 129 33.49 35.56 26.26
N SER D 130 34.00 36.01 27.40
CA SER D 130 34.09 37.44 27.68
C SER D 130 35.38 37.78 28.41
N LEU D 131 35.77 39.05 28.26
CA LEU D 131 36.97 39.60 28.87
C LEU D 131 36.64 40.45 30.09
N ASP D 132 35.57 40.11 30.79
CA ASP D 132 34.94 40.94 31.80
C ASP D 132 35.68 40.91 33.13
N LYS D 133 36.88 41.49 33.13
CA LYS D 133 37.59 41.76 34.39
C LYS D 133 37.74 40.51 35.25
N ASN D 134 37.78 39.36 34.60
CA ASN D 134 37.90 38.08 35.29
C ASN D 134 38.73 37.16 34.41
N ILE D 135 39.25 36.10 35.00
CA ILE D 135 40.06 35.18 34.23
C ILE D 135 39.19 34.68 33.08
N PRO D 136 39.58 34.93 31.83
CA PRO D 136 38.67 34.64 30.73
C PRO D 136 38.39 33.15 30.63
N ILE D 137 37.13 32.79 30.77
CA ILE D 137 36.70 31.41 30.71
C ILE D 137 35.93 31.22 29.42
N LEU D 138 36.26 30.19 28.68
CA LEU D 138 35.65 29.90 27.39
C LEU D 138 34.57 28.86 27.57
N ASN D 139 33.33 29.21 27.22
CA ASN D 139 32.26 28.23 27.17
C ASN D 139 32.21 27.60 25.79
N VAL D 140 31.82 26.34 25.76
CA VAL D 140 31.46 25.63 24.54
C VAL D 140 30.14 24.92 24.68
N GLY D 141 29.30 25.06 23.66
CA GLY D 141 28.12 24.24 23.48
C GLY D 141 28.33 23.24 22.36
N ILE D 142 28.07 21.97 22.67
CA ILE D 142 28.17 20.87 21.72
C ILE D 142 26.86 20.11 21.70
N GLU D 143 26.55 19.48 20.57
CA GLU D 143 25.56 18.43 20.56
C GLU D 143 26.19 17.11 20.15
N SER D 144 25.59 16.02 20.62
CA SER D 144 25.97 14.68 20.20
C SER D 144 24.74 13.82 19.96
N GLY D 145 24.80 13.04 18.88
CA GLY D 145 23.69 12.25 18.41
C GLY D 145 23.59 10.85 18.96
N LYS D 146 24.63 10.36 19.63
CA LYS D 146 24.61 8.99 20.12
C LYS D 146 25.58 8.85 21.29
N PHE D 147 25.18 8.03 22.25
CA PHE D 147 26.00 7.69 23.39
C PHE D 147 25.93 6.20 23.70
N SER D 148 26.95 5.73 24.42
CA SER D 148 26.89 4.42 25.06
C SER D 148 27.91 4.38 26.18
N GLU D 149 27.69 3.49 27.13
CA GLU D 149 28.71 3.16 28.11
C GLU D 149 29.68 2.12 27.57
N VAL D 150 30.93 2.22 28.02
CA VAL D 150 32.01 1.39 27.49
C VAL D 150 33.08 1.23 28.54
N SER D 151 33.83 0.15 28.44
CA SER D 151 34.81 -0.24 29.44
C SER D 151 36.19 0.38 29.26
N THR D 152 36.45 1.09 28.16
CA THR D 152 37.82 1.49 27.86
C THR D 152 37.83 2.71 26.94
N TYR D 153 39.02 3.32 26.85
CA TYR D 153 39.21 4.56 26.13
C TYR D 153 40.58 4.59 25.48
N ARG D 154 40.71 5.39 24.44
CA ARG D 154 42.00 5.60 23.81
C ARG D 154 42.88 6.49 24.69
N GLU D 155 44.08 6.01 25.00
CA GLU D 155 45.06 6.83 25.69
C GLU D 155 45.45 8.06 24.89
N ALA D 156 45.77 9.13 25.60
CA ALA D 156 46.29 10.37 25.03
C ALA D 156 47.14 11.04 26.11
N ALA D 157 48.37 11.39 25.75
CA ALA D 157 49.31 11.84 26.77
C ALA D 157 50.23 12.97 26.35
N SER D 158 50.59 13.11 25.08
CA SER D 158 51.37 14.26 24.62
C SER D 158 50.53 15.47 24.25
N ILE D 159 49.35 15.26 23.68
CA ILE D 159 48.42 16.33 23.39
C ILE D 159 47.62 16.70 24.62
N ILE D 160 48.30 17.26 25.62
CA ILE D 160 47.70 17.68 26.87
C ILE D 160 47.72 19.20 26.97
N GLN D 161 46.59 19.76 27.36
CA GLN D 161 46.44 21.19 27.57
C GLN D 161 47.30 21.67 28.74
N GLY D 162 48.26 22.54 28.43
CA GLY D 162 49.24 23.00 29.40
C GLY D 162 48.76 23.95 30.47
N GLU D 163 49.70 24.69 31.05
CA GLU D 163 49.45 25.64 32.12
C GLU D 163 48.65 26.85 31.65
N ALA D 164 47.88 27.41 32.57
CA ALA D 164 47.05 28.59 32.31
C ALA D 164 47.89 29.85 32.11
N MET D 165 47.47 30.68 31.15
CA MET D 165 48.14 31.93 30.88
C MET D 165 47.80 32.99 31.93
N SER D 166 48.78 33.83 32.24
CA SER D 166 48.62 34.90 33.22
C SER D 166 47.58 35.92 32.77
N TYR D 167 47.02 36.61 33.76
CA TYR D 167 46.00 37.62 33.53
C TYR D 167 46.58 38.83 32.80
N SER D 168 45.74 39.49 32.01
CA SER D 168 46.10 40.79 31.46
C SER D 168 44.83 41.54 31.08
N PRO D 169 44.90 42.87 31.03
CA PRO D 169 43.71 43.68 30.78
C PRO D 169 43.41 43.88 29.31
N VAL D 170 42.11 43.96 29.03
CA VAL D 170 41.61 44.18 27.68
C VAL D 170 41.88 45.61 27.19
N ILE D 171 42.06 45.72 25.88
CA ILE D 171 42.05 46.98 25.14
C ILE D 171 41.11 46.88 23.96
N VAL D 172 40.43 47.98 23.68
CA VAL D 172 39.64 48.17 22.46
C VAL D 172 40.16 49.39 21.71
N SER D 173 40.16 49.31 20.38
CA SER D 173 40.72 50.39 19.58
C SER D 173 40.10 50.43 18.19
N THR D 174 40.16 51.62 17.58
CA THR D 174 39.80 51.82 16.20
C THR D 174 40.87 52.65 15.49
N ASN D 175 41.48 52.08 14.46
CA ASN D 175 42.58 52.73 13.75
C ASN D 175 43.65 53.21 14.72
N GLY D 176 43.87 52.45 15.79
CA GLY D 176 44.83 52.84 16.79
C GLY D 176 44.37 53.91 17.75
N ASN D 177 43.17 54.45 17.59
CA ASN D 177 42.55 55.18 18.69
C ASN D 177 42.11 54.21 19.77
N ILE D 178 42.58 54.43 20.98
CA ILE D 178 42.06 53.69 22.13
C ILE D 178 40.74 54.29 22.59
N LEU D 179 39.89 53.44 23.10
CA LEU D 179 38.55 53.86 23.45
C LEU D 179 38.41 54.07 24.95
N PRO D 180 37.96 55.24 25.40
CA PRO D 180 37.99 55.56 26.82
C PRO D 180 36.86 54.88 27.59
N GLY D 181 37.17 54.44 28.81
CA GLY D 181 36.15 54.04 29.73
C GLY D 181 35.48 52.71 29.42
N LEU D 182 36.28 51.68 29.23
CA LEU D 182 35.72 50.35 29.00
C LEU D 182 35.13 49.77 30.26
N ILE D 183 34.14 48.91 30.08
CA ILE D 183 33.57 48.12 31.14
C ILE D 183 33.63 46.63 30.83
N SER D 184 33.27 46.24 29.62
CA SER D 184 33.40 44.84 29.27
C SER D 184 33.37 44.65 27.77
N ALA D 185 33.85 43.48 27.34
CA ALA D 185 33.63 42.94 26.01
C ALA D 185 33.24 41.48 26.06
N SER D 186 32.24 41.12 25.28
CA SER D 186 31.72 39.76 25.23
C SER D 186 31.56 39.33 23.78
N LEU D 187 31.97 38.09 23.48
CA LEU D 187 32.00 37.58 22.13
C LEU D 187 31.23 36.28 22.06
N SER D 188 30.63 36.02 20.89
CA SER D 188 30.10 34.71 20.60
C SER D 188 30.24 34.37 19.12
N PHE D 189 30.43 33.10 18.86
CA PHE D 189 30.57 32.52 17.54
C PHE D 189 29.72 31.26 17.50
N GLN D 190 29.09 30.99 16.37
CA GLN D 190 28.09 29.95 16.30
C GLN D 190 28.21 29.16 15.01
N GLN D 191 27.66 27.95 15.06
CA GLN D 191 27.49 27.11 13.88
C GLN D 191 26.13 26.44 14.00
N GLN D 192 25.08 27.19 13.67
CA GLN D 192 23.72 26.68 13.75
C GLN D 192 23.54 25.54 12.76
N CYS D 193 22.97 24.43 13.23
CA CYS D 193 22.80 23.23 12.44
C CYS D 193 21.46 22.58 12.77
N SER D 194 21.01 21.72 11.86
CA SER D 194 19.86 20.87 12.12
C SER D 194 20.22 19.42 11.83
N TRP D 195 19.77 18.51 12.68
CA TRP D 195 19.80 17.10 12.36
C TRP D 195 18.78 16.76 11.28
N ARG D 196 19.19 15.95 10.31
CA ARG D 196 18.24 15.35 9.37
C ARG D 196 17.55 14.16 10.01
N GLU D 197 16.25 14.27 10.21
CA GLU D 197 15.45 13.15 10.69
C GLU D 197 15.40 12.02 9.68
N ASP D 198 15.80 10.82 10.11
CA ASP D 198 16.05 9.70 9.22
C ASP D 198 15.16 8.51 9.52
N LYS D 199 14.43 8.54 10.63
CA LYS D 199 13.66 7.39 11.08
C LYS D 199 12.66 6.90 10.04
N SER D 200 12.59 5.58 9.89
CA SER D 200 11.85 4.94 8.83
C SER D 200 11.17 3.72 9.39
N VAL D 201 10.13 3.27 8.69
CA VAL D 201 9.48 2.00 9.00
C VAL D 201 10.41 0.81 8.91
N PHE D 202 11.58 0.99 8.28
CA PHE D 202 12.59 -0.05 8.37
C PHE D 202 13.18 -0.15 9.77
N ASP D 203 13.09 0.91 10.55
CA ASP D 203 13.68 0.95 11.88
C ASP D 203 12.77 0.36 12.95
N ILE D 204 11.56 -0.07 12.58
CA ILE D 204 10.62 -0.60 13.55
C ILE D 204 11.23 -1.72 14.36
N ASN D 205 10.98 -1.67 15.66
CA ASN D 205 11.54 -2.59 16.65
C ASN D 205 13.05 -2.51 16.74
N LYS D 206 13.65 -1.44 16.22
CA LYS D 206 15.04 -1.13 16.51
C LYS D 206 15.11 0.24 17.18
N ILE D 207 16.11 0.40 18.04
CA ILE D 207 16.43 1.71 18.56
C ILE D 207 17.08 2.56 17.47
N TYR D 208 16.71 3.84 17.44
CA TYR D 208 17.12 4.74 16.38
C TYR D 208 17.98 5.87 16.94
N ASN D 209 18.85 6.38 16.10
CA ASN D 209 19.74 7.47 16.44
C ASN D 209 19.74 8.48 15.31
N ASN D 210 20.09 9.72 15.63
CA ASN D 210 20.46 10.65 14.59
C ASN D 210 21.86 10.33 14.08
N LYS D 211 22.10 10.63 12.81
CA LYS D 211 23.32 10.21 12.16
C LYS D 211 23.97 11.29 11.32
N ARG D 212 23.21 12.27 10.84
CA ARG D 212 23.75 13.32 10.01
C ARG D 212 22.99 14.61 10.25
N ALA D 213 23.71 15.72 10.15
CA ALA D 213 23.13 17.04 10.28
C ALA D 213 23.71 17.95 9.21
N TYR D 214 22.99 19.01 8.91
CA TYR D 214 23.42 19.99 7.92
C TYR D 214 23.51 21.37 8.56
N VAL D 215 24.51 22.11 8.10
CA VAL D 215 24.78 23.47 8.57
C VAL D 215 23.73 24.43 8.04
N ASN D 216 23.04 25.09 8.95
CA ASN D 216 22.13 26.16 8.61
C ASN D 216 22.85 27.49 8.48
N GLU D 217 23.60 27.89 9.51
CA GLU D 217 24.21 29.22 9.51
C GLU D 217 25.47 29.28 10.36
N MET D 218 26.27 30.32 10.13
CA MET D 218 27.30 30.76 11.05
C MET D 218 27.04 32.19 11.48
N ASN D 219 27.47 32.52 12.70
CA ASN D 219 27.43 33.89 13.19
C ASN D 219 28.72 34.21 13.92
N ALA D 220 29.17 35.45 13.79
CA ALA D 220 30.13 36.07 14.69
C ALA D 220 29.59 37.39 15.20
N SER D 221 29.53 37.58 16.51
CA SER D 221 28.96 38.80 17.05
C SER D 221 29.56 39.13 18.41
N ALA D 222 29.42 40.40 18.78
CA ALA D 222 30.00 40.87 20.02
C ALA D 222 29.18 42.01 20.63
N THR D 223 29.40 42.19 21.93
CA THR D 223 28.85 43.27 22.73
C THR D 223 29.95 43.98 23.49
N ILE D 224 29.83 45.29 23.63
CA ILE D 224 30.74 46.07 24.46
C ILE D 224 29.96 46.97 25.40
N SER D 225 30.40 47.05 26.64
CA SER D 225 29.82 47.97 27.61
C SER D 225 30.83 49.03 28.03
N LEU D 226 30.39 50.29 28.02
CA LEU D 226 31.21 51.45 28.30
C LEU D 226 30.46 52.39 29.24
N TYR D 227 31.21 53.24 29.95
CA TYR D 227 30.64 54.45 30.52
C TYR D 227 30.45 55.52 29.45
N TYR D 228 29.35 56.24 29.54
CA TYR D 228 29.07 57.34 28.63
C TYR D 228 30.01 58.52 28.86
N LEU D 229 30.72 58.93 27.82
CA LEU D 229 31.65 60.04 27.89
C LEU D 229 31.60 60.90 26.64
N LYS D 230 31.83 62.20 26.82
CA LYS D 230 31.92 63.14 25.72
C LYS D 230 33.12 64.04 25.90
N ARG D 231 33.74 64.39 24.76
CA ARG D 231 34.97 65.17 24.79
C ARG D 231 34.68 66.64 25.07
N PHE D 232 33.72 67.19 24.32
CA PHE D 232 33.17 68.52 24.55
C PHE D 232 31.72 68.49 24.12
N ALA D 233 30.94 69.40 24.67
CA ALA D 233 29.50 69.23 24.67
C ALA D 233 28.95 69.11 23.24
N GLY D 234 29.43 69.95 22.34
CA GLY D 234 29.00 69.90 20.96
C GLY D 234 29.61 68.81 20.11
N ASP D 235 30.37 67.88 20.68
CA ASP D 235 31.05 66.90 19.86
C ASP D 235 30.06 65.97 19.15
N MET D 236 30.57 65.33 18.11
CA MET D 236 29.80 64.46 17.23
C MET D 236 30.33 63.04 17.16
N VAL D 237 31.61 62.83 17.47
CA VAL D 237 32.27 61.55 17.28
C VAL D 237 31.76 60.48 18.23
N TYR D 238 31.36 60.86 19.44
CA TYR D 238 30.90 59.90 20.43
C TYR D 238 29.41 60.00 20.69
N ASN D 239 28.66 60.51 19.72
CA ASN D 239 27.22 60.60 19.85
C ASN D 239 26.58 59.23 19.97
N ILE D 240 25.27 59.22 20.09
CA ILE D 240 24.50 57.98 20.15
C ILE D 240 24.37 57.36 18.77
N GLU D 241 24.24 58.18 17.74
CA GLU D 241 23.84 57.71 16.43
C GLU D 241 24.73 56.55 15.96
N PRO D 242 24.16 55.57 15.27
CA PRO D 242 24.90 54.37 14.86
C PRO D 242 25.92 54.66 13.77
N GLU D 243 27.19 54.47 14.08
CA GLU D 243 28.19 54.51 13.04
C GLU D 243 28.12 53.24 12.20
N THR D 244 28.76 53.30 11.02
CA THR D 244 28.89 52.15 10.16
C THR D 244 30.23 52.22 9.43
N ASP D 245 30.70 51.06 8.99
CA ASP D 245 32.03 50.94 8.38
C ASP D 245 33.16 51.30 9.33
N VAL D 246 32.98 51.04 10.61
CA VAL D 246 34.06 51.18 11.58
C VAL D 246 34.98 49.96 11.60
N PRO D 247 36.29 50.16 11.40
CA PRO D 247 37.27 49.10 11.67
C PRO D 247 37.51 49.01 13.18
N LEU D 248 37.47 47.79 13.71
CA LEU D 248 37.45 47.61 15.15
C LEU D 248 38.38 46.48 15.58
N ASN D 249 39.16 46.73 16.63
CA ASN D 249 40.15 45.76 17.09
C ASN D 249 40.09 45.61 18.60
N ILE D 250 40.11 44.37 19.05
CA ILE D 250 39.94 44.01 20.44
C ILE D 250 41.04 43.05 20.82
N ARG D 251 41.69 43.29 21.95
CA ARG D 251 42.76 42.38 22.32
C ARG D 251 42.99 42.34 23.81
N ASN D 252 43.61 41.26 24.24
CA ASN D 252 44.34 41.16 25.48
C ASN D 252 45.83 41.15 25.14
N ASN D 253 46.64 40.78 26.12
CA ASN D 253 48.05 40.52 25.85
C ASN D 253 48.22 39.35 24.88
N ASN D 254 47.38 38.33 25.02
CA ASN D 254 47.59 37.05 24.39
C ASN D 254 46.57 36.67 23.33
N ILE D 255 45.52 37.46 23.16
CA ILE D 255 44.49 37.16 22.17
C ILE D 255 44.10 38.42 21.41
N SER D 256 43.91 38.29 20.10
CA SER D 256 43.52 39.42 19.29
C SER D 256 42.42 39.06 18.31
N ILE D 257 41.44 39.95 18.20
CA ILE D 257 40.31 39.82 17.31
C ILE D 257 40.16 41.12 16.53
N ASP D 258 39.90 40.99 15.24
CA ASP D 258 39.77 42.16 14.38
C ASP D 258 38.59 42.02 13.43
N PHE D 259 37.75 43.07 13.41
CA PHE D 259 36.70 43.23 12.43
C PHE D 259 37.11 44.33 11.46
N PRO D 260 37.38 44.02 10.20
CA PRO D 260 37.89 45.05 9.30
C PRO D 260 36.89 46.15 9.03
N LEU D 261 35.61 45.81 8.94
CA LEU D 261 34.54 46.80 8.93
C LEU D 261 33.33 46.27 9.69
N ALA D 262 32.73 47.14 10.51
CA ALA D 262 31.63 46.73 11.34
C ALA D 262 30.54 47.79 11.44
N ARG D 263 29.34 47.32 11.75
CA ARG D 263 28.16 48.11 12.01
C ARG D 263 27.86 48.07 13.50
N ILE D 264 27.61 49.24 14.07
CA ILE D 264 27.44 49.42 15.50
C ILE D 264 26.03 49.92 15.80
N SER D 265 25.27 49.14 16.55
CA SER D 265 24.09 49.67 17.23
C SER D 265 24.52 50.22 18.58
N LYS D 266 23.83 51.25 19.05
CA LYS D 266 24.02 51.74 20.41
C LYS D 266 22.73 51.70 21.21
N ARG D 267 22.87 51.38 22.50
CA ARG D 267 21.80 51.52 23.48
C ARG D 267 22.36 52.23 24.70
N LEU D 268 21.58 53.17 25.25
CA LEU D 268 22.00 53.91 26.43
C LEU D 268 21.08 53.65 27.62
N ASN D 269 21.69 53.51 28.79
CA ASN D 269 20.98 53.20 30.03
C ASN D 269 21.34 54.26 31.06
N PHE D 270 20.31 54.93 31.59
CA PHE D 270 20.51 55.93 32.64
C PHE D 270 20.66 55.31 34.02
N SER D 271 21.53 54.31 34.15
CA SER D 271 21.89 53.84 35.47
C SER D 271 22.68 54.92 36.20
N ASP D 272 23.05 54.61 37.44
CA ASP D 272 23.55 55.64 38.34
C ASP D 272 24.74 56.38 37.73
N VAL D 273 25.60 55.65 37.04
CA VAL D 273 26.47 56.21 36.03
C VAL D 273 25.99 55.78 34.66
N TYR D 274 25.89 56.75 33.75
CA TYR D 274 25.29 56.48 32.47
C TYR D 274 26.13 55.46 31.71
N LYS D 275 25.48 54.44 31.19
CA LYS D 275 26.16 53.34 30.52
C LYS D 275 25.70 53.23 29.08
N VAL D 276 26.62 52.78 28.24
CA VAL D 276 26.34 52.56 26.83
C VAL D 276 26.72 51.15 26.45
N GLU D 277 25.89 50.52 25.65
CA GLU D 277 26.19 49.23 25.06
C GLU D 277 26.31 49.38 23.56
N TRP D 278 27.38 48.86 23.00
CA TRP D 278 27.53 48.72 21.57
C TRP D 278 27.25 47.28 21.18
N ASP D 279 26.40 47.12 20.18
CA ASP D 279 26.18 45.83 19.53
C ASP D 279 26.92 45.84 18.21
N ILE D 280 27.76 44.84 17.97
CA ILE D 280 28.68 44.84 16.85
C ILE D 280 28.30 43.76 15.86
N ILE D 281 28.39 44.08 14.58
CA ILE D 281 28.25 43.03 13.57
C ILE D 281 29.09 43.37 12.35
N PRO D 282 29.64 42.39 11.64
CA PRO D 282 30.33 42.71 10.39
C PRO D 282 29.38 43.13 9.28
N THR D 283 29.88 43.99 8.40
CA THR D 283 29.17 44.39 7.20
C THR D 283 29.36 43.38 6.08
N ALA D 284 28.43 43.39 5.13
CA ALA D 284 28.42 42.37 4.09
C ALA D 284 29.68 42.41 3.25
N SER D 285 30.25 43.59 3.06
CA SER D 285 31.46 43.76 2.28
C SER D 285 32.72 43.57 3.09
N SER D 286 32.60 43.36 4.40
CA SER D 286 33.78 43.32 5.25
C SER D 286 34.67 42.17 4.83
N ASP D 287 35.97 42.33 5.07
CA ASP D 287 36.92 41.26 4.84
C ASP D 287 36.87 40.26 5.97
N PRO D 288 37.59 39.15 5.82
CA PRO D 288 37.64 38.15 6.89
C PRO D 288 38.05 38.71 8.22
N VAL D 289 37.20 38.50 9.24
CA VAL D 289 37.59 38.78 10.60
C VAL D 289 38.77 37.90 10.99
N ARG D 290 39.68 38.46 11.75
CA ARG D 290 40.90 37.75 12.11
C ARG D 290 40.92 37.45 13.60
N ILE D 291 41.49 36.29 13.93
CA ILE D 291 41.82 35.94 15.30
C ILE D 291 43.25 35.46 15.39
N ASP D 292 43.97 35.91 16.41
CA ASP D 292 45.32 35.45 16.69
C ASP D 292 45.45 35.08 18.15
N PHE D 293 46.37 34.14 18.40
CA PHE D 293 46.80 33.73 19.72
C PHE D 293 48.30 33.93 19.85
N PHE D 294 48.74 34.31 21.05
CA PHE D 294 50.17 34.41 21.35
C PHE D 294 50.44 33.75 22.68
N GLY D 295 51.48 32.93 22.74
CA GLY D 295 51.87 32.32 24.00
C GLY D 295 52.71 33.27 24.85
N GLU D 296 52.41 33.27 26.15
CA GLU D 296 53.27 33.94 27.10
C GLU D 296 54.58 33.20 27.25
N ILE D 297 55.64 33.95 27.53
CA ILE D 297 56.97 33.38 27.62
C ILE D 297 57.08 32.51 28.86
N SER E 2 14.80 -9.34 29.18
CA SER E 2 14.54 -8.77 30.52
C SER E 2 15.65 -9.12 31.49
N THR E 3 15.50 -8.66 32.73
CA THR E 3 16.54 -8.82 33.72
C THR E 3 16.84 -10.29 33.98
N GLU E 4 18.12 -10.62 34.00
CA GLU E 4 18.59 -12.01 34.09
C GLU E 4 18.57 -12.51 35.51
N ASN E 5 17.47 -12.30 36.23
CA ASN E 5 17.43 -12.59 37.67
C ASN E 5 17.49 -14.09 37.90
N ARG E 6 18.59 -14.54 38.50
CA ARG E 6 18.76 -15.89 39.00
C ARG E 6 18.37 -16.05 40.47
N VAL E 7 17.95 -14.99 41.15
CA VAL E 7 17.95 -14.94 42.60
C VAL E 7 16.54 -14.79 43.15
N ILE E 8 16.19 -15.67 44.08
CA ILE E 8 14.91 -15.65 44.79
C ILE E 8 15.14 -16.17 46.21
N ASP E 9 14.58 -15.47 47.18
CA ASP E 9 14.57 -15.94 48.56
C ASP E 9 13.33 -16.78 48.84
N ILE E 10 13.41 -17.57 49.91
CA ILE E 10 12.43 -18.59 50.23
C ILE E 10 11.93 -18.39 51.65
N VAL E 11 10.65 -18.67 51.87
CA VAL E 11 10.06 -18.62 53.22
C VAL E 11 9.36 -19.93 53.54
N VAL E 12 10.06 -20.84 54.22
CA VAL E 12 9.42 -22.02 54.80
C VAL E 12 8.69 -21.64 56.08
N ASP E 13 7.84 -22.55 56.57
CA ASP E 13 7.04 -22.30 57.76
C ASP E 13 7.19 -23.47 58.72
N GLU E 14 7.36 -23.15 60.00
CA GLU E 14 7.66 -24.17 61.00
C GLU E 14 6.51 -25.15 61.17
N LYS E 15 6.86 -26.38 61.53
CA LYS E 15 5.90 -27.44 61.85
C LYS E 15 5.11 -27.90 60.64
N VAL E 16 5.48 -27.45 59.44
CA VAL E 16 4.72 -27.71 58.23
C VAL E 16 5.66 -28.09 57.09
N PRO E 17 5.38 -29.18 56.36
CA PRO E 17 6.26 -29.57 55.26
C PRO E 17 6.22 -28.54 54.15
N TYR E 18 7.31 -28.51 53.38
CA TYR E 18 7.43 -27.51 52.33
C TYR E 18 7.56 -28.12 50.94
N GLY E 19 7.00 -27.42 49.97
CA GLY E 19 7.10 -27.86 48.60
C GLY E 19 6.92 -26.74 47.60
N LEU E 20 7.71 -26.79 46.54
CA LEU E 20 7.68 -25.79 45.49
C LEU E 20 7.65 -26.47 44.14
N ILE E 21 6.80 -25.96 43.25
CA ILE E 21 6.69 -26.46 41.88
C ILE E 21 7.15 -25.37 40.92
N MET E 22 7.78 -25.80 39.82
CA MET E 22 8.32 -24.88 38.83
C MET E 22 8.08 -25.41 37.42
N GLN E 23 7.88 -24.46 36.50
CA GLN E 23 7.50 -24.71 35.13
C GLN E 23 8.46 -24.00 34.19
N PHE E 24 9.03 -24.77 33.26
CA PHE E 24 10.08 -24.30 32.37
C PHE E 24 9.51 -23.95 31.00
N MET E 25 9.79 -22.73 30.54
CA MET E 25 9.36 -22.29 29.22
C MET E 25 10.49 -21.59 28.51
N ASP E 26 10.69 -21.93 27.24
CA ASP E 26 11.62 -21.18 26.40
C ASP E 26 10.85 -20.11 25.67
N VAL E 27 11.38 -18.89 25.71
CA VAL E 27 10.71 -17.74 25.13
C VAL E 27 11.60 -17.15 24.04
N ASP E 28 11.02 -16.97 22.86
CA ASP E 28 11.73 -16.45 21.70
C ASP E 28 11.11 -15.11 21.31
N ASP E 29 11.96 -14.09 21.18
CA ASP E 29 11.51 -12.73 20.91
C ASP E 29 11.91 -12.26 19.53
N SER E 30 12.15 -13.19 18.61
CA SER E 30 12.39 -12.83 17.22
C SER E 30 11.13 -12.33 16.54
N VAL E 31 9.96 -12.67 17.07
CA VAL E 31 8.68 -12.32 16.47
C VAL E 31 7.73 -11.96 17.59
N TYR E 32 6.75 -11.12 17.26
CA TYR E 32 6.06 -10.37 18.28
C TYR E 32 4.57 -10.69 18.27
N PRO E 33 3.95 -10.83 19.45
CA PRO E 33 4.65 -10.91 20.74
C PRO E 33 5.53 -12.15 20.89
N PRO E 34 6.50 -12.10 21.80
CA PRO E 34 7.40 -13.23 21.99
C PRO E 34 6.64 -14.50 22.30
N SER E 35 7.12 -15.60 21.73
CA SER E 35 6.46 -16.90 21.82
C SER E 35 7.03 -17.72 22.96
N GLU E 36 6.13 -18.20 23.82
CA GLU E 36 6.48 -18.99 25.01
C GLU E 36 6.12 -20.45 24.78
N ILE E 37 7.08 -21.35 24.99
CA ILE E 37 6.90 -22.76 24.66
C ILE E 37 7.31 -23.62 25.84
N PRO E 38 6.53 -24.64 26.20
CA PRO E 38 6.96 -25.54 27.28
C PRO E 38 8.23 -26.30 26.93
N VAL E 39 9.17 -26.28 27.84
CA VAL E 39 10.40 -27.05 27.70
C VAL E 39 10.13 -28.53 27.95
N ASN E 40 10.45 -29.37 26.97
CA ASN E 40 10.54 -30.80 27.23
C ASN E 40 11.64 -31.06 28.24
N LEU E 41 11.27 -31.55 29.41
CA LEU E 41 12.16 -31.69 30.55
C LEU E 41 12.76 -33.09 30.66
N THR E 42 12.78 -33.83 29.57
CA THR E 42 13.36 -35.17 29.58
C THR E 42 14.86 -35.16 29.85
N GLY E 43 15.28 -36.03 30.76
CA GLY E 43 16.69 -36.29 31.00
C GLY E 43 17.41 -35.28 31.87
N TYR E 44 16.76 -34.20 32.24
CA TYR E 44 17.31 -33.30 33.23
C TYR E 44 17.16 -33.87 34.63
N SER E 45 17.95 -33.33 35.56
CA SER E 45 17.84 -33.69 36.96
C SER E 45 18.26 -32.53 37.84
N LEU E 46 17.73 -32.49 39.06
CA LEU E 46 17.93 -31.38 39.97
C LEU E 46 18.57 -31.82 41.27
N ARG E 47 19.37 -30.92 41.86
CA ARG E 47 19.85 -31.07 43.21
C ARG E 47 19.77 -29.71 43.91
N GLY E 48 19.96 -29.74 45.21
CA GLY E 48 20.15 -28.52 45.95
C GLY E 48 20.28 -28.80 47.43
N THR E 49 20.89 -27.84 48.11
CA THR E 49 21.26 -28.03 49.51
C THR E 49 21.12 -26.69 50.23
N ILE E 50 20.98 -26.78 51.55
CA ILE E 50 20.93 -25.61 52.41
C ILE E 50 22.00 -25.73 53.49
N LYS E 51 22.74 -24.65 53.72
CA LYS E 51 23.70 -24.61 54.81
C LYS E 51 23.78 -23.19 55.36
N SER E 52 24.25 -23.10 56.59
CA SER E 52 24.06 -21.92 57.43
C SER E 52 24.91 -20.73 57.02
N SER E 53 25.94 -20.94 56.23
CA SER E 53 26.69 -19.81 55.69
C SER E 53 27.38 -20.23 54.42
N LEU E 54 27.88 -19.23 53.70
CA LEU E 54 28.67 -19.49 52.51
C LEU E 54 29.99 -20.15 52.81
N ASP E 55 30.37 -20.26 54.07
CA ASP E 55 31.72 -20.70 54.37
C ASP E 55 31.92 -22.14 53.94
N GLU E 56 33.16 -22.47 53.60
CA GLU E 56 33.50 -23.77 53.06
C GLU E 56 33.37 -24.86 54.10
N ASN E 57 33.41 -24.51 55.38
CA ASN E 57 33.17 -25.43 56.48
C ASN E 57 31.75 -25.43 57.00
N ALA E 58 30.88 -24.55 56.49
CA ALA E 58 29.56 -24.39 57.07
C ALA E 58 28.75 -25.67 56.92
N GLU E 59 28.09 -26.06 58.00
CA GLU E 59 27.40 -27.34 58.08
C GLU E 59 26.09 -27.33 57.33
N THR E 60 25.78 -28.46 56.70
CA THR E 60 24.53 -28.64 55.99
C THR E 60 23.37 -28.78 56.97
N LEU E 61 22.29 -28.05 56.69
CA LEU E 61 21.05 -28.19 57.44
C LEU E 61 20.05 -29.14 56.79
N ALA E 62 19.96 -29.15 55.47
CA ALA E 62 19.03 -30.03 54.79
C ALA E 62 19.42 -30.20 53.34
N SER E 63 18.83 -31.20 52.69
CA SER E 63 18.83 -31.30 51.25
C SER E 63 17.45 -31.65 50.71
N PHE E 64 17.16 -31.11 49.53
CA PHE E 64 15.85 -31.22 48.92
C PHE E 64 15.56 -32.64 48.46
N THR E 65 14.33 -33.10 48.70
CA THR E 65 13.75 -34.09 47.81
C THR E 65 13.44 -33.41 46.48
N THR E 66 13.72 -34.10 45.38
CA THR E 66 13.52 -33.52 44.06
C THR E 66 12.93 -34.53 43.10
N SER E 67 11.99 -34.09 42.26
CA SER E 67 11.43 -34.99 41.28
C SER E 67 10.88 -34.21 40.09
N ILE E 68 10.92 -34.85 38.94
CA ILE E 68 10.20 -34.38 37.75
C ILE E 68 8.73 -34.73 37.89
N ILE E 69 7.86 -33.88 37.34
CA ILE E 69 6.42 -34.01 37.50
C ILE E 69 5.73 -34.26 36.17
N ASP E 70 6.06 -33.47 35.14
CA ASP E 70 5.37 -33.58 33.86
C ASP E 70 6.34 -33.20 32.74
N ALA E 71 7.12 -34.18 32.29
CA ALA E 71 8.27 -33.91 31.44
C ALA E 71 7.88 -33.19 30.17
N ALA E 72 6.73 -33.55 29.60
CA ALA E 72 6.25 -32.87 28.40
C ALA E 72 5.81 -31.45 28.68
N GLN E 73 5.51 -31.12 29.93
CA GLN E 73 5.02 -29.81 30.28
C GLN E 73 6.07 -28.97 30.99
N GLY E 74 7.26 -29.51 31.22
CA GLY E 74 8.29 -28.74 31.88
C GLY E 74 8.07 -28.55 33.35
N ALA E 75 7.35 -29.46 34.00
CA ALA E 75 7.02 -29.34 35.41
C ALA E 75 7.97 -30.16 36.26
N ALA E 76 8.47 -29.55 37.33
CA ALA E 76 9.24 -30.28 38.32
C ALA E 76 8.90 -29.74 39.70
N ALA E 77 9.28 -30.49 40.73
CA ALA E 77 8.99 -30.06 42.09
C ALA E 77 10.13 -30.46 43.01
N ILE E 78 10.22 -29.71 44.10
CA ILE E 78 11.20 -29.90 45.15
C ILE E 78 10.52 -29.72 46.49
N SER E 79 11.02 -30.38 47.52
CA SER E 79 10.29 -30.36 48.77
C SER E 79 11.22 -30.71 49.93
N LEU E 80 10.73 -30.38 51.13
CA LEU E 80 11.40 -30.67 52.38
C LEU E 80 10.42 -31.28 53.35
N SER E 81 10.84 -32.35 54.02
CA SER E 81 10.01 -32.97 55.03
C SER E 81 9.97 -32.14 56.33
N VAL E 82 8.96 -32.45 57.12
CA VAL E 82 8.72 -31.75 58.38
C VAL E 82 9.92 -31.83 59.31
N ALA E 83 10.60 -32.98 59.35
CA ALA E 83 11.77 -33.11 60.21
C ALA E 83 12.85 -32.12 59.80
N ASP E 84 13.06 -32.00 58.50
CA ASP E 84 14.00 -31.01 57.99
C ASP E 84 13.59 -29.62 58.46
N VAL E 85 12.30 -29.31 58.35
CA VAL E 85 11.81 -28.02 58.83
C VAL E 85 12.09 -27.81 60.31
N THR E 86 11.92 -28.85 61.13
CA THR E 86 12.28 -28.72 62.54
C THR E 86 13.75 -28.41 62.73
N ASN E 87 14.60 -29.04 61.93
CA ASN E 87 16.03 -28.77 62.07
C ASN E 87 16.34 -27.34 61.69
N ILE E 88 15.71 -26.85 60.64
CA ILE E 88 15.85 -25.45 60.25
C ILE E 88 15.44 -24.54 61.41
N GLY E 89 14.27 -24.81 61.97
CA GLY E 89 13.77 -23.94 63.02
C GLY E 89 14.65 -23.93 64.25
N GLU E 90 15.24 -25.08 64.56
CA GLU E 90 16.15 -25.14 65.71
C GLU E 90 17.45 -24.39 65.44
N LYS E 91 18.03 -24.56 64.26
CA LYS E 91 19.31 -23.93 63.96
C LYS E 91 19.19 -22.43 63.71
N ALA E 92 18.06 -21.98 63.18
CA ALA E 92 17.93 -20.60 62.73
C ALA E 92 18.16 -19.58 63.83
N SER E 93 18.37 -18.34 63.38
CA SER E 93 18.58 -17.19 64.24
C SER E 93 17.35 -16.88 65.08
N LYS E 94 17.59 -16.16 66.16
CA LYS E 94 16.56 -15.63 67.04
C LYS E 94 16.13 -14.21 66.67
N GLU E 95 16.77 -13.60 65.69
CA GLU E 95 16.91 -12.14 65.64
C GLU E 95 15.66 -11.40 65.15
N ARG E 96 14.70 -12.09 64.54
CA ARG E 96 13.55 -11.40 63.96
C ARG E 96 13.90 -10.43 62.84
N ASP E 97 12.86 -9.95 62.15
CA ASP E 97 12.97 -8.98 61.06
C ASP E 97 11.95 -7.87 61.28
N LYS E 98 12.42 -6.63 61.21
CA LYS E 98 11.58 -5.48 61.49
C LYS E 98 10.46 -5.30 60.48
N TYR E 99 10.60 -5.83 59.27
CA TYR E 99 9.50 -5.72 58.30
C TYR E 99 8.46 -6.81 58.51
N ASN E 100 8.84 -7.90 59.11
CA ASN E 100 7.92 -8.98 59.41
C ASN E 100 8.51 -9.79 60.54
N PRO E 101 8.07 -9.53 61.78
CA PRO E 101 8.71 -10.15 62.93
C PRO E 101 8.50 -11.65 62.99
N ARG E 102 7.66 -12.20 62.12
CA ARG E 102 7.51 -13.64 62.07
C ARG E 102 8.64 -14.35 61.35
N GLN E 103 9.50 -13.63 60.65
CA GLN E 103 10.54 -14.27 59.85
C GLN E 103 11.88 -14.25 60.57
N ARG E 104 12.60 -15.36 60.48
CA ARG E 104 13.92 -15.49 61.05
C ARG E 104 14.87 -16.06 60.01
N PHE E 105 16.06 -15.48 59.93
CA PHE E 105 17.06 -15.93 58.97
C PHE E 105 17.59 -17.31 59.34
N ALA E 106 17.87 -18.12 58.32
CA ALA E 106 18.27 -19.50 58.56
C ALA E 106 19.42 -20.01 57.71
N GLY E 107 19.58 -19.58 56.46
CA GLY E 107 20.73 -20.01 55.70
C GLY E 107 20.65 -19.60 54.25
N TYR E 108 21.58 -20.18 53.48
CA TYR E 108 21.68 -20.04 52.04
C TYR E 108 21.37 -21.35 51.33
N TYR E 109 20.81 -21.24 50.12
CA TYR E 109 20.44 -22.39 49.33
C TYR E 109 20.80 -22.21 47.86
N ASP E 110 20.76 -23.33 47.14
CA ASP E 110 21.07 -23.36 45.72
C ASP E 110 20.51 -24.65 45.12
N ILE E 111 19.87 -24.55 43.96
CA ILE E 111 19.24 -25.69 43.30
C ILE E 111 19.89 -26.02 41.97
N LEU E 112 21.17 -26.34 42.03
CA LEU E 112 21.97 -26.75 40.89
C LEU E 112 21.34 -27.84 40.03
N MET E 113 21.32 -27.62 38.71
CA MET E 113 20.57 -28.49 37.81
C MET E 113 21.50 -29.04 36.74
N THR E 114 21.23 -30.25 36.27
CA THR E 114 22.08 -30.91 35.29
C THR E 114 21.26 -31.45 34.13
N ARG E 115 21.94 -31.61 32.99
CA ARG E 115 21.44 -32.29 31.83
C ARG E 115 22.43 -33.34 31.38
N ASP E 116 21.92 -34.52 31.01
CA ASP E 116 22.72 -35.69 30.66
C ASP E 116 22.19 -36.31 29.37
N VAL E 117 21.65 -35.48 28.49
CA VAL E 117 20.77 -35.95 27.42
C VAL E 117 21.57 -36.47 26.23
N ILE E 118 22.62 -35.77 25.85
CA ILE E 118 23.31 -36.01 24.59
C ILE E 118 24.58 -36.79 24.85
N GLY E 119 24.82 -37.80 24.03
CA GLY E 119 26.09 -38.49 23.97
C GLY E 119 26.53 -39.12 25.27
N SER E 120 25.60 -39.34 26.19
CA SER E 120 25.92 -39.84 27.52
C SER E 120 26.89 -38.94 28.28
N GLU E 121 26.92 -37.64 27.98
CA GLU E 121 27.80 -36.73 28.71
C GLU E 121 27.02 -35.55 29.27
N VAL E 122 27.46 -35.11 30.45
CA VAL E 122 26.65 -34.35 31.37
C VAL E 122 27.19 -32.93 31.51
N SER E 123 26.29 -32.00 31.84
CA SER E 123 26.70 -30.63 32.19
C SER E 123 25.72 -30.07 33.20
N SER E 124 26.17 -29.04 33.92
CA SER E 124 25.47 -28.58 35.13
C SER E 124 25.56 -27.07 35.24
N PHE E 125 24.47 -26.44 35.71
CA PHE E 125 24.49 -25.01 35.94
C PHE E 125 23.52 -24.55 37.03
N ARG E 126 23.88 -23.42 37.63
CA ARG E 126 23.33 -22.91 38.88
C ARG E 126 22.09 -22.07 38.64
N ILE E 127 20.98 -22.75 38.35
CA ILE E 127 19.83 -22.04 37.81
C ILE E 127 19.18 -21.08 38.82
N MET E 128 19.21 -21.40 40.11
CA MET E 128 18.53 -20.53 41.07
C MET E 128 19.14 -20.59 42.46
N GLU E 129 19.15 -19.43 43.11
CA GLU E 129 19.98 -19.14 44.25
C GLU E 129 19.28 -18.14 45.17
N GLY E 130 19.55 -18.23 46.47
CA GLY E 130 19.08 -17.20 47.37
C GLY E 130 19.25 -17.59 48.82
N LYS E 131 18.63 -16.77 49.67
CA LYS E 131 18.48 -17.01 51.10
C LYS E 131 17.18 -17.74 51.41
N VAL E 132 17.16 -18.39 52.56
CA VAL E 132 15.96 -19.06 53.04
C VAL E 132 15.67 -18.66 54.49
N TYR E 133 14.41 -18.35 54.77
CA TYR E 133 13.91 -17.92 56.08
C TYR E 133 12.88 -18.92 56.57
N ILE E 134 12.78 -19.03 57.89
CA ILE E 134 11.65 -19.67 58.56
C ILE E 134 10.70 -18.63 59.12
N SER E 135 9.42 -18.82 58.87
CA SER E 135 8.36 -18.06 59.51
C SER E 135 7.87 -18.83 60.73
N ASP E 136 7.73 -18.15 61.86
CA ASP E 136 7.21 -18.81 63.04
C ASP E 136 5.69 -18.97 62.97
N GLY E 137 5.21 -20.00 63.67
CA GLY E 137 3.80 -20.32 63.74
C GLY E 137 3.36 -20.66 65.16
N VAL E 138 2.29 -20.03 65.65
CA VAL E 138 1.82 -20.34 66.99
C VAL E 138 0.97 -21.60 67.03
N THR E 139 0.27 -21.93 65.97
CA THR E 139 -0.41 -23.23 65.93
C THR E 139 0.61 -24.35 65.88
N GLN E 140 0.46 -25.30 66.78
CA GLN E 140 1.27 -26.52 66.77
C GLN E 140 0.45 -27.72 66.33
N SER F 2 37.23 4.83 18.15
CA SER F 2 36.93 3.61 18.95
C SER F 2 38.20 2.95 19.44
N THR F 3 38.05 1.95 20.29
CA THR F 3 39.16 1.11 20.71
C THR F 3 38.68 -0.33 20.79
N GLU F 4 39.65 -1.23 20.91
CA GLU F 4 39.39 -2.63 20.65
C GLU F 4 38.43 -3.27 21.65
N ASN F 5 38.20 -2.63 22.80
CA ASN F 5 37.44 -3.25 23.88
C ASN F 5 38.08 -4.56 24.35
N ARG F 6 39.39 -4.58 24.40
CA ARG F 6 40.12 -5.76 24.88
C ARG F 6 39.77 -6.11 26.32
N VAL F 7 39.32 -5.14 27.10
CA VAL F 7 39.11 -5.33 28.55
C VAL F 7 37.77 -5.98 28.82
N ILE F 8 37.81 -7.23 29.29
CA ILE F 8 36.63 -7.96 29.72
C ILE F 8 36.92 -8.70 31.01
N ASP F 9 35.96 -8.67 31.93
CA ASP F 9 36.05 -9.35 33.21
C ASP F 9 35.06 -10.49 33.28
N ILE F 10 35.44 -11.56 34.00
CA ILE F 10 34.66 -12.79 34.04
C ILE F 10 34.32 -13.18 35.47
N VAL F 11 33.20 -13.87 35.62
CA VAL F 11 32.77 -14.45 36.89
C VAL F 11 32.66 -15.97 36.73
N VAL F 12 33.28 -16.70 37.65
CA VAL F 12 33.22 -18.16 37.69
C VAL F 12 32.36 -18.64 38.86
N ASP F 13 31.37 -19.46 38.55
CA ASP F 13 30.52 -20.09 39.56
C ASP F 13 31.26 -21.28 40.17
N GLU F 14 31.51 -21.23 41.48
CA GLU F 14 32.36 -22.24 42.10
C GLU F 14 31.70 -23.62 42.11
N LYS F 15 32.55 -24.64 42.27
CA LYS F 15 32.16 -26.04 42.35
C LYS F 15 31.46 -26.55 41.09
N VAL F 16 31.60 -25.83 39.98
CA VAL F 16 30.97 -26.22 38.72
C VAL F 16 31.92 -25.95 37.57
N PRO F 17 31.98 -26.80 36.55
CA PRO F 17 32.90 -26.57 35.44
C PRO F 17 32.55 -25.29 34.69
N TYR F 18 33.56 -24.76 34.00
CA TYR F 18 33.41 -23.49 33.30
C TYR F 18 33.99 -23.56 31.90
N GLY F 19 33.34 -22.90 30.95
CA GLY F 19 33.82 -22.90 29.58
C GLY F 19 33.36 -21.68 28.83
N LEU F 20 34.22 -21.22 27.93
CA LEU F 20 34.03 -20.05 27.10
C LEU F 20 34.42 -20.36 25.66
N ILE F 21 33.62 -19.88 24.71
CA ILE F 21 33.85 -20.11 23.29
C ILE F 21 33.99 -18.77 22.57
N MET F 22 34.92 -18.74 21.62
CA MET F 22 35.23 -17.52 20.88
C MET F 22 35.40 -17.85 19.40
N GLN F 23 34.82 -16.99 18.55
CA GLN F 23 34.83 -17.20 17.11
C GLN F 23 35.44 -16.00 16.42
N PHE F 24 36.37 -16.26 15.50
CA PHE F 24 37.08 -15.22 14.76
C PHE F 24 36.48 -15.07 13.38
N MET F 25 36.07 -13.86 13.03
CA MET F 25 35.44 -13.63 11.75
C MET F 25 36.02 -12.40 11.06
N ASP F 26 36.26 -12.53 9.76
CA ASP F 26 36.28 -11.36 8.90
C ASP F 26 34.85 -10.86 8.76
N VAL F 27 34.71 -9.57 8.50
CA VAL F 27 33.41 -9.00 8.17
C VAL F 27 33.56 -7.98 7.07
N ASP F 28 32.71 -8.10 6.05
CA ASP F 28 32.56 -7.10 5.01
C ASP F 28 31.17 -6.48 5.14
N ASP F 29 31.12 -5.16 5.25
CA ASP F 29 29.87 -4.43 5.44
C ASP F 29 29.18 -4.11 4.12
N SER F 30 29.29 -5.01 3.14
CA SER F 30 28.89 -4.70 1.77
C SER F 30 27.38 -4.54 1.65
N VAL F 31 26.62 -5.26 2.46
CA VAL F 31 25.17 -5.24 2.38
C VAL F 31 24.59 -5.39 3.78
N TYR F 32 23.31 -5.03 3.92
CA TYR F 32 22.70 -4.90 5.23
C TYR F 32 22.86 -6.16 6.09
N PRO F 33 22.51 -7.35 5.62
CA PRO F 33 22.99 -8.56 6.29
C PRO F 33 24.48 -8.74 6.07
N PRO F 34 25.30 -8.52 7.10
CA PRO F 34 26.73 -8.35 6.88
C PRO F 34 27.39 -9.62 6.35
N SER F 35 28.37 -9.42 5.47
CA SER F 35 29.17 -10.52 4.91
C SER F 35 30.27 -10.89 5.90
N GLU F 36 29.87 -11.60 6.95
CA GLU F 36 30.82 -12.18 7.90
C GLU F 36 31.33 -13.54 7.41
N ILE F 37 32.61 -13.80 7.66
CA ILE F 37 33.26 -15.03 7.22
C ILE F 37 34.12 -15.61 8.34
N PRO F 38 34.01 -16.91 8.63
CA PRO F 38 34.92 -17.53 9.60
C PRO F 38 36.37 -17.52 9.12
N VAL F 39 37.26 -17.17 10.03
CA VAL F 39 38.69 -17.26 9.83
C VAL F 39 39.19 -18.68 10.06
N ASN F 40 40.09 -19.13 9.20
CA ASN F 40 40.74 -20.43 9.37
C ASN F 40 41.67 -20.37 10.58
N LEU F 41 41.43 -21.26 11.55
CA LEU F 41 42.23 -21.34 12.76
C LEU F 41 43.24 -22.48 12.73
N THR F 42 43.43 -23.12 11.58
CA THR F 42 44.36 -24.23 11.48
C THR F 42 45.78 -23.82 11.84
N GLY F 43 46.39 -24.53 12.78
CA GLY F 43 47.74 -24.22 13.18
C GLY F 43 47.88 -23.01 14.07
N TYR F 44 46.88 -22.73 14.88
CA TYR F 44 46.94 -21.70 15.89
C TYR F 44 46.75 -22.31 17.27
N SER F 45 47.23 -21.61 18.29
CA SER F 45 47.08 -22.08 19.66
C SER F 45 46.89 -20.92 20.62
N LEU F 46 46.18 -21.21 21.72
CA LEU F 46 45.83 -20.25 22.75
C LEU F 46 46.46 -20.61 24.07
N ARG F 47 46.98 -19.61 24.77
CA ARG F 47 47.49 -19.76 26.12
C ARG F 47 46.86 -18.71 27.03
N GLY F 48 46.79 -19.04 28.32
CA GLY F 48 46.29 -18.08 29.28
C GLY F 48 46.45 -18.53 30.72
N THR F 49 46.64 -17.57 31.62
CA THR F 49 46.86 -17.89 33.02
C THR F 49 46.25 -16.82 33.91
N ILE F 50 46.05 -17.20 35.16
CA ILE F 50 45.54 -16.32 36.20
C ILE F 50 46.58 -16.21 37.30
N LYS F 51 46.91 -14.98 37.68
CA LYS F 51 47.79 -14.75 38.82
C LYS F 51 47.17 -13.77 39.79
N SER F 52 47.59 -13.89 41.04
CA SER F 52 46.94 -13.16 42.14
C SER F 52 47.21 -11.67 42.06
N SER F 53 48.31 -11.27 41.45
CA SER F 53 48.60 -9.85 41.32
C SER F 53 49.59 -9.64 40.19
N LEU F 54 49.60 -8.41 39.70
CA LEU F 54 50.47 -7.99 38.60
C LEU F 54 51.86 -7.74 39.14
N ASP F 55 52.68 -8.79 39.13
CA ASP F 55 53.99 -8.72 39.76
C ASP F 55 54.90 -9.77 39.16
N GLU F 56 56.19 -9.61 39.42
CA GLU F 56 57.20 -10.49 38.85
C GLU F 56 57.14 -11.90 39.42
N ASN F 57 56.60 -12.06 40.62
CA ASN F 57 56.60 -13.34 41.31
C ASN F 57 55.28 -13.60 42.01
N ALA F 58 54.19 -13.08 41.46
CA ALA F 58 52.87 -13.32 42.02
C ALA F 58 52.54 -14.82 41.97
N GLU F 59 51.60 -15.21 42.81
CA GLU F 59 51.11 -16.58 42.79
C GLU F 59 50.31 -16.86 41.52
N THR F 60 50.44 -18.07 41.02
CA THR F 60 49.71 -18.55 39.87
C THR F 60 48.61 -19.52 40.31
N LEU F 61 47.38 -19.23 39.91
CA LEU F 61 46.23 -19.98 40.38
C LEU F 61 45.86 -21.12 39.44
N ALA F 62 45.81 -20.87 38.14
CA ALA F 62 45.45 -21.92 37.19
C ALA F 62 45.92 -21.57 35.79
N SER F 63 46.05 -22.61 34.99
CA SER F 63 46.19 -22.49 33.54
C SER F 63 44.94 -23.01 32.85
N PHE F 64 44.48 -22.28 31.86
CA PHE F 64 43.31 -22.66 31.10
C PHE F 64 43.52 -23.95 30.32
N THR F 65 42.51 -24.81 30.29
CA THR F 65 42.41 -25.83 29.27
C THR F 65 41.88 -25.21 28.00
N THR F 66 42.45 -25.59 26.85
CA THR F 66 42.10 -24.94 25.60
C THR F 66 42.07 -25.93 24.45
N SER F 67 41.29 -25.59 23.43
CA SER F 67 41.23 -26.40 22.22
C SER F 67 40.60 -25.58 21.10
N ILE F 68 40.72 -26.09 19.88
CA ILE F 68 39.95 -25.62 18.74
C ILE F 68 38.83 -26.62 18.47
N ILE F 69 37.59 -26.12 18.45
CA ILE F 69 36.48 -27.01 18.10
C ILE F 69 36.29 -27.15 16.60
N ASP F 70 36.59 -26.10 15.83
CA ASP F 70 36.32 -26.13 14.39
C ASP F 70 37.22 -25.13 13.69
N ALA F 71 38.13 -25.64 12.87
CA ALA F 71 39.08 -24.80 12.17
C ALA F 71 38.42 -23.97 11.09
N ALA F 72 37.23 -24.35 10.64
CA ALA F 72 36.56 -23.70 9.52
C ALA F 72 35.37 -22.86 9.93
N GLN F 73 34.67 -23.23 11.00
CA GLN F 73 33.79 -22.30 11.69
C GLN F 73 34.57 -21.31 12.55
N GLY F 74 35.89 -21.44 12.62
CA GLY F 74 36.69 -20.41 13.23
C GLY F 74 36.46 -20.30 14.73
N ALA F 75 36.34 -21.42 15.42
CA ALA F 75 35.95 -21.42 16.82
C ALA F 75 36.99 -22.12 17.69
N ALA F 76 37.45 -21.40 18.70
CA ALA F 76 38.28 -21.96 19.76
C ALA F 76 37.53 -21.88 21.08
N ALA F 77 37.90 -22.74 22.01
CA ALA F 77 37.29 -22.75 23.32
C ALA F 77 38.34 -22.90 24.40
N ILE F 78 38.02 -22.34 25.56
CA ILE F 78 38.83 -22.41 26.77
C ILE F 78 37.93 -22.78 27.93
N SER F 79 38.51 -23.42 28.94
CA SER F 79 37.69 -23.98 29.99
C SER F 79 38.53 -24.16 31.25
N LEU F 80 37.81 -24.33 32.35
CA LEU F 80 38.37 -24.61 33.66
C LEU F 80 37.60 -25.73 34.32
N SER F 81 38.33 -26.66 34.94
CA SER F 81 37.68 -27.72 35.68
C SER F 81 37.24 -27.24 37.06
N VAL F 82 36.39 -28.06 37.66
CA VAL F 82 35.99 -27.88 39.06
C VAL F 82 37.16 -27.92 40.01
N ALA F 83 38.19 -28.72 39.72
CA ALA F 83 39.38 -28.73 40.56
C ALA F 83 40.13 -27.41 40.52
N ASP F 84 40.24 -26.82 39.34
CA ASP F 84 40.88 -25.52 39.23
C ASP F 84 40.09 -24.47 39.96
N VAL F 85 38.81 -24.37 39.66
CA VAL F 85 38.03 -23.30 40.27
C VAL F 85 37.88 -23.51 41.77
N THR F 86 37.93 -24.76 42.24
CA THR F 86 37.98 -24.99 43.67
C THR F 86 39.30 -24.53 44.27
N ASN F 87 40.39 -24.65 43.52
CA ASN F 87 41.65 -24.11 44.02
C ASN F 87 41.61 -22.60 44.07
N ILE F 88 40.84 -21.99 43.18
CA ILE F 88 40.62 -20.55 43.23
C ILE F 88 39.89 -20.17 44.52
N GLY F 89 38.80 -20.87 44.80
CA GLY F 89 37.87 -20.43 45.82
C GLY F 89 38.42 -20.36 47.23
N GLU F 90 39.50 -21.07 47.51
CA GLU F 90 40.16 -20.95 48.79
C GLU F 90 41.19 -19.83 48.88
N LYS F 91 41.69 -19.34 47.74
CA LYS F 91 42.74 -18.32 47.74
C LYS F 91 42.28 -16.95 47.33
N ALA F 92 41.13 -16.84 46.69
CA ALA F 92 40.50 -15.53 46.52
C ALA F 92 40.20 -14.89 47.87
N SER F 93 40.08 -13.57 47.84
CA SER F 93 40.00 -12.77 49.06
C SER F 93 38.68 -13.01 49.80
N LYS F 94 38.64 -12.49 51.02
CA LYS F 94 37.58 -12.75 51.99
C LYS F 94 36.56 -11.64 52.11
N GLU F 95 36.67 -10.56 51.37
CA GLU F 95 35.68 -9.51 51.46
C GLU F 95 34.40 -9.88 50.73
N ARG F 96 33.28 -9.37 51.25
CA ARG F 96 31.98 -9.58 50.67
C ARG F 96 31.21 -8.27 50.70
N ASP F 97 30.50 -7.98 49.60
CA ASP F 97 29.66 -6.80 49.54
C ASP F 97 28.34 -7.02 50.28
N LYS F 98 27.84 -5.95 50.88
CA LYS F 98 26.61 -6.03 51.65
C LYS F 98 25.44 -6.48 50.78
N TYR F 99 25.30 -5.90 49.60
CA TYR F 99 24.23 -6.24 48.68
C TYR F 99 24.55 -7.42 47.78
N ASN F 100 25.75 -7.97 47.85
CA ASN F 100 26.17 -8.96 46.88
C ASN F 100 27.19 -9.89 47.51
N PRO F 101 26.78 -10.64 48.53
CA PRO F 101 27.74 -11.25 49.46
C PRO F 101 28.57 -12.34 48.82
N ARG F 102 28.09 -12.91 47.73
CA ARG F 102 28.70 -14.10 47.15
C ARG F 102 29.91 -13.77 46.30
N GLN F 103 30.07 -12.53 45.87
CA GLN F 103 31.02 -12.19 44.83
C GLN F 103 32.34 -11.79 45.45
N ARG F 104 33.41 -12.43 45.01
CA ARG F 104 34.74 -12.24 45.57
C ARG F 104 35.73 -12.04 44.45
N PHE F 105 36.67 -11.12 44.67
CA PHE F 105 37.76 -10.91 43.73
C PHE F 105 38.72 -12.09 43.74
N ALA F 106 39.14 -12.52 42.56
CA ALA F 106 40.10 -13.61 42.47
C ALA F 106 41.44 -13.23 41.86
N GLY F 107 41.46 -12.55 40.72
CA GLY F 107 42.75 -12.29 40.10
C GLY F 107 42.63 -11.68 38.72
N TYR F 108 43.79 -11.61 38.08
CA TYR F 108 44.02 -11.02 36.77
C TYR F 108 44.30 -12.09 35.74
N TYR F 109 43.78 -11.90 34.52
CA TYR F 109 43.85 -12.91 33.48
C TYR F 109 44.12 -12.25 32.13
N ASP F 110 44.50 -13.10 31.18
CA ASP F 110 45.32 -12.68 30.06
C ASP F 110 45.42 -13.78 29.02
N ILE F 111 44.87 -13.53 27.83
CA ILE F 111 44.74 -14.55 26.78
C ILE F 111 45.62 -14.18 25.60
N LEU F 112 46.44 -15.13 25.17
CA LEU F 112 47.51 -14.87 24.23
C LEU F 112 47.43 -15.90 23.11
N MET F 113 47.49 -15.46 21.85
CA MET F 113 47.33 -16.36 20.73
C MET F 113 48.56 -16.35 19.84
N THR F 114 48.83 -17.50 19.21
CA THR F 114 50.01 -17.65 18.37
C THR F 114 49.72 -18.57 17.20
N ARG F 115 50.50 -18.38 16.12
CA ARG F 115 50.64 -19.39 15.09
C ARG F 115 51.57 -20.51 15.54
N ASP F 116 51.20 -21.74 15.18
CA ASP F 116 52.02 -22.89 15.54
C ASP F 116 53.27 -22.97 14.67
N VAL F 117 53.21 -22.47 13.44
CA VAL F 117 54.37 -22.29 12.59
C VAL F 117 54.57 -20.81 12.32
N ILE F 118 55.80 -20.34 12.53
CA ILE F 118 56.04 -18.92 12.74
C ILE F 118 55.86 -18.14 11.45
N GLY F 119 55.27 -16.95 11.56
CA GLY F 119 55.47 -15.91 10.56
C GLY F 119 56.74 -15.12 10.77
N SER F 120 57.39 -15.33 11.91
CA SER F 120 58.67 -14.73 12.27
C SER F 120 58.63 -13.22 12.45
N GLU F 121 58.05 -12.48 11.50
CA GLU F 121 58.05 -11.02 11.67
C GLU F 121 57.27 -10.65 12.92
N VAL F 122 56.19 -11.37 13.18
CA VAL F 122 55.50 -11.37 14.47
C VAL F 122 54.99 -12.79 14.66
N SER F 123 54.77 -13.17 15.90
CA SER F 123 54.41 -14.54 16.21
C SER F 123 53.20 -14.69 17.12
N SER F 124 52.78 -13.64 17.82
CA SER F 124 51.69 -13.79 18.76
C SER F 124 51.12 -12.43 19.10
N PHE F 125 49.90 -12.44 19.64
CA PHE F 125 49.30 -11.21 20.12
C PHE F 125 48.32 -11.45 21.25
N ARG F 126 48.15 -10.40 22.05
CA ARG F 126 47.31 -10.42 23.25
C ARG F 126 45.86 -10.16 22.86
N ILE F 127 45.04 -11.21 22.93
CA ILE F 127 43.68 -11.11 22.47
C ILE F 127 42.85 -10.24 23.40
N MET F 128 42.96 -10.48 24.70
CA MET F 128 41.99 -10.02 25.67
C MET F 128 42.57 -10.10 27.07
N GLU F 129 42.05 -9.27 27.97
CA GLU F 129 42.52 -9.28 29.34
C GLU F 129 41.49 -8.65 30.26
N GLY F 130 41.64 -8.92 31.56
CA GLY F 130 40.83 -8.31 32.60
C GLY F 130 41.01 -8.94 33.97
N LYS F 131 39.94 -9.05 34.76
CA LYS F 131 40.01 -9.74 36.04
C LYS F 131 38.83 -10.69 36.28
N VAL F 132 39.09 -11.58 37.23
CA VAL F 132 38.26 -12.74 37.51
C VAL F 132 37.65 -12.62 38.90
N TYR F 133 36.35 -12.82 39.00
CA TYR F 133 35.62 -12.89 40.25
C TYR F 133 35.05 -14.29 40.41
N ILE F 134 34.99 -14.75 41.65
CA ILE F 134 34.38 -16.02 42.01
C ILE F 134 33.07 -15.81 42.75
N SER F 135 32.07 -16.62 42.41
CA SER F 135 30.76 -16.58 43.06
C SER F 135 30.58 -17.83 43.92
N ASP F 136 30.48 -17.63 45.24
CA ASP F 136 30.42 -18.73 46.18
C ASP F 136 29.12 -19.51 46.07
N GLY F 137 29.20 -20.81 46.32
CA GLY F 137 28.09 -21.71 46.08
C GLY F 137 28.15 -22.88 47.03
N VAL F 138 26.98 -23.48 47.30
CA VAL F 138 26.80 -24.31 48.47
C VAL F 138 26.28 -25.70 48.13
N THR F 139 26.58 -26.18 46.94
CA THR F 139 26.18 -27.52 46.54
C THR F 139 27.36 -28.24 45.90
N GLN F 140 27.25 -29.57 45.87
CA GLN F 140 28.18 -30.39 45.12
C GLN F 140 27.43 -31.43 44.30
N SER G 2 53.29 22.16 12.91
CA SER G 2 52.78 22.07 14.30
C SER G 2 52.91 20.66 14.83
N THR G 3 53.31 20.57 16.10
CA THR G 3 53.46 19.29 16.77
C THR G 3 52.13 18.64 17.06
N GLU G 4 51.03 19.34 16.83
CA GLU G 4 49.71 18.87 17.20
C GLU G 4 49.30 17.58 16.49
N ASN G 5 49.92 17.26 15.36
CA ASN G 5 49.40 16.15 14.55
C ASN G 5 50.46 15.22 13.99
N ARG G 6 51.70 15.29 14.45
CA ARG G 6 52.69 14.26 14.23
C ARG G 6 52.72 13.18 15.31
N VAL G 7 51.88 13.27 16.33
CA VAL G 7 52.17 12.70 17.64
C VAL G 7 51.16 11.63 18.02
N ILE G 8 51.68 10.47 18.44
CA ILE G 8 50.90 9.25 18.67
C ILE G 8 51.52 8.44 19.82
N ASP G 9 50.79 8.32 20.93
CA ASP G 9 51.29 7.66 22.14
C ASP G 9 51.06 6.15 22.10
N ILE G 10 52.03 5.41 21.58
CA ILE G 10 51.93 3.95 21.48
C ILE G 10 51.93 3.29 22.85
N VAL G 11 51.36 2.09 22.89
CA VAL G 11 51.33 1.25 24.08
C VAL G 11 51.77 -0.16 23.73
N VAL G 12 52.99 -0.52 24.11
CA VAL G 12 53.50 -1.89 23.98
C VAL G 12 53.01 -2.74 25.13
N ASP G 13 53.22 -4.06 25.04
CA ASP G 13 52.71 -4.97 26.05
C ASP G 13 53.65 -6.14 26.22
N GLU G 14 53.87 -6.51 27.49
CA GLU G 14 54.99 -7.34 27.89
C GLU G 14 54.95 -8.74 27.28
N LYS G 15 56.13 -9.31 27.11
CA LYS G 15 56.34 -10.69 26.71
C LYS G 15 55.87 -11.01 25.30
N VAL G 16 55.47 -9.99 24.54
CA VAL G 16 54.98 -10.22 23.18
C VAL G 16 55.59 -9.20 22.22
N PRO G 17 56.01 -9.61 21.03
CA PRO G 17 56.63 -8.65 20.11
C PRO G 17 55.59 -7.64 19.63
N TYR G 18 56.08 -6.56 19.05
CA TYR G 18 55.21 -5.48 18.61
C TYR G 18 55.49 -5.07 17.18
N GLY G 19 54.44 -4.66 16.46
CA GLY G 19 54.61 -4.34 15.06
C GLY G 19 53.51 -3.48 14.48
N LEU G 20 53.91 -2.58 13.60
CA LEU G 20 53.04 -1.61 12.94
C LEU G 20 53.22 -1.65 11.44
N ILE G 21 52.15 -1.29 10.72
CA ILE G 21 52.21 -1.07 9.29
C ILE G 21 51.57 0.25 8.91
N MET G 22 52.23 0.98 8.01
CA MET G 22 51.96 2.37 7.71
C MET G 22 51.79 2.53 6.21
N GLN G 23 50.83 3.35 5.83
CA GLN G 23 50.50 3.67 4.45
C GLN G 23 50.70 5.16 4.24
N PHE G 24 51.47 5.52 3.21
CA PHE G 24 51.74 6.92 2.90
C PHE G 24 50.86 7.39 1.76
N MET G 25 49.96 8.32 2.04
CA MET G 25 49.06 8.90 1.05
C MET G 25 49.42 10.35 0.78
N ASP G 26 49.60 10.69 -0.49
CA ASP G 26 49.47 12.07 -0.89
C ASP G 26 48.00 12.43 -1.08
N VAL G 27 47.69 13.70 -0.85
CA VAL G 27 46.30 14.16 -0.88
C VAL G 27 46.28 15.61 -1.33
N ASP G 28 45.21 15.98 -2.02
CA ASP G 28 44.81 17.37 -2.14
C ASP G 28 43.28 17.44 -2.12
N ASP G 29 42.75 18.26 -1.21
CA ASP G 29 41.31 18.46 -1.05
C ASP G 29 40.78 19.57 -1.94
N SER G 30 41.52 19.97 -2.96
CA SER G 30 41.00 20.95 -3.92
C SER G 30 39.78 20.43 -4.64
N VAL G 31 39.50 19.14 -4.56
CA VAL G 31 38.24 18.55 -4.97
C VAL G 31 37.65 17.85 -3.76
N TYR G 32 36.32 17.82 -3.71
CA TYR G 32 35.61 17.14 -2.65
C TYR G 32 34.92 15.90 -3.20
N PRO G 33 35.15 14.72 -2.60
CA PRO G 33 36.19 14.45 -1.62
C PRO G 33 37.61 14.61 -2.17
N PRO G 34 38.60 14.65 -1.28
CA PRO G 34 39.97 14.92 -1.71
C PRO G 34 40.48 13.94 -2.74
N SER G 35 41.37 14.43 -3.60
CA SER G 35 42.20 13.56 -4.43
C SER G 35 43.27 12.92 -3.57
N GLU G 36 43.50 11.62 -3.78
CA GLU G 36 44.41 10.86 -2.93
C GLU G 36 45.13 9.82 -3.75
N ILE G 37 46.41 9.61 -3.43
CA ILE G 37 47.20 8.54 -4.04
C ILE G 37 48.19 7.99 -3.02
N PRO G 38 48.58 6.72 -3.11
CA PRO G 38 49.77 6.26 -2.40
C PRO G 38 51.04 6.91 -2.92
N VAL G 39 51.87 7.39 -2.00
CA VAL G 39 53.19 7.88 -2.35
C VAL G 39 54.10 6.72 -2.71
N ASN G 40 54.78 6.83 -3.85
CA ASN G 40 55.82 5.88 -4.18
C ASN G 40 57.01 6.10 -3.25
N LEU G 41 57.32 5.09 -2.44
CA LEU G 41 58.27 5.23 -1.35
C LEU G 41 59.69 4.82 -1.73
N THR G 42 59.92 4.47 -2.97
CA THR G 42 61.24 4.01 -3.38
C THR G 42 62.32 5.04 -3.10
N GLY G 43 63.48 4.55 -2.66
CA GLY G 43 64.60 5.40 -2.34
C GLY G 43 64.50 6.15 -1.03
N TYR G 44 63.41 5.99 -0.29
CA TYR G 44 63.38 6.44 1.09
C TYR G 44 63.89 5.34 2.02
N SER G 45 64.24 5.74 3.23
CA SER G 45 64.44 4.79 4.32
C SER G 45 64.09 5.44 5.66
N LEU G 46 63.84 4.59 6.65
CA LEU G 46 63.24 5.01 7.92
C LEU G 46 64.13 4.64 9.10
N ARG G 47 64.10 5.50 10.12
CA ARG G 47 64.84 5.28 11.35
C ARG G 47 64.01 5.70 12.55
N GLY G 48 64.43 5.20 13.71
CA GLY G 48 63.92 5.69 14.98
C GLY G 48 64.38 4.89 16.17
N THR G 49 64.38 5.51 17.35
CA THR G 49 64.72 4.84 18.59
C THR G 49 63.87 5.37 19.73
N ILE G 50 63.83 4.59 20.80
CA ILE G 50 63.14 4.97 22.02
C ILE G 50 64.17 5.17 23.11
N LYS G 51 64.10 6.31 23.79
CA LYS G 51 64.99 6.58 24.91
C LYS G 51 64.19 7.03 26.13
N SER G 52 64.75 6.72 27.29
CA SER G 52 64.08 6.94 28.56
C SER G 52 63.91 8.41 28.92
N SER G 53 64.57 9.32 28.22
CA SER G 53 64.35 10.74 28.47
C SER G 53 64.78 11.53 27.25
N LEU G 54 64.28 12.77 27.20
CA LEU G 54 64.74 13.73 26.20
C LEU G 54 66.17 14.16 26.39
N ASP G 55 66.72 14.00 27.59
CA ASP G 55 68.07 14.48 27.84
C ASP G 55 69.08 13.72 26.99
N GLU G 56 70.18 14.42 26.68
CA GLU G 56 71.15 13.91 25.72
C GLU G 56 71.88 12.69 26.24
N ASN G 57 71.86 12.46 27.54
CA ASN G 57 72.53 11.33 28.17
C ASN G 57 71.62 10.13 28.34
N ALA G 58 70.35 10.23 27.98
CA ALA G 58 69.37 9.20 28.30
C ALA G 58 69.71 7.90 27.58
N GLU G 59 69.18 6.81 28.11
CA GLU G 59 69.48 5.47 27.61
C GLU G 59 68.70 5.17 26.35
N THR G 60 69.40 4.57 25.38
CA THR G 60 68.74 3.94 24.24
C THR G 60 68.12 2.64 24.71
N LEU G 61 66.80 2.61 24.77
CA LEU G 61 66.09 1.45 25.27
C LEU G 61 65.93 0.38 24.20
N ALA G 62 65.59 0.78 22.98
CA ALA G 62 65.57 -0.16 21.86
C ALA G 62 65.62 0.61 20.56
N SER G 63 66.14 -0.05 19.53
CA SER G 63 66.01 0.39 18.15
C SER G 63 64.93 -0.42 17.43
N PHE G 64 64.12 0.28 16.65
CA PHE G 64 63.14 -0.39 15.80
C PHE G 64 63.81 -1.22 14.73
N THR G 65 63.22 -2.39 14.45
CA THR G 65 63.36 -3.01 13.13
C THR G 65 62.47 -2.26 12.15
N THR G 66 63.02 -1.94 10.98
CA THR G 66 62.31 -1.12 10.01
C THR G 66 62.50 -1.62 8.59
N SER G 67 61.46 -1.49 7.78
CA SER G 67 61.48 -2.07 6.45
C SER G 67 60.36 -1.50 5.58
N ILE G 68 60.70 -0.95 4.42
CA ILE G 68 59.72 -0.76 3.37
C ILE G 68 59.27 -2.09 2.80
N ILE G 69 58.00 -2.14 2.40
CA ILE G 69 57.46 -3.25 1.63
C ILE G 69 56.45 -2.71 0.63
N ASP G 70 56.41 -3.31 -0.55
CA ASP G 70 55.52 -2.89 -1.62
C ASP G 70 55.62 -1.38 -1.88
N ALA G 71 56.85 -0.91 -2.04
CA ALA G 71 57.13 0.53 -2.03
C ALA G 71 56.28 1.28 -3.05
N ALA G 72 55.83 0.61 -4.11
CA ALA G 72 54.94 1.25 -5.06
C ALA G 72 53.61 1.63 -4.43
N GLN G 73 53.16 0.87 -3.43
CA GLN G 73 51.93 1.18 -2.73
C GLN G 73 52.16 1.99 -1.46
N GLY G 74 53.39 2.42 -1.21
CA GLY G 74 53.64 3.30 -0.09
C GLY G 74 53.47 2.65 1.26
N ALA G 75 53.62 1.34 1.35
CA ALA G 75 53.57 0.64 2.61
C ALA G 75 54.96 0.59 3.25
N ALA G 76 54.97 0.55 4.58
CA ALA G 76 56.17 0.24 5.32
C ALA G 76 55.80 -0.36 6.67
N ALA G 77 56.73 -1.12 7.25
CA ALA G 77 56.48 -1.81 8.50
C ALA G 77 57.63 -1.62 9.47
N ILE G 78 57.29 -1.61 10.75
CA ILE G 78 58.25 -1.42 11.83
C ILE G 78 57.87 -2.31 13.01
N SER G 79 58.86 -2.71 13.79
CA SER G 79 58.57 -3.71 14.79
C SER G 79 59.65 -3.74 15.86
N LEU G 80 59.31 -4.40 16.96
CA LEU G 80 60.20 -4.68 18.09
C LEU G 80 60.15 -6.15 18.42
N SER G 81 61.32 -6.72 18.71
CA SER G 81 61.38 -8.09 19.18
C SER G 81 60.94 -8.19 20.63
N VAL G 82 60.65 -9.43 21.03
CA VAL G 82 60.34 -9.75 22.42
C VAL G 82 61.46 -9.34 23.36
N ALA G 83 62.71 -9.53 22.94
CA ALA G 83 63.83 -9.12 23.79
C ALA G 83 63.80 -7.62 24.07
N ASP G 84 63.43 -6.84 23.07
CA ASP G 84 63.25 -5.41 23.29
C ASP G 84 62.09 -5.14 24.23
N VAL G 85 60.94 -5.78 23.97
CA VAL G 85 59.76 -5.48 24.76
C VAL G 85 60.00 -5.82 26.22
N THR G 86 60.60 -6.98 26.48
CA THR G 86 60.91 -7.35 27.84
C THR G 86 61.97 -6.47 28.49
N ASN G 87 62.96 -6.00 27.74
CA ASN G 87 63.94 -5.11 28.35
C ASN G 87 63.32 -3.79 28.79
N ILE G 88 62.54 -3.19 27.90
CA ILE G 88 61.85 -1.96 28.28
C ILE G 88 60.82 -2.23 29.38
N GLY G 89 60.15 -3.37 29.32
CA GLY G 89 59.32 -3.80 30.44
C GLY G 89 60.07 -3.80 31.76
N GLU G 90 61.32 -4.21 31.73
CA GLU G 90 62.16 -4.29 32.91
C GLU G 90 62.72 -2.94 33.33
N LYS G 91 62.77 -1.97 32.44
CA LYS G 91 63.48 -0.73 32.73
C LYS G 91 62.58 0.48 32.87
N ALA G 92 61.31 0.39 32.47
CA ALA G 92 60.35 1.46 32.67
C ALA G 92 60.07 1.71 34.15
N SER G 93 59.36 2.81 34.39
CA SER G 93 59.01 3.25 35.73
C SER G 93 58.08 2.26 36.42
N LYS G 94 58.07 2.36 37.75
CA LYS G 94 57.26 1.51 38.62
C LYS G 94 55.87 2.06 38.95
N GLU G 95 55.60 3.34 38.72
CA GLU G 95 54.41 3.97 39.28
C GLU G 95 53.21 3.82 38.33
N ARG G 96 52.28 2.98 38.75
CA ARG G 96 51.16 2.57 37.92
C ARG G 96 50.12 3.67 37.74
N ASP G 97 49.58 3.76 36.53
CA ASP G 97 48.71 4.87 36.16
C ASP G 97 47.34 4.72 36.79
N LYS G 98 46.85 5.81 37.40
CA LYS G 98 45.69 5.71 38.28
C LYS G 98 44.46 5.21 37.56
N TYR G 99 44.28 5.56 36.29
CA TYR G 99 43.14 5.07 35.53
C TYR G 99 43.34 3.67 34.99
N ASN G 100 44.56 3.15 35.00
CA ASN G 100 44.83 1.88 34.34
C ASN G 100 46.06 1.27 34.95
N PRO G 101 45.92 0.60 36.09
CA PRO G 101 47.09 0.16 36.86
C PRO G 101 47.92 -0.87 36.14
N ARG G 102 47.38 -1.46 35.07
CA ARG G 102 48.16 -2.37 34.27
C ARG G 102 49.27 -1.69 33.48
N GLN G 103 49.20 -0.38 33.28
CA GLN G 103 50.14 0.29 32.38
C GLN G 103 51.06 1.25 33.13
N ARG G 104 52.27 1.37 32.59
CA ARG G 104 53.32 2.19 33.17
C ARG G 104 54.01 2.99 32.07
N PHE G 105 54.53 4.15 32.45
CA PHE G 105 55.26 5.01 31.53
C PHE G 105 56.66 4.46 31.30
N ALA G 106 57.14 4.59 30.06
CA ALA G 106 58.49 4.14 29.74
C ALA G 106 59.41 5.23 29.20
N GLY G 107 58.97 6.05 28.25
CA GLY G 107 59.88 7.00 27.67
C GLY G 107 59.36 7.62 26.38
N TYR G 108 60.29 8.25 25.65
CA TYR G 108 60.03 9.01 24.46
C TYR G 108 60.58 8.31 23.22
N TYR G 109 59.94 8.55 22.08
CA TYR G 109 60.40 7.99 20.82
C TYR G 109 60.18 8.98 19.69
N ASP G 110 60.85 8.71 18.56
CA ASP G 110 60.80 9.60 17.40
C ASP G 110 61.18 8.82 16.15
N ILE G 111 60.34 8.91 15.12
CA ILE G 111 60.58 8.31 13.82
C ILE G 111 60.87 9.37 12.78
N LEU G 112 61.99 9.24 12.11
CA LEU G 112 62.35 10.16 11.04
C LEU G 112 62.75 9.38 9.80
N MET G 113 62.53 9.99 8.64
CA MET G 113 62.73 9.33 7.37
C MET G 113 63.62 10.19 6.50
N THR G 114 64.23 9.55 5.51
CA THR G 114 65.25 10.22 4.74
C THR G 114 65.21 9.74 3.30
N ARG G 115 65.75 10.58 2.43
CA ARG G 115 65.95 10.24 1.03
C ARG G 115 67.38 9.78 0.83
N ASP G 116 67.54 8.56 0.36
CA ASP G 116 68.85 7.98 0.10
C ASP G 116 69.33 8.23 -1.32
N VAL G 117 68.52 8.90 -2.14
CA VAL G 117 68.94 9.37 -3.45
C VAL G 117 68.46 10.80 -3.63
N ILE G 118 69.34 11.64 -4.19
CA ILE G 118 69.28 13.07 -3.95
C ILE G 118 68.08 13.73 -4.61
N GLY G 119 67.44 13.04 -5.56
CA GLY G 119 66.16 13.47 -6.09
C GLY G 119 66.07 14.98 -6.25
N SER G 120 65.09 15.59 -5.62
CA SER G 120 65.10 17.03 -5.41
C SER G 120 65.82 17.42 -4.13
N GLU G 121 65.93 16.50 -3.17
CA GLU G 121 66.74 16.71 -1.99
C GLU G 121 67.32 15.37 -1.55
N VAL G 122 68.50 15.42 -0.97
CA VAL G 122 68.96 14.43 -0.01
C VAL G 122 68.75 15.01 1.38
N SER G 123 67.68 14.58 2.04
CA SER G 123 67.23 15.27 3.25
C SER G 123 66.39 14.31 4.09
N SER G 124 66.11 14.75 5.30
CA SER G 124 65.41 13.94 6.28
C SER G 124 64.40 14.81 7.00
N PHE G 125 63.30 14.17 7.44
CA PHE G 125 62.32 14.86 8.26
C PHE G 125 61.64 13.91 9.21
N ARG G 126 61.19 14.46 10.33
CA ARG G 126 60.34 13.73 11.27
C ARG G 126 59.04 13.37 10.61
N ILE G 127 58.53 12.17 10.92
CA ILE G 127 57.18 11.82 10.49
C ILE G 127 56.26 11.52 11.67
N MET G 128 56.81 10.96 12.75
CA MET G 128 55.97 10.64 13.88
C MET G 128 56.75 10.73 15.19
N GLU G 129 56.06 11.18 16.24
CA GLU G 129 56.65 11.39 17.55
C GLU G 129 55.72 10.83 18.61
N GLY G 130 56.25 10.67 19.81
CA GLY G 130 55.39 10.57 20.98
C GLY G 130 56.14 10.01 22.17
N LYS G 131 55.36 9.49 23.11
CA LYS G 131 55.87 8.72 24.24
C LYS G 131 55.22 7.35 24.34
N VAL G 132 55.93 6.43 24.97
CA VAL G 132 55.65 5.00 24.96
C VAL G 132 55.21 4.55 26.34
N TYR G 133 54.07 3.85 26.40
CA TYR G 133 53.64 3.23 27.65
C TYR G 133 53.67 1.71 27.52
N ILE G 134 53.95 1.04 28.63
CA ILE G 134 53.91 -0.41 28.74
C ILE G 134 52.68 -0.85 29.51
N SER G 135 51.85 -1.68 28.89
CA SER G 135 50.92 -2.51 29.64
C SER G 135 51.66 -3.71 30.20
N ASP G 136 51.65 -3.85 31.53
CA ASP G 136 52.09 -5.10 32.12
C ASP G 136 51.15 -6.24 31.72
N GLY G 137 51.62 -7.46 31.95
CA GLY G 137 50.92 -8.63 31.46
C GLY G 137 51.39 -9.86 32.20
N VAL G 138 50.52 -10.86 32.26
CA VAL G 138 50.60 -11.90 33.27
C VAL G 138 51.04 -13.23 32.68
N THR G 139 50.44 -13.63 31.57
CA THR G 139 50.79 -14.90 30.96
C THR G 139 52.11 -14.77 30.23
N GLN G 140 52.88 -15.86 30.25
CA GLN G 140 54.14 -15.92 29.54
C GLN G 140 53.90 -16.02 28.04
N GLU H 4 47.39 39.89 6.77
CA GLU H 4 48.61 39.19 7.27
C GLU H 4 49.65 40.20 7.75
N ASN H 5 50.13 40.01 8.97
CA ASN H 5 51.20 40.84 9.47
C ASN H 5 52.56 40.24 9.14
N ARG H 6 53.60 40.98 9.48
CA ARG H 6 54.98 40.50 9.44
C ARG H 6 55.22 39.33 10.38
N VAL H 7 54.42 39.20 11.43
CA VAL H 7 54.69 38.25 12.51
C VAL H 7 54.46 36.82 12.05
N ILE H 8 55.52 36.00 12.15
CA ILE H 8 55.47 34.57 11.90
C ILE H 8 56.38 33.88 12.91
N ASP H 9 55.83 32.97 13.70
CA ASP H 9 56.61 32.10 14.56
C ASP H 9 57.29 31.01 13.75
N ILE H 10 58.35 30.45 14.32
CA ILE H 10 59.07 29.35 13.70
C ILE H 10 59.30 28.25 14.72
N VAL H 11 59.11 27.01 14.31
CA VAL H 11 59.49 25.83 15.07
C VAL H 11 60.49 25.00 14.29
N VAL H 12 61.63 24.70 14.90
CA VAL H 12 62.61 23.83 14.29
C VAL H 12 62.63 22.47 15.00
N ASP H 13 63.21 21.50 14.29
CA ASP H 13 63.36 20.13 14.75
C ASP H 13 64.82 19.87 15.08
N GLU H 14 65.09 19.47 16.32
CA GLU H 14 66.47 19.21 16.71
C GLU H 14 67.05 18.06 15.89
N LYS H 15 68.32 18.21 15.53
CA LYS H 15 69.09 17.19 14.82
C LYS H 15 68.46 16.82 13.49
N VAL H 16 67.74 17.74 12.88
CA VAL H 16 67.27 17.55 11.51
C VAL H 16 67.41 18.84 10.72
N PRO H 17 67.91 18.78 9.48
CA PRO H 17 68.05 20.00 8.70
C PRO H 17 66.69 20.62 8.41
N TYR H 18 66.68 21.94 8.29
CA TYR H 18 65.45 22.71 8.18
C TYR H 18 65.45 23.57 6.94
N GLY H 19 64.29 23.67 6.30
CA GLY H 19 64.16 24.43 5.08
C GLY H 19 62.74 24.88 4.84
N LEU H 20 62.61 26.10 4.33
CA LEU H 20 61.34 26.78 4.14
C LEU H 20 61.32 27.50 2.81
N ILE H 21 60.17 27.49 2.15
CA ILE H 21 60.03 28.03 0.80
C ILE H 21 58.88 29.02 0.74
N MET H 22 59.03 29.99 -0.16
CA MET H 22 58.07 31.07 -0.33
C MET H 22 58.08 31.45 -1.80
N GLN H 23 57.01 32.12 -2.22
CA GLN H 23 57.09 32.90 -3.45
C GLN H 23 56.30 34.19 -3.31
N PHE H 24 56.78 35.21 -4.00
CA PHE H 24 56.20 36.54 -4.01
C PHE H 24 55.32 36.73 -5.23
N MET H 25 54.27 37.54 -5.08
CA MET H 25 53.39 37.83 -6.19
C MET H 25 52.85 39.25 -6.05
N ASP H 26 52.47 39.82 -7.19
CA ASP H 26 51.56 40.95 -7.16
C ASP H 26 50.12 40.47 -7.10
N VAL H 27 49.26 41.35 -6.60
CA VAL H 27 47.83 41.08 -6.50
C VAL H 27 47.06 42.27 -7.05
N ASP H 28 45.93 42.00 -7.71
CA ASP H 28 45.01 43.06 -8.09
C ASP H 28 43.60 42.48 -8.09
N ASP H 29 42.78 42.94 -7.16
CA ASP H 29 41.37 42.55 -7.03
C ASP H 29 40.45 43.37 -7.93
N SER H 30 40.99 44.28 -8.74
CA SER H 30 40.16 45.00 -9.70
C SER H 30 39.51 44.05 -10.69
N VAL H 31 40.18 42.97 -11.04
CA VAL H 31 39.51 41.78 -11.55
C VAL H 31 39.07 40.93 -10.39
N TYR H 32 37.80 40.55 -10.39
CA TYR H 32 37.30 39.60 -9.43
C TYR H 32 36.93 38.30 -10.14
N PRO H 33 37.27 37.14 -9.58
CA PRO H 33 38.05 36.92 -8.36
C PRO H 33 39.50 37.43 -8.46
N PRO H 34 40.07 37.77 -7.30
CA PRO H 34 41.32 38.56 -7.29
C PRO H 34 42.45 37.92 -8.09
N SER H 35 43.01 38.70 -8.99
CA SER H 35 44.16 38.26 -9.77
C SER H 35 45.41 38.22 -8.92
N GLU H 36 46.34 37.34 -9.28
CA GLU H 36 47.68 37.36 -8.70
C GLU H 36 48.69 36.83 -9.72
N ILE H 37 49.89 37.37 -9.66
CA ILE H 37 50.96 36.98 -10.59
C ILE H 37 52.31 36.90 -9.88
N PRO H 38 53.09 35.84 -10.09
CA PRO H 38 54.41 35.79 -9.45
C PRO H 38 55.28 36.98 -9.82
N VAL H 39 55.89 37.56 -8.79
CA VAL H 39 56.79 38.70 -8.93
C VAL H 39 58.17 38.24 -9.37
N ASN H 40 58.72 38.88 -10.38
CA ASN H 40 60.07 38.55 -10.83
C ASN H 40 61.06 38.97 -9.76
N LEU H 41 61.82 38.00 -9.25
CA LEU H 41 62.79 38.22 -8.18
C LEU H 41 64.21 38.51 -8.67
N THR H 42 64.45 38.63 -9.97
CA THR H 42 65.79 38.88 -10.47
C THR H 42 66.43 40.09 -9.82
N GLY H 43 67.53 39.87 -9.11
CA GLY H 43 68.27 40.93 -8.45
C GLY H 43 68.03 41.07 -6.96
N TYR H 44 66.91 40.55 -6.46
CA TYR H 44 66.67 40.55 -5.03
C TYR H 44 67.66 39.66 -4.30
N SER H 45 67.93 39.99 -3.03
CA SER H 45 68.75 39.11 -2.21
C SER H 45 68.33 39.21 -0.75
N LEU H 46 68.62 38.17 0.01
CA LEU H 46 68.09 38.02 1.37
C LEU H 46 69.21 37.94 2.41
N ARG H 47 68.86 38.31 3.64
CA ARG H 47 69.70 38.12 4.81
C ARG H 47 68.85 37.84 6.03
N GLY H 48 69.46 37.19 7.02
CA GLY H 48 68.81 37.10 8.32
C GLY H 48 69.75 36.55 9.36
N THR H 49 69.34 36.69 10.61
CA THR H 49 70.04 36.05 11.72
C THR H 49 69.04 35.68 12.81
N ILE H 50 69.45 34.74 13.65
CA ILE H 50 68.77 34.42 14.89
C ILE H 50 69.66 34.84 16.06
N LYS H 51 69.13 35.71 16.92
CA LYS H 51 69.86 36.18 18.08
C LYS H 51 69.05 35.99 19.35
N SER H 52 69.78 35.89 20.46
CA SER H 52 69.24 35.47 21.73
C SER H 52 68.29 36.49 22.34
N SER H 53 68.38 37.76 21.96
CA SER H 53 67.45 38.75 22.50
C SER H 53 67.33 39.91 21.54
N LEU H 54 66.24 40.66 21.72
CA LEU H 54 66.05 41.89 20.97
C LEU H 54 67.09 42.93 21.33
N ASP H 55 67.72 42.81 22.49
CA ASP H 55 68.77 43.74 22.88
C ASP H 55 69.86 43.78 21.81
N GLU H 56 70.22 44.99 21.41
CA GLU H 56 71.29 45.16 20.43
C GLU H 56 72.61 44.56 20.90
N ASN H 57 72.77 44.37 22.21
CA ASN H 57 73.93 43.68 22.75
C ASN H 57 73.82 42.16 22.71
N ALA H 58 72.66 41.61 22.37
CA ALA H 58 72.47 40.17 22.50
C ALA H 58 73.40 39.41 21.57
N GLU H 59 73.80 38.21 22.01
CA GLU H 59 74.64 37.34 21.20
C GLU H 59 73.87 36.71 20.05
N THR H 60 74.59 36.48 18.96
CA THR H 60 74.08 35.73 17.81
C THR H 60 74.11 34.24 18.10
N LEU H 61 73.12 33.54 17.57
CA LEU H 61 73.05 32.09 17.65
C LEU H 61 73.27 31.40 16.32
N ALA H 62 72.67 31.90 15.25
CA ALA H 62 72.85 31.28 13.94
C ALA H 62 72.46 32.27 12.86
N SER H 63 72.95 32.00 11.65
CA SER H 63 72.56 32.74 10.45
C SER H 63 72.05 31.80 9.37
N PHE H 64 70.92 32.15 8.78
CA PHE H 64 70.32 31.33 7.74
C PHE H 64 71.22 31.26 6.51
N THR H 65 71.13 30.16 5.79
CA THR H 65 71.41 30.16 4.37
C THR H 65 70.13 30.48 3.62
N THR H 66 70.25 31.19 2.50
CA THR H 66 69.07 31.53 1.73
C THR H 66 69.41 31.70 0.25
N SER H 67 68.43 31.45 -0.60
CA SER H 67 68.64 31.45 -2.03
C SER H 67 67.32 31.66 -2.76
N ILE H 68 67.34 32.55 -3.75
CA ILE H 68 66.35 32.50 -4.82
C ILE H 68 66.45 31.17 -5.56
N ILE H 69 65.29 30.59 -5.86
CA ILE H 69 65.25 29.28 -6.52
C ILE H 69 64.64 29.37 -7.91
N ASP H 70 63.75 30.35 -8.12
CA ASP H 70 63.21 30.58 -9.46
C ASP H 70 62.69 32.01 -9.54
N ALA H 71 63.38 32.85 -10.30
CA ALA H 71 63.03 34.25 -10.38
C ALA H 71 61.69 34.47 -11.06
N ALA H 72 61.35 33.64 -12.05
CA ALA H 72 60.09 33.85 -12.75
C ALA H 72 58.91 33.37 -11.94
N GLN H 73 59.06 32.24 -11.24
CA GLN H 73 58.05 31.84 -10.28
C GLN H 73 58.16 32.64 -8.99
N GLY H 74 59.17 33.50 -8.89
CA GLY H 74 59.29 34.38 -7.74
C GLY H 74 59.54 33.67 -6.44
N ALA H 75 60.20 32.53 -6.47
CA ALA H 75 60.31 31.65 -5.31
C ALA H 75 61.68 31.74 -4.67
N ALA H 76 61.69 31.65 -3.34
CA ALA H 76 62.92 31.72 -2.58
C ALA H 76 62.85 30.75 -1.41
N ALA H 77 64.02 30.38 -0.89
CA ALA H 77 64.11 29.37 0.13
C ALA H 77 65.17 29.74 1.16
N ILE H 78 64.99 29.18 2.34
CA ILE H 78 65.79 29.44 3.52
C ILE H 78 66.09 28.10 4.17
N SER H 79 67.28 27.93 4.71
CA SER H 79 67.57 26.68 5.39
C SER H 79 68.64 26.86 6.47
N LEU H 80 68.70 25.82 7.31
CA LEU H 80 69.73 25.60 8.30
C LEU H 80 70.18 24.15 8.28
N SER H 81 71.48 23.94 8.45
CA SER H 81 72.00 22.60 8.64
C SER H 81 71.80 22.13 10.07
N VAL H 82 71.96 20.83 10.27
CA VAL H 82 71.94 20.23 11.59
C VAL H 82 73.06 20.74 12.49
N ALA H 83 74.20 21.15 11.91
CA ALA H 83 75.23 21.78 12.73
C ALA H 83 74.77 23.11 13.29
N ASP H 84 74.10 23.91 12.46
CA ASP H 84 73.52 25.15 12.93
C ASP H 84 72.49 24.88 14.01
N VAL H 85 71.56 23.97 13.75
CA VAL H 85 70.50 23.71 14.71
C VAL H 85 71.11 23.20 16.01
N THR H 86 72.13 22.36 15.91
CA THR H 86 72.84 21.89 17.10
C THR H 86 73.36 23.04 17.93
N ASN H 87 73.89 24.06 17.27
CA ASN H 87 74.40 25.20 18.02
C ASN H 87 73.31 25.88 18.83
N ILE H 88 72.11 25.96 18.27
CA ILE H 88 70.98 26.51 19.01
C ILE H 88 70.58 25.58 20.14
N GLY H 89 70.53 24.28 19.85
CA GLY H 89 70.15 23.32 20.85
C GLY H 89 71.02 23.38 22.08
N GLU H 90 72.31 23.64 21.89
CA GLU H 90 73.20 23.78 23.04
C GLU H 90 72.89 25.01 23.90
N LYS H 91 72.28 26.06 23.35
CA LYS H 91 72.26 27.34 24.03
C LYS H 91 70.89 27.91 24.32
N ALA H 92 69.82 27.36 23.75
CA ALA H 92 68.49 27.80 24.08
C ALA H 92 68.19 27.66 25.57
N SER H 93 67.11 28.30 25.97
CA SER H 93 66.64 28.19 27.35
C SER H 93 66.33 26.74 27.70
N LYS H 94 66.30 26.49 29.01
CA LYS H 94 66.09 25.17 29.57
C LYS H 94 64.82 25.07 30.39
N GLU H 95 63.86 25.97 30.16
CA GLU H 95 62.59 25.97 30.88
C GLU H 95 61.67 24.90 30.30
N ARG H 96 62.09 23.65 30.50
CA ARG H 96 61.33 22.51 30.01
C ARG H 96 59.97 22.46 30.70
N ASP H 97 58.90 22.66 29.92
CA ASP H 97 57.57 22.81 30.49
C ASP H 97 57.16 21.55 31.23
N LYS H 98 56.52 21.75 32.39
CA LYS H 98 56.22 20.65 33.29
C LYS H 98 55.20 19.69 32.72
N TYR H 99 54.42 20.11 31.72
CA TYR H 99 53.32 19.32 31.21
C TYR H 99 53.48 18.91 29.75
N ASN H 100 54.25 19.64 28.95
CA ASN H 100 54.44 19.31 27.53
C ASN H 100 55.84 19.72 27.12
N PRO H 101 56.84 18.93 27.51
CA PRO H 101 58.21 19.46 27.68
C PRO H 101 58.97 19.67 26.38
N ARG H 102 58.45 19.22 25.25
CA ARG H 102 59.24 19.22 24.02
C ARG H 102 59.52 20.63 23.50
N GLN H 103 58.62 21.57 23.72
CA GLN H 103 58.80 22.91 23.17
C GLN H 103 59.72 23.73 24.06
N ARG H 104 60.63 24.47 23.44
CA ARG H 104 61.68 25.16 24.17
C ARG H 104 62.13 26.41 23.42
N PHE H 105 62.05 27.55 24.10
CA PHE H 105 62.33 28.85 23.49
C PHE H 105 63.82 29.09 23.26
N ALA H 106 64.14 29.71 22.13
CA ALA H 106 65.53 29.96 21.76
C ALA H 106 65.87 31.42 21.49
N GLY H 107 64.99 32.19 20.87
CA GLY H 107 65.34 33.58 20.60
C GLY H 107 64.41 34.24 19.59
N TYR H 108 64.92 35.34 19.01
CA TYR H 108 64.23 36.17 18.05
C TYR H 108 64.98 36.18 16.72
N TYR H 109 64.26 36.43 15.64
CA TYR H 109 64.83 36.49 14.31
C TYR H 109 64.18 37.56 13.46
N ASP H 110 64.92 38.03 12.47
CA ASP H 110 64.46 39.00 11.47
C ASP H 110 65.11 38.66 10.14
N ILE H 111 64.31 38.70 9.07
CA ILE H 111 64.80 38.48 7.72
C ILE H 111 64.58 39.71 6.84
N LEU H 112 65.66 40.21 6.26
CA LEU H 112 65.68 41.31 5.32
C LEU H 112 65.73 40.79 3.89
N MET H 113 65.23 41.58 2.94
CA MET H 113 65.72 41.52 1.57
C MET H 113 66.10 42.88 1.06
N THR H 114 67.12 42.88 0.22
CA THR H 114 67.68 44.06 -0.43
C THR H 114 67.39 43.94 -1.91
N ARG H 115 66.68 44.94 -2.45
CA ARG H 115 66.38 45.01 -3.87
C ARG H 115 67.58 45.67 -4.58
N ASP H 116 68.64 44.89 -4.70
CA ASP H 116 69.73 45.30 -5.58
C ASP H 116 69.22 45.30 -7.01
N VAL H 117 69.53 46.36 -7.74
CA VAL H 117 68.87 46.63 -9.01
C VAL H 117 69.69 47.64 -9.80
N ILE H 118 69.46 47.68 -11.11
CA ILE H 118 70.06 48.70 -11.95
C ILE H 118 69.59 50.10 -11.56
N GLY H 119 70.43 51.09 -11.86
CA GLY H 119 70.26 52.45 -11.41
C GLY H 119 71.03 52.80 -10.17
N SER H 120 71.64 51.81 -9.51
CA SER H 120 72.49 52.00 -8.34
C SER H 120 71.72 52.49 -7.12
N GLU H 121 70.39 52.57 -7.19
CA GLU H 121 69.62 52.64 -5.97
C GLU H 121 69.67 51.32 -5.23
N VAL H 122 69.38 51.38 -3.94
CA VAL H 122 69.09 50.20 -3.14
C VAL H 122 68.05 50.58 -2.09
N SER H 123 67.18 49.63 -1.77
CA SER H 123 66.22 49.82 -0.69
C SER H 123 66.04 48.48 0.01
N SER H 124 65.56 48.56 1.25
CA SER H 124 65.38 47.37 2.07
C SER H 124 64.00 47.38 2.69
N PHE H 125 63.49 46.19 2.93
CA PHE H 125 62.27 46.02 3.69
C PHE H 125 62.30 44.65 4.34
N ARG H 126 61.72 44.59 5.54
CA ARG H 126 61.74 43.35 6.35
C ARG H 126 60.53 42.50 5.97
N ILE H 127 60.74 41.24 5.61
CA ILE H 127 59.69 40.38 5.12
C ILE H 127 59.01 39.64 6.27
N MET H 128 59.80 39.15 7.22
CA MET H 128 59.26 38.41 8.34
C MET H 128 59.99 38.74 9.63
N GLU H 129 59.31 38.51 10.73
CA GLU H 129 59.91 38.75 12.05
C GLU H 129 59.13 37.91 13.06
N GLY H 130 59.78 37.22 14.00
CA GLY H 130 59.07 36.48 15.02
C GLY H 130 59.99 35.84 16.04
N LYS H 131 59.37 35.02 16.88
CA LYS H 131 60.05 34.10 17.77
C LYS H 131 60.29 32.74 17.14
N VAL H 132 61.32 32.07 17.63
CA VAL H 132 61.69 30.73 17.17
C VAL H 132 61.90 29.79 18.34
N TYR H 133 61.40 28.57 18.20
CA TYR H 133 61.47 27.53 19.21
C TYR H 133 62.18 26.31 18.65
N ILE H 134 62.93 25.62 19.50
CA ILE H 134 63.39 24.26 19.25
C ILE H 134 62.39 23.24 19.77
N SER H 135 62.31 22.11 19.08
CA SER H 135 61.77 20.87 19.65
C SER H 135 62.89 19.84 19.81
N ASP H 136 63.06 19.35 21.04
CA ASP H 136 64.17 18.45 21.37
C ASP H 136 64.10 17.14 20.58
N GLY H 137 65.27 16.61 20.27
CA GLY H 137 65.46 15.53 19.32
C GLY H 137 66.01 14.28 19.97
N VAL H 138 65.12 13.32 20.24
CA VAL H 138 65.48 12.14 21.01
C VAL H 138 66.26 11.10 20.21
N THR H 139 66.05 11.04 18.89
CA THR H 139 66.77 10.09 18.05
C THR H 139 67.78 10.78 17.17
N GLN H 140 68.96 10.17 17.09
CA GLN H 140 69.87 10.38 15.99
C GLN H 140 69.29 9.79 14.71
N LYS I 6 52.63 12.98 2.80
CA LYS I 6 51.81 14.00 3.49
C LYS I 6 50.96 13.33 4.58
N ILE I 7 49.90 12.62 4.22
CA ILE I 7 49.18 11.85 5.21
C ILE I 7 49.87 10.51 5.42
N ILE I 8 49.87 10.07 6.67
CA ILE I 8 50.30 8.74 7.06
C ILE I 8 49.21 8.08 7.87
N VAL I 9 48.89 6.83 7.52
CA VAL I 9 47.88 6.06 8.22
C VAL I 9 48.56 4.81 8.75
N GLN I 10 48.17 4.35 9.93
CA GLN I 10 48.79 3.12 10.41
C GLN I 10 47.87 2.28 11.27
N GLN I 11 48.19 0.99 11.29
CA GLN I 11 47.49 0.00 12.11
C GLN I 11 48.47 -1.02 12.67
N ILE I 12 48.02 -1.69 13.74
CA ILE I 12 48.77 -2.80 14.31
C ILE I 12 48.89 -3.95 13.32
N LEU I 13 50.00 -4.67 13.40
CA LEU I 13 50.28 -5.82 12.56
C LEU I 13 49.89 -7.11 13.26
N ASN I 14 48.74 -7.67 12.88
CA ASN I 14 48.28 -8.91 13.46
C ASN I 14 49.15 -10.08 12.99
N ILE I 15 48.96 -11.23 13.65
CA ILE I 15 49.65 -12.46 13.25
C ILE I 15 48.91 -13.20 12.13
N ASP I 16 47.60 -13.05 12.03
CA ASP I 16 46.81 -13.76 11.03
C ASP I 16 46.75 -13.04 9.69
N ASP I 17 46.73 -11.71 9.71
CA ASP I 17 46.52 -10.94 8.47
C ASP I 17 47.69 -11.05 7.51
N THR I 18 48.78 -11.72 7.87
CA THR I 18 49.98 -11.71 7.06
C THR I 18 50.49 -10.29 6.88
N THR I 19 50.43 -9.75 5.67
CA THR I 19 50.69 -8.34 5.45
C THR I 19 49.86 -7.81 4.30
N THR I 20 49.38 -6.58 4.48
CA THR I 20 48.54 -5.92 3.48
C THR I 20 48.50 -4.45 3.83
N THR I 21 48.02 -3.65 2.89
CA THR I 21 47.88 -2.22 3.14
C THR I 21 46.98 -1.96 4.35
N ALA I 22 47.43 -1.05 5.19
CA ALA I 22 46.62 -0.56 6.30
C ALA I 22 45.33 0.08 5.80
N SER I 23 44.35 0.16 6.70
CA SER I 23 43.00 0.50 6.31
C SER I 23 42.37 1.31 7.43
N LYS I 24 41.35 2.07 7.06
CA LYS I 24 40.74 3.06 7.93
C LYS I 24 39.60 2.50 8.77
N TYR I 25 39.57 1.19 8.95
CA TYR I 25 38.50 0.52 9.68
C TYR I 25 39.11 -0.67 10.39
N PRO I 26 38.45 -1.18 11.43
CA PRO I 26 38.76 -2.54 11.86
C PRO I 26 38.39 -3.54 10.79
N LYS I 27 39.17 -4.60 10.72
CA LYS I 27 38.85 -5.72 9.85
C LYS I 27 38.14 -6.83 10.61
N TYR I 28 38.89 -7.58 11.41
CA TYR I 28 38.36 -8.72 12.11
C TYR I 28 37.49 -8.33 13.30
N THR I 29 36.61 -9.26 13.63
CA THR I 29 35.84 -9.23 14.86
C THR I 29 35.91 -10.60 15.53
N VAL I 30 36.11 -10.60 16.83
CA VAL I 30 35.97 -11.79 17.64
C VAL I 30 34.70 -11.67 18.44
N VAL I 31 33.89 -12.72 18.38
CA VAL I 31 32.65 -12.82 19.14
C VAL I 31 32.80 -13.86 20.23
N LEU I 32 32.33 -13.53 21.42
CA LEU I 32 32.43 -14.38 22.59
C LEU I 32 31.06 -14.85 23.06
N GLY I 33 31.01 -16.07 23.58
CA GLY I 33 29.87 -16.48 24.37
C GLY I 33 30.24 -17.62 25.29
N ASN I 34 29.34 -17.88 26.24
CA ASN I 34 29.50 -19.03 27.11
C ASN I 34 28.84 -20.29 26.57
N SER I 35 28.12 -20.17 25.46
CA SER I 35 27.31 -21.28 24.97
C SER I 35 26.92 -21.00 23.53
N ILE I 36 26.48 -22.05 22.84
CA ILE I 36 25.96 -21.91 21.48
C ILE I 36 24.45 -21.97 21.51
N SER I 37 23.81 -20.93 20.99
CA SER I 37 22.37 -20.92 20.81
C SER I 37 21.94 -21.41 19.44
N SER I 38 22.86 -21.49 18.49
CA SER I 38 22.53 -21.93 17.14
C SER I 38 22.18 -23.40 17.05
N ILE I 39 22.70 -24.23 17.94
CA ILE I 39 22.38 -25.65 17.98
C ILE I 39 21.46 -25.95 19.15
N THR I 40 20.35 -26.62 18.87
CA THR I 40 19.49 -27.14 19.92
C THR I 40 19.91 -28.55 20.31
N ALA I 41 19.60 -28.90 21.56
CA ALA I 41 19.74 -30.28 21.99
C ALA I 41 18.89 -31.22 21.15
N GLY I 42 17.69 -30.78 20.77
CA GLY I 42 16.86 -31.58 19.89
C GLY I 42 17.51 -31.92 18.56
N GLU I 43 18.15 -30.93 17.94
CA GLU I 43 18.91 -31.22 16.72
C GLU I 43 20.08 -32.14 17.01
N LEU I 44 20.91 -31.82 18.00
CA LEU I 44 22.14 -32.57 18.15
C LEU I 44 21.84 -34.02 18.53
N THR I 45 20.81 -34.22 19.35
CA THR I 45 20.35 -35.56 19.68
C THR I 45 19.79 -36.30 18.47
N ALA I 46 18.94 -35.65 17.67
CA ALA I 46 18.47 -36.31 16.45
C ALA I 46 19.65 -36.71 15.55
N ALA I 47 20.64 -35.83 15.44
CA ALA I 47 21.81 -36.11 14.61
C ALA I 47 22.57 -37.33 15.10
N VAL I 48 22.80 -37.43 16.41
CA VAL I 48 23.46 -38.62 16.92
C VAL I 48 22.57 -39.85 16.80
N GLU I 49 21.29 -39.70 17.14
CA GLU I 49 20.36 -40.82 17.14
C GLU I 49 20.01 -41.29 15.74
N ALA I 50 20.52 -40.61 14.71
CA ALA I 50 20.37 -41.12 13.35
C ALA I 50 21.24 -42.33 13.08
N SER I 51 22.14 -42.68 13.98
CA SER I 51 23.06 -43.80 13.76
C SER I 51 22.30 -45.12 13.81
N LYS J 6 52.56 53.89 -12.23
CA LYS J 6 52.61 52.45 -11.89
C LYS J 6 52.29 52.27 -10.41
N ILE J 7 51.31 51.42 -10.10
CA ILE J 7 50.97 51.07 -8.73
C ILE J 7 50.80 49.56 -8.62
N ILE J 8 51.21 49.01 -7.48
CA ILE J 8 51.11 47.58 -7.21
C ILE J 8 50.60 47.38 -5.79
N VAL J 9 50.16 46.16 -5.50
CA VAL J 9 50.19 45.62 -4.15
C VAL J 9 50.90 44.28 -4.21
N GLN J 10 51.82 44.06 -3.28
CA GLN J 10 52.68 42.88 -3.27
C GLN J 10 52.42 41.99 -2.07
N GLN J 11 52.53 40.68 -2.28
CA GLN J 11 52.19 39.68 -1.28
C GLN J 11 53.22 38.57 -1.30
N ILE J 12 53.19 37.76 -0.25
CA ILE J 12 54.07 36.61 -0.07
C ILE J 12 53.21 35.41 0.31
N LEU J 13 53.52 34.25 -0.28
CA LEU J 13 52.98 32.98 0.17
C LEU J 13 54.09 32.05 0.61
N ASN J 14 53.83 31.32 1.69
CA ASN J 14 54.86 30.54 2.38
C ASN J 14 54.33 29.19 2.84
N ILE J 15 53.38 28.62 2.13
CA ILE J 15 52.95 27.25 2.37
C ILE J 15 53.93 26.27 1.75
N ASP J 16 53.94 25.06 2.28
CA ASP J 16 54.87 24.02 1.88
C ASP J 16 54.21 22.66 2.13
N ASP J 17 55.02 21.60 2.08
CA ASP J 17 54.62 20.31 2.64
C ASP J 17 54.65 20.42 4.16
N THR J 18 53.72 21.20 4.70
CA THR J 18 53.93 21.89 5.96
C THR J 18 54.14 20.89 7.10
N THR J 19 53.28 19.88 7.20
CA THR J 19 53.43 18.88 8.24
C THR J 19 52.74 17.59 7.80
N THR J 20 53.43 16.48 8.03
CA THR J 20 52.92 15.15 7.72
C THR J 20 51.88 14.73 8.75
N THR J 21 50.61 14.80 8.35
CA THR J 21 49.49 14.41 9.20
C THR J 21 49.47 12.91 9.45
N ALA J 22 49.77 12.50 10.67
CA ALA J 22 49.70 11.10 11.07
C ALA J 22 48.32 10.72 11.61
N SER J 23 47.99 9.44 11.46
CA SER J 23 46.71 8.91 11.90
C SER J 23 46.84 7.43 12.23
N LYS J 24 46.10 6.98 13.24
CA LYS J 24 46.19 5.63 13.77
C LYS J 24 44.80 5.04 13.95
N TYR J 25 44.64 3.77 13.59
CA TYR J 25 43.34 3.14 13.73
C TYR J 25 43.41 1.71 14.26
N PRO J 26 42.38 1.27 14.99
CA PRO J 26 42.31 -0.12 15.43
C PRO J 26 42.00 -1.06 14.28
N LYS J 27 42.58 -2.26 14.34
CA LYS J 27 42.32 -3.27 13.32
C LYS J 27 41.17 -4.23 13.63
N TYR J 28 40.88 -4.52 14.89
CA TYR J 28 39.83 -5.48 15.19
C TYR J 28 39.00 -5.08 16.40
N THR J 29 37.85 -5.73 16.51
CA THR J 29 36.90 -5.46 17.59
C THR J 29 36.49 -6.74 18.30
N VAL J 30 36.34 -6.62 19.62
CA VAL J 30 35.76 -7.66 20.46
C VAL J 30 34.29 -7.36 20.74
N VAL J 31 33.45 -8.39 20.61
CA VAL J 31 32.03 -8.31 20.96
C VAL J 31 31.66 -9.51 21.82
N LEU J 32 30.75 -9.29 22.75
CA LEU J 32 30.32 -10.33 23.67
C LEU J 32 28.81 -10.46 23.62
N GLY J 33 28.33 -11.71 23.55
CA GLY J 33 26.97 -12.03 23.87
C GLY J 33 26.92 -13.14 24.91
N ASN J 34 25.69 -13.49 25.30
CA ASN J 34 25.52 -14.67 26.14
C ASN J 34 25.89 -15.94 25.38
N SER J 35 25.57 -15.99 24.09
CA SER J 35 25.81 -17.18 23.29
C SER J 35 26.26 -16.79 21.89
N ILE J 36 27.08 -17.64 21.31
CA ILE J 36 27.39 -17.55 19.89
C ILE J 36 26.17 -17.97 19.09
N SER J 37 25.82 -17.17 18.08
CA SER J 37 24.64 -17.41 17.26
C SER J 37 24.99 -17.71 15.81
N SER J 38 26.23 -18.12 15.52
CA SER J 38 26.69 -18.26 14.14
C SER J 38 27.55 -19.50 13.97
N ILE J 39 27.11 -20.64 14.50
CA ILE J 39 27.78 -21.91 14.26
C ILE J 39 26.79 -22.90 13.66
N THR J 40 27.31 -23.76 12.78
CA THR J 40 26.50 -24.72 12.06
C THR J 40 27.18 -26.09 12.07
N ALA J 41 26.38 -27.13 11.81
CA ALA J 41 26.78 -28.50 12.10
C ALA J 41 27.65 -29.09 10.99
N GLY J 42 28.88 -29.46 11.34
CA GLY J 42 29.59 -30.48 10.58
C GLY J 42 29.07 -31.89 10.84
N GLU J 43 28.71 -32.17 12.09
CA GLU J 43 28.19 -33.48 12.49
C GLU J 43 26.92 -33.86 11.74
N LEU J 44 26.15 -32.88 11.27
CA LEU J 44 25.04 -33.16 10.36
C LEU J 44 25.44 -34.08 9.21
N THR J 45 26.60 -33.83 8.60
CA THR J 45 27.07 -34.70 7.51
C THR J 45 27.37 -36.10 8.01
N ALA J 46 27.90 -36.22 9.23
CA ALA J 46 28.12 -37.55 9.79
C ALA J 46 26.80 -38.26 10.06
N ALA J 47 25.80 -37.54 10.56
CA ALA J 47 24.50 -38.14 10.83
C ALA J 47 23.87 -38.67 9.55
N VAL J 48 23.93 -37.88 8.47
CA VAL J 48 23.38 -38.35 7.20
C VAL J 48 24.18 -39.51 6.61
N GLU J 49 25.50 -39.54 6.82
CA GLU J 49 26.25 -40.72 6.42
C GLU J 49 25.96 -41.93 7.28
N ALA J 50 25.69 -41.73 8.57
CA ALA J 50 25.30 -42.84 9.43
C ALA J 50 23.95 -43.41 9.01
N SER J 51 23.08 -42.54 8.50
CA SER J 51 21.83 -43.02 7.92
C SER J 51 22.09 -43.76 6.61
N ALA J 52 23.02 -43.24 5.80
CA ALA J 52 23.33 -43.87 4.52
C ALA J 52 24.13 -45.15 4.72
N ILE K 8 15.18 -18.00 23.73
CA ILE K 8 16.58 -17.51 23.81
C ILE K 8 16.99 -17.44 25.28
N VAL K 9 16.56 -16.38 25.96
CA VAL K 9 16.38 -16.49 27.40
C VAL K 9 15.29 -17.50 27.66
N GLN K 10 15.32 -18.10 28.85
CA GLN K 10 14.25 -18.99 29.25
C GLN K 10 13.68 -18.58 30.59
N GLN K 11 12.38 -18.80 30.74
CA GLN K 11 11.57 -18.30 31.83
C GLN K 11 11.15 -19.48 32.68
N ILE K 12 11.46 -19.43 33.97
CA ILE K 12 10.96 -20.39 34.94
C ILE K 12 9.96 -19.72 35.85
N LEU K 13 8.76 -20.28 35.91
CA LEU K 13 7.75 -19.87 36.86
C LEU K 13 7.82 -20.79 38.06
N ASN K 14 7.76 -20.23 39.26
CA ASN K 14 7.70 -21.08 40.43
C ASN K 14 6.71 -20.57 41.46
N ILE K 15 6.18 -21.51 42.23
CA ILE K 15 4.93 -21.31 42.93
C ILE K 15 4.79 -22.37 44.02
N ASP K 16 4.18 -21.99 45.14
CA ASP K 16 4.04 -22.89 46.27
C ASP K 16 3.15 -24.08 45.95
N ASP K 17 3.53 -25.24 46.43
CA ASP K 17 2.76 -26.47 46.29
C ASP K 17 2.03 -26.74 47.61
N THR K 18 0.71 -26.88 47.53
CA THR K 18 -0.12 -27.05 48.72
C THR K 18 -0.44 -28.52 48.98
N THR K 19 -1.08 -29.16 48.01
CA THR K 19 -1.37 -30.58 48.04
C THR K 19 -1.06 -31.13 46.67
N THR K 20 -0.42 -32.31 46.63
CA THR K 20 0.23 -32.79 45.43
C THR K 20 -0.62 -32.51 44.20
N THR K 21 0.01 -31.86 43.22
CA THR K 21 -0.59 -31.35 41.98
C THR K 21 -1.50 -30.14 42.18
N ALA K 22 -1.67 -29.63 43.39
CA ALA K 22 -2.42 -28.40 43.58
C ALA K 22 -1.54 -27.33 44.22
N SER K 23 -1.78 -26.08 43.81
CA SER K 23 -0.82 -25.02 44.04
C SER K 23 -1.55 -23.71 44.30
N LYS K 24 -0.87 -22.83 45.03
CA LYS K 24 -1.40 -21.56 45.48
C LYS K 24 -0.77 -20.41 44.69
N TYR K 25 -1.60 -19.44 44.33
CA TYR K 25 -1.34 -18.31 43.45
C TYR K 25 -0.03 -17.53 43.62
N PRO K 26 0.50 -17.35 44.83
CA PRO K 26 1.69 -16.49 44.98
C PRO K 26 2.89 -16.99 44.21
N LYS K 27 3.23 -16.23 43.17
CA LYS K 27 4.05 -16.70 42.07
C LYS K 27 5.26 -15.81 41.86
N TYR K 28 6.37 -16.43 41.44
CA TYR K 28 7.56 -15.67 41.10
C TYR K 28 8.15 -16.18 39.78
N THR K 29 9.00 -15.36 39.20
CA THR K 29 9.61 -15.63 37.91
C THR K 29 11.12 -15.53 37.97
N VAL K 30 11.79 -16.53 37.43
CA VAL K 30 13.21 -16.51 37.12
C VAL K 30 13.39 -16.31 35.63
N VAL K 31 14.35 -15.47 35.25
CA VAL K 31 14.62 -15.22 33.84
C VAL K 31 16.07 -15.59 33.54
N LEU K 32 16.31 -16.87 33.29
CA LEU K 32 17.65 -17.35 33.04
C LEU K 32 18.14 -16.91 31.67
N GLY K 33 19.31 -16.27 31.65
CA GLY K 33 19.81 -15.52 30.53
C GLY K 33 20.23 -16.35 29.34
N ASN K 34 20.26 -17.67 29.46
CA ASN K 34 20.61 -18.52 28.33
C ASN K 34 19.78 -19.79 28.35
N SER K 35 19.26 -20.15 27.19
CA SER K 35 18.43 -21.35 27.09
C SER K 35 19.15 -22.59 27.58
N ILE K 36 18.41 -23.42 28.29
CA ILE K 36 18.83 -24.77 28.66
C ILE K 36 19.15 -25.62 27.44
N SER K 37 18.67 -25.22 26.27
CA SER K 37 18.95 -25.91 25.02
C SER K 37 20.28 -25.55 24.41
N SER K 38 20.87 -24.42 24.80
CA SER K 38 22.14 -24.04 24.21
C SER K 38 23.23 -25.01 24.64
N ILE K 39 24.02 -25.45 23.66
CA ILE K 39 25.02 -26.50 23.83
C ILE K 39 26.36 -25.93 24.27
N THR K 40 27.27 -26.83 24.67
CA THR K 40 28.64 -26.45 25.01
C THR K 40 29.63 -27.37 24.30
N ALA K 41 30.75 -27.69 24.97
CA ALA K 41 31.74 -28.60 24.42
C ALA K 41 31.19 -29.99 24.12
N GLY K 42 29.96 -30.29 24.55
CA GLY K 42 29.28 -31.49 24.13
C GLY K 42 29.24 -31.65 22.63
N GLU K 43 29.34 -30.52 21.94
CA GLU K 43 29.43 -30.52 20.48
C GLU K 43 30.51 -31.47 20.00
N LEU K 44 31.64 -31.51 20.70
CA LEU K 44 32.75 -32.34 20.25
C LEU K 44 32.40 -33.81 20.33
N THR K 45 31.90 -34.26 21.47
CA THR K 45 31.63 -35.68 21.65
C THR K 45 30.44 -36.12 20.81
N ALA K 46 29.46 -35.24 20.64
CA ALA K 46 28.37 -35.53 19.70
C ALA K 46 28.90 -35.71 18.28
N ALA K 47 29.81 -34.85 17.84
CA ALA K 47 30.41 -35.03 16.53
C ALA K 47 31.19 -36.33 16.44
N VAL K 48 31.90 -36.69 17.51
CA VAL K 48 32.63 -37.95 17.55
C VAL K 48 31.68 -39.13 17.36
N GLU K 49 30.60 -39.18 18.13
CA GLU K 49 29.69 -40.33 18.06
C GLU K 49 28.87 -40.35 16.78
N ALA K 50 28.50 -39.19 16.23
CA ALA K 50 27.90 -39.17 14.90
C ALA K 50 28.87 -39.70 13.84
N SER K 51 30.15 -39.33 13.93
CA SER K 51 31.14 -39.86 13.00
C SER K 51 31.36 -41.36 13.17
N ALA K 52 31.27 -41.86 14.40
CA ALA K 52 31.34 -43.30 14.62
C ALA K 52 30.10 -44.02 14.09
N GLY K 53 28.93 -43.37 14.16
CA GLY K 53 27.78 -43.90 13.45
C GLY K 53 27.99 -43.92 11.95
N SER K 54 28.60 -42.88 11.41
CA SER K 54 28.92 -42.83 10.00
C SER K 54 29.84 -43.98 9.62
N ALA L 1192 -15.67 23.84 -26.51
CA ALA L 1192 -16.68 23.53 -27.57
C ALA L 1192 -16.79 22.03 -27.75
N ALA L 1193 -15.65 21.36 -27.91
CA ALA L 1193 -15.66 19.94 -28.25
C ALA L 1193 -16.38 19.14 -27.18
N SER L 1194 -16.15 19.49 -25.91
CA SER L 1194 -16.90 18.88 -24.83
C SER L 1194 -18.39 19.08 -25.02
N PHE L 1195 -18.80 20.26 -25.49
CA PHE L 1195 -20.21 20.51 -25.74
C PHE L 1195 -20.74 19.69 -26.92
N ARG L 1196 -19.93 19.49 -27.95
CA ARG L 1196 -20.31 18.57 -29.01
C ARG L 1196 -20.57 17.18 -28.46
N GLU L 1197 -19.62 16.68 -27.66
CA GLU L 1197 -19.73 15.34 -27.11
C GLU L 1197 -20.97 15.21 -26.22
N PHE L 1198 -21.19 16.19 -25.36
CA PHE L 1198 -22.36 16.22 -24.50
C PHE L 1198 -23.65 16.25 -25.29
N ALA L 1199 -23.75 17.16 -26.26
CA ALA L 1199 -24.99 17.31 -27.01
C ALA L 1199 -25.31 16.06 -27.80
N SER L 1200 -24.29 15.49 -28.45
CA SER L 1200 -24.51 14.23 -29.15
C SER L 1200 -24.91 13.13 -28.19
N SER L 1201 -24.43 13.18 -26.95
CA SER L 1201 -24.87 12.19 -25.98
C SER L 1201 -26.28 12.46 -25.46
N ASN L 1202 -26.81 13.67 -25.65
CA ASN L 1202 -28.12 14.02 -25.10
C ASN L 1202 -29.09 14.48 -26.18
N SER L 1203 -28.92 13.97 -27.39
CA SER L 1203 -29.59 14.52 -28.57
C SER L 1203 -31.12 14.57 -28.43
N GLY L 1204 -31.72 13.53 -27.85
CA GLY L 1204 -33.18 13.47 -27.77
C GLY L 1204 -33.85 14.65 -27.09
N ALA L 1205 -33.25 15.18 -26.04
CA ALA L 1205 -33.84 16.32 -25.35
C ALA L 1205 -33.89 17.56 -26.22
N LEU L 1206 -32.88 17.76 -27.05
CA LEU L 1206 -32.90 18.87 -27.97
C LEU L 1206 -34.04 18.73 -28.97
N ARG L 1207 -34.23 17.53 -29.50
CA ARG L 1207 -35.34 17.28 -30.41
C ARG L 1207 -36.67 17.57 -29.73
N ASP L 1208 -36.81 17.17 -28.48
CA ASP L 1208 -38.02 17.52 -27.73
C ASP L 1208 -38.24 19.02 -27.66
N ALA L 1209 -37.20 19.78 -27.32
CA ALA L 1209 -37.36 21.23 -27.18
C ALA L 1209 -37.75 21.89 -28.49
N VAL L 1210 -37.14 21.45 -29.57
CA VAL L 1210 -37.48 21.96 -30.89
C VAL L 1210 -38.93 21.65 -31.23
N GLU L 1211 -39.36 20.42 -30.95
CA GLU L 1211 -40.75 20.08 -31.20
C GLU L 1211 -41.68 20.92 -30.35
N LEU L 1212 -41.28 21.28 -29.12
CA LEU L 1212 -42.13 22.15 -28.32
C LEU L 1212 -42.33 23.50 -28.98
N ALA L 1213 -41.25 24.12 -29.43
CA ALA L 1213 -41.39 25.41 -30.09
C ALA L 1213 -42.26 25.32 -31.35
N LEU L 1214 -41.95 24.35 -32.20
CA LEU L 1214 -42.67 24.24 -33.44
C LEU L 1214 -44.12 23.86 -33.22
N ASN L 1215 -44.41 23.01 -32.25
CA ASN L 1215 -45.80 22.73 -31.91
C ASN L 1215 -46.50 23.99 -31.43
N GLU L 1216 -45.79 24.84 -30.71
CA GLU L 1216 -46.41 26.06 -30.21
C GLU L 1216 -46.88 26.94 -31.35
N ASN L 1217 -46.03 27.08 -32.38
CA ASN L 1217 -46.47 27.76 -33.60
C ASN L 1217 -47.40 26.92 -34.46
N GLY L 1218 -47.38 25.60 -34.32
CA GLY L 1218 -48.29 24.70 -35.02
C GLY L 1218 -47.67 23.84 -36.11
N ALA L 1219 -46.43 23.41 -35.92
CA ALA L 1219 -45.67 22.66 -36.92
C ALA L 1219 -44.92 21.51 -36.26
N SER L 1220 -44.51 20.53 -37.07
CA SER L 1220 -43.69 19.44 -36.54
C SER L 1220 -42.78 18.83 -37.59
N LEU L 1221 -41.65 18.34 -37.08
CA LEU L 1221 -40.65 17.56 -37.83
C LEU L 1221 -41.21 16.31 -38.52
N LYS L 1222 -42.26 15.71 -37.99
CA LYS L 1222 -42.84 14.53 -38.61
C LYS L 1222 -43.17 14.73 -40.08
N THR L 1223 -43.45 15.96 -40.48
CA THR L 1223 -43.57 16.22 -41.90
C THR L 1223 -42.31 15.77 -42.64
N LEU L 1224 -41.13 15.91 -42.02
CA LEU L 1224 -39.93 15.36 -42.62
C LEU L 1224 -39.97 13.84 -42.68
N GLY L 1225 -40.51 13.22 -41.64
CA GLY L 1225 -40.61 11.77 -41.62
C GLY L 1225 -41.40 11.23 -42.79
N ASN L 1226 -42.53 11.86 -43.08
CA ASN L 1226 -43.28 11.46 -44.27
C ASN L 1226 -42.63 11.94 -45.56
N SER L 1227 -41.96 13.08 -45.55
CA SER L 1227 -41.51 13.69 -46.79
C SER L 1227 -40.35 12.89 -47.38
N LEU M 3 16.62 20.06 98.37
CA LEU M 3 16.94 20.63 97.04
C LEU M 3 18.03 19.82 96.34
N GLN M 4 17.80 19.57 95.06
CA GLN M 4 18.77 18.84 94.25
C GLN M 4 20.08 19.60 94.11
N LEU M 5 21.14 19.03 94.66
CA LEU M 5 22.49 19.54 94.49
C LEU M 5 23.21 18.77 93.40
N LEU M 6 23.83 19.50 92.48
CA LEU M 6 24.40 18.87 91.30
C LEU M 6 25.49 17.87 91.64
N ARG M 7 26.30 18.16 92.66
CA ARG M 7 27.38 17.26 93.01
C ARG M 7 26.90 15.88 93.43
N ASN M 8 25.68 15.78 93.96
CA ASN M 8 25.12 14.47 94.29
C ASN M 8 24.72 13.67 93.06
N THR M 9 24.86 14.22 91.88
CA THR M 9 24.42 13.54 90.67
C THR M 9 25.16 12.23 90.46
N ARG M 10 24.40 11.21 90.06
CA ARG M 10 24.95 9.92 89.63
C ARG M 10 24.35 9.53 88.29
N ILE M 11 25.15 8.93 87.42
CA ILE M 11 24.70 8.56 86.09
C ILE M 11 24.69 7.05 85.92
N PHE M 12 23.53 6.50 85.55
CA PHE M 12 23.40 5.12 85.13
C PHE M 12 22.92 5.08 83.69
N VAL M 13 23.53 4.23 82.88
CA VAL M 13 23.06 3.95 81.53
C VAL M 13 22.60 2.51 81.43
N SER M 14 21.65 2.27 80.53
CA SER M 14 21.18 0.91 80.34
C SER M 14 20.77 0.70 78.89
N THR M 15 20.84 -0.55 78.47
CA THR M 15 20.28 -0.98 77.20
C THR M 15 18.79 -1.23 77.28
N VAL M 16 18.20 -1.17 78.47
CA VAL M 16 16.82 -1.60 78.69
C VAL M 16 16.13 -0.66 79.66
N LYS M 17 14.80 -0.65 79.56
CA LYS M 17 13.96 0.04 80.50
C LYS M 17 13.70 -0.77 81.77
N THR M 18 13.83 -2.08 81.70
CA THR M 18 13.38 -2.96 82.76
C THR M 18 14.25 -4.21 82.80
N GLY M 19 14.31 -4.82 83.97
CA GLY M 19 15.12 -6.00 84.20
C GLY M 19 16.58 -5.61 84.23
N HIS M 20 16.88 -4.45 84.80
CA HIS M 20 18.24 -3.97 84.90
C HIS M 20 19.10 -4.95 85.67
N ASP M 21 20.33 -5.15 85.17
CA ASP M 21 21.30 -5.97 85.88
C ASP M 21 22.69 -5.42 85.61
N THR M 22 23.67 -6.04 86.27
CA THR M 22 25.06 -5.62 86.23
C THR M 22 25.69 -5.73 84.84
N THR M 23 24.93 -6.21 83.87
CA THR M 23 25.44 -6.43 82.52
C THR M 23 24.79 -5.53 81.50
N ASN M 24 23.48 -5.32 81.61
CA ASN M 24 22.75 -4.45 80.72
C ASN M 24 22.80 -3.01 81.16
N THR M 25 23.30 -2.76 82.37
CA THR M 25 23.29 -1.45 83.00
C THR M 25 24.62 -1.18 83.67
N GLN M 26 25.03 0.08 83.63
CA GLN M 26 26.38 0.47 84.00
C GLN M 26 26.35 1.87 84.59
N GLU M 27 26.89 2.04 85.78
CA GLU M 27 27.20 3.36 86.30
C GLU M 27 28.45 3.92 85.67
N ILE M 28 28.46 5.23 85.41
CA ILE M 28 29.67 5.85 84.90
C ILE M 28 30.09 7.03 85.77
N LEU M 29 31.40 7.24 85.82
CA LEU M 29 31.99 8.43 86.43
C LEU M 29 31.74 9.67 85.56
N VAL M 30 31.85 10.84 86.19
CA VAL M 30 31.86 12.10 85.46
C VAL M 30 32.81 13.09 86.12
N GLN M 31 33.36 13.97 85.29
CA GLN M 31 33.76 15.29 85.75
C GLN M 31 32.52 16.15 85.94
N ASP M 32 32.61 17.11 86.86
CA ASP M 32 31.51 18.04 87.11
C ASP M 32 31.44 19.15 86.07
N ASP M 33 31.19 18.75 84.81
CA ASP M 33 30.85 19.66 83.73
C ASP M 33 29.63 19.19 82.96
N ILE M 34 28.89 18.26 83.54
CA ILE M 34 27.72 17.68 82.88
C ILE M 34 26.68 18.73 82.53
N SER M 35 25.95 18.47 81.46
CA SER M 35 24.85 19.33 81.04
C SER M 35 23.80 18.50 80.34
N TRP M 36 22.54 18.88 80.53
CA TRP M 36 21.44 18.15 79.92
C TRP M 36 20.19 19.03 79.87
N GLY M 37 19.25 18.64 79.02
CA GLY M 37 17.99 19.35 78.99
C GLY M 37 17.21 19.18 77.70
N GLN M 38 16.05 19.86 77.68
CA GLN M 38 15.13 19.90 76.55
C GLN M 38 14.45 21.25 76.51
N ASP M 39 14.10 21.70 75.30
CA ASP M 39 13.73 23.09 75.09
C ASP M 39 12.52 23.23 74.16
N SER M 40 11.79 24.33 74.34
CA SER M 40 10.49 24.57 73.73
C SER M 40 10.56 25.59 72.59
N ASN M 41 9.88 25.28 71.49
CA ASN M 41 9.62 26.23 70.41
C ASN M 41 8.20 26.79 70.48
N SER M 42 8.09 28.12 70.48
CA SER M 42 6.81 28.79 70.67
C SER M 42 6.60 29.85 69.60
N THR M 43 5.41 29.85 69.02
CA THR M 43 5.07 30.62 67.83
C THR M 43 4.16 31.79 68.19
N ASP M 44 4.54 32.99 67.79
CA ASP M 44 3.81 34.20 68.14
C ASP M 44 3.18 34.81 66.89
N ILE M 45 1.92 35.23 67.00
CA ILE M 45 1.18 35.80 65.90
C ILE M 45 0.50 37.08 66.33
N THR M 46 0.51 38.08 65.44
CA THR M 46 -0.15 39.34 65.70
C THR M 46 -0.66 39.91 64.37
N VAL M 47 -1.79 40.60 64.45
CA VAL M 47 -2.41 41.23 63.29
C VAL M 47 -1.66 42.51 62.94
N ASN M 48 -1.11 42.56 61.73
CA ASN M 48 -0.62 43.81 61.16
C ASN M 48 -1.77 44.58 60.53
N GLU M 49 -2.06 45.77 61.05
CA GLU M 49 -3.21 46.54 60.63
C GLU M 49 -2.83 47.98 60.34
N ALA M 50 -3.54 48.56 59.39
CA ALA M 50 -3.42 49.96 59.07
C ALA M 50 -4.58 50.73 59.71
N GLY M 51 -4.69 52.00 59.36
CA GLY M 51 -5.80 52.82 59.77
C GLY M 51 -5.58 53.55 61.08
N PRO M 52 -6.53 54.43 61.40
CA PRO M 52 -6.31 55.39 62.48
C PRO M 52 -6.46 54.81 63.86
N ARG M 53 -7.16 53.68 64.02
CA ARG M 53 -7.54 53.18 65.33
C ARG M 53 -7.34 51.67 65.36
N PRO M 54 -6.13 51.23 65.08
CA PRO M 54 -5.89 49.81 64.80
C PRO M 54 -6.14 48.90 66.00
N THR M 55 -6.46 47.65 65.70
CA THR M 55 -6.31 46.59 66.67
C THR M 55 -4.84 46.40 67.01
N ARG M 56 -4.60 45.73 68.14
CA ARG M 56 -3.38 45.94 68.89
C ARG M 56 -2.81 44.69 69.53
N GLY M 57 -3.59 43.64 69.73
CA GLY M 57 -3.18 42.52 70.54
C GLY M 57 -2.35 41.49 69.80
N SER M 58 -2.09 40.39 70.50
CA SER M 58 -1.34 39.28 69.93
C SER M 58 -1.70 38.00 70.67
N LYS M 59 -1.35 36.86 70.05
CA LYS M 59 -1.50 35.58 70.70
C LYS M 59 -0.24 34.76 70.42
N ARG M 60 0.02 33.76 71.26
CA ARG M 60 1.06 32.81 70.89
C ARG M 60 0.75 31.42 71.42
N PHE M 61 1.35 30.44 70.78
CA PHE M 61 1.05 29.03 70.95
C PHE M 61 2.36 28.26 71.13
N ASN M 62 2.40 27.34 72.08
CA ASN M 62 3.50 26.38 72.11
C ASN M 62 3.34 25.39 70.97
N ASP M 63 4.38 25.22 70.16
CA ASP M 63 4.26 24.41 68.95
C ASP M 63 4.90 23.03 69.08
N SER M 64 6.13 22.96 69.55
CA SER M 64 6.88 21.72 69.49
C SER M 64 8.09 21.81 70.42
N LEU M 65 8.65 20.65 70.72
CA LEU M 65 9.88 20.55 71.47
C LEU M 65 11.05 20.16 70.58
N ASN M 66 12.20 20.76 70.85
CA ASN M 66 13.45 20.25 70.32
C ASN M 66 13.74 18.88 70.91
N ALA M 67 14.62 18.15 70.24
CA ALA M 67 15.18 16.94 70.82
C ALA M 67 16.03 17.23 72.05
N ALA M 68 15.92 16.34 73.04
CA ALA M 68 16.72 16.44 74.24
C ALA M 68 18.20 16.34 73.91
N GLU M 69 19.03 16.98 74.74
CA GLU M 69 20.47 17.01 74.52
C GLU M 69 21.21 16.79 75.82
N TRP M 70 22.34 16.09 75.73
CA TRP M 70 23.14 15.82 76.92
C TRP M 70 24.62 15.81 76.54
N SER M 71 25.45 16.10 77.54
CA SER M 71 26.90 15.98 77.44
C SER M 71 27.53 15.76 78.80
N PHE M 72 28.64 15.02 78.79
CA PHE M 72 29.47 14.83 79.97
C PHE M 72 30.86 14.39 79.53
N SER M 73 31.81 14.47 80.45
CA SER M 73 33.20 14.15 80.19
C SER M 73 33.78 13.23 81.25
N THR M 74 34.77 12.44 80.83
CA THR M 74 35.25 11.32 81.64
C THR M 74 36.74 11.12 81.44
N TYR M 75 37.43 10.74 82.51
CA TYR M 75 38.82 10.33 82.40
C TYR M 75 38.91 8.97 81.71
N ILE M 76 39.94 8.82 80.87
CA ILE M 76 40.23 7.52 80.26
C ILE M 76 40.88 6.59 81.28
N LEU M 77 40.34 5.38 81.44
CA LEU M 77 40.69 4.53 82.57
C LEU M 77 40.65 3.04 82.22
N PRO M 78 41.68 2.53 81.57
CA PRO M 78 41.72 1.11 81.20
C PRO M 78 42.08 0.23 82.39
N TYR M 79 41.38 -0.89 82.52
CA TYR M 79 41.68 -1.82 83.60
C TYR M 79 41.37 -3.25 83.20
N GLU M 80 41.84 -4.17 84.03
CA GLU M 80 41.66 -5.60 83.85
C GLU M 80 40.39 -6.10 84.53
N ASP M 81 39.52 -6.73 83.74
CA ASP M 81 38.26 -7.27 84.23
C ASP M 81 38.52 -8.45 85.16
N THR M 82 38.19 -8.26 86.43
CA THR M 82 38.67 -9.14 87.49
C THR M 82 38.21 -10.58 87.29
N THR M 83 37.10 -10.79 86.60
CA THR M 83 36.57 -12.13 86.38
C THR M 83 37.08 -12.80 85.11
N THR M 84 37.73 -12.05 84.22
CA THR M 84 38.12 -12.58 82.92
C THR M 84 39.58 -12.33 82.59
N GLY M 85 40.25 -11.41 83.28
CA GLY M 85 41.59 -11.02 82.94
C GLY M 85 41.71 -10.21 81.68
N LYS M 86 40.60 -9.89 81.03
CA LYS M 86 40.65 -9.02 79.87
C LYS M 86 40.73 -7.57 80.31
N GLN M 87 41.28 -6.74 79.45
CA GLN M 87 41.23 -5.31 79.66
C GLN M 87 39.84 -4.80 79.29
N ILE M 88 39.35 -3.82 80.03
CA ILE M 88 38.23 -3.01 79.57
C ILE M 88 38.36 -1.59 80.12
N VAL M 89 37.49 -0.72 79.62
CA VAL M 89 37.19 0.56 80.27
C VAL M 89 35.76 0.56 80.78
N PRO M 90 35.47 1.32 81.83
CA PRO M 90 34.13 1.27 82.43
C PRO M 90 33.00 1.62 81.49
N ASP M 91 33.25 2.40 80.44
CA ASP M 91 32.21 2.89 79.55
C ASP M 91 32.18 2.20 78.19
N TYR M 92 32.64 0.95 78.15
CA TYR M 92 32.72 0.22 76.89
C TYR M 92 31.40 0.23 76.12
N MET M 93 30.30 0.20 76.85
CA MET M 93 28.98 0.25 76.21
C MET M 93 28.81 1.49 75.34
N LEU M 94 29.44 2.59 75.71
CA LEU M 94 29.40 3.77 74.85
C LEU M 94 30.19 3.56 73.58
N TRP M 95 31.39 3.01 73.69
CA TRP M 95 32.19 2.77 72.51
C TRP M 95 31.47 1.84 71.54
N HIS M 96 30.74 0.87 72.07
CA HIS M 96 29.91 0.02 71.21
C HIS M 96 28.80 0.81 70.54
N ALA M 97 28.02 1.55 71.33
CA ALA M 97 26.91 2.30 70.76
C ALA M 97 27.40 3.36 69.78
N LEU M 98 28.67 3.71 69.86
CA LEU M 98 29.23 4.64 68.90
C LEU M 98 29.43 4.00 67.55
N SER M 99 29.49 2.68 67.50
CA SER M 99 30.17 2.01 66.39
C SER M 99 29.48 0.71 66.02
N SER M 100 28.20 0.57 66.30
CA SER M 100 27.50 -0.68 66.05
C SER M 100 26.03 -0.40 65.91
N GLY M 101 25.33 -1.34 65.28
CA GLY M 101 23.89 -1.32 65.25
C GLY M 101 23.28 -2.55 65.87
N LYS M 102 24.12 -3.32 66.57
CA LYS M 102 23.73 -4.63 67.04
C LYS M 102 24.15 -4.84 68.48
N ALA M 103 23.70 -5.95 69.04
CA ALA M 103 24.00 -6.27 70.42
C ALA M 103 25.48 -6.32 70.71
N ILE M 104 25.84 -5.81 71.89
CA ILE M 104 27.22 -5.79 72.34
C ILE M 104 27.78 -7.20 72.30
N ASP M 105 28.93 -7.36 71.65
CA ASP M 105 29.45 -8.68 71.31
C ASP M 105 30.98 -8.63 71.43
N LEU M 106 31.44 -8.28 72.63
CA LEU M 106 32.83 -7.93 72.87
C LEU M 106 33.80 -9.10 72.72
N ASP M 107 33.31 -10.31 72.54
CA ASP M 107 34.18 -11.41 72.18
C ASP M 107 34.45 -11.49 70.70
N GLY M 108 33.75 -10.71 69.89
CA GLY M 108 33.89 -10.78 68.46
C GLY M 108 35.17 -10.15 67.94
N ASP M 109 35.07 -9.42 66.83
CA ASP M 109 36.22 -8.79 66.22
C ASP M 109 35.90 -7.42 65.61
N THR M 110 34.71 -6.89 65.82
CA THR M 110 34.36 -5.58 65.30
C THR M 110 33.38 -4.89 66.22
N GLY M 111 33.39 -3.57 66.15
CA GLY M 111 32.96 -2.84 67.31
C GLY M 111 33.89 -3.22 68.46
N ALA M 112 33.43 -2.86 69.65
CA ALA M 112 34.22 -3.14 70.83
C ALA M 112 34.49 -4.63 70.96
N HIS M 113 35.76 -4.99 71.09
CA HIS M 113 36.11 -6.36 71.43
C HIS M 113 37.44 -6.36 72.14
N ASN M 114 37.69 -7.40 72.91
CA ASN M 114 38.83 -7.38 73.80
C ASN M 114 39.41 -8.77 73.97
N ASN M 115 40.60 -8.79 74.54
CA ASN M 115 41.27 -10.00 74.96
C ASN M 115 42.14 -9.65 76.15
N ALA M 116 42.97 -10.61 76.57
CA ALA M 116 43.83 -10.40 77.72
C ALA M 116 44.91 -9.36 77.46
N THR M 117 45.16 -9.02 76.20
CA THR M 117 46.18 -8.05 75.88
C THR M 117 45.68 -6.64 75.63
N ASN M 118 44.46 -6.46 75.11
CA ASN M 118 44.01 -5.13 74.79
C ASN M 118 42.50 -5.06 74.82
N PHE M 119 41.98 -3.84 74.87
CA PHE M 119 40.65 -3.54 74.40
C PHE M 119 40.77 -2.81 73.07
N MET M 120 39.92 -3.15 72.10
CA MET M 120 40.04 -2.65 70.76
C MET M 120 38.70 -2.16 70.25
N VAL M 121 38.76 -1.19 69.37
CA VAL M 121 37.61 -0.68 68.64
C VAL M 121 37.93 -0.60 67.17
N ASN M 122 37.03 -1.11 66.34
CA ASN M 122 37.05 -0.84 64.91
C ASN M 122 35.64 -0.62 64.40
N PHE M 123 35.54 0.26 63.41
CA PHE M 123 34.28 0.78 62.88
C PHE M 123 33.71 -0.05 61.73
N LYS M 124 34.16 -1.29 61.59
CA LYS M 124 33.83 -2.05 60.38
C LYS M 124 32.33 -2.25 60.19
N ASP M 125 31.54 -2.17 61.25
CA ASP M 125 30.11 -2.46 61.19
C ASP M 125 29.25 -1.21 61.40
N ASN M 126 29.65 -0.09 60.82
CA ASN M 126 29.00 1.19 61.08
C ASN M 126 27.88 1.50 60.10
N ALA M 127 27.39 0.51 59.38
CA ALA M 127 26.58 0.79 58.20
C ALA M 127 25.10 0.98 58.50
N TYR M 128 24.70 0.93 59.77
CA TYR M 128 23.28 1.02 60.05
C TYR M 128 22.85 2.49 60.05
N HIS M 129 21.56 2.70 59.78
CA HIS M 129 21.01 4.06 59.83
C HIS M 129 20.70 4.53 61.24
N GLU M 130 20.28 3.62 62.12
CA GLU M 130 20.22 3.92 63.55
C GLU M 130 21.16 3.02 64.32
N LEU M 131 22.06 3.64 65.08
CA LEU M 131 22.93 2.96 66.00
C LEU M 131 22.17 2.45 67.21
N ALA M 132 22.78 1.49 67.89
CA ALA M 132 22.20 0.90 69.10
C ALA M 132 21.96 1.99 70.15
N MET M 133 20.72 2.08 70.61
CA MET M 133 20.26 3.19 71.40
C MET M 133 20.42 2.87 72.88
N LEU M 134 20.33 3.92 73.71
CA LEU M 134 20.51 3.76 75.15
C LEU M 134 19.45 4.54 75.91
N HIS M 135 19.18 4.09 77.13
CA HIS M 135 18.35 4.80 78.09
C HIS M 135 19.22 5.33 79.21
N ILE M 136 19.04 6.60 79.60
CA ILE M 136 19.87 7.16 80.66
C ILE M 136 19.07 7.55 81.89
N TYR M 137 19.37 6.90 83.01
CA TYR M 137 18.84 7.21 84.35
C TYR M 137 19.75 8.16 85.11
N ILE M 138 19.50 9.45 84.98
CA ILE M 138 20.24 10.44 85.74
C ILE M 138 19.61 10.56 87.10
N LEU M 139 20.37 10.22 88.14
CA LEU M 139 19.91 10.27 89.50
C LEU M 139 20.40 11.54 90.18
N THR M 140 19.50 12.18 90.90
CA THR M 140 19.78 13.25 91.84
C THR M 140 19.21 12.83 93.16
N ASP M 141 19.69 13.44 94.23
CA ASP M 141 19.47 12.86 95.55
C ASP M 141 17.99 12.74 95.85
N ASN M 142 17.56 11.51 96.10
CA ASN M 142 16.16 11.14 96.28
C ASN M 142 15.27 11.54 95.10
N ALA M 143 15.83 11.79 93.92
CA ALA M 143 15.03 12.31 92.81
C ALA M 143 15.60 11.78 91.50
N TRP M 144 14.89 10.83 90.90
CA TRP M 144 15.27 10.23 89.64
C TRP M 144 14.90 11.09 88.44
N SER M 145 15.47 10.73 87.29
CA SER M 145 15.11 11.33 86.03
C SER M 145 15.65 10.44 84.91
N TYR M 146 15.16 10.65 83.70
CA TYR M 146 15.30 9.64 82.66
C TYR M 146 15.22 10.23 81.27
N ILE M 147 16.19 9.89 80.43
CA ILE M 147 16.19 10.25 79.02
C ILE M 147 15.95 8.99 78.21
N ASP M 148 14.88 9.00 77.42
CA ASP M 148 14.47 7.83 76.67
C ASP M 148 15.11 7.81 75.29
N SER M 149 15.76 6.70 74.96
CA SER M 149 16.20 6.39 73.59
C SER M 149 17.12 7.49 73.04
N CYS M 150 18.31 7.57 73.60
CA CYS M 150 19.30 8.51 73.12
C CYS M 150 20.33 7.82 72.21
N GLN M 151 21.06 8.65 71.48
CA GLN M 151 22.09 8.22 70.56
C GLN M 151 23.31 9.12 70.68
N ILE M 152 24.48 8.48 70.60
CA ILE M 152 25.75 9.16 70.82
C ILE M 152 26.17 9.90 69.55
N ASN M 153 26.08 11.22 69.58
CA ASN M 153 26.39 11.96 68.36
C ASN M 153 27.88 12.13 68.18
N GLN M 154 28.61 12.42 69.26
CA GLN M 154 29.97 12.93 69.11
C GLN M 154 30.86 12.54 70.28
N ALA M 155 32.13 12.33 69.98
CA ALA M 155 33.15 12.01 70.98
C ALA M 155 34.47 12.69 70.66
N GLU M 156 34.71 13.81 71.32
CA GLU M 156 35.97 14.52 71.21
C GLU M 156 37.01 13.96 72.17
N VAL M 157 38.26 13.92 71.72
CA VAL M 157 39.42 13.71 72.58
C VAL M 157 40.34 14.93 72.53
N ASN M 158 40.42 15.63 73.65
CA ASN M 158 41.16 16.90 73.77
C ASN M 158 42.59 16.61 74.21
N VAL M 159 43.37 16.06 73.29
CA VAL M 159 44.79 15.86 73.56
C VAL M 159 45.52 17.18 73.79
N ASP M 160 45.96 17.36 75.02
CA ASP M 160 46.42 18.65 75.52
C ASP M 160 47.52 18.39 76.53
N ILE M 161 48.71 18.92 76.23
CA ILE M 161 49.94 18.39 76.77
C ILE M 161 50.01 18.48 78.28
N GLU M 162 49.27 19.39 78.88
CA GLU M 162 49.37 19.65 80.31
C GLU M 162 48.50 18.76 81.19
N ASP M 163 47.69 17.87 80.64
CA ASP M 163 46.60 17.33 81.43
C ASP M 163 46.41 15.83 81.18
N ILE M 164 45.61 15.23 82.05
CA ILE M 164 45.17 13.85 81.93
C ILE M 164 44.23 13.66 80.75
N GLY M 165 44.33 12.49 80.13
CA GLY M 165 43.52 12.20 78.97
C GLY M 165 42.05 12.06 79.32
N ARG M 166 41.21 12.87 78.70
CA ARG M 166 39.78 12.82 78.94
C ARG M 166 39.04 12.75 77.62
N VAL M 167 37.90 12.10 77.68
CA VAL M 167 36.92 12.04 76.62
C VAL M 167 35.80 13.01 76.94
N THR M 168 35.30 13.69 75.92
CA THR M 168 34.07 14.44 76.04
C THR M 168 33.03 13.89 75.07
N TRP M 169 31.89 13.51 75.61
CA TRP M 169 30.82 12.90 74.85
C TRP M 169 29.72 13.93 74.60
N SER M 170 28.90 13.65 73.61
CA SER M 170 27.58 14.27 73.59
C SER M 170 26.63 13.46 72.75
N GLY M 171 25.35 13.74 72.96
CA GLY M 171 24.34 13.06 72.19
C GLY M 171 22.96 13.62 72.46
N ASN M 172 21.98 12.95 71.85
CA ASN M 172 20.62 13.47 71.86
C ASN M 172 19.60 12.35 72.01
N GLY M 173 18.45 12.70 72.59
CA GLY M 173 17.41 11.71 72.80
C GLY M 173 16.02 12.28 72.66
N ASN M 174 15.04 11.37 72.57
CA ASN M 174 13.67 11.76 72.26
C ASN M 174 13.06 12.62 73.36
N GLN M 175 13.06 12.14 74.59
CA GLN M 175 12.19 12.74 75.60
C GLN M 175 12.73 12.55 77.00
N LEU M 176 12.90 13.69 77.68
CA LEU M 176 13.15 13.73 79.11
C LEU M 176 11.90 13.38 79.90
N ILE M 177 12.00 12.38 80.77
CA ILE M 177 10.92 11.90 81.60
C ILE M 177 11.31 12.07 83.06
N PRO M 178 10.54 12.83 83.85
CA PRO M 178 10.70 12.78 85.31
C PRO M 178 10.07 11.52 85.87
N LEU M 179 10.89 10.64 86.45
CA LEU M 179 10.36 9.51 87.16
C LEU M 179 9.97 9.85 88.58
N ASP M 180 8.98 9.11 89.08
CA ASP M 180 8.48 9.29 90.44
C ASP M 180 9.35 8.56 91.46
N GLU M 181 9.84 7.37 91.11
CA GLU M 181 10.39 6.48 92.12
C GLU M 181 11.48 5.59 91.53
N GLN M 182 12.36 5.13 92.42
CA GLN M 182 13.58 4.44 92.04
C GLN M 182 13.29 3.32 91.05
N PRO M 183 13.87 3.34 89.86
CA PRO M 183 13.63 2.27 88.91
C PRO M 183 14.41 1.01 89.26
N PHE M 184 15.58 1.20 89.87
CA PHE M 184 16.39 0.07 90.31
C PHE M 184 17.39 0.52 91.38
N ASP M 185 17.90 -0.47 92.12
CA ASP M 185 18.86 -0.23 93.19
C ASP M 185 20.18 0.36 92.69
N PRO M 186 20.45 1.64 92.99
CA PRO M 186 21.66 2.29 92.47
C PRO M 186 22.93 1.81 93.13
N ASP M 187 22.83 1.10 94.25
CA ASP M 187 24.00 0.72 95.04
C ASP M 187 24.24 -0.77 95.00
N ALA M 188 23.25 -1.53 94.57
CA ALA M 188 23.50 -2.86 94.06
C ALA M 188 24.16 -2.74 92.69
N LEU M 189 23.59 -1.90 91.82
CA LEU M 189 24.06 -1.82 90.45
C LEU M 189 25.19 -0.83 90.25
N GLY M 190 25.66 -0.17 91.31
CA GLY M 190 26.79 0.74 91.16
C GLY M 190 28.13 0.03 91.10
N ILE M 191 29.17 0.85 90.95
CA ILE M 191 30.57 0.45 91.08
C ILE M 191 30.99 0.30 92.54
N ASP M 192 32.20 -0.22 92.75
CA ASP M 192 32.66 -0.61 94.08
C ASP M 192 34.11 -0.19 94.27
N ASP M 193 34.49 -0.14 95.55
CA ASP M 193 35.74 0.51 95.97
C ASP M 193 36.98 -0.26 95.52
N GLU M 194 36.88 -1.58 95.35
CA GLU M 194 37.99 -2.31 94.76
C GLU M 194 38.26 -1.84 93.33
N THR M 195 37.21 -1.59 92.57
CA THR M 195 37.39 -0.97 91.26
C THR M 195 37.94 0.44 91.42
N TYR M 196 37.35 1.20 92.32
CA TYR M 196 37.74 2.60 92.52
C TYR M 196 39.21 2.75 92.89
N MET M 197 39.79 1.74 93.53
CA MET M 197 41.21 1.74 93.84
C MET M 197 42.10 1.04 92.81
N THR M 198 41.59 0.05 92.10
CA THR M 198 42.35 -0.53 91.00
C THR M 198 42.56 0.49 89.91
N ILE M 199 41.48 1.17 89.52
CA ILE M 199 41.48 1.99 88.33
C ILE M 199 42.43 3.17 88.46
N GLN M 200 42.53 3.74 89.65
CA GLN M 200 43.36 4.92 89.86
C GLN M 200 44.84 4.65 89.80
N SER M 201 45.25 3.41 89.54
CA SER M 201 46.61 3.12 89.11
C SER M 201 46.84 3.35 87.62
N SER M 202 45.81 3.62 86.82
CA SER M 202 45.90 3.49 85.38
C SER M 202 45.70 4.79 84.61
N TYR M 203 45.67 5.95 85.28
CA TYR M 203 45.54 7.20 84.56
C TYR M 203 46.60 7.33 83.48
N ILE M 204 46.24 8.03 82.41
CA ILE M 204 47.13 8.31 81.29
C ILE M 204 47.55 9.77 81.29
N LYS M 205 48.85 10.01 81.22
CA LYS M 205 49.41 11.36 81.18
C LYS M 205 49.66 11.75 79.73
N ASN M 206 49.07 12.87 79.30
CA ASN M 206 49.21 13.30 77.92
C ASN M 206 50.63 13.72 77.57
N LYS M 207 51.36 14.29 78.53
CA LYS M 207 52.66 14.87 78.21
C LYS M 207 53.62 13.84 77.63
N LEU M 208 53.41 12.57 77.92
CA LEU M 208 54.26 11.50 77.45
C LEU M 208 53.90 11.05 76.05
N THR M 209 53.00 11.78 75.38
CA THR M 209 52.53 11.39 74.06
C THR M 209 53.68 11.25 73.08
N ILE M 210 53.55 10.27 72.18
CA ILE M 210 54.38 10.17 70.98
C ILE M 210 53.52 10.22 69.74
N LEU M 211 54.04 10.85 68.70
CA LEU M 211 53.45 10.80 67.37
C LEU M 211 54.37 10.07 66.41
N LYS M 212 53.81 9.13 65.65
CA LYS M 212 54.49 8.48 64.55
C LYS M 212 53.77 8.81 63.26
N ILE M 213 54.56 9.08 62.21
CA ILE M 213 54.00 9.51 60.94
C ILE M 213 54.89 9.00 59.81
N LYS M 214 54.27 8.73 58.67
CA LYS M 214 54.99 8.17 57.53
C LYS M 214 54.28 8.54 56.25
N ASP M 215 55.06 8.92 55.25
CA ASP M 215 54.56 9.19 53.90
C ASP M 215 54.60 7.89 53.11
N MET M 216 53.42 7.34 52.83
CA MET M 216 53.36 6.09 52.07
C MET M 216 53.77 6.26 50.62
N ASP M 217 53.89 7.48 50.12
CA ASP M 217 54.38 7.68 48.76
C ASP M 217 55.88 7.54 48.64
N SER M 218 56.61 7.58 49.75
CA SER M 218 58.07 7.56 49.71
C SER M 218 58.71 6.63 50.72
N ASP M 219 57.95 6.03 51.62
CA ASP M 219 58.47 5.31 52.78
C ASP M 219 59.24 6.22 53.74
N LYS M 220 59.24 7.53 53.49
CA LYS M 220 59.95 8.46 54.35
C LYS M 220 59.27 8.55 55.70
N GLU M 221 60.08 8.71 56.76
CA GLU M 221 59.58 8.69 58.13
C GLU M 221 60.01 9.92 58.93
N TYR M 222 59.24 10.99 58.85
CA TYR M 222 59.48 12.18 59.63
C TYR M 222 59.42 11.89 61.13
N ASP M 223 60.04 12.79 61.91
CA ASP M 223 60.21 12.65 63.36
C ASP M 223 59.71 13.92 64.04
N ILE M 224 58.51 13.88 64.61
CA ILE M 224 57.77 15.11 64.90
C ILE M 224 57.30 15.20 66.34
N PRO M 225 57.94 16.00 67.19
CA PRO M 225 57.34 16.37 68.47
C PRO M 225 56.12 17.26 68.30
N ILE M 226 55.20 17.16 69.26
CA ILE M 226 53.95 17.90 69.26
C ILE M 226 53.83 18.78 70.49
N THR M 227 52.94 19.78 70.38
CA THR M 227 52.73 20.76 71.43
C THR M 227 51.26 20.89 71.79
N GLY M 228 50.45 19.93 71.38
CA GLY M 228 49.01 20.00 71.59
C GLY M 228 48.21 19.77 70.32
N GLY M 229 46.99 19.27 70.50
CA GLY M 229 46.17 18.96 69.35
C GLY M 229 44.72 18.75 69.73
N THR M 230 44.03 17.99 68.88
CA THR M 230 42.77 17.34 69.23
C THR M 230 42.53 16.24 68.21
N PHE M 231 41.62 15.33 68.52
CA PHE M 231 40.88 14.66 67.47
C PHE M 231 39.44 14.44 67.89
N THR M 232 38.58 14.21 66.90
CA THR M 232 37.15 14.10 67.16
C THR M 232 36.53 13.10 66.21
N ILE M 233 35.59 12.33 66.75
CA ILE M 233 34.74 11.41 66.00
C ILE M 233 33.31 11.91 66.06
N ASN M 234 32.65 12.03 64.90
CA ASN M 234 31.22 12.27 65.02
C ASN M 234 30.44 11.69 63.85
N ASN M 235 29.17 11.41 64.15
CA ASN M 235 28.23 10.71 63.27
C ASN M 235 27.30 11.65 62.51
N ASN M 236 27.21 12.91 62.91
CA ASN M 236 26.24 13.85 62.35
C ASN M 236 24.82 13.31 62.37
N ILE M 237 24.43 12.76 63.52
CA ILE M 237 23.03 12.38 63.72
C ILE M 237 22.11 13.57 63.52
N THR M 238 20.96 13.32 62.92
CA THR M 238 19.88 14.29 62.83
C THR M 238 18.61 13.68 63.39
N TYR M 239 17.80 14.50 64.06
CA TYR M 239 16.50 14.11 64.55
C TYR M 239 15.39 14.70 63.70
N LEU M 240 14.38 13.89 63.38
CA LEU M 240 13.25 14.33 62.58
C LEU M 240 12.03 14.54 63.44
N THR M 241 11.29 15.61 63.16
CA THR M 241 10.12 15.94 63.94
C THR M 241 8.95 16.29 63.05
N PRO M 242 7.73 15.86 63.40
CA PRO M 242 6.53 16.29 62.66
C PRO M 242 6.26 17.77 62.85
N ASN M 243 5.29 18.25 62.05
CA ASN M 243 4.76 19.60 62.19
C ASN M 243 3.23 19.59 62.08
N ILE M 244 2.59 18.81 62.93
CA ILE M 244 1.14 18.80 62.99
C ILE M 244 0.62 20.06 63.67
N MET M 245 -0.49 20.57 63.18
CA MET M 245 -1.26 21.54 63.95
C MET M 245 -1.95 20.85 65.11
N SER M 246 -2.54 21.65 65.98
CA SER M 246 -3.45 21.23 67.04
C SER M 246 -2.80 20.23 67.99
N ARG M 247 -1.49 20.08 67.92
CA ARG M 247 -0.77 19.18 68.81
C ARG M 247 0.63 19.73 69.03
N VAL M 248 1.21 19.38 70.16
CA VAL M 248 2.64 19.62 70.37
C VAL M 248 3.41 18.48 69.72
N ASN M 249 4.15 18.78 68.66
CA ASN M 249 4.87 17.75 67.94
C ASN M 249 6.13 17.34 68.70
N ILE M 250 6.40 16.04 68.72
CA ILE M 250 7.59 15.53 69.37
C ILE M 250 8.37 14.65 68.41
N PRO M 251 9.71 14.59 68.51
CA PRO M 251 10.49 13.84 67.54
C PRO M 251 10.14 12.37 67.55
N ILE M 252 10.22 11.77 66.36
CA ILE M 252 9.75 10.41 66.13
C ILE M 252 10.83 9.52 65.56
N GLY M 253 12.06 9.99 65.43
CA GLY M 253 13.13 9.15 64.94
C GLY M 253 14.31 9.98 64.50
N SER M 254 15.35 9.27 64.11
CA SER M 254 16.63 9.88 63.79
C SER M 254 17.26 9.19 62.59
N PHE M 255 18.21 9.91 61.99
CA PHE M 255 18.96 9.41 60.85
C PHE M 255 20.41 9.79 61.03
N THR M 256 21.28 9.07 60.31
CA THR M 256 22.72 9.13 60.51
C THR M 256 23.39 9.86 59.35
N GLY M 257 24.28 10.80 59.67
CA GLY M 257 25.04 11.50 58.67
C GLY M 257 26.31 10.75 58.28
N ALA M 258 27.13 11.44 57.50
CA ALA M 258 28.45 10.94 57.16
C ALA M 258 29.30 10.80 58.41
N PHE M 259 30.00 9.67 58.51
CA PHE M 259 30.95 9.47 59.59
C PHE M 259 32.13 10.42 59.42
N GLU M 260 32.70 10.85 60.54
CA GLU M 260 33.86 11.73 60.50
C GLU M 260 34.86 11.36 61.58
N LEU M 261 36.14 11.47 61.22
CA LEU M 261 37.25 11.21 62.13
C LEU M 261 38.40 12.11 61.72
N THR M 262 38.65 13.16 62.52
CA THR M 262 39.60 14.19 62.13
C THR M 262 40.44 14.63 63.31
N GLY M 263 41.54 15.30 63.01
CA GLY M 263 42.34 15.85 64.09
C GLY M 263 43.29 16.95 63.67
N SER M 264 43.83 17.60 64.70
CA SER M 264 44.74 18.73 64.57
C SER M 264 45.96 18.53 65.45
N LEU M 265 47.12 18.93 64.92
CA LEU M 265 48.40 18.85 65.58
C LEU M 265 49.16 20.16 65.46
N THR M 266 49.85 20.56 66.52
CA THR M 266 50.58 21.81 66.51
C THR M 266 51.99 21.58 67.01
N ALA M 267 52.97 22.18 66.33
CA ALA M 267 54.36 21.83 66.58
C ALA M 267 55.26 23.05 66.42
N TYR M 268 56.43 22.97 67.03
CA TYR M 268 57.47 23.95 66.76
C TYR M 268 58.20 23.60 65.47
N LEU M 269 58.60 24.65 64.74
CA LEU M 269 59.44 24.50 63.57
C LEU M 269 60.87 24.16 63.93
N ASN M 270 61.34 23.02 63.44
CA ASN M 270 62.62 22.45 63.84
C ASN M 270 63.44 22.16 62.59
N ASP M 271 64.67 22.64 62.57
CA ASP M 271 65.53 22.53 61.39
C ASP M 271 66.17 21.16 61.27
N LYS M 272 65.99 20.31 62.28
CA LYS M 272 66.54 18.96 62.24
C LYS M 272 66.04 18.20 61.02
N SER M 273 66.94 17.40 60.45
CA SER M 273 66.62 16.57 59.30
C SER M 273 65.47 15.62 59.61
N LEU M 274 64.60 15.44 58.61
CA LEU M 274 63.31 14.78 58.76
C LEU M 274 62.38 15.46 59.75
N GLY M 275 62.73 16.65 60.22
CA GLY M 275 61.83 17.39 61.07
C GLY M 275 60.74 18.13 60.32
N SER M 276 59.98 18.89 61.11
CA SER M 276 58.82 19.61 60.60
C SER M 276 59.18 20.58 59.48
N MET M 277 60.38 21.15 59.53
CA MET M 277 60.82 21.98 58.42
C MET M 277 60.87 21.21 57.13
N GLU M 278 61.41 19.99 57.17
CA GLU M 278 61.55 19.21 55.96
C GLU M 278 60.21 18.71 55.46
N LEU M 279 59.32 18.34 56.38
CA LEU M 279 57.94 18.04 56.01
C LEU M 279 57.28 19.22 55.32
N TYR M 280 57.43 20.40 55.90
CA TYR M 280 56.81 21.61 55.35
C TYR M 280 57.29 21.85 53.93
N LYS M 281 58.61 21.83 53.75
CA LYS M 281 59.17 21.98 52.42
C LYS M 281 58.60 20.94 51.48
N ASP M 282 58.68 19.66 51.86
CA ASP M 282 58.35 18.60 50.93
C ASP M 282 56.91 18.70 50.45
N LEU M 283 56.01 19.17 51.29
CA LEU M 283 54.64 19.42 50.83
C LEU M 283 54.52 20.66 49.96
N VAL M 284 55.00 21.80 50.48
CA VAL M 284 54.78 23.07 49.81
C VAL M 284 55.49 23.14 48.46
N ARG M 285 56.64 22.49 48.34
CA ARG M 285 57.38 22.42 47.10
C ARG M 285 56.67 21.61 46.02
N THR M 286 55.66 20.84 46.37
CA THR M 286 55.21 19.74 45.53
C THR M 286 53.74 19.80 45.17
N LEU M 287 52.91 20.38 46.03
CA LEU M 287 51.52 20.69 45.67
C LEU M 287 50.76 19.48 45.14
N LYS M 288 50.75 18.40 45.90
CA LYS M 288 49.86 17.29 45.56
C LYS M 288 48.42 17.65 45.82
N VAL M 289 47.54 17.12 44.96
CA VAL M 289 46.11 17.21 45.21
C VAL M 289 45.68 16.24 46.28
N VAL M 290 46.25 15.04 46.27
CA VAL M 290 45.96 14.01 47.26
C VAL M 290 47.25 13.39 47.73
N ASN M 291 47.29 13.03 49.02
CA ASN M 291 48.44 12.42 49.62
C ASN M 291 48.00 11.27 50.51
N ARG M 292 48.99 10.52 50.99
CA ARG M 292 48.74 9.32 51.78
C ARG M 292 49.76 9.25 52.91
N PHE M 293 49.32 9.56 54.11
CA PHE M 293 50.14 9.45 55.30
C PHE M 293 49.56 8.35 56.20
N GLU M 294 50.41 7.46 56.66
CA GLU M 294 50.13 6.66 57.85
C GLU M 294 50.42 7.48 59.09
N ILE M 295 49.50 7.44 60.05
CA ILE M 295 49.65 8.13 61.32
C ILE M 295 49.32 7.19 62.46
N ALA M 296 50.07 7.29 63.54
CA ALA M 296 49.70 6.68 64.80
C ALA M 296 49.95 7.64 65.95
N LEU M 297 48.96 7.79 66.82
CA LEU M 297 49.05 8.65 67.98
C LEU M 297 49.07 7.79 69.23
N ILE M 298 50.11 7.93 70.04
CA ILE M 298 50.37 7.03 71.16
C ILE M 298 50.31 7.82 72.45
N LEU M 299 49.13 7.91 73.04
CA LEU M 299 48.96 8.57 74.32
C LEU M 299 49.60 7.71 75.40
N GLY M 300 50.26 8.38 76.34
CA GLY M 300 51.05 7.74 77.36
C GLY M 300 52.39 7.22 76.88
N GLY M 301 52.62 7.15 75.59
CA GLY M 301 53.91 6.77 75.06
C GLY M 301 54.11 5.27 74.99
N GLU M 302 55.35 4.89 74.72
CA GLU M 302 55.75 3.50 74.67
C GLU M 302 57.10 3.32 75.34
N TYR M 303 57.31 2.12 75.87
CA TYR M 303 58.42 1.81 76.75
C TYR M 303 58.66 0.31 76.69
N ASP M 304 59.81 -0.09 77.22
CA ASP M 304 60.02 -1.50 77.53
C ASP M 304 59.37 -1.91 78.84
N ASP M 305 58.89 -0.95 79.63
CA ASP M 305 57.95 -1.23 80.69
C ASP M 305 56.66 -1.83 80.13
N GLU M 306 55.79 -2.24 81.04
CA GLU M 306 54.37 -2.37 80.76
C GLU M 306 53.66 -1.20 81.40
N ARG M 307 52.94 -0.44 80.59
CA ARG M 307 52.44 0.86 80.98
C ARG M 307 51.04 1.04 80.45
N PRO M 308 50.25 1.90 81.07
CA PRO M 308 49.00 2.33 80.44
C PRO M 308 49.29 3.08 79.17
N ALA M 309 48.42 2.88 78.19
CA ALA M 309 48.57 3.56 76.91
C ALA M 309 47.24 3.55 76.18
N ALA M 310 47.13 4.48 75.24
CA ALA M 310 45.98 4.50 74.35
C ALA M 310 46.37 4.97 72.96
N VAL M 311 46.07 4.17 71.96
CA VAL M 311 46.60 4.32 70.62
C VAL M 311 45.46 4.57 69.65
N LEU M 312 45.61 5.61 68.83
CA LEU M 312 44.81 5.78 67.64
C LEU M 312 45.64 5.39 66.43
N VAL M 313 45.02 4.66 65.49
CA VAL M 313 45.64 4.34 64.22
C VAL M 313 44.74 4.77 63.07
N ALA M 314 45.34 5.42 62.08
CA ALA M 314 44.67 5.81 60.84
C ALA M 314 45.56 5.42 59.66
N LYS M 315 45.17 4.41 58.92
CA LYS M 315 46.03 3.81 57.92
C LYS M 315 46.15 4.62 56.63
N GLN M 316 45.31 5.64 56.44
CA GLN M 316 45.16 6.22 55.12
C GLN M 316 44.91 7.73 55.15
N ALA M 317 45.31 8.41 56.21
CA ALA M 317 44.91 9.80 56.41
C ALA M 317 45.38 10.69 55.27
N HIS M 318 44.50 11.61 54.89
CA HIS M 318 44.85 12.77 54.09
C HIS M 318 45.25 13.90 55.02
N VAL M 319 46.16 14.74 54.54
CA VAL M 319 46.67 15.84 55.32
C VAL M 319 46.58 17.13 54.54
N ASN M 320 46.05 18.17 55.17
CA ASN M 320 45.96 19.47 54.55
C ASN M 320 47.35 20.10 54.51
N ILE M 321 47.52 21.05 53.61
CA ILE M 321 48.75 21.82 53.54
C ILE M 321 48.97 22.56 54.85
N PRO M 322 50.10 22.38 55.52
CA PRO M 322 50.30 22.98 56.84
C PRO M 322 50.36 24.49 56.75
N THR M 323 50.15 25.12 57.90
CA THR M 323 50.28 26.57 58.00
C THR M 323 51.33 26.95 59.03
N ILE M 324 51.97 28.08 58.77
CA ILE M 324 52.84 28.74 59.73
C ILE M 324 52.01 29.65 60.61
N GLU M 325 52.37 29.75 61.89
CA GLU M 325 51.79 30.77 62.75
C GLU M 325 52.83 31.40 63.66
N THR M 326 52.76 32.72 63.78
CA THR M 326 53.83 33.54 64.35
C THR M 326 53.65 33.68 65.85
N ASP M 327 53.70 32.56 66.56
CA ASP M 327 54.09 32.61 67.96
C ASP M 327 55.53 33.12 68.08
N ASP M 328 55.90 33.52 69.29
CA ASP M 328 57.24 34.08 69.48
C ASP M 328 58.30 33.07 69.09
N VAL M 329 57.98 31.80 69.17
CA VAL M 329 58.68 30.74 68.45
C VAL M 329 57.76 30.27 67.35
N LEU M 330 58.28 30.19 66.13
CA LEU M 330 57.44 29.90 64.99
C LEU M 330 56.76 28.54 65.15
N GLY M 331 55.43 28.55 65.12
CA GLY M 331 54.65 27.33 65.20
C GLY M 331 54.15 26.91 63.83
N THR M 332 53.68 25.68 63.76
CA THR M 332 52.99 25.23 62.57
C THR M 332 51.82 24.33 62.95
N SER M 333 50.78 24.44 62.13
CA SER M 333 49.54 23.69 62.30
C SER M 333 49.41 22.68 61.18
N VAL M 334 49.08 21.44 61.56
CA VAL M 334 48.79 20.34 60.65
C VAL M 334 47.38 19.82 60.95
N GLU M 335 46.51 19.87 59.96
CA GLU M 335 45.20 19.23 60.06
C GLU M 335 45.15 17.98 59.20
N PHE M 336 44.55 16.91 59.75
CA PHE M 336 44.46 15.64 59.07
C PHE M 336 43.06 15.07 59.21
N LYS M 337 42.70 14.22 58.25
CA LYS M 337 41.45 13.50 58.28
C LYS M 337 41.70 12.04 57.90
N ALA M 338 41.08 11.12 58.62
CA ALA M 338 41.12 9.73 58.20
C ALA M 338 40.30 9.51 56.94
N ILE M 339 40.75 8.57 56.12
CA ILE M 339 40.09 8.27 54.85
C ILE M 339 40.06 6.77 54.60
N PRO M 340 38.93 6.20 54.19
CA PRO M 340 38.89 4.79 53.85
C PRO M 340 39.53 4.53 52.50
N THR M 341 40.05 3.32 52.32
CA THR M 341 40.61 2.98 51.03
C THR M 341 39.55 3.00 49.94
N ASP M 342 38.31 2.73 50.30
CA ASP M 342 37.19 2.90 49.40
C ASP M 342 36.01 3.52 50.15
N LEU M 343 35.21 4.28 49.41
CA LEU M 343 34.08 4.97 50.03
C LEU M 343 33.11 4.00 50.68
N ASP M 344 33.14 2.74 50.26
CA ASP M 344 32.27 1.71 50.83
C ASP M 344 32.80 1.17 52.15
N THR M 345 34.11 1.00 52.26
CA THR M 345 34.66 0.20 53.35
C THR M 345 34.75 0.98 54.65
N GLY M 346 34.76 0.23 55.73
CA GLY M 346 34.82 0.74 57.08
C GLY M 346 36.23 0.87 57.62
N ASP M 347 37.22 0.83 56.74
CA ASP M 347 38.61 0.75 57.16
C ASP M 347 39.19 2.10 57.57
N GLU M 348 38.35 2.95 58.17
CA GLU M 348 38.77 4.31 58.49
C GLU M 348 39.94 4.32 59.45
N GLY M 349 39.91 3.45 60.45
CA GLY M 349 40.94 3.44 61.48
C GLY M 349 40.49 2.60 62.64
N TYR M 350 41.37 2.50 63.63
CA TYR M 350 41.02 1.72 64.82
C TYR M 350 41.79 2.20 66.05
N LEU M 351 41.21 1.89 67.21
CA LEU M 351 41.75 2.30 68.49
C LEU M 351 42.05 1.12 69.40
N GLY M 352 43.04 1.31 70.26
CA GLY M 352 43.42 0.33 71.24
C GLY M 352 43.78 0.90 72.59
N PHE M 353 43.36 0.22 73.65
CA PHE M 353 43.51 0.69 75.02
C PHE M 353 44.11 -0.41 75.88
N SER M 354 45.01 -0.01 76.78
CA SER M 354 45.58 -0.97 77.70
C SER M 354 46.16 -0.28 78.91
N ASN M 355 46.25 -1.03 80.00
CA ASN M 355 47.05 -0.61 81.12
C ASN M 355 48.48 -1.08 81.00
N LYS M 356 48.78 -1.94 80.01
CA LYS M 356 50.02 -2.69 80.01
C LYS M 356 50.60 -2.91 78.60
N TYR M 357 50.35 -1.98 77.69
CA TYR M 357 51.04 -2.03 76.40
C TYR M 357 52.54 -1.91 76.57
N THR M 358 53.24 -2.35 75.53
CA THR M 358 54.67 -2.21 75.44
C THR M 358 55.05 -1.71 74.05
N LYS M 359 56.30 -1.27 73.97
CA LYS M 359 56.91 -0.86 72.72
C LYS M 359 56.89 -1.91 71.64
N THR M 360 56.63 -3.18 71.97
CA THR M 360 56.37 -4.17 70.95
C THR M 360 54.88 -4.29 70.59
N THR M 361 54.03 -4.36 71.61
CA THR M 361 52.62 -4.59 71.36
C THR M 361 52.03 -3.45 70.53
N VAL M 362 52.52 -2.24 70.73
CA VAL M 362 52.06 -1.13 69.91
C VAL M 362 52.42 -1.33 68.45
N ALA M 363 53.64 -1.79 68.18
CA ALA M 363 54.02 -2.07 66.80
C ALA M 363 53.19 -3.20 66.21
N ASN M 364 52.87 -4.21 67.02
CA ASN M 364 51.95 -5.25 66.57
C ASN M 364 50.61 -4.66 66.18
N LEU M 365 50.10 -3.76 67.00
CA LEU M 365 48.79 -3.18 66.74
C LEU M 365 48.80 -2.37 65.47
N ILE M 366 49.81 -1.51 65.31
CA ILE M 366 49.90 -0.67 64.13
C ILE M 366 50.07 -1.49 62.87
N ALA M 367 50.80 -2.60 62.96
CA ALA M 367 50.95 -3.45 61.79
C ALA M 367 49.68 -4.21 61.48
N THR M 368 48.96 -4.68 62.50
CA THR M 368 47.94 -5.71 62.32
C THR M 368 46.56 -5.34 62.82
N GLY M 369 46.45 -4.35 63.70
CA GLY M 369 45.20 -4.11 64.38
C GLY M 369 44.98 -4.93 65.62
N ASP M 370 45.98 -5.69 66.06
CA ASP M 370 45.96 -6.31 67.37
C ASP M 370 47.38 -6.29 67.94
N GLY M 371 47.45 -6.25 69.26
CA GLY M 371 48.71 -6.30 69.96
C GLY M 371 49.18 -7.71 70.26
N ALA M 372 48.25 -8.65 70.25
CA ALA M 372 48.54 -9.98 70.76
C ALA M 372 49.49 -10.74 69.85
N GLU M 373 49.10 -10.97 68.60
CA GLU M 373 49.99 -11.63 67.68
C GLU M 373 51.04 -10.68 67.13
N THR M 374 52.12 -11.26 66.63
CA THR M 374 53.09 -10.53 65.84
C THR M 374 52.55 -10.24 64.45
N PRO M 375 53.21 -9.35 63.72
CA PRO M 375 53.12 -9.38 62.27
C PRO M 375 53.54 -10.73 61.73
N PRO M 376 52.99 -11.14 60.58
CA PRO M 376 53.53 -12.30 59.86
C PRO M 376 54.86 -12.02 59.18
N ILE M 377 55.96 -12.36 59.85
CA ILE M 377 57.29 -12.21 59.27
C ILE M 377 57.47 -13.22 58.13
N LEU M 378 58.28 -12.82 57.15
CA LEU M 378 58.45 -13.57 55.91
C LEU M 378 59.92 -13.93 55.66
N VAL M 379 60.10 -15.06 54.98
CA VAL M 379 61.43 -15.61 54.73
C VAL M 379 62.29 -14.63 53.96
N GLU M 380 63.55 -14.51 54.38
CA GLU M 380 64.58 -13.72 53.70
C GLU M 380 65.52 -14.57 52.85
N SER M 381 65.90 -15.76 53.30
CA SER M 381 66.86 -16.58 52.59
C SER M 381 66.46 -18.05 52.67
N ILE M 382 66.60 -18.75 51.55
CA ILE M 382 66.43 -20.20 51.50
C ILE M 382 67.72 -20.82 50.99
N THR M 383 68.51 -21.39 51.88
CA THR M 383 69.64 -22.21 51.49
C THR M 383 69.11 -23.52 50.91
N VAL M 384 69.60 -23.89 49.73
CA VAL M 384 69.22 -25.12 49.05
C VAL M 384 70.39 -26.09 49.09
N LYS M 385 70.11 -27.33 49.48
CA LYS M 385 71.10 -28.36 49.74
C LYS M 385 70.69 -29.62 48.99
N SER M 386 71.67 -30.50 48.77
CA SER M 386 71.44 -31.75 48.05
C SER M 386 72.20 -32.88 48.76
N ALA M 387 71.70 -34.10 48.56
CA ALA M 387 72.21 -35.26 49.27
C ALA M 387 73.71 -35.42 49.09
N ALA M 388 74.42 -35.44 50.21
CA ALA M 388 75.88 -35.48 50.26
C ALA M 388 76.52 -34.40 49.38
N ASP M 389 75.82 -33.27 49.23
CA ASP M 389 76.27 -32.20 48.34
C ASP M 389 76.49 -32.69 46.91
N ALA M 390 75.78 -33.74 46.50
CA ALA M 390 75.87 -34.19 45.12
C ALA M 390 75.32 -33.12 44.18
N THR M 391 76.08 -32.86 43.11
CA THR M 391 75.69 -31.91 42.08
C THR M 391 75.07 -32.59 40.86
N SER M 392 74.99 -33.91 40.85
CA SER M 392 74.46 -34.64 39.72
C SER M 392 73.62 -35.82 40.20
N VAL M 393 72.75 -36.26 39.30
CA VAL M 393 71.92 -37.45 39.47
C VAL M 393 72.10 -38.30 38.23
N THR M 394 72.15 -39.61 38.41
CA THR M 394 72.32 -40.51 37.29
C THR M 394 70.95 -40.99 36.80
N ASN M 395 70.99 -41.66 35.65
CA ASN M 395 69.94 -42.60 35.30
C ASN M 395 69.66 -43.55 36.46
N SER M 396 68.39 -43.95 36.59
CA SER M 396 67.94 -44.87 37.63
C SER M 396 68.30 -44.37 39.03
N ASP M 397 68.35 -43.05 39.21
CA ASP M 397 68.68 -42.47 40.51
C ASP M 397 67.87 -41.19 40.70
N THR M 398 67.73 -40.79 41.97
CA THR M 398 66.99 -39.59 42.34
C THR M 398 67.74 -38.86 43.44
N LEU M 399 67.85 -37.55 43.30
CA LEU M 399 68.63 -36.72 44.21
C LEU M 399 67.72 -36.07 45.24
N GLN M 400 67.87 -36.46 46.50
CA GLN M 400 67.13 -35.79 47.57
C GLN M 400 67.68 -34.40 47.81
N MET M 401 66.79 -33.42 47.94
CA MET M 401 67.16 -32.04 48.21
C MET M 401 66.46 -31.55 49.48
N SER M 402 67.09 -30.58 50.12
CA SER M 402 66.66 -30.11 51.42
C SER M 402 66.98 -28.62 51.51
N VAL M 403 66.48 -27.96 52.55
CA VAL M 403 66.65 -26.52 52.68
C VAL M 403 66.93 -26.15 54.13
N GLU M 404 67.47 -24.94 54.29
CA GLU M 404 67.54 -24.27 55.58
C GLU M 404 67.16 -22.80 55.38
N VAL M 405 66.23 -22.30 56.19
CA VAL M 405 65.45 -21.12 55.82
C VAL M 405 65.52 -20.12 56.96
N THR M 406 65.64 -18.85 56.60
CA THR M 406 65.74 -17.76 57.55
C THR M 406 64.89 -16.59 57.06
N PRO M 407 64.43 -15.72 57.98
CA PRO M 407 64.51 -15.89 59.42
C PRO M 407 63.64 -17.02 59.95
N PRO M 408 64.07 -17.67 61.03
CA PRO M 408 63.31 -18.84 61.53
C PRO M 408 61.93 -18.49 62.02
N GLU M 409 61.70 -17.25 62.41
CA GLU M 409 60.38 -16.77 62.79
C GLU M 409 59.49 -16.44 61.60
N ALA M 410 59.97 -16.63 60.37
CA ALA M 410 59.08 -16.50 59.22
C ALA M 410 57.91 -17.46 59.34
N THR M 411 56.76 -17.02 58.85
CA THR M 411 55.49 -17.58 59.31
C THR M 411 55.40 -19.08 59.06
N ASN M 412 56.06 -19.58 58.02
CA ASN M 412 56.45 -20.98 57.97
C ASN M 412 57.72 -21.13 57.16
N THR M 413 58.76 -21.70 57.80
CA THR M 413 60.08 -21.86 57.22
C THR M 413 60.22 -23.10 56.33
N ALA M 414 59.22 -23.97 56.27
CA ALA M 414 59.22 -25.05 55.29
C ALA M 414 59.05 -24.50 53.87
N VAL M 415 59.33 -25.36 52.90
CA VAL M 415 59.38 -24.99 51.49
C VAL M 415 58.60 -25.98 50.64
N THR M 416 58.18 -25.49 49.48
CA THR M 416 57.58 -26.28 48.41
C THR M 416 58.50 -26.20 47.18
N TRP M 417 58.87 -27.37 46.65
CA TRP M 417 59.84 -27.47 45.57
C TRP M 417 59.17 -27.40 44.20
N SER M 418 59.96 -26.99 43.21
CA SER M 418 59.58 -26.98 41.81
C SER M 418 60.85 -26.94 40.97
N ILE M 419 60.68 -27.05 39.66
CA ILE M 419 61.79 -26.86 38.72
C ILE M 419 61.66 -25.47 38.10
N SER M 420 62.73 -24.69 38.16
CA SER M 420 62.71 -23.34 37.61
C SER M 420 63.23 -23.26 36.18
N SER M 421 64.12 -24.16 35.78
CA SER M 421 64.54 -24.26 34.39
C SER M 421 65.01 -25.67 34.09
N GLY M 422 64.87 -26.07 32.82
CA GLY M 422 65.27 -27.38 32.37
C GLY M 422 64.16 -28.41 32.48
N ASP M 423 64.39 -29.54 31.81
CA ASP M 423 63.37 -30.55 31.57
C ASP M 423 63.85 -31.97 31.82
N ALA M 424 65.14 -32.18 32.04
CA ALA M 424 65.66 -33.52 32.30
C ALA M 424 65.25 -34.06 33.66
N ALA M 425 64.62 -33.26 34.51
CA ALA M 425 64.20 -33.75 35.82
C ALA M 425 63.00 -32.95 36.30
N THR M 426 62.24 -33.59 37.18
CA THR M 426 61.10 -32.96 37.85
C THR M 426 61.26 -33.23 39.34
N ILE M 427 61.13 -32.20 40.14
CA ILE M 427 61.24 -32.38 41.58
C ILE M 427 59.87 -32.67 42.17
N ASP M 428 59.85 -33.59 43.13
CA ASP M 428 58.67 -33.82 43.96
C ASP M 428 58.46 -32.61 44.86
N ALA M 429 57.43 -31.82 44.56
CA ALA M 429 57.28 -30.51 45.15
C ALA M 429 57.23 -30.57 46.67
N GLU M 430 56.70 -31.64 47.24
CA GLU M 430 56.58 -31.76 48.68
C GLU M 430 57.84 -32.32 49.33
N SER M 431 58.45 -33.37 48.77
CA SER M 431 59.61 -33.98 49.41
C SER M 431 60.93 -33.34 48.99
N GLY M 432 60.96 -32.64 47.86
CA GLY M 432 62.22 -32.22 47.29
C GLY M 432 63.04 -33.32 46.67
N LEU M 433 62.43 -34.46 46.34
CA LEU M 433 63.16 -35.52 45.67
C LEU M 433 63.21 -35.20 44.17
N LEU M 434 64.37 -34.77 43.69
CA LEU M 434 64.56 -34.51 42.27
C LEU M 434 64.59 -35.84 41.52
N THR M 435 63.60 -36.06 40.66
CA THR M 435 63.45 -37.28 39.88
C THR M 435 63.97 -37.02 38.48
N ALA M 436 65.10 -37.64 38.15
CA ALA M 436 65.66 -37.57 36.81
C ALA M 436 64.85 -38.42 35.85
N ASP M 437 64.59 -37.87 34.66
CA ASP M 437 64.01 -38.63 33.56
C ASP M 437 65.10 -39.43 32.87
N VAL M 438 64.97 -40.75 32.88
CA VAL M 438 65.95 -41.65 32.30
C VAL M 438 66.11 -41.46 30.79
N SER M 439 65.16 -40.83 30.13
CA SER M 439 65.20 -40.67 28.67
C SER M 439 66.08 -39.51 28.20
N LYS M 440 66.60 -38.66 29.10
CA LYS M 440 67.40 -37.53 28.66
C LYS M 440 68.50 -37.25 29.66
N THR M 441 69.59 -36.68 29.15
CA THR M 441 70.66 -36.08 29.95
C THR M 441 70.79 -34.59 29.62
N GLY M 442 71.11 -33.81 30.64
CA GLY M 442 71.06 -32.36 30.53
C GLY M 442 71.29 -31.72 31.89
N GLU M 443 70.90 -30.45 32.01
CA GLU M 443 71.07 -29.73 33.26
C GLU M 443 69.79 -28.98 33.63
N VAL M 444 69.48 -28.93 34.92
CA VAL M 444 68.24 -28.34 35.41
C VAL M 444 68.57 -27.43 36.59
N ILE M 445 67.69 -26.48 36.85
CA ILE M 445 67.79 -25.63 38.05
C ILE M 445 66.57 -25.85 38.93
N VAL M 446 66.78 -26.50 40.07
CA VAL M 446 65.74 -26.75 41.06
C VAL M 446 65.48 -25.48 41.86
N LYS M 447 64.23 -25.30 42.27
CA LYS M 447 63.78 -24.15 43.04
C LYS M 447 62.99 -24.63 44.26
N ALA M 448 63.14 -23.90 45.36
CA ALA M 448 62.29 -24.02 46.53
C ALA M 448 61.70 -22.67 46.89
N VAL M 449 60.45 -22.67 47.35
CA VAL M 449 59.75 -21.45 47.75
C VAL M 449 59.19 -21.65 49.14
N ALA M 450 59.31 -20.62 49.98
CA ALA M 450 58.89 -20.77 51.37
C ALA M 450 57.38 -20.85 51.47
N LYS M 451 56.91 -21.64 52.44
CA LYS M 451 55.50 -21.82 52.70
C LYS M 451 54.89 -20.68 53.50
N ASP M 452 55.70 -19.67 53.87
CA ASP M 452 55.18 -18.46 54.48
C ASP M 452 54.36 -17.62 53.50
N GLY M 453 54.42 -17.92 52.21
CA GLY M 453 53.75 -17.13 51.19
C GLY M 453 54.53 -15.93 50.73
N SER M 454 55.83 -15.85 51.06
CA SER M 454 56.64 -14.71 50.66
C SER M 454 56.84 -14.66 49.15
N GLY M 455 56.82 -15.81 48.49
CA GLY M 455 57.25 -15.91 47.11
C GLY M 455 58.73 -15.68 46.91
N VAL M 456 59.52 -15.71 47.97
CA VAL M 456 60.98 -15.68 47.90
C VAL M 456 61.47 -17.11 47.71
N GLU M 457 62.60 -17.28 47.03
CA GLU M 457 63.02 -18.57 46.54
C GLU M 457 64.48 -18.84 46.86
N GLY M 458 64.84 -20.12 46.77
CA GLY M 458 66.21 -20.53 46.61
C GLY M 458 66.32 -21.51 45.46
N THR M 459 67.52 -21.65 44.92
CA THR M 459 67.73 -22.54 43.78
C THR M 459 69.07 -23.25 43.89
N LYS M 460 69.16 -24.38 43.18
CA LYS M 460 70.44 -25.04 42.93
C LYS M 460 70.43 -25.75 41.58
N THR M 461 71.61 -25.83 40.97
CA THR M 461 71.77 -26.40 39.63
C THR M 461 72.25 -27.84 39.72
N ILE M 462 71.56 -28.74 39.01
CA ILE M 462 71.81 -30.17 39.09
C ILE M 462 72.01 -30.72 37.68
N THR M 463 73.02 -31.57 37.52
CA THR M 463 73.28 -32.25 36.26
C THR M 463 72.62 -33.62 36.23
N VAL M 464 71.86 -33.90 35.17
CA VAL M 464 71.18 -35.17 34.98
C VAL M 464 71.97 -35.94 33.93
N SER M 465 72.42 -37.15 34.27
CA SER M 465 73.62 -37.70 33.65
C SER M 465 73.46 -39.20 33.43
N ALA M 466 74.25 -39.70 32.47
CA ALA M 466 74.46 -41.13 32.29
C ALA M 466 75.43 -41.68 33.33
N GLY M 467 75.50 -43.01 33.39
CA GLY M 467 76.39 -43.67 34.32
C GLY M 467 77.86 -43.45 34.00
N GLU M 468 78.69 -43.66 35.02
CA GLU M 468 80.13 -43.47 34.89
C GLU M 468 80.72 -44.47 33.89
#